data_7FRY
#
_entry.id   7FRY
#
_cell.length_a   209.386
_cell.length_b   113.888
_cell.length_c   189.794
_cell.angle_alpha   90.000
_cell.angle_beta   90.540
_cell.angle_gamma   90.000
#
_symmetry.space_group_name_H-M   'C 1 2 1'
#
loop_
_entity.id
_entity.type
_entity.pdbx_description
1 polymer 'Pyruvate kinase PKLR'
2 non-polymer 1,6-di-O-phosphono-beta-D-fructofuranose
3 non-polymer 'OXALATE ION'
4 non-polymer 'MAGNESIUM ION'
5 non-polymer 'POTASSIUM ION'
6 non-polymer N-{2-[4-(3,4-dihydroxybenzene-1-sulfonyl)phenyl]ethyl}-3,4-dihydroxybenzene-1-sulfonamide
7 water water
#
_entity_poly.entity_id   1
_entity_poly.type   'polypeptide(L)'
_entity_poly.pdbx_seq_one_letter_code
;GSMEGPAGYLRRADVAQLTQELGTAFFQQQQLPAAMADTFLEHLCLLDIDSEPVAARSTSIIATIGPASRSVERLKEMIK
AGMNIARLNFSHGSHEYHAESIANVREAVESFAGSPLSYRPVAIALDTKGPGSGPGLSEQDVRDLRFGVEHGVDIVFASF
VRKASDVAAVRAALGPEGHGIKIISKIENHEGVKRFDEILEVSDGIMVARGDLGIEIPAEKVFLAQKMMIGRCNLAGKPV
VCATQMLESMITKPRPTRAETSDVANAVLDGADCIMLSGETAKGNFPVEAVKMQHAIAREAEAAVYHRQLFEELRRAAPL
SRDPTEVTAIGAVEAAFKCCAAAIIVLTTTGRSAQLLSRYRPRAAVIAVTRSAQAARQVHLCRGVFPLLYREPPEAIWAD
DVDRRVQFGIESGKLRGFLRVGDLVIVVTGWRPGSGYTNIMRVLSIS
;
_entity_poly.pdbx_strand_id   A,B,C,D,E,F,G,H
#
loop_
_chem_comp.id
_chem_comp.type
_chem_comp.name
_chem_comp.formula
FBP D-saccharide, beta linking 1,6-di-O-phosphono-beta-D-fructofuranose 'C6 H14 O12 P2'
K non-polymer 'POTASSIUM ION' 'K 1'
MG non-polymer 'MAGNESIUM ION' 'Mg 2'
OXL non-polymer 'OXALATE ION' 'C2 O4 -2'
Y0T non-polymer N-{2-[4-(3,4-dihydroxybenzene-1-sulfonyl)phenyl]ethyl}-3,4-dihydroxybenzene-1-sulfonamide 'C20 H19 N O8 S2'
#
# COMPACT_ATOMS: atom_id res chain seq x y z
N ALA A 25 -8.05 26.08 -22.14
CA ALA A 25 -8.21 25.42 -23.43
C ALA A 25 -7.07 25.79 -24.38
N PHE A 26 -6.64 27.05 -24.35
CA PHE A 26 -5.55 27.55 -25.20
C PHE A 26 -4.27 26.76 -24.94
N PHE A 27 -3.96 26.53 -23.65
CA PHE A 27 -2.73 25.85 -23.25
C PHE A 27 -2.78 24.31 -23.38
N GLN A 28 -3.92 23.75 -23.82
CA GLN A 28 -4.00 22.30 -24.07
C GLN A 28 -3.77 21.99 -25.57
N GLN A 29 -4.09 22.95 -26.46
CA GLN A 29 -3.93 22.85 -27.91
C GLN A 29 -2.48 23.02 -28.37
N GLN A 30 -2.21 22.76 -29.66
CA GLN A 30 -0.94 22.89 -30.38
C GLN A 30 0.30 22.39 -29.62
N GLN A 31 0.15 21.26 -28.90
CA GLN A 31 1.22 20.64 -28.11
C GLN A 31 1.87 21.62 -27.13
N LEU A 32 1.09 22.55 -26.56
CA LEU A 32 1.65 23.52 -25.62
C LEU A 32 2.17 22.89 -24.33
N PRO A 33 1.55 21.84 -23.72
CA PRO A 33 2.20 21.18 -22.57
C PRO A 33 3.58 20.62 -22.94
N ALA A 34 3.74 19.99 -24.14
CA ALA A 34 5.03 19.50 -24.61
C ALA A 34 6.01 20.63 -24.92
N ALA A 35 5.49 21.82 -25.30
CA ALA A 35 6.30 22.99 -25.60
C ALA A 35 6.94 23.57 -24.34
N MET A 36 6.26 23.48 -23.19
CA MET A 36 6.78 23.99 -21.92
C MET A 36 7.81 23.08 -21.25
N ALA A 37 8.00 21.84 -21.75
CA ALA A 37 8.91 20.89 -21.13
C ALA A 37 10.33 21.38 -20.98
N ASP A 38 10.97 20.97 -19.88
CA ASP A 38 12.33 21.39 -19.53
C ASP A 38 13.43 20.61 -20.26
N THR A 39 13.12 19.40 -20.76
CA THR A 39 14.06 18.60 -21.52
C THR A 39 13.37 18.05 -22.77
N PHE A 40 14.14 17.63 -23.77
CA PHE A 40 13.61 17.02 -24.97
C PHE A 40 12.90 15.70 -24.60
N LEU A 41 13.45 14.93 -23.62
CA LEU A 41 12.82 13.68 -23.17
C LEU A 41 11.41 13.95 -22.64
N GLU A 42 11.27 14.96 -21.76
CA GLU A 42 9.97 15.33 -21.19
C GLU A 42 9.02 15.87 -22.28
N HIS A 43 9.59 16.56 -23.28
CA HIS A 43 8.84 17.07 -24.43
C HIS A 43 8.21 15.89 -25.18
N LEU A 44 8.99 14.82 -25.45
CA LEU A 44 8.45 13.62 -26.10
C LEU A 44 7.34 12.99 -25.26
N CYS A 45 7.57 12.88 -23.92
CA CYS A 45 6.62 12.29 -23.00
C CYS A 45 5.29 13.03 -22.95
N LEU A 46 5.28 14.33 -23.20
CA LEU A 46 4.08 15.16 -23.14
C LEU A 46 3.36 15.33 -24.48
N LEU A 47 3.86 14.71 -25.57
CA LEU A 47 3.17 14.80 -26.86
C LEU A 47 1.81 14.11 -26.73
N ASP A 48 0.75 14.77 -27.22
CA ASP A 48 -0.62 14.32 -27.03
C ASP A 48 -1.39 14.25 -28.33
N ILE A 49 -1.91 13.06 -28.65
CA ILE A 49 -2.70 12.88 -29.87
C ILE A 49 -4.02 13.68 -29.83
N ASP A 50 -4.51 14.05 -28.63
CA ASP A 50 -5.71 14.85 -28.47
C ASP A 50 -5.44 16.38 -28.52
N SER A 51 -4.17 16.80 -28.56
CA SER A 51 -3.83 18.22 -28.63
C SER A 51 -3.89 18.66 -30.09
N GLU A 52 -4.98 19.33 -30.48
CA GLU A 52 -5.18 19.70 -31.87
C GLU A 52 -4.32 20.85 -32.36
N PRO A 53 -3.81 20.76 -33.60
CA PRO A 53 -3.03 21.87 -34.14
C PRO A 53 -3.93 23.08 -34.41
N VAL A 54 -3.46 24.28 -34.09
CA VAL A 54 -4.26 25.48 -34.31
C VAL A 54 -3.61 26.38 -35.35
N ALA A 55 -2.27 26.51 -35.31
CA ALA A 55 -1.55 27.31 -36.27
C ALA A 55 -1.71 26.81 -37.71
N ALA A 56 -1.57 27.74 -38.67
CA ALA A 56 -1.63 27.43 -40.09
C ALA A 56 -0.40 26.59 -40.44
N ARG A 57 -0.54 25.66 -41.39
CA ARG A 57 0.53 24.79 -41.81
C ARG A 57 1.64 25.63 -42.45
N SER A 58 2.84 25.54 -41.87
CA SER A 58 4.04 26.29 -42.22
C SER A 58 4.94 25.70 -43.29
N THR A 59 5.04 24.38 -43.38
CA THR A 59 5.94 23.74 -44.35
C THR A 59 5.23 23.70 -45.69
N SER A 60 5.84 24.26 -46.74
CA SER A 60 5.21 24.29 -48.05
C SER A 60 5.18 22.94 -48.73
N ILE A 61 4.15 22.73 -49.55
CA ILE A 61 4.01 21.49 -50.29
C ILE A 61 4.32 21.75 -51.74
N ILE A 62 5.27 21.00 -52.30
CA ILE A 62 5.61 21.10 -53.69
C ILE A 62 4.96 19.89 -54.36
N ALA A 63 4.10 20.11 -55.36
CA ALA A 63 3.45 19.02 -56.07
C ALA A 63 3.94 18.98 -57.50
N THR A 64 4.36 17.81 -57.97
CA THR A 64 4.81 17.66 -59.35
C THR A 64 3.60 17.59 -60.28
N ILE A 65 3.59 18.39 -61.34
CA ILE A 65 2.49 18.40 -62.29
C ILE A 65 2.75 17.32 -63.36
N GLY A 66 1.74 16.53 -63.63
CA GLY A 66 1.80 15.49 -64.65
C GLY A 66 0.43 15.13 -65.17
N PRO A 67 0.31 14.02 -65.92
CA PRO A 67 -1.00 13.60 -66.43
C PRO A 67 -2.11 13.54 -65.39
N ALA A 68 -1.79 13.13 -64.14
CA ALA A 68 -2.79 13.04 -63.07
C ALA A 68 -3.21 14.36 -62.46
N SER A 69 -2.48 15.44 -62.72
CA SER A 69 -2.75 16.72 -62.07
C SER A 69 -2.67 17.92 -63.03
N ARG A 70 -2.96 17.71 -64.32
CA ARG A 70 -2.83 18.78 -65.30
C ARG A 70 -4.08 19.60 -65.58
N SER A 71 -5.27 19.05 -65.36
CA SER A 71 -6.50 19.80 -65.66
C SER A 71 -6.69 20.97 -64.71
N VAL A 72 -7.27 22.07 -65.21
CA VAL A 72 -7.56 23.27 -64.43
C VAL A 72 -8.44 22.96 -63.20
N GLU A 73 -9.45 22.10 -63.38
CA GLU A 73 -10.35 21.73 -62.29
C GLU A 73 -9.61 20.90 -61.21
N ARG A 74 -8.67 20.05 -61.64
CA ARG A 74 -7.85 19.23 -60.74
C ARG A 74 -6.92 20.14 -59.94
N LEU A 75 -6.26 21.08 -60.64
CA LEU A 75 -5.35 22.05 -60.04
C LEU A 75 -6.04 22.94 -59.02
N LYS A 76 -7.33 23.29 -59.25
CA LYS A 76 -8.06 24.10 -58.27
C LYS A 76 -8.25 23.31 -56.98
N GLU A 77 -8.51 21.98 -57.10
CA GLU A 77 -8.65 21.11 -55.94
C GLU A 77 -7.32 20.97 -55.19
N MET A 78 -6.21 20.91 -55.93
CA MET A 78 -4.88 20.79 -55.32
CA MET A 78 -4.88 20.79 -55.32
C MET A 78 -4.46 22.07 -54.62
N ILE A 79 -4.87 23.24 -55.14
CA ILE A 79 -4.58 24.53 -54.51
C ILE A 79 -5.36 24.58 -53.19
N LYS A 80 -6.65 24.19 -53.21
CA LYS A 80 -7.48 24.17 -52.02
C LYS A 80 -6.96 23.15 -50.98
N ALA A 81 -6.38 22.03 -51.45
CA ALA A 81 -5.81 21.03 -50.57
C ALA A 81 -4.50 21.49 -49.88
N GLY A 82 -3.81 22.47 -50.44
CA GLY A 82 -2.59 22.99 -49.85
C GLY A 82 -1.34 23.11 -50.71
N MET A 83 -1.42 22.81 -52.02
CA MET A 83 -0.26 22.93 -52.90
C MET A 83 0.21 24.39 -52.96
N ASN A 84 1.50 24.63 -52.71
CA ASN A 84 2.06 25.99 -52.72
C ASN A 84 2.97 26.20 -53.91
N ILE A 85 3.65 25.14 -54.37
CA ILE A 85 4.60 25.21 -55.46
C ILE A 85 4.31 24.08 -56.43
N ALA A 86 4.17 24.42 -57.71
CA ALA A 86 3.92 23.45 -58.77
C ALA A 86 5.26 23.16 -59.45
N ARG A 87 5.68 21.90 -59.46
CA ARG A 87 6.95 21.51 -60.03
C ARG A 87 6.77 20.93 -61.43
N LEU A 88 7.56 21.41 -62.39
CA LEU A 88 7.53 20.91 -63.77
C LEU A 88 8.79 20.11 -63.94
N ASN A 89 8.67 18.80 -64.16
CA ASN A 89 9.83 17.95 -64.31
C ASN A 89 10.27 17.92 -65.76
N PHE A 90 11.35 18.65 -66.09
CA PHE A 90 11.82 18.70 -67.47
C PHE A 90 12.58 17.44 -67.93
N SER A 91 12.59 16.37 -67.11
CA SER A 91 13.14 15.09 -67.54
C SER A 91 12.19 14.42 -68.56
N HIS A 92 10.89 14.78 -68.55
CA HIS A 92 9.87 14.24 -69.45
C HIS A 92 9.06 15.39 -70.03
N GLY A 93 8.48 15.17 -71.20
CA GLY A 93 7.62 16.17 -71.83
C GLY A 93 8.35 17.21 -72.64
N SER A 94 7.67 17.74 -73.64
CA SER A 94 8.21 18.76 -74.52
C SER A 94 7.99 20.16 -73.93
N HIS A 95 8.58 21.19 -74.55
CA HIS A 95 8.37 22.57 -74.13
C HIS A 95 6.88 22.94 -74.28
N GLU A 96 6.21 22.43 -75.33
CA GLU A 96 4.79 22.67 -75.56
C GLU A 96 3.96 22.08 -74.43
N TYR A 97 4.31 20.89 -73.98
CA TYR A 97 3.62 20.21 -72.89
C TYR A 97 3.74 21.03 -71.60
N HIS A 98 4.96 21.49 -71.27
CA HIS A 98 5.19 22.27 -70.05
C HIS A 98 4.57 23.64 -70.09
N ALA A 99 4.51 24.28 -71.27
CA ALA A 99 3.86 25.59 -71.40
C ALA A 99 2.35 25.46 -71.12
N GLU A 100 1.74 24.34 -71.49
CA GLU A 100 0.32 24.08 -71.25
C GLU A 100 0.09 23.87 -69.75
N SER A 101 1.01 23.14 -69.08
CA SER A 101 0.95 22.91 -67.64
C SER A 101 1.00 24.25 -66.90
N ILE A 102 1.96 25.14 -67.28
CA ILE A 102 2.10 26.47 -66.70
C ILE A 102 0.82 27.29 -66.86
N ALA A 103 0.24 27.28 -68.07
CA ALA A 103 -0.99 28.03 -68.35
C ALA A 103 -2.15 27.52 -67.50
N ASN A 104 -2.23 26.19 -67.32
CA ASN A 104 -3.30 25.59 -66.51
C ASN A 104 -3.14 25.93 -65.05
N VAL A 105 -1.88 25.97 -64.55
CA VAL A 105 -1.61 26.34 -63.17
C VAL A 105 -2.04 27.79 -62.95
N ARG A 106 -1.58 28.70 -63.83
CA ARG A 106 -1.92 30.11 -63.72
C ARG A 106 -3.42 30.36 -63.82
N GLU A 107 -4.13 29.60 -64.67
CA GLU A 107 -5.58 29.75 -64.79
C GLU A 107 -6.28 29.32 -63.49
N ALA A 108 -5.85 28.19 -62.91
CA ALA A 108 -6.41 27.71 -61.64
C ALA A 108 -6.10 28.69 -60.49
N VAL A 109 -4.88 29.23 -60.44
CA VAL A 109 -4.48 30.19 -59.40
C VAL A 109 -5.28 31.48 -59.49
N GLU A 110 -5.43 32.03 -60.71
CA GLU A 110 -6.14 33.28 -60.90
C GLU A 110 -7.65 33.18 -60.74
N SER A 111 -8.21 31.96 -60.78
CA SER A 111 -9.65 31.78 -60.54
C SER A 111 -10.06 32.23 -59.11
N PHE A 112 -9.09 32.34 -58.18
CA PHE A 112 -9.33 32.76 -56.79
C PHE A 112 -8.95 34.24 -56.53
N ALA A 113 -8.48 34.98 -57.57
CA ALA A 113 -8.04 36.37 -57.45
C ALA A 113 -9.16 37.39 -57.17
N GLY A 114 -10.41 36.98 -57.35
CA GLY A 114 -11.56 37.85 -57.08
C GLY A 114 -11.71 38.26 -55.63
N SER A 115 -11.11 37.49 -54.71
CA SER A 115 -11.14 37.84 -53.29
C SER A 115 -9.70 38.07 -52.85
N PRO A 116 -9.21 39.32 -52.96
CA PRO A 116 -7.81 39.61 -52.61
C PRO A 116 -7.38 39.25 -51.19
N LEU A 117 -8.32 39.28 -50.24
CA LEU A 117 -8.02 38.94 -48.85
C LEU A 117 -7.81 37.45 -48.61
N SER A 118 -8.17 36.58 -49.57
CA SER A 118 -8.00 35.13 -49.40
C SER A 118 -7.17 34.46 -50.54
N TYR A 119 -6.79 35.23 -51.58
CA TYR A 119 -6.02 34.75 -52.72
C TYR A 119 -4.69 34.11 -52.28
N ARG A 120 -4.41 32.92 -52.83
CA ARG A 120 -3.19 32.21 -52.52
C ARG A 120 -2.24 32.15 -53.70
N PRO A 121 -1.10 32.83 -53.63
CA PRO A 121 -0.10 32.72 -54.71
C PRO A 121 0.48 31.29 -54.78
N VAL A 122 0.84 30.83 -55.97
CA VAL A 122 1.43 29.50 -56.14
C VAL A 122 2.67 29.65 -57.00
N ALA A 123 3.84 29.20 -56.53
CA ALA A 123 5.07 29.31 -57.32
C ALA A 123 5.15 28.25 -58.40
N ILE A 124 5.93 28.52 -59.45
CA ILE A 124 6.15 27.56 -60.51
C ILE A 124 7.64 27.28 -60.52
N ALA A 125 8.00 26.02 -60.32
CA ALA A 125 9.40 25.62 -60.26
C ALA A 125 9.73 24.72 -61.43
N LEU A 126 10.89 24.94 -62.03
CA LEU A 126 11.33 24.16 -63.17
C LEU A 126 12.41 23.22 -62.66
N ASP A 127 12.24 21.92 -62.81
CA ASP A 127 13.24 20.94 -62.38
C ASP A 127 13.98 20.49 -63.64
N THR A 128 15.29 20.77 -63.72
CA THR A 128 16.08 20.44 -64.91
C THR A 128 16.34 18.93 -65.08
N LYS A 129 16.59 18.50 -66.31
CA LYS A 129 16.89 17.11 -66.63
C LYS A 129 18.21 16.69 -66.01
N GLY A 130 19.23 17.54 -66.11
CA GLY A 130 20.53 17.24 -65.53
C GLY A 130 21.65 17.10 -66.54
N PRO A 131 22.87 16.93 -66.04
CA PRO A 131 24.04 16.84 -66.93
C PRO A 131 24.19 15.50 -67.65
N GLY A 132 23.57 14.44 -67.14
CA GLY A 132 23.69 13.12 -67.73
C GLY A 132 25.10 12.59 -67.61
N SER A 133 25.67 12.10 -68.72
CA SER A 133 27.04 11.59 -68.73
C SER A 133 28.13 12.69 -68.75
N GLY A 134 27.74 13.94 -68.97
CA GLY A 134 28.66 15.07 -69.02
C GLY A 134 29.19 15.51 -67.68
N GLY A 136 29.35 19.09 -67.13
CA GLY A 136 28.74 20.37 -66.80
C GLY A 136 27.36 20.56 -67.39
N LEU A 137 26.96 21.83 -67.58
CA LEU A 137 25.63 22.17 -68.09
C LEU A 137 25.37 21.64 -69.50
N SER A 138 24.36 20.77 -69.62
CA SER A 138 23.99 20.18 -70.90
C SER A 138 23.27 21.18 -71.82
N GLU A 139 23.22 20.89 -73.13
CA GLU A 139 22.56 21.77 -74.09
C GLU A 139 21.05 21.80 -73.86
N GLN A 140 20.46 20.67 -73.44
CA GLN A 140 19.02 20.64 -73.16
C GLN A 140 18.72 21.52 -71.96
N ASP A 141 19.58 21.50 -70.92
CA ASP A 141 19.40 22.34 -69.74
C ASP A 141 19.48 23.81 -70.10
N VAL A 142 20.41 24.19 -71.00
CA VAL A 142 20.51 25.58 -71.45
C VAL A 142 19.20 26.03 -72.12
N ARG A 143 18.60 25.16 -72.93
CA ARG A 143 17.35 25.45 -73.63
C ARG A 143 16.16 25.49 -72.68
N ASP A 144 16.14 24.60 -71.70
CA ASP A 144 15.06 24.50 -70.71
C ASP A 144 15.10 25.69 -69.75
N LEU A 145 16.30 26.12 -69.35
CA LEU A 145 16.45 27.29 -68.48
C LEU A 145 16.00 28.55 -69.21
N ARG A 146 16.30 28.65 -70.52
CA ARG A 146 15.86 29.79 -71.35
C ARG A 146 14.32 29.80 -71.41
N PHE A 147 13.71 28.61 -71.55
CA PHE A 147 12.24 28.43 -71.57
C PHE A 147 11.66 28.97 -70.26
N GLY A 148 12.29 28.62 -69.14
CA GLY A 148 11.87 29.05 -67.81
C GLY A 148 11.85 30.55 -67.67
N VAL A 149 12.91 31.22 -68.13
CA VAL A 149 13.00 32.69 -68.09
C VAL A 149 11.89 33.29 -68.95
N GLU A 150 11.71 32.76 -70.16
CA GLU A 150 10.67 33.25 -71.09
C GLU A 150 9.26 33.04 -70.55
N HIS A 151 9.03 31.99 -69.77
CA HIS A 151 7.71 31.72 -69.21
C HIS A 151 7.51 32.23 -67.78
N GLY A 152 8.48 32.96 -67.24
CA GLY A 152 8.37 33.56 -65.92
C GLY A 152 8.33 32.60 -64.74
N VAL A 153 9.13 31.51 -64.77
CA VAL A 153 9.19 30.60 -63.63
C VAL A 153 9.84 31.29 -62.44
N ASP A 154 9.47 30.88 -61.23
CA ASP A 154 9.97 31.51 -60.03
C ASP A 154 11.21 30.85 -59.47
N ILE A 155 11.29 29.53 -59.62
CA ILE A 155 12.36 28.72 -59.04
C ILE A 155 12.90 27.73 -60.06
N VAL A 156 14.17 27.38 -59.92
CA VAL A 156 14.81 26.34 -60.69
C VAL A 156 15.37 25.32 -59.69
N PHE A 157 15.00 24.04 -59.84
CA PHE A 157 15.58 22.98 -59.03
C PHE A 157 16.65 22.42 -59.96
N ALA A 158 17.91 22.78 -59.75
CA ALA A 158 19.00 22.34 -60.61
C ALA A 158 19.45 20.91 -60.30
N SER A 159 19.25 19.98 -61.24
CA SER A 159 19.63 18.58 -61.02
C SER A 159 21.13 18.32 -60.98
N PHE A 160 21.52 17.34 -60.15
CA PHE A 160 22.88 16.86 -59.97
C PHE A 160 23.95 17.95 -59.81
N VAL A 161 23.73 18.88 -58.87
CA VAL A 161 24.74 19.91 -58.60
C VAL A 161 25.86 19.24 -57.82
N ARG A 162 27.09 19.32 -58.34
CA ARG A 162 28.24 18.67 -57.71
C ARG A 162 29.29 19.64 -57.16
N LYS A 163 29.25 20.91 -57.56
CA LYS A 163 30.21 21.92 -57.14
C LYS A 163 29.65 23.33 -57.38
N ALA A 164 30.29 24.36 -56.80
CA ALA A 164 29.86 25.75 -56.96
C ALA A 164 29.79 26.22 -58.42
N SER A 165 30.70 25.73 -59.29
CA SER A 165 30.69 26.12 -60.70
C SER A 165 29.45 25.62 -61.44
N ASP A 166 28.80 24.53 -60.96
CA ASP A 166 27.57 24.05 -61.56
C ASP A 166 26.46 25.09 -61.36
N VAL A 167 26.42 25.72 -60.17
CA VAL A 167 25.43 26.75 -59.84
C VAL A 167 25.69 28.01 -60.67
N ALA A 168 26.97 28.38 -60.80
CA ALA A 168 27.36 29.55 -61.60
C ALA A 168 26.93 29.37 -63.06
N ALA A 169 27.05 28.15 -63.60
CA ALA A 169 26.63 27.82 -64.96
C ALA A 169 25.13 27.96 -65.12
N VAL A 170 24.35 27.49 -64.15
CA VAL A 170 22.88 27.62 -64.19
C VAL A 170 22.50 29.11 -64.14
N ARG A 171 23.18 29.87 -63.27
CA ARG A 171 22.95 31.30 -63.11
C ARG A 171 23.23 32.04 -64.43
N ALA A 172 24.34 31.70 -65.11
CA ALA A 172 24.72 32.28 -66.40
C ALA A 172 23.67 31.95 -67.47
N ALA A 173 23.17 30.71 -67.50
CA ALA A 173 22.15 30.31 -68.47
C ALA A 173 20.81 31.03 -68.27
N LEU A 174 20.53 31.51 -67.05
CA LEU A 174 19.31 32.27 -66.79
C LEU A 174 19.39 33.71 -67.36
N GLY A 175 20.62 34.21 -67.54
CA GLY A 175 20.90 35.52 -68.11
C GLY A 175 20.47 36.70 -67.27
N PRO A 176 20.61 37.90 -67.85
CA PRO A 176 20.22 39.11 -67.13
C PRO A 176 18.70 39.21 -66.87
N GLU A 177 17.86 38.60 -67.73
CA GLU A 177 16.40 38.65 -67.54
C GLU A 177 15.90 37.73 -66.38
N GLY A 178 16.71 36.73 -66.03
CA GLY A 178 16.38 35.79 -64.96
C GLY A 178 17.22 35.96 -63.70
N HIS A 179 17.59 37.21 -63.37
CA HIS A 179 18.37 37.51 -62.16
C HIS A 179 17.59 37.28 -60.85
N GLY A 180 16.25 37.27 -60.93
CA GLY A 180 15.37 37.09 -59.79
C GLY A 180 14.91 35.68 -59.52
N ILE A 181 15.19 34.73 -60.42
CA ILE A 181 14.78 33.34 -60.22
C ILE A 181 15.63 32.69 -59.12
N LYS A 182 15.00 31.96 -58.19
CA LYS A 182 15.73 31.29 -57.12
C LYS A 182 16.31 29.99 -57.61
N ILE A 183 17.58 29.72 -57.31
CA ILE A 183 18.21 28.47 -57.70
C ILE A 183 18.34 27.58 -56.47
N ILE A 184 17.62 26.46 -56.49
CA ILE A 184 17.66 25.45 -55.44
C ILE A 184 18.49 24.32 -56.00
N SER A 185 19.68 24.09 -55.44
CA SER A 185 20.56 23.02 -55.93
C SER A 185 20.14 21.65 -55.39
N LYS A 186 19.95 20.69 -56.29
CA LYS A 186 19.62 19.33 -55.89
C LYS A 186 20.89 18.54 -55.57
N ILE A 187 21.02 18.02 -54.33
CA ILE A 187 22.17 17.22 -53.96
C ILE A 187 21.77 15.77 -54.18
N GLU A 188 22.39 15.11 -55.17
CA GLU A 188 21.99 13.76 -55.56
C GLU A 188 23.11 12.72 -55.58
N ASN A 189 24.32 13.08 -55.17
CA ASN A 189 25.43 12.14 -55.19
C ASN A 189 26.48 12.43 -54.13
N HIS A 190 27.49 11.54 -54.00
CA HIS A 190 28.54 11.71 -53.02
C HIS A 190 29.29 13.02 -53.16
N GLU A 191 29.62 13.44 -54.40
CA GLU A 191 30.35 14.67 -54.61
C GLU A 191 29.57 15.89 -54.12
N GLY A 192 28.27 15.91 -54.38
CA GLY A 192 27.42 17.00 -53.93
C GLY A 192 27.36 17.08 -52.41
N VAL A 193 27.36 15.91 -51.73
CA VAL A 193 27.34 15.86 -50.27
C VAL A 193 28.68 16.38 -49.74
N LYS A 194 29.80 15.93 -50.33
CA LYS A 194 31.13 16.34 -49.89
C LYS A 194 31.41 17.82 -50.17
N ARG A 195 30.91 18.34 -51.28
CA ARG A 195 31.09 19.74 -51.60
C ARG A 195 29.89 20.61 -51.23
N PHE A 196 29.06 20.14 -50.27
CA PHE A 196 27.86 20.80 -49.81
C PHE A 196 28.06 22.26 -49.43
N ASP A 197 29.06 22.56 -48.59
CA ASP A 197 29.27 23.93 -48.12
C ASP A 197 29.51 24.93 -49.25
N GLU A 198 30.32 24.56 -50.26
CA GLU A 198 30.58 25.47 -51.37
C GLU A 198 29.34 25.65 -52.27
N ILE A 199 28.49 24.62 -52.37
CA ILE A 199 27.26 24.67 -53.16
C ILE A 199 26.23 25.55 -52.48
N LEU A 200 26.03 25.35 -51.17
CA LEU A 200 25.06 26.12 -50.39
C LEU A 200 25.43 27.60 -50.39
N GLU A 201 26.73 27.91 -50.29
CA GLU A 201 27.18 29.29 -50.29
C GLU A 201 26.73 30.10 -51.51
N VAL A 202 26.71 29.45 -52.70
CA VAL A 202 26.29 30.15 -53.92
C VAL A 202 24.83 29.88 -54.34
N SER A 203 24.11 29.00 -53.63
CA SER A 203 22.72 28.68 -54.00
C SER A 203 21.71 29.46 -53.15
N ASP A 204 20.47 29.56 -53.62
CA ASP A 204 19.40 30.15 -52.82
C ASP A 204 18.85 29.13 -51.81
N GLY A 205 19.02 27.84 -52.09
CA GLY A 205 18.56 26.76 -51.24
C GLY A 205 19.02 25.42 -51.73
N ILE A 206 18.55 24.35 -51.06
CA ILE A 206 18.96 22.98 -51.38
C ILE A 206 17.78 22.06 -51.45
N MET A 207 17.87 21.04 -52.30
CA MET A 207 16.90 19.98 -52.33
C MET A 207 17.65 18.68 -52.01
N VAL A 208 17.21 17.95 -50.99
CA VAL A 208 17.76 16.63 -50.66
C VAL A 208 17.01 15.67 -51.60
N ALA A 209 17.62 15.36 -52.75
CA ALA A 209 17.02 14.54 -53.80
C ALA A 209 17.32 13.08 -53.49
N ARG A 210 16.53 12.50 -52.56
CA ARG A 210 16.75 11.16 -52.01
C ARG A 210 16.70 10.00 -52.99
N GLY A 211 15.97 10.16 -54.10
CA GLY A 211 15.89 9.13 -55.14
C GLY A 211 17.25 8.76 -55.69
N ASP A 212 17.93 9.71 -56.36
CA ASP A 212 19.26 9.45 -56.90
C ASP A 212 20.29 9.29 -55.81
N LEU A 213 20.18 10.06 -54.73
CA LEU A 213 21.11 9.97 -53.60
C LEU A 213 21.14 8.55 -53.01
N GLY A 214 19.97 7.92 -52.92
CA GLY A 214 19.81 6.54 -52.42
C GLY A 214 20.37 5.45 -53.32
N ILE A 215 20.69 5.80 -54.58
CA ILE A 215 21.31 4.93 -55.58
C ILE A 215 22.83 5.21 -55.61
N GLU A 216 23.22 6.49 -55.48
CA GLU A 216 24.61 6.94 -55.53
C GLU A 216 25.42 6.62 -54.26
N ILE A 217 24.75 6.62 -53.10
CA ILE A 217 25.37 6.28 -51.81
C ILE A 217 24.53 5.12 -51.18
N PRO A 218 25.06 4.35 -50.20
CA PRO A 218 24.25 3.27 -49.60
C PRO A 218 22.91 3.78 -49.06
N ALA A 219 21.82 3.06 -49.33
CA ALA A 219 20.49 3.46 -48.91
C ALA A 219 20.38 3.75 -47.41
N GLU A 220 21.11 3.00 -46.59
CA GLU A 220 21.11 3.19 -45.14
C GLU A 220 21.83 4.46 -44.65
N LYS A 221 22.48 5.20 -45.55
CA LYS A 221 23.17 6.42 -45.18
C LYS A 221 22.41 7.70 -45.58
N VAL A 222 21.36 7.59 -46.40
CA VAL A 222 20.62 8.76 -46.86
C VAL A 222 20.07 9.61 -45.72
N PHE A 223 19.55 8.99 -44.65
CA PHE A 223 19.03 9.76 -43.52
C PHE A 223 20.12 10.66 -42.89
N LEU A 224 21.38 10.23 -42.93
CA LEU A 224 22.47 11.03 -42.38
C LEU A 224 22.71 12.26 -43.26
N ALA A 225 22.69 12.07 -44.59
CA ALA A 225 22.88 13.16 -45.54
C ALA A 225 21.69 14.13 -45.42
N GLN A 226 20.47 13.61 -45.28
CA GLN A 226 19.29 14.44 -45.11
C GLN A 226 19.38 15.31 -43.85
N LYS A 227 19.70 14.69 -42.70
CA LYS A 227 19.75 15.41 -41.43
C LYS A 227 20.88 16.43 -41.42
N MET A 228 22.03 16.09 -42.01
CA MET A 228 23.16 17.00 -42.08
C MET A 228 22.79 18.22 -42.97
N MET A 229 22.23 17.98 -44.17
CA MET A 229 21.89 19.06 -45.09
C MET A 229 20.81 19.97 -44.55
N ILE A 230 19.78 19.41 -43.91
CA ILE A 230 18.73 20.21 -43.30
C ILE A 230 19.31 21.07 -42.17
N GLY A 231 20.15 20.47 -41.33
CA GLY A 231 20.81 21.18 -40.25
C GLY A 231 21.64 22.34 -40.74
N ARG A 232 22.47 22.13 -41.78
CA ARG A 232 23.31 23.17 -42.35
C ARG A 232 22.52 24.27 -43.04
N CYS A 233 21.39 23.93 -43.70
CA CYS A 233 20.55 24.96 -44.32
C CYS A 233 19.85 25.78 -43.27
N ASN A 234 19.40 25.14 -42.18
CA ASN A 234 18.76 25.86 -41.09
C ASN A 234 19.78 26.84 -40.46
N LEU A 235 21.03 26.39 -40.33
CA LEU A 235 22.12 27.21 -39.79
CA LEU A 235 22.12 27.21 -39.79
C LEU A 235 22.38 28.40 -40.72
N ALA A 236 22.42 28.17 -42.04
CA ALA A 236 22.65 29.23 -43.03
C ALA A 236 21.43 30.14 -43.26
N GLY A 237 20.26 29.73 -42.81
CA GLY A 237 19.04 30.49 -43.05
C GLY A 237 18.57 30.40 -44.48
N LYS A 238 18.85 29.27 -45.16
CA LYS A 238 18.45 29.06 -46.54
C LYS A 238 17.44 27.92 -46.67
N PRO A 239 16.45 28.05 -47.58
CA PRO A 239 15.44 26.98 -47.72
C PRO A 239 16.01 25.60 -48.04
N VAL A 240 15.41 24.56 -47.47
CA VAL A 240 15.78 23.18 -47.75
C VAL A 240 14.52 22.37 -48.04
N VAL A 241 14.53 21.61 -49.11
CA VAL A 241 13.42 20.79 -49.55
C VAL A 241 13.72 19.32 -49.32
N CYS A 242 12.80 18.57 -48.71
CA CYS A 242 12.95 17.12 -48.60
C CYS A 242 12.11 16.51 -49.70
N ALA A 243 12.71 15.64 -50.51
CA ALA A 243 12.01 15.10 -51.66
C ALA A 243 12.16 13.59 -51.83
N THR A 244 11.21 12.98 -52.61
CA THR A 244 11.18 11.63 -53.16
C THR A 244 10.72 10.52 -52.21
N GLN A 245 9.68 9.82 -52.67
CA GLN A 245 9.07 8.64 -52.05
C GLN A 245 8.50 8.89 -50.66
N MET A 246 8.12 10.14 -50.36
CA MET A 246 7.56 10.47 -49.06
C MET A 246 6.24 9.75 -48.82
N LEU A 247 5.37 9.68 -49.85
CA LEU A 247 4.07 9.00 -49.76
C LEU A 247 3.92 8.04 -50.97
N GLU A 248 5.02 7.38 -51.38
CA GLU A 248 5.08 6.53 -52.56
C GLU A 248 3.88 5.56 -52.76
N SER A 249 3.46 4.84 -51.72
CA SER A 249 2.35 3.91 -51.84
C SER A 249 1.03 4.58 -52.26
N MET A 250 0.90 5.90 -52.05
CA MET A 250 -0.30 6.64 -52.44
C MET A 250 -0.42 6.83 -53.98
N ILE A 251 0.55 6.36 -54.77
CA ILE A 251 0.46 6.36 -56.22
C ILE A 251 -0.69 5.39 -56.63
N THR A 252 -0.83 4.25 -55.91
CA THR A 252 -1.88 3.27 -56.19
C THR A 252 -2.89 3.07 -55.05
N LYS A 253 -2.54 3.47 -53.80
CA LYS A 253 -3.46 3.26 -52.69
C LYS A 253 -3.99 4.55 -52.11
N PRO A 254 -5.24 4.56 -51.60
CA PRO A 254 -5.80 5.81 -51.05
C PRO A 254 -5.21 6.26 -49.71
N ARG A 255 -4.53 5.37 -48.99
CA ARG A 255 -3.92 5.66 -47.68
C ARG A 255 -2.44 5.30 -47.72
N PRO A 256 -1.59 6.11 -47.06
CA PRO A 256 -0.15 5.79 -47.05
C PRO A 256 0.21 4.73 -45.98
N THR A 257 1.42 4.19 -46.06
CA THR A 257 1.91 3.26 -45.05
C THR A 257 2.32 4.04 -43.77
N ARG A 258 2.54 3.30 -42.67
CA ARG A 258 3.00 3.86 -41.41
C ARG A 258 4.40 4.47 -41.54
N ALA A 259 5.25 3.89 -42.41
CA ALA A 259 6.58 4.42 -42.62
C ALA A 259 6.51 5.78 -43.36
N GLU A 260 5.55 5.93 -44.28
CA GLU A 260 5.39 7.13 -45.07
C GLU A 260 4.93 8.32 -44.26
N THR A 261 3.92 8.14 -43.39
CA THR A 261 3.48 9.25 -42.55
C THR A 261 4.58 9.66 -41.56
N SER A 262 5.34 8.67 -41.07
CA SER A 262 6.43 8.94 -40.15
C SER A 262 7.55 9.73 -40.88
N ASP A 263 7.85 9.37 -42.14
CA ASP A 263 8.84 10.04 -42.95
C ASP A 263 8.52 11.53 -43.16
N VAL A 264 7.25 11.84 -43.46
CA VAL A 264 6.84 13.22 -43.66
C VAL A 264 7.00 14.00 -42.36
N ALA A 265 6.51 13.42 -41.26
CA ALA A 265 6.59 14.05 -39.95
C ALA A 265 8.04 14.31 -39.55
N ASN A 266 8.93 13.33 -39.80
CA ASN A 266 10.33 13.45 -39.43
C ASN A 266 11.08 14.44 -40.30
N ALA A 267 10.68 14.61 -41.57
CA ALA A 267 11.31 15.63 -42.43
C ALA A 267 10.98 17.03 -41.86
N VAL A 268 9.74 17.24 -41.42
CA VAL A 268 9.31 18.49 -40.82
C VAL A 268 10.04 18.70 -39.48
N LEU A 269 10.08 17.66 -38.60
CA LEU A 269 10.79 17.76 -37.33
C LEU A 269 12.29 18.01 -37.54
N ASP A 270 12.90 17.45 -38.59
CA ASP A 270 14.31 17.67 -38.92
C ASP A 270 14.56 19.15 -39.20
N GLY A 271 13.61 19.83 -39.84
CA GLY A 271 13.72 21.24 -40.16
C GLY A 271 13.53 21.60 -41.63
N ALA A 272 12.94 20.70 -42.44
CA ALA A 272 12.69 21.00 -43.87
C ALA A 272 11.71 22.17 -44.05
N ASP A 273 12.04 23.10 -44.94
CA ASP A 273 11.13 24.21 -45.25
C ASP A 273 10.01 23.73 -46.16
N CYS A 274 10.33 22.82 -47.09
CA CYS A 274 9.37 22.28 -48.04
C CYS A 274 9.42 20.77 -48.07
N ILE A 275 8.29 20.16 -48.37
CA ILE A 275 8.17 18.72 -48.60
C ILE A 275 7.59 18.56 -50.00
N MET A 276 8.00 17.50 -50.69
CA MET A 276 7.64 17.30 -52.08
C MET A 276 6.90 16.01 -52.37
N LEU A 277 6.07 16.04 -53.42
CA LEU A 277 5.35 14.90 -53.97
C LEU A 277 5.77 14.82 -55.44
N SER A 278 6.21 13.63 -55.89
CA SER A 278 6.61 13.43 -57.28
C SER A 278 5.53 12.61 -58.03
N GLY A 279 5.72 11.29 -58.15
CA GLY A 279 4.76 10.40 -58.79
C GLY A 279 3.41 10.41 -58.13
N GLU A 280 3.36 10.70 -56.82
CA GLU A 280 2.12 10.75 -56.05
C GLU A 280 1.15 11.79 -56.66
N THR A 281 1.69 12.90 -57.19
CA THR A 281 0.85 13.95 -57.80
C THR A 281 0.90 13.95 -59.34
N ALA A 282 2.05 13.58 -59.90
CA ALA A 282 2.27 13.59 -61.33
C ALA A 282 1.53 12.49 -62.07
N LYS A 283 1.56 11.25 -61.55
CA LYS A 283 0.96 10.13 -62.27
C LYS A 283 0.05 9.23 -61.45
N GLY A 284 -0.02 9.45 -60.14
CA GLY A 284 -0.80 8.58 -59.27
C GLY A 284 -2.30 8.73 -59.31
N ASN A 285 -3.00 7.76 -58.76
CA ASN A 285 -4.45 7.77 -58.74
C ASN A 285 -5.06 8.66 -57.67
N PHE A 286 -4.26 9.18 -56.72
CA PHE A 286 -4.80 10.01 -55.63
C PHE A 286 -4.00 11.32 -55.42
N PRO A 287 -3.84 12.18 -56.45
CA PRO A 287 -3.03 13.40 -56.29
C PRO A 287 -3.53 14.36 -55.22
N VAL A 288 -4.84 14.59 -55.16
CA VAL A 288 -5.41 15.52 -54.18
C VAL A 288 -5.28 14.97 -52.75
N GLU A 289 -5.53 13.66 -52.59
CA GLU A 289 -5.43 13.00 -51.30
C GLU A 289 -3.99 13.01 -50.79
N ALA A 290 -3.01 12.91 -51.69
CA ALA A 290 -1.59 12.94 -51.31
C ALA A 290 -1.24 14.34 -50.75
N VAL A 291 -1.76 15.41 -51.38
CA VAL A 291 -1.56 16.78 -50.91
C VAL A 291 -2.23 16.97 -49.54
N LYS A 292 -3.47 16.46 -49.40
CA LYS A 292 -4.19 16.56 -48.13
C LYS A 292 -3.45 15.82 -47.00
N MET A 293 -2.87 14.67 -47.32
CA MET A 293 -2.14 13.87 -46.34
C MET A 293 -0.88 14.60 -45.89
N GLN A 294 -0.11 15.19 -46.83
CA GLN A 294 1.07 15.97 -46.47
C GLN A 294 0.71 17.17 -45.63
N HIS A 295 -0.42 17.83 -45.96
CA HIS A 295 -0.91 18.98 -45.22
C HIS A 295 -1.23 18.58 -43.78
N ALA A 296 -1.99 17.49 -43.61
CA ALA A 296 -2.40 17.02 -42.28
C ALA A 296 -1.21 16.62 -41.42
N ILE A 297 -0.22 15.92 -42.00
CA ILE A 297 0.96 15.50 -41.24
C ILE A 297 1.83 16.67 -40.84
N ALA A 298 2.11 17.58 -41.79
CA ALA A 298 2.94 18.75 -41.54
C ALA A 298 2.38 19.61 -40.42
N ARG A 299 1.06 19.82 -40.38
CA ARG A 299 0.43 20.60 -39.30
C ARG A 299 0.68 19.95 -37.94
N GLU A 300 0.53 18.62 -37.87
CA GLU A 300 0.73 17.89 -36.61
C GLU A 300 2.20 17.96 -36.19
N ALA A 301 3.12 17.77 -37.15
CA ALA A 301 4.56 17.79 -36.85
C ALA A 301 5.08 19.15 -36.45
N GLU A 302 4.56 20.23 -37.05
CA GLU A 302 5.00 21.60 -36.70
C GLU A 302 4.68 21.95 -35.27
N ALA A 303 3.54 21.49 -34.77
CA ALA A 303 3.19 21.73 -33.37
C ALA A 303 4.10 20.92 -32.43
N ALA A 304 4.61 19.76 -32.88
CA ALA A 304 5.49 18.89 -32.10
C ALA A 304 6.96 19.34 -32.07
N VAL A 305 7.32 20.43 -32.80
CA VAL A 305 8.68 20.97 -32.79
C VAL A 305 9.00 21.48 -31.37
N TYR A 306 10.22 21.24 -30.88
CA TYR A 306 10.58 21.66 -29.52
C TYR A 306 11.22 23.04 -29.59
N HIS A 307 10.38 24.10 -29.81
CA HIS A 307 10.85 25.50 -29.96
C HIS A 307 11.78 25.98 -28.88
N ARG A 308 11.59 25.55 -27.63
CA ARG A 308 12.46 25.97 -26.53
C ARG A 308 13.94 25.70 -26.84
N GLN A 309 14.26 24.48 -27.29
CA GLN A 309 15.63 24.15 -27.66
C GLN A 309 16.01 24.72 -29.03
N LEU A 310 15.13 24.57 -30.02
CA LEU A 310 15.39 25.03 -31.39
C LEU A 310 15.74 26.54 -31.45
N PHE A 311 14.92 27.40 -30.83
CA PHE A 311 15.19 28.84 -30.84
C PHE A 311 16.50 29.15 -30.17
N GLU A 312 16.76 28.57 -29.00
CA GLU A 312 18.04 28.78 -28.34
C GLU A 312 19.23 28.39 -29.18
N GLU A 313 19.16 27.25 -29.85
CA GLU A 313 20.26 26.79 -30.70
C GLU A 313 20.45 27.63 -31.94
N LEU A 314 19.35 28.03 -32.61
CA LEU A 314 19.41 28.89 -33.80
C LEU A 314 19.95 30.25 -33.41
N ARG A 315 19.47 30.80 -32.30
CA ARG A 315 19.89 32.08 -31.76
C ARG A 315 21.39 32.06 -31.47
N ARG A 316 21.87 31.06 -30.72
CA ARG A 316 23.28 30.93 -30.37
C ARG A 316 24.18 30.80 -31.60
N ALA A 317 23.79 29.99 -32.57
CA ALA A 317 24.59 29.76 -33.76
C ALA A 317 24.58 30.89 -34.81
N ALA A 318 23.53 31.73 -34.86
CA ALA A 318 23.46 32.84 -35.83
C ALA A 318 24.54 33.87 -35.46
N PRO A 319 25.40 34.26 -36.40
CA PRO A 319 26.52 35.14 -36.04
C PRO A 319 26.07 36.53 -35.68
N LEU A 320 26.91 37.27 -34.95
CA LEU A 320 26.61 38.68 -34.64
C LEU A 320 26.55 39.47 -35.96
N SER A 321 25.69 40.46 -36.04
CA SER A 321 25.48 41.16 -37.28
C SER A 321 25.26 42.61 -37.08
N ARG A 322 25.73 43.41 -38.04
CA ARG A 322 25.46 44.84 -38.02
CA ARG A 322 25.48 44.84 -38.02
C ARG A 322 24.48 45.25 -39.13
N ASP A 323 23.78 44.27 -39.75
CA ASP A 323 22.77 44.50 -40.77
C ASP A 323 21.47 44.77 -40.01
N PRO A 324 20.86 45.96 -40.16
CA PRO A 324 19.63 46.24 -39.41
C PRO A 324 18.47 45.30 -39.69
N THR A 325 18.39 44.68 -40.87
CA THR A 325 17.32 43.74 -41.16
C THR A 325 17.53 42.46 -40.29
N GLU A 326 18.81 41.98 -40.18
CA GLU A 326 19.18 40.82 -39.35
C GLU A 326 18.90 41.11 -37.88
N VAL A 327 19.22 42.33 -37.41
CA VAL A 327 19.04 42.76 -36.03
C VAL A 327 17.56 42.88 -35.69
N THR A 328 16.76 43.46 -36.59
CA THR A 328 15.34 43.62 -36.36
C THR A 328 14.66 42.26 -36.34
N ALA A 329 15.08 41.33 -37.22
CA ALA A 329 14.47 40.02 -37.31
C ALA A 329 14.56 39.24 -35.98
N ILE A 330 15.77 39.18 -35.36
CA ILE A 330 15.99 38.50 -34.09
C ILE A 330 15.14 39.15 -33.02
N GLY A 331 15.11 40.48 -32.99
CA GLY A 331 14.31 41.20 -32.01
C GLY A 331 12.83 40.91 -32.13
N ALA A 332 12.32 40.85 -33.37
CA ALA A 332 10.90 40.59 -33.64
C ALA A 332 10.53 39.16 -33.27
N VAL A 333 11.41 38.19 -33.57
CA VAL A 333 11.11 36.80 -33.21
C VAL A 333 11.11 36.61 -31.68
N GLU A 334 12.05 37.27 -31.00
CA GLU A 334 12.13 37.22 -29.56
C GLU A 334 10.86 37.81 -28.92
N ALA A 335 10.42 38.97 -29.44
CA ALA A 335 9.20 39.65 -28.96
C ALA A 335 7.96 38.80 -29.23
N ALA A 336 7.91 38.09 -30.37
CA ALA A 336 6.77 37.24 -30.70
C ALA A 336 6.66 36.08 -29.70
N PHE A 337 7.78 35.45 -29.32
CA PHE A 337 7.75 34.38 -28.35
C PHE A 337 7.33 34.89 -26.98
N LYS A 338 7.80 36.06 -26.60
CA LYS A 338 7.49 36.66 -25.30
C LYS A 338 5.99 36.88 -25.06
N CYS A 339 5.25 37.26 -26.11
CA CYS A 339 3.82 37.54 -25.94
C CYS A 339 2.91 36.52 -26.56
N CYS A 340 3.45 35.39 -27.10
CA CYS A 340 2.63 34.40 -27.83
C CYS A 340 1.91 35.09 -28.99
N ALA A 341 2.64 35.95 -29.73
CA ALA A 341 2.06 36.69 -30.87
C ALA A 341 1.45 35.75 -31.87
N ALA A 342 0.26 36.10 -32.35
CA ALA A 342 -0.42 35.29 -33.36
C ALA A 342 0.33 35.36 -34.69
N ALA A 343 0.98 36.50 -34.98
CA ALA A 343 1.66 36.68 -36.25
C ALA A 343 2.70 37.78 -36.17
N ILE A 344 3.64 37.74 -37.11
CA ILE A 344 4.62 38.78 -37.35
C ILE A 344 4.23 39.27 -38.76
N ILE A 345 3.76 40.50 -38.89
CA ILE A 345 3.41 41.05 -40.21
C ILE A 345 4.59 41.82 -40.71
N VAL A 346 5.12 41.47 -41.88
CA VAL A 346 6.30 42.13 -42.42
C VAL A 346 6.04 42.65 -43.84
N LEU A 347 6.51 43.87 -44.14
CA LEU A 347 6.42 44.44 -45.49
C LEU A 347 7.72 44.04 -46.17
N THR A 348 7.64 43.46 -47.35
CA THR A 348 8.85 43.04 -48.06
C THR A 348 8.71 43.24 -49.57
N THR A 349 9.81 43.62 -50.20
CA THR A 349 9.83 43.84 -51.64
C THR A 349 10.36 42.58 -52.32
N THR A 350 11.51 42.08 -51.84
CA THR A 350 12.17 40.91 -52.40
C THR A 350 11.88 39.61 -51.64
N GLY A 351 11.29 39.71 -50.45
CA GLY A 351 11.07 38.56 -49.59
C GLY A 351 12.17 38.40 -48.53
N ARG A 352 13.29 39.13 -48.65
CA ARG A 352 14.42 39.00 -47.73
C ARG A 352 14.06 39.24 -46.25
N SER A 353 13.31 40.30 -45.93
CA SER A 353 12.92 40.55 -44.53
C SER A 353 12.11 39.39 -43.95
N ALA A 354 11.26 38.75 -44.76
CA ALA A 354 10.46 37.61 -44.33
C ALA A 354 11.37 36.36 -44.13
N GLN A 355 12.35 36.17 -45.02
CA GLN A 355 13.27 35.07 -44.91
C GLN A 355 14.12 35.17 -43.62
N LEU A 356 14.56 36.40 -43.27
CA LEU A 356 15.35 36.58 -42.05
C LEU A 356 14.52 36.35 -40.79
N LEU A 357 13.19 36.54 -40.85
CA LEU A 357 12.34 36.24 -39.69
C LEU A 357 12.18 34.70 -39.58
N SER A 358 11.92 34.05 -40.72
CA SER A 358 11.71 32.62 -40.89
C SER A 358 12.89 31.77 -40.39
N ARG A 359 14.12 32.25 -40.55
CA ARG A 359 15.31 31.49 -40.14
C ARG A 359 15.39 31.20 -38.62
N TYR A 360 14.70 32.02 -37.82
CA TYR A 360 14.65 31.83 -36.37
C TYR A 360 13.51 30.93 -35.93
N ARG A 361 12.74 30.37 -36.88
CA ARG A 361 11.64 29.45 -36.67
C ARG A 361 10.64 29.90 -35.62
N PRO A 362 10.03 31.10 -35.80
CA PRO A 362 9.00 31.51 -34.83
C PRO A 362 7.80 30.57 -34.85
N ARG A 363 7.09 30.47 -33.71
CA ARG A 363 5.83 29.74 -33.69
C ARG A 363 4.78 30.65 -34.42
N ALA A 364 4.87 32.00 -34.24
CA ALA A 364 4.02 32.99 -34.91
C ALA A 364 4.16 32.91 -36.44
N ALA A 365 3.03 32.99 -37.15
CA ALA A 365 3.04 32.99 -38.61
C ALA A 365 3.72 34.28 -39.11
N VAL A 366 4.54 34.19 -40.16
CA VAL A 366 5.15 35.38 -40.73
C VAL A 366 4.29 35.79 -41.93
N ILE A 367 3.43 36.78 -41.76
CA ILE A 367 2.55 37.24 -42.83
C ILE A 367 3.33 38.29 -43.64
N ALA A 368 3.79 37.93 -44.85
CA ALA A 368 4.58 38.82 -45.67
C ALA A 368 3.67 39.61 -46.65
N VAL A 369 3.51 40.93 -46.45
CA VAL A 369 2.71 41.79 -47.35
C VAL A 369 3.64 42.37 -48.42
N THR A 370 3.44 42.00 -49.69
CA THR A 370 4.31 42.47 -50.78
C THR A 370 3.51 42.90 -51.99
N ARG A 371 4.05 43.82 -52.80
CA ARG A 371 3.45 44.21 -54.08
C ARG A 371 4.01 43.33 -55.22
N SER A 372 5.16 42.65 -55.01
CA SER A 372 5.81 41.82 -56.02
C SER A 372 5.15 40.45 -56.09
N ALA A 373 4.47 40.14 -57.21
CA ALA A 373 3.83 38.85 -57.42
C ALA A 373 4.87 37.71 -57.40
N GLN A 374 6.07 37.96 -57.95
CA GLN A 374 7.13 36.96 -57.93
C GLN A 374 7.63 36.68 -56.50
N ALA A 375 7.89 37.74 -55.69
CA ALA A 375 8.33 37.55 -54.31
C ALA A 375 7.26 36.81 -53.51
N ALA A 376 5.98 37.12 -53.75
CA ALA A 376 4.88 36.43 -53.07
C ALA A 376 4.93 34.91 -53.38
N ARG A 377 5.29 34.54 -54.61
CA ARG A 377 5.37 33.13 -54.97
C ARG A 377 6.61 32.50 -54.36
N GLN A 378 7.74 33.18 -54.41
CA GLN A 378 9.01 32.65 -53.94
C GLN A 378 9.14 32.48 -52.44
N VAL A 379 8.45 33.28 -51.62
CA VAL A 379 8.55 33.13 -50.17
C VAL A 379 7.88 31.84 -49.63
N HIS A 380 7.22 31.07 -50.50
CA HIS A 380 6.73 29.75 -50.12
C HIS A 380 7.93 28.83 -49.83
N LEU A 381 9.15 29.15 -50.33
CA LEU A 381 10.32 28.35 -50.04
C LEU A 381 10.75 28.45 -48.54
N CYS A 382 10.30 29.48 -47.81
CA CYS A 382 10.67 29.71 -46.43
C CYS A 382 9.58 29.23 -45.50
N ARG A 383 9.90 28.31 -44.56
CA ARG A 383 8.89 27.81 -43.63
C ARG A 383 8.26 28.94 -42.81
N GLY A 384 6.94 28.89 -42.73
CA GLY A 384 6.19 29.82 -41.92
C GLY A 384 5.93 31.18 -42.52
N VAL A 385 6.26 31.38 -43.79
CA VAL A 385 5.98 32.65 -44.47
C VAL A 385 4.70 32.50 -45.29
N PHE A 386 3.67 33.30 -44.95
CA PHE A 386 2.36 33.32 -45.60
C PHE A 386 2.28 34.60 -46.46
N PRO A 387 2.51 34.47 -47.78
CA PRO A 387 2.52 35.68 -48.63
C PRO A 387 1.15 36.27 -48.93
N LEU A 388 1.04 37.60 -48.89
CA LEU A 388 -0.17 38.33 -49.23
C LEU A 388 0.21 39.30 -50.31
N LEU A 389 -0.44 39.19 -51.48
CA LEU A 389 -0.14 40.07 -52.61
C LEU A 389 -1.00 41.35 -52.51
N TYR A 390 -0.34 42.50 -52.35
CA TYR A 390 -1.00 43.79 -52.16
C TYR A 390 -1.45 44.39 -53.51
N ARG A 391 -2.76 44.63 -53.66
CA ARG A 391 -3.28 45.20 -54.90
C ARG A 391 -4.27 46.39 -54.64
N GLU A 392 -4.26 46.96 -53.43
CA GLU A 392 -5.13 48.06 -53.07
CA GLU A 392 -5.11 48.08 -53.03
C GLU A 392 -4.56 49.39 -53.61
N PRO A 393 -5.43 50.40 -53.85
CA PRO A 393 -4.93 51.70 -54.36
C PRO A 393 -3.81 52.31 -53.51
N PRO A 394 -2.90 53.04 -54.14
CA PRO A 394 -1.81 53.68 -53.37
C PRO A 394 -2.27 54.87 -52.52
N GLU A 395 -1.54 55.11 -51.44
CA GLU A 395 -1.76 56.25 -50.58
C GLU A 395 -0.71 57.30 -50.99
N ALA A 396 -1.09 58.60 -50.99
CA ALA A 396 -0.19 59.70 -51.39
C ALA A 396 0.97 59.87 -50.40
N ILE A 397 0.71 59.69 -49.10
CA ILE A 397 1.77 59.80 -48.09
C ILE A 397 2.38 58.40 -47.80
N TRP A 398 3.72 58.22 -47.98
CA TRP A 398 4.41 56.94 -47.75
C TRP A 398 4.08 56.31 -46.39
N ALA A 399 4.06 57.13 -45.31
CA ALA A 399 3.70 56.64 -43.97
C ALA A 399 2.27 56.07 -43.97
N ASP A 400 1.34 56.71 -44.72
CA ASP A 400 -0.03 56.22 -44.83
C ASP A 400 -0.13 54.94 -45.67
N ASP A 401 0.69 54.84 -46.70
CA ASP A 401 0.70 53.67 -47.57
C ASP A 401 1.15 52.41 -46.78
N VAL A 402 2.20 52.58 -45.93
CA VAL A 402 2.76 51.56 -45.06
C VAL A 402 1.66 51.12 -44.10
N ASP A 403 1.02 52.08 -43.37
CA ASP A 403 -0.04 51.76 -42.42
CA ASP A 403 -0.04 51.77 -42.42
C ASP A 403 -1.19 50.98 -43.06
N ARG A 404 -1.49 51.30 -44.32
CA ARG A 404 -2.55 50.62 -45.06
C ARG A 404 -2.16 49.18 -45.38
N ARG A 405 -0.89 48.96 -45.78
CA ARG A 405 -0.41 47.59 -46.02
C ARG A 405 -0.45 46.73 -44.72
N VAL A 406 -0.14 47.32 -43.56
CA VAL A 406 -0.22 46.66 -42.26
C VAL A 406 -1.68 46.34 -41.91
N GLN A 407 -2.62 47.28 -42.21
CA GLN A 407 -4.04 47.01 -41.99
C GLN A 407 -4.54 45.92 -42.94
N PHE A 408 -3.97 45.83 -44.14
CA PHE A 408 -4.31 44.81 -45.11
C PHE A 408 -3.89 43.44 -44.54
N GLY A 409 -2.67 43.36 -43.98
CA GLY A 409 -2.14 42.15 -43.35
C GLY A 409 -3.05 41.69 -42.23
N ILE A 410 -3.50 42.63 -41.39
CA ILE A 410 -4.41 42.35 -40.29
C ILE A 410 -5.77 41.85 -40.76
N GLU A 411 -6.37 42.51 -41.77
CA GLU A 411 -7.68 42.09 -42.28
C GLU A 411 -7.62 40.71 -42.93
N SER A 412 -6.62 40.45 -43.83
CA SER A 412 -6.49 39.12 -44.42
C SER A 412 -6.23 38.06 -43.32
N GLY A 413 -5.47 38.43 -42.30
CA GLY A 413 -5.19 37.53 -41.18
C GLY A 413 -6.45 37.19 -40.41
N LYS A 414 -7.33 38.17 -40.20
CA LYS A 414 -8.60 37.93 -39.51
C LYS A 414 -9.49 37.05 -40.37
N LEU A 415 -9.58 37.34 -41.68
CA LEU A 415 -10.41 36.57 -42.59
C LEU A 415 -9.97 35.11 -42.68
N ARG A 416 -8.65 34.87 -42.71
CA ARG A 416 -8.11 33.53 -42.83
C ARG A 416 -8.03 32.76 -41.52
N GLY A 417 -8.33 33.39 -40.40
CA GLY A 417 -8.27 32.71 -39.09
C GLY A 417 -6.96 32.83 -38.35
N PHE A 418 -5.95 33.51 -38.92
CA PHE A 418 -4.67 33.71 -38.25
C PHE A 418 -4.81 34.62 -37.04
N LEU A 419 -5.71 35.63 -37.11
CA LEU A 419 -5.83 36.64 -36.07
C LEU A 419 -7.23 36.81 -35.57
N ARG A 420 -7.35 37.24 -34.32
CA ARG A 420 -8.59 37.57 -33.65
C ARG A 420 -8.40 38.87 -32.88
N VAL A 421 -9.51 39.56 -32.58
CA VAL A 421 -9.46 40.78 -31.78
C VAL A 421 -8.89 40.47 -30.40
N GLY A 422 -7.96 41.29 -29.93
CA GLY A 422 -7.30 41.04 -28.66
C GLY A 422 -5.93 40.38 -28.80
N ASP A 423 -5.63 39.80 -29.97
CA ASP A 423 -4.32 39.19 -30.21
C ASP A 423 -3.23 40.25 -30.28
N LEU A 424 -1.98 39.85 -30.02
CA LEU A 424 -0.85 40.73 -30.20
C LEU A 424 -0.13 40.29 -31.48
N VAL A 425 0.33 41.23 -32.26
CA VAL A 425 1.09 40.97 -33.46
C VAL A 425 2.35 41.84 -33.41
N ILE A 426 3.39 41.38 -34.07
CA ILE A 426 4.62 42.12 -34.19
C ILE A 426 4.62 42.63 -35.63
N VAL A 427 4.87 43.93 -35.84
CA VAL A 427 4.87 44.48 -37.21
C VAL A 427 6.27 44.91 -37.58
N VAL A 428 6.80 44.40 -38.68
CA VAL A 428 8.14 44.72 -39.11
C VAL A 428 8.12 45.56 -40.39
N THR A 429 8.54 46.83 -40.27
CA THR A 429 8.57 47.80 -41.38
C THR A 429 10.01 48.41 -41.55
N GLY A 430 10.19 49.31 -42.52
CA GLY A 430 11.46 50.00 -42.81
C GLY A 430 11.35 51.51 -42.60
N TRP A 431 12.50 52.23 -42.68
CA TRP A 431 12.48 53.68 -42.44
C TRP A 431 12.29 54.54 -43.74
N ARG A 432 12.43 53.92 -44.90
CA ARG A 432 12.27 54.59 -46.18
C ARG A 432 11.83 53.57 -47.25
N PRO A 433 11.25 54.03 -48.39
CA PRO A 433 10.87 53.09 -49.45
C PRO A 433 12.06 52.38 -50.09
N GLY A 434 11.81 51.27 -50.78
CA GLY A 434 12.85 50.49 -51.40
C GLY A 434 13.33 49.35 -50.51
N SER A 435 13.90 48.32 -51.12
CA SER A 435 14.38 47.16 -50.40
C SER A 435 15.70 47.42 -49.65
N GLY A 436 15.89 46.70 -48.54
CA GLY A 436 17.11 46.74 -47.75
C GLY A 436 17.10 47.69 -46.58
N TYR A 437 15.96 48.32 -46.29
CA TYR A 437 15.90 49.30 -45.20
C TYR A 437 15.04 48.88 -44.02
N THR A 438 14.75 47.57 -43.86
CA THR A 438 13.97 47.14 -42.69
C THR A 438 14.78 47.41 -41.42
N ASN A 439 14.15 48.08 -40.46
CA ASN A 439 14.84 48.42 -39.22
C ASN A 439 13.87 48.68 -38.07
N ILE A 440 12.56 48.40 -38.22
CA ILE A 440 11.59 48.73 -37.19
C ILE A 440 10.71 47.55 -36.81
N MET A 441 10.47 47.39 -35.50
CA MET A 441 9.58 46.37 -34.99
CA MET A 441 9.61 46.35 -34.95
C MET A 441 8.61 47.05 -34.02
N ARG A 442 7.32 46.78 -34.17
CA ARG A 442 6.28 47.40 -33.34
C ARG A 442 5.37 46.31 -32.75
N VAL A 443 4.90 46.51 -31.53
CA VAL A 443 3.98 45.58 -30.88
C VAL A 443 2.57 46.18 -31.00
N LEU A 444 1.68 45.48 -31.68
CA LEU A 444 0.34 45.97 -31.97
C LEU A 444 -0.76 45.07 -31.44
N SER A 445 -1.78 45.67 -30.84
CA SER A 445 -2.93 44.94 -30.33
C SER A 445 -3.98 44.93 -31.44
N ILE A 446 -4.55 43.76 -31.75
CA ILE A 446 -5.56 43.65 -32.80
C ILE A 446 -6.92 44.18 -32.35
N SER A 447 -7.41 45.18 -33.11
CA SER A 447 -8.72 45.87 -33.04
C SER A 447 -9.00 46.57 -31.69
N ARG B 12 33.80 30.32 -33.13
CA ARG B 12 34.47 31.45 -33.79
C ARG B 12 33.69 31.94 -35.03
N ALA B 13 32.94 31.05 -35.68
CA ALA B 13 32.14 31.39 -36.86
C ALA B 13 30.98 32.36 -36.53
N ASP B 14 30.52 32.38 -35.26
CA ASP B 14 29.48 33.29 -34.79
C ASP B 14 30.00 34.74 -34.57
N VAL B 15 31.34 34.93 -34.51
CA VAL B 15 31.91 36.27 -34.34
C VAL B 15 32.92 36.64 -35.43
N ALA B 16 33.19 35.75 -36.41
CA ALA B 16 34.20 35.98 -37.44
C ALA B 16 34.02 37.26 -38.29
N GLN B 17 32.81 37.50 -38.84
CA GLN B 17 32.55 38.68 -39.65
C GLN B 17 32.65 39.93 -38.79
N LEU B 18 32.04 39.93 -37.59
CA LEU B 18 32.12 41.09 -36.73
C LEU B 18 33.53 41.35 -36.21
N THR B 19 34.38 40.31 -36.16
CA THR B 19 35.78 40.44 -35.76
C THR B 19 36.57 41.11 -36.88
N GLN B 20 36.30 40.74 -38.14
CA GLN B 20 36.96 41.38 -39.27
C GLN B 20 36.59 42.87 -39.34
N GLU B 21 35.32 43.19 -39.08
CA GLU B 21 34.79 44.55 -39.13
C GLU B 21 35.23 45.42 -37.99
N LEU B 22 35.05 44.94 -36.76
CA LEU B 22 35.40 45.74 -35.58
C LEU B 22 36.86 45.59 -35.11
N GLY B 23 37.52 44.54 -35.58
CA GLY B 23 38.91 44.30 -35.26
C GLY B 23 39.11 43.42 -34.06
N THR B 24 40.30 42.80 -33.99
CA THR B 24 40.66 41.95 -32.87
C THR B 24 40.78 42.77 -31.58
N ALA B 25 41.25 44.03 -31.62
CA ALA B 25 41.37 44.83 -30.41
C ALA B 25 40.02 45.02 -29.70
N PHE B 26 38.94 45.20 -30.46
CA PHE B 26 37.60 45.36 -29.91
C PHE B 26 37.21 44.11 -29.10
N PHE B 27 37.48 42.92 -29.65
CA PHE B 27 37.11 41.66 -29.04
C PHE B 27 38.07 41.21 -27.92
N GLN B 28 39.13 41.97 -27.61
CA GLN B 28 40.00 41.67 -26.49
C GLN B 28 39.56 42.47 -25.25
N GLN B 29 38.94 43.63 -25.44
CA GLN B 29 38.50 44.52 -24.38
C GLN B 29 37.21 44.01 -23.71
N GLN B 30 36.81 44.67 -22.60
CA GLN B 30 35.59 44.45 -21.81
C GLN B 30 35.25 42.96 -21.54
N GLN B 31 36.27 42.13 -21.28
CA GLN B 31 36.13 40.72 -21.01
C GLN B 31 35.32 39.99 -22.10
N LEU B 32 35.46 40.41 -23.37
CA LEU B 32 34.71 39.78 -24.45
C LEU B 32 35.14 38.33 -24.69
N PRO B 33 36.43 37.90 -24.58
CA PRO B 33 36.71 36.46 -24.70
C PRO B 33 35.97 35.66 -23.62
N ALA B 34 35.90 36.17 -22.37
CA ALA B 34 35.17 35.51 -21.28
C ALA B 34 33.66 35.54 -21.54
N ALA B 35 33.16 36.55 -22.24
CA ALA B 35 31.74 36.69 -22.58
C ALA B 35 31.30 35.62 -23.59
N MET B 36 32.18 35.22 -24.52
CA MET B 36 31.85 34.23 -25.53
C MET B 36 31.95 32.77 -25.05
N ALA B 37 32.41 32.54 -23.81
CA ALA B 37 32.60 31.19 -23.29
C ALA B 37 31.32 30.38 -23.26
N ASP B 38 31.43 29.09 -23.49
CA ASP B 38 30.29 28.17 -23.53
C ASP B 38 29.84 27.70 -22.16
N THR B 39 30.71 27.78 -21.13
CA THR B 39 30.34 27.39 -19.76
C THR B 39 30.81 28.48 -18.77
N PHE B 40 30.23 28.54 -17.59
CA PHE B 40 30.64 29.46 -16.55
C PHE B 40 32.12 29.17 -16.12
N LEU B 41 32.52 27.89 -16.10
CA LEU B 41 33.88 27.51 -15.76
C LEU B 41 34.86 28.10 -16.78
N GLU B 42 34.57 27.96 -18.07
CA GLU B 42 35.43 28.53 -19.11
C GLU B 42 35.41 30.06 -19.06
N HIS B 43 34.26 30.67 -18.69
CA HIS B 43 34.11 32.10 -18.53
C HIS B 43 35.09 32.58 -17.45
N LEU B 44 35.15 31.89 -16.29
CA LEU B 44 36.10 32.25 -15.22
C LEU B 44 37.53 32.13 -15.73
N CYS B 45 37.85 31.02 -16.43
CA CYS B 45 39.19 30.77 -16.97
C CYS B 45 39.68 31.82 -17.94
N LEU B 46 38.76 32.47 -18.66
CA LEU B 46 39.11 33.49 -19.66
C LEU B 46 39.10 34.91 -19.12
N LEU B 47 38.80 35.13 -17.81
CA LEU B 47 38.83 36.50 -17.26
C LEU B 47 40.29 37.00 -17.35
N ASP B 48 40.50 38.25 -17.79
CA ASP B 48 41.82 38.77 -18.06
C ASP B 48 42.00 40.14 -17.42
N ILE B 49 43.02 40.28 -16.56
CA ILE B 49 43.31 41.57 -15.94
C ILE B 49 43.77 42.64 -16.96
N ASP B 50 44.26 42.21 -18.14
CA ASP B 50 44.66 43.14 -19.20
C ASP B 50 43.49 43.53 -20.13
N SER B 51 42.30 42.94 -19.96
CA SER B 51 41.13 43.28 -20.76
C SER B 51 40.45 44.48 -20.10
N GLU B 52 40.68 45.68 -20.66
CA GLU B 52 40.17 46.91 -20.07
C GLU B 52 38.67 47.13 -20.25
N PRO B 53 38.01 47.67 -19.22
CA PRO B 53 36.58 47.99 -19.37
C PRO B 53 36.40 49.17 -20.35
N VAL B 54 35.37 49.11 -21.17
CA VAL B 54 35.10 50.14 -22.18
C VAL B 54 33.79 50.86 -21.84
N ALA B 55 32.76 50.08 -21.46
CA ALA B 55 31.45 50.63 -21.13
C ALA B 55 31.46 51.57 -19.93
N ALA B 56 30.51 52.51 -19.93
CA ALA B 56 30.27 53.44 -18.83
C ALA B 56 29.77 52.60 -17.63
N ARG B 57 30.15 52.98 -16.42
CA ARG B 57 29.79 52.25 -15.22
C ARG B 57 28.29 52.29 -15.03
N SER B 58 27.66 51.12 -14.94
CA SER B 58 26.22 50.98 -14.85
C SER B 58 25.61 50.81 -13.45
N THR B 59 26.35 50.36 -12.44
CA THR B 59 25.81 50.19 -11.09
C THR B 59 25.92 51.56 -10.40
N SER B 60 24.81 52.08 -9.86
CA SER B 60 24.85 53.39 -9.22
C SER B 60 25.52 53.37 -7.88
N ILE B 61 26.14 54.50 -7.54
CA ILE B 61 26.79 54.66 -6.26
C ILE B 61 25.95 55.57 -5.39
N ILE B 62 25.59 55.08 -4.21
CA ILE B 62 24.85 55.85 -3.25
C ILE B 62 25.87 56.30 -2.21
N ALA B 63 26.02 57.62 -2.00
CA ALA B 63 26.96 58.13 -1.01
C ALA B 63 26.18 58.78 0.11
N THR B 64 26.50 58.44 1.35
CA THR B 64 25.85 59.05 2.50
C THR B 64 26.47 60.41 2.77
N ILE B 65 25.62 61.43 2.94
CA ILE B 65 26.08 62.79 3.19
C ILE B 65 26.28 63.00 4.68
N GLY B 66 27.40 63.59 5.03
CA GLY B 66 27.72 63.90 6.41
C GLY B 66 28.80 64.97 6.50
N PRO B 67 29.39 65.15 7.71
CA PRO B 67 30.44 66.17 7.86
C PRO B 67 31.57 66.13 6.85
N ALA B 68 31.98 64.91 6.42
CA ALA B 68 33.08 64.78 5.46
C ALA B 68 32.70 65.09 4.01
N SER B 69 31.41 65.18 3.71
CA SER B 69 30.96 65.34 2.33
C SER B 69 29.80 66.35 2.19
N ARG B 70 29.77 67.39 3.03
CA ARG B 70 28.65 68.33 3.02
C ARG B 70 28.89 69.62 2.27
N SER B 71 30.15 70.05 2.16
CA SER B 71 30.44 71.29 1.45
C SER B 71 30.13 71.14 -0.03
N VAL B 72 29.68 72.23 -0.66
CA VAL B 72 29.36 72.29 -2.09
C VAL B 72 30.56 71.91 -2.95
N GLU B 73 31.75 72.34 -2.57
CA GLU B 73 32.97 72.04 -3.33
C GLU B 73 33.33 70.55 -3.22
N ARG B 74 33.11 69.92 -2.06
CA ARG B 74 33.36 68.49 -1.86
C ARG B 74 32.32 67.66 -2.66
N LEU B 75 31.05 68.11 -2.65
CA LEU B 75 29.98 67.47 -3.38
C LEU B 75 30.20 67.52 -4.89
N LYS B 76 30.81 68.61 -5.40
CA LYS B 76 31.12 68.70 -6.82
C LYS B 76 32.17 67.65 -7.19
N GLU B 77 33.17 67.44 -6.31
CA GLU B 77 34.19 66.42 -6.54
C GLU B 77 33.58 65.01 -6.49
N MET B 78 32.60 64.78 -5.59
CA MET B 78 31.94 63.48 -5.47
CA MET B 78 31.94 63.48 -5.47
C MET B 78 31.04 63.18 -6.66
N ILE B 79 30.41 64.21 -7.23
CA ILE B 79 29.58 64.04 -8.42
C ILE B 79 30.50 63.67 -9.59
N LYS B 80 31.65 64.35 -9.72
CA LYS B 80 32.63 64.06 -10.77
C LYS B 80 33.23 62.65 -10.60
N ALA B 81 33.39 62.19 -9.35
CA ALA B 81 33.93 60.86 -9.05
C ALA B 81 32.92 59.73 -9.38
N GLY B 82 31.62 60.05 -9.46
CA GLY B 82 30.60 59.07 -9.81
C GLY B 82 29.38 58.93 -8.91
N MET B 83 29.24 59.75 -7.86
CA MET B 83 28.05 59.65 -6.97
C MET B 83 26.77 59.92 -7.76
N ASN B 84 25.78 59.03 -7.66
CA ASN B 84 24.52 59.17 -8.39
C ASN B 84 23.36 59.49 -7.47
N ILE B 85 23.42 58.99 -6.22
CA ILE B 85 22.38 59.17 -5.22
C ILE B 85 23.01 59.63 -3.92
N ALA B 86 22.49 60.71 -3.35
CA ALA B 86 22.96 61.26 -2.09
C ALA B 86 21.99 60.76 -1.02
N ARG B 87 22.49 60.07 0.00
CA ARG B 87 21.66 59.52 1.05
C ARG B 87 21.74 60.39 2.30
N LEU B 88 20.58 60.74 2.88
CA LEU B 88 20.50 61.51 4.10
C LEU B 88 20.07 60.55 5.17
N ASN B 89 20.92 60.32 6.15
CA ASN B 89 20.61 59.38 7.22
C ASN B 89 19.88 60.11 8.34
N PHE B 90 18.56 59.92 8.42
CA PHE B 90 17.76 60.58 9.45
C PHE B 90 17.91 59.96 10.86
N SER B 91 18.84 59.03 11.04
CA SER B 91 19.16 58.52 12.37
C SER B 91 19.95 59.58 13.17
N HIS B 92 20.62 60.53 12.49
CA HIS B 92 21.40 61.60 13.10
C HIS B 92 21.05 62.93 12.44
N GLY B 93 21.29 64.03 13.14
CA GLY B 93 21.05 65.37 12.60
C GLY B 93 19.60 65.84 12.66
N SER B 94 19.44 67.13 12.75
CA SER B 94 18.13 67.77 12.83
C SER B 94 17.56 67.98 11.42
N HIS B 95 16.28 68.41 11.34
CA HIS B 95 15.67 68.75 10.06
C HIS B 95 16.43 69.92 9.40
N GLU B 96 16.92 70.88 10.21
CA GLU B 96 17.67 72.02 9.68
C GLU B 96 18.98 71.56 9.08
N TYR B 97 19.64 70.58 9.72
CA TYR B 97 20.90 70.03 9.22
C TYR B 97 20.68 69.36 7.86
N HIS B 98 19.63 68.52 7.75
CA HIS B 98 19.33 67.82 6.51
C HIS B 98 18.86 68.73 5.39
N ALA B 99 18.14 69.82 5.73
CA ALA B 99 17.72 70.78 4.70
C ALA B 99 18.94 71.50 4.09
N GLU B 100 19.97 71.74 4.90
CA GLU B 100 21.19 72.37 4.42
C GLU B 100 21.97 71.41 3.51
N SER B 101 21.99 70.11 3.87
CA SER B 101 22.64 69.07 3.07
C SER B 101 21.95 68.99 1.69
N ILE B 102 20.60 68.98 1.67
CA ILE B 102 19.82 68.97 0.44
C ILE B 102 20.14 70.17 -0.43
N ALA B 103 20.19 71.38 0.17
CA ALA B 103 20.48 72.60 -0.57
C ALA B 103 21.90 72.58 -1.17
N ASN B 104 22.86 72.03 -0.41
CA ASN B 104 24.23 71.91 -0.88
C ASN B 104 24.37 70.92 -2.02
N VAL B 105 23.61 69.82 -1.95
CA VAL B 105 23.61 68.81 -3.01
C VAL B 105 23.04 69.46 -4.28
N ARG B 106 21.86 70.10 -4.17
CA ARG B 106 21.23 70.76 -5.31
C ARG B 106 22.12 71.88 -5.91
N GLU B 107 22.85 72.62 -5.07
CA GLU B 107 23.75 73.67 -5.57
C GLU B 107 24.91 73.04 -6.36
N ALA B 108 25.49 71.95 -5.84
CA ALA B 108 26.59 71.26 -6.54
C ALA B 108 26.10 70.63 -7.84
N VAL B 109 24.90 70.02 -7.83
CA VAL B 109 24.31 69.39 -9.02
C VAL B 109 24.02 70.44 -10.10
N GLU B 110 23.40 71.57 -9.72
CA GLU B 110 23.04 72.61 -10.67
C GLU B 110 24.23 73.40 -11.21
N SER B 111 25.40 73.33 -10.56
CA SER B 111 26.59 73.99 -11.08
C SER B 111 27.02 73.42 -12.46
N PHE B 112 26.55 72.21 -12.82
CA PHE B 112 26.85 71.57 -14.10
C PHE B 112 25.69 71.68 -15.12
N ALA B 113 24.57 72.35 -14.77
CA ALA B 113 23.38 72.47 -15.64
C ALA B 113 23.55 73.32 -16.89
N GLY B 114 24.63 74.10 -16.95
CA GLY B 114 24.92 74.96 -18.08
C GLY B 114 25.10 74.22 -19.39
N SER B 115 25.55 72.96 -19.30
CA SER B 115 25.72 72.13 -20.47
C SER B 115 24.75 70.95 -20.37
N PRO B 116 23.55 71.11 -20.94
CA PRO B 116 22.53 70.05 -20.88
C PRO B 116 22.98 68.69 -21.42
N LEU B 117 23.89 68.70 -22.39
CA LEU B 117 24.38 67.48 -22.99
C LEU B 117 25.33 66.67 -22.05
N SER B 118 25.81 67.26 -20.93
CA SER B 118 26.72 66.56 -20.00
C SER B 118 26.27 66.59 -18.50
N TYR B 119 25.17 67.31 -18.21
CA TYR B 119 24.58 67.44 -16.88
C TYR B 119 24.29 66.06 -16.27
N ARG B 120 24.63 65.90 -15.00
CA ARG B 120 24.36 64.64 -14.30
C ARG B 120 23.31 64.80 -13.22
N PRO B 121 22.11 64.26 -13.41
CA PRO B 121 21.11 64.31 -12.32
C PRO B 121 21.56 63.48 -11.11
N VAL B 122 21.25 63.93 -9.89
CA VAL B 122 21.63 63.20 -8.68
C VAL B 122 20.38 63.04 -7.83
N ALA B 123 20.00 61.81 -7.47
CA ALA B 123 18.83 61.60 -6.62
C ALA B 123 19.11 61.91 -5.15
N ILE B 124 18.07 62.24 -4.40
CA ILE B 124 18.20 62.51 -2.98
C ILE B 124 17.33 61.50 -2.30
N ALA B 125 17.95 60.67 -1.45
CA ALA B 125 17.25 59.62 -0.75
C ALA B 125 17.22 59.89 0.72
N LEU B 126 16.08 59.65 1.36
CA LEU B 126 15.94 59.86 2.79
C LEU B 126 15.92 58.50 3.45
N ASP B 127 16.84 58.25 4.37
CA ASP B 127 16.90 56.99 5.08
C ASP B 127 16.28 57.22 6.47
N THR B 128 15.15 56.57 6.77
CA THR B 128 14.45 56.78 8.03
C THR B 128 15.17 56.18 9.24
N LYS B 129 14.88 56.73 10.44
CA LYS B 129 15.48 56.25 11.69
C LYS B 129 14.99 54.84 12.01
N GLY B 130 13.70 54.59 11.81
CA GLY B 130 13.13 53.27 12.06
C GLY B 130 12.13 53.21 13.21
N PRO B 131 11.52 52.03 13.40
CA PRO B 131 10.50 51.90 14.44
C PRO B 131 11.02 51.81 15.88
N GLY B 132 12.28 51.44 16.05
CA GLY B 132 12.87 51.26 17.37
C GLY B 132 12.24 50.08 18.08
N SER B 133 11.83 50.27 19.33
CA SER B 133 11.18 49.19 20.09
C SER B 133 9.69 48.95 19.70
N GLY B 134 9.10 49.92 18.99
CA GLY B 134 7.70 49.88 18.58
C GLY B 134 7.36 48.86 17.51
N PRO B 135 6.07 48.64 17.26
CA PRO B 135 5.66 47.65 16.26
C PRO B 135 5.48 48.18 14.84
N GLY B 136 5.24 49.47 14.69
CA GLY B 136 5.00 50.10 13.40
C GLY B 136 5.64 51.45 13.24
N LEU B 137 5.07 52.30 12.38
CA LEU B 137 5.59 53.61 12.06
C LEU B 137 5.69 54.55 13.26
N SER B 138 6.92 54.96 13.61
CA SER B 138 7.16 55.86 14.73
C SER B 138 6.75 57.30 14.41
N GLU B 139 6.57 58.12 15.46
CA GLU B 139 6.18 59.51 15.28
C GLU B 139 7.30 60.32 14.63
N GLN B 140 8.58 59.99 14.92
CA GLN B 140 9.69 60.69 14.28
C GLN B 140 9.72 60.37 12.78
N ASP B 141 9.44 59.12 12.41
CA ASP B 141 9.39 58.73 11.00
C ASP B 141 8.28 59.46 10.28
N VAL B 142 7.11 59.63 10.91
CA VAL B 142 6.00 60.39 10.31
C VAL B 142 6.44 61.84 10.02
N ARG B 143 7.18 62.45 10.95
CA ARG B 143 7.66 63.82 10.79
C ARG B 143 8.76 63.94 9.74
N ASP B 144 9.66 62.94 9.68
CA ASP B 144 10.77 62.89 8.74
C ASP B 144 10.27 62.62 7.33
N LEU B 145 9.26 61.76 7.18
CA LEU B 145 8.67 61.49 5.87
C LEU B 145 7.95 62.72 5.34
N ARG B 146 7.27 63.49 6.22
CA ARG B 146 6.63 64.72 5.79
C ARG B 146 7.68 65.76 5.38
N PHE B 147 8.84 65.79 6.07
CA PHE B 147 9.97 66.66 5.72
C PHE B 147 10.45 66.31 4.29
N GLY B 148 10.57 65.00 4.00
CA GLY B 148 10.97 64.50 2.71
C GLY B 148 10.08 64.96 1.59
N VAL B 149 8.75 64.86 1.80
CA VAL B 149 7.78 65.32 0.80
C VAL B 149 7.90 66.83 0.59
N GLU B 150 8.00 67.59 1.69
CA GLU B 150 8.14 69.05 1.64
C GLU B 150 9.43 69.49 0.94
N HIS B 151 10.50 68.70 1.06
CA HIS B 151 11.78 69.03 0.43
C HIS B 151 12.02 68.35 -0.92
N GLY B 152 11.03 67.64 -1.44
CA GLY B 152 11.12 67.00 -2.74
C GLY B 152 12.13 65.87 -2.88
N VAL B 153 12.24 65.00 -1.86
CA VAL B 153 13.15 63.85 -1.97
C VAL B 153 12.60 62.87 -3.02
N ASP B 154 13.51 62.15 -3.66
CA ASP B 154 13.14 61.22 -4.71
C ASP B 154 12.86 59.82 -4.21
N ILE B 155 13.59 59.40 -3.19
CA ILE B 155 13.53 58.04 -2.68
C ILE B 155 13.48 58.04 -1.17
N VAL B 156 12.84 57.02 -0.60
CA VAL B 156 12.83 56.78 0.82
C VAL B 156 13.39 55.36 1.05
N PHE B 157 14.43 55.23 1.89
CA PHE B 157 14.95 53.93 2.29
C PHE B 157 14.28 53.71 3.64
N ALA B 158 13.22 52.90 3.67
CA ALA B 158 12.45 52.66 4.90
C ALA B 158 13.12 51.65 5.79
N SER B 159 13.58 52.08 6.98
CA SER B 159 14.24 51.19 7.91
C SER B 159 13.36 50.12 8.54
N PHE B 160 13.95 48.94 8.81
CA PHE B 160 13.34 47.79 9.46
C PHE B 160 11.95 47.40 8.94
N VAL B 161 11.82 47.22 7.62
CA VAL B 161 10.54 46.77 7.07
C VAL B 161 10.42 45.28 7.37
N ARG B 162 9.34 44.88 8.06
CA ARG B 162 9.12 43.49 8.46
C ARG B 162 7.94 42.80 7.78
N LYS B 163 7.05 43.58 7.15
CA LYS B 163 5.85 43.05 6.51
C LYS B 163 5.27 44.08 5.54
N ALA B 164 4.35 43.66 4.67
CA ALA B 164 3.73 44.55 3.70
C ALA B 164 3.04 45.78 4.31
N SER B 165 2.43 45.64 5.51
CA SER B 165 1.77 46.76 6.15
C SER B 165 2.74 47.86 6.58
N ASP B 166 4.02 47.53 6.80
CA ASP B 166 5.02 48.54 7.13
C ASP B 166 5.24 49.49 5.95
N VAL B 167 5.24 48.96 4.73
CA VAL B 167 5.46 49.78 3.54
C VAL B 167 4.18 50.59 3.27
N ALA B 168 2.98 49.99 3.49
CA ALA B 168 1.71 50.72 3.33
C ALA B 168 1.65 51.93 4.29
N ALA B 169 2.17 51.77 5.52
CA ALA B 169 2.24 52.84 6.51
C ALA B 169 3.15 53.96 6.03
N VAL B 170 4.31 53.63 5.44
CA VAL B 170 5.24 54.63 4.92
C VAL B 170 4.57 55.38 3.76
N ARG B 171 3.89 54.64 2.87
CA ARG B 171 3.19 55.21 1.74
CA ARG B 171 3.19 55.22 1.73
C ARG B 171 2.11 56.20 2.19
N ALA B 172 1.32 55.81 3.22
CA ALA B 172 0.27 56.66 3.79
C ALA B 172 0.89 57.94 4.41
N ALA B 173 2.01 57.82 5.13
CA ALA B 173 2.69 58.99 5.72
C ALA B 173 3.25 59.97 4.67
N LEU B 174 3.52 59.48 3.44
CA LEU B 174 3.99 60.36 2.37
C LEU B 174 2.84 61.23 1.81
N GLY B 175 1.60 60.78 1.97
CA GLY B 175 0.42 61.49 1.54
C GLY B 175 0.21 61.52 0.03
N PRO B 176 -0.81 62.26 -0.40
CA PRO B 176 -1.08 62.35 -1.84
C PRO B 176 0.01 63.09 -2.63
N GLU B 177 0.72 64.03 -1.99
CA GLU B 177 1.80 64.78 -2.63
C GLU B 177 3.08 63.97 -2.85
N GLY B 178 3.29 62.94 -2.04
CA GLY B 178 4.48 62.10 -2.18
C GLY B 178 4.20 60.79 -2.89
N HIS B 179 3.25 60.79 -3.82
CA HIS B 179 2.88 59.59 -4.57
C HIS B 179 3.97 59.12 -5.53
N GLY B 180 4.80 60.04 -6.00
CA GLY B 180 5.88 59.73 -6.93
C GLY B 180 7.19 59.29 -6.30
N ILE B 181 7.31 59.41 -4.96
CA ILE B 181 8.51 59.01 -4.25
C ILE B 181 8.69 57.49 -4.26
N LYS B 182 9.89 56.99 -4.57
CA LYS B 182 10.13 55.53 -4.59
C LYS B 182 10.38 55.04 -3.18
N ILE B 183 9.74 53.94 -2.79
CA ILE B 183 9.98 53.35 -1.47
C ILE B 183 10.85 52.10 -1.62
N ILE B 184 12.07 52.17 -1.07
CA ILE B 184 13.00 51.06 -1.05
C ILE B 184 12.97 50.50 0.37
N SER B 185 12.45 49.30 0.54
CA SER B 185 12.36 48.69 1.86
C SER B 185 13.68 48.09 2.31
N LYS B 186 14.14 48.48 3.50
CA LYS B 186 15.37 47.92 4.05
C LYS B 186 15.07 46.62 4.77
N ILE B 187 15.69 45.49 4.34
CA ILE B 187 15.50 44.20 5.02
C ILE B 187 16.63 44.08 6.03
N GLU B 188 16.30 44.14 7.33
CA GLU B 188 17.30 44.18 8.39
C GLU B 188 17.16 43.11 9.45
N ASN B 189 16.19 42.19 9.33
CA ASN B 189 16.01 41.15 10.35
C ASN B 189 15.40 39.85 9.79
N HIS B 190 15.28 38.83 10.64
CA HIS B 190 14.74 37.55 10.24
C HIS B 190 13.34 37.63 9.66
N GLU B 191 12.47 38.43 10.28
CA GLU B 191 11.09 38.55 9.82
C GLU B 191 11.03 39.16 8.41
N GLY B 192 11.84 40.17 8.16
CA GLY B 192 11.93 40.80 6.84
C GLY B 192 12.40 39.81 5.78
N VAL B 193 13.35 38.92 6.13
CA VAL B 193 13.83 37.91 5.20
C VAL B 193 12.75 36.88 4.93
N LYS B 194 12.07 36.41 5.98
CA LYS B 194 10.99 35.43 5.84
C LYS B 194 9.76 35.97 5.10
N ARG B 195 9.44 37.24 5.31
CA ARG B 195 8.30 37.86 4.63
C ARG B 195 8.73 38.67 3.41
N PHE B 196 9.91 38.37 2.85
CA PHE B 196 10.47 39.07 1.70
C PHE B 196 9.51 39.21 0.53
N ASP B 197 8.88 38.13 0.08
CA ASP B 197 7.99 38.17 -1.07
C ASP B 197 6.84 39.16 -0.94
N GLU B 198 6.19 39.22 0.25
CA GLU B 198 5.09 40.16 0.45
C GLU B 198 5.58 41.60 0.50
N ILE B 199 6.80 41.83 1.00
CA ILE B 199 7.40 43.16 1.08
C ILE B 199 7.81 43.66 -0.31
N LEU B 200 8.46 42.81 -1.09
CA LEU B 200 8.89 43.17 -2.43
C LEU B 200 7.70 43.48 -3.31
N GLU B 201 6.61 42.71 -3.17
CA GLU B 201 5.40 42.94 -3.97
C GLU B 201 4.86 44.38 -3.85
N VAL B 202 4.92 44.97 -2.66
CA VAL B 202 4.41 46.33 -2.43
C VAL B 202 5.49 47.43 -2.42
N SER B 203 6.77 47.07 -2.56
CA SER B 203 7.85 48.06 -2.55
C SER B 203 8.32 48.37 -3.97
N ASP B 204 8.98 49.52 -4.15
CA ASP B 204 9.60 49.85 -5.42
C ASP B 204 10.96 49.12 -5.57
N GLY B 205 11.58 48.75 -4.45
CA GLY B 205 12.84 48.05 -4.41
C GLY B 205 13.22 47.63 -3.02
N ILE B 206 14.43 47.09 -2.89
CA ILE B 206 14.91 46.57 -1.62
C ILE B 206 16.33 47.03 -1.34
N MET B 207 16.65 47.20 -0.06
CA MET B 207 18.00 47.44 0.35
C MET B 207 18.37 46.27 1.29
N VAL B 208 19.48 45.59 0.98
CA VAL B 208 20.02 44.53 1.83
C VAL B 208 20.86 45.30 2.87
N ALA B 209 20.27 45.58 4.03
CA ALA B 209 20.88 46.39 5.07
C ALA B 209 21.69 45.47 5.96
N ARG B 210 22.92 45.15 5.52
CA ARG B 210 23.78 44.13 6.14
C ARG B 210 24.23 44.43 7.55
N GLY B 211 24.29 45.70 7.94
CA GLY B 211 24.69 46.07 9.30
C GLY B 211 23.79 45.46 10.36
N ASP B 212 22.50 45.84 10.35
CA ASP B 212 21.55 45.29 11.32
C ASP B 212 21.26 43.83 11.04
N LEU B 213 21.17 43.44 9.76
CA LEU B 213 20.94 42.05 9.40
C LEU B 213 22.01 41.11 9.98
N GLY B 214 23.27 41.55 9.99
CA GLY B 214 24.38 40.80 10.54
C GLY B 214 24.39 40.67 12.06
N ILE B 215 23.55 41.46 12.74
CA ILE B 215 23.36 41.44 14.20
C ILE B 215 22.09 40.61 14.50
N GLU B 216 21.05 40.73 13.66
CA GLU B 216 19.76 40.06 13.83
C GLU B 216 19.76 38.58 13.47
N ILE B 217 20.59 38.20 12.49
CA ILE B 217 20.78 36.81 12.09
C ILE B 217 22.29 36.47 12.22
N PRO B 218 22.68 35.18 12.26
CA PRO B 218 24.12 34.86 12.36
C PRO B 218 24.93 35.50 11.25
N ALA B 219 26.06 36.11 11.59
CA ALA B 219 26.89 36.80 10.60
C ALA B 219 27.27 35.91 9.37
N GLU B 220 27.42 34.60 9.59
CA GLU B 220 27.77 33.67 8.52
C GLU B 220 26.62 33.38 7.55
N LYS B 221 25.40 33.88 7.82
CA LYS B 221 24.26 33.66 6.96
C LYS B 221 23.90 34.88 6.12
N VAL B 222 24.48 36.06 6.39
CA VAL B 222 24.13 37.27 5.66
C VAL B 222 24.33 37.14 4.16
N PHE B 223 25.41 36.49 3.70
CA PHE B 223 25.64 36.31 2.27
C PHE B 223 24.52 35.53 1.61
N LEU B 224 23.86 34.61 2.35
CA LEU B 224 22.75 33.85 1.79
C LEU B 224 21.55 34.76 1.59
N ALA B 225 21.26 35.62 2.56
CA ALA B 225 20.15 36.56 2.49
C ALA B 225 20.44 37.55 1.38
N GLN B 226 21.69 38.06 1.27
CA GLN B 226 22.04 38.98 0.19
C GLN B 226 21.81 38.36 -1.20
N LYS B 227 22.34 37.16 -1.43
CA LYS B 227 22.22 36.50 -2.73
C LYS B 227 20.79 36.13 -3.06
N MET B 228 20.02 35.69 -2.07
CA MET B 228 18.61 35.38 -2.28
C MET B 228 17.81 36.65 -2.66
N MET B 229 17.99 37.75 -1.90
CA MET B 229 17.26 38.98 -2.16
C MET B 229 17.62 39.62 -3.48
N ILE B 230 18.91 39.59 -3.86
CA ILE B 230 19.34 40.13 -5.13
C ILE B 230 18.75 39.29 -6.27
N GLY B 231 18.78 37.96 -6.13
CA GLY B 231 18.20 37.05 -7.11
C GLY B 231 16.71 37.30 -7.31
N ARG B 232 15.95 37.44 -6.20
CA ARG B 232 14.51 37.68 -6.28
C ARG B 232 14.18 39.07 -6.84
N CYS B 233 14.98 40.10 -6.54
CA CYS B 233 14.76 41.42 -7.10
C CYS B 233 15.06 41.43 -8.58
N ASN B 234 16.12 40.72 -9.01
CA ASN B 234 16.45 40.63 -10.42
C ASN B 234 15.32 39.92 -11.17
N LEU B 235 14.75 38.88 -10.56
CA LEU B 235 13.64 38.12 -11.13
C LEU B 235 12.40 39.01 -11.23
N ALA B 236 12.12 39.84 -10.21
CA ALA B 236 10.97 40.75 -10.22
C ALA B 236 11.21 42.02 -11.07
N GLY B 237 12.44 42.29 -11.44
CA GLY B 237 12.79 43.49 -12.20
C GLY B 237 12.71 44.73 -11.34
N LYS B 238 12.98 44.62 -10.03
CA LYS B 238 12.95 45.75 -9.11
C LYS B 238 14.33 46.07 -8.55
N PRO B 239 14.66 47.36 -8.34
CA PRO B 239 16.01 47.70 -7.87
C PRO B 239 16.40 47.08 -6.55
N VAL B 240 17.67 46.69 -6.43
CA VAL B 240 18.17 46.14 -5.18
C VAL B 240 19.49 46.85 -4.87
N VAL B 241 19.64 47.29 -3.63
CA VAL B 241 20.81 48.01 -3.17
C VAL B 241 21.59 47.12 -2.20
N CYS B 242 22.91 47.01 -2.41
CA CYS B 242 23.75 46.31 -1.45
C CYS B 242 24.38 47.38 -0.57
N ALA B 243 24.25 47.26 0.75
CA ALA B 243 24.74 48.29 1.64
C ALA B 243 25.54 47.79 2.85
N THR B 244 26.35 48.70 3.45
CA THR B 244 27.06 48.61 4.74
C THR B 244 28.39 47.86 4.71
N GLN B 245 29.43 48.56 5.11
CA GLN B 245 30.79 48.11 5.30
C GLN B 245 31.46 47.61 4.05
N MET B 246 31.03 48.08 2.88
CA MET B 246 31.62 47.66 1.64
C MET B 246 33.07 48.06 1.52
N LEU B 247 33.41 49.30 1.93
CA LEU B 247 34.79 49.80 1.89
C LEU B 247 35.13 50.41 3.26
N GLU B 248 34.64 49.81 4.36
CA GLU B 248 34.80 50.29 5.73
C GLU B 248 36.19 50.82 6.09
N SER B 249 37.27 50.08 5.78
CA SER B 249 38.62 50.53 6.12
C SER B 249 39.03 51.85 5.44
N MET B 250 38.32 52.25 4.37
CA MET B 250 38.60 53.52 3.71
C MET B 250 38.13 54.75 4.51
N ILE B 251 37.50 54.54 5.68
CA ILE B 251 37.16 55.64 6.58
C ILE B 251 38.50 56.29 7.07
N THR B 252 39.55 55.47 7.31
CA THR B 252 40.84 55.97 7.78
C THR B 252 41.99 55.70 6.82
N LYS B 253 41.86 54.73 5.90
CA LYS B 253 42.97 54.41 5.00
C LYS B 253 42.68 54.79 3.56
N PRO B 254 43.72 55.21 2.79
CA PRO B 254 43.46 55.61 1.40
C PRO B 254 43.19 54.44 0.43
N ARG B 255 43.49 53.20 0.85
CA ARG B 255 43.25 52.00 0.05
C ARG B 255 42.40 51.00 0.86
N PRO B 256 41.45 50.33 0.21
CA PRO B 256 40.64 49.33 0.95
C PRO B 256 41.37 47.99 1.13
N THR B 257 40.85 47.11 1.97
CA THR B 257 41.40 45.77 2.13
C THR B 257 41.00 44.89 0.92
N ARG B 258 41.63 43.72 0.80
CA ARG B 258 41.34 42.76 -0.26
C ARG B 258 39.94 42.19 -0.13
N ALA B 259 39.42 42.07 1.09
CA ALA B 259 38.04 41.59 1.30
C ALA B 259 37.03 42.64 0.85
N GLU B 260 37.34 43.93 1.03
CA GLU B 260 36.45 45.01 0.65
C GLU B 260 36.30 45.16 -0.85
N THR B 261 37.39 45.11 -1.62
CA THR B 261 37.26 45.21 -3.08
C THR B 261 36.53 43.98 -3.62
N SER B 262 36.75 42.80 -3.00
CA SER B 262 36.08 41.59 -3.40
C SER B 262 34.58 41.72 -3.14
N ASP B 263 34.21 42.27 -1.99
CA ASP B 263 32.80 42.44 -1.59
C ASP B 263 32.04 43.34 -2.57
N VAL B 264 32.66 44.45 -3.01
CA VAL B 264 32.02 45.33 -3.97
C VAL B 264 31.84 44.61 -5.31
N ALA B 265 32.90 43.93 -5.78
CA ALA B 265 32.85 43.22 -7.05
C ALA B 265 31.79 42.12 -7.02
N ASN B 266 31.69 41.39 -5.90
CA ASN B 266 30.74 40.31 -5.78
C ASN B 266 29.32 40.82 -5.65
N ALA B 267 29.10 42.01 -5.08
CA ALA B 267 27.74 42.54 -4.99
C ALA B 267 27.26 42.88 -6.44
N VAL B 268 28.16 43.41 -7.28
CA VAL B 268 27.85 43.71 -8.66
C VAL B 268 27.63 42.41 -9.45
N LEU B 269 28.52 41.40 -9.28
CA LEU B 269 28.34 40.12 -9.95
C LEU B 269 27.07 39.42 -9.50
N ASP B 270 26.66 39.56 -8.23
CA ASP B 270 25.42 38.98 -7.71
C ASP B 270 24.22 39.56 -8.44
N GLY B 271 24.26 40.86 -8.78
CA GLY B 271 23.21 41.52 -9.51
C GLY B 271 22.65 42.78 -8.87
N ALA B 272 23.40 43.38 -7.94
CA ALA B 272 22.94 44.61 -7.28
C ALA B 272 22.83 45.77 -8.27
N ASP B 273 21.73 46.52 -8.22
CA ASP B 273 21.56 47.70 -9.07
C ASP B 273 22.38 48.87 -8.52
N CYS B 274 22.44 48.99 -7.19
CA CYS B 274 23.19 50.03 -6.51
C CYS B 274 24.10 49.47 -5.45
N ILE B 275 25.19 50.16 -5.21
CA ILE B 275 26.10 49.87 -4.10
C ILE B 275 26.19 51.14 -3.27
N MET B 276 26.38 50.98 -1.96
CA MET B 276 26.33 52.11 -1.05
C MET B 276 27.58 52.31 -0.23
N LEU B 277 27.82 53.58 0.13
CA LEU B 277 28.88 54.03 1.04
C LEU B 277 28.18 54.73 2.19
N SER B 278 28.52 54.39 3.44
CA SER B 278 27.94 55.01 4.62
C SER B 278 29.02 55.92 5.28
N GLY B 279 29.71 55.44 6.33
CA GLY B 279 30.76 56.16 7.02
C GLY B 279 31.92 56.54 6.12
N GLU B 280 32.15 55.74 5.07
CA GLU B 280 33.20 56.01 4.10
C GLU B 280 33.08 57.42 3.48
N THR B 281 31.86 57.90 3.31
CA THR B 281 31.64 59.22 2.72
C THR B 281 31.09 60.22 3.75
N ALA B 282 30.30 59.75 4.70
CA ALA B 282 29.69 60.62 5.67
C ALA B 282 30.70 61.19 6.65
N LYS B 283 31.66 60.39 7.14
CA LYS B 283 32.59 60.84 8.17
C LYS B 283 34.07 60.53 7.93
N GLY B 284 34.39 59.77 6.90
CA GLY B 284 35.76 59.35 6.66
C GLY B 284 36.71 60.39 6.13
N ASN B 285 37.99 60.05 6.09
CA ASN B 285 39.03 60.93 5.58
C ASN B 285 39.22 60.85 4.07
N PHE B 286 38.58 59.89 3.39
CA PHE B 286 38.74 59.76 1.94
C PHE B 286 37.39 59.60 1.22
N PRO B 287 36.41 60.55 1.38
CA PRO B 287 35.10 60.35 0.74
C PRO B 287 35.16 60.26 -0.79
N VAL B 288 35.98 61.10 -1.42
CA VAL B 288 36.07 61.12 -2.88
C VAL B 288 36.77 59.84 -3.38
N GLU B 289 37.82 59.42 -2.70
CA GLU B 289 38.57 58.21 -3.05
C GLU B 289 37.71 56.96 -2.90
N ALA B 290 36.80 56.94 -1.90
CA ALA B 290 35.90 55.80 -1.70
C ALA B 290 34.93 55.69 -2.90
N VAL B 291 34.40 56.85 -3.40
CA VAL B 291 33.51 56.88 -4.54
C VAL B 291 34.30 56.42 -5.79
N LYS B 292 35.54 56.89 -5.95
CA LYS B 292 36.37 56.49 -7.09
C LYS B 292 36.67 55.00 -7.07
N MET B 293 36.88 54.42 -5.89
CA MET B 293 37.17 53.01 -5.75
C MET B 293 35.94 52.17 -6.09
N GLN B 294 34.76 52.56 -5.61
CA GLN B 294 33.54 51.85 -5.98
C GLN B 294 33.28 51.94 -7.49
N HIS B 295 33.57 53.10 -8.09
CA HIS B 295 33.40 53.30 -9.53
C HIS B 295 34.33 52.35 -10.31
N ALA B 296 35.62 52.32 -9.92
CA ALA B 296 36.61 51.48 -10.59
C ALA B 296 36.27 50.00 -10.47
N ILE B 297 35.84 49.53 -9.27
CA ILE B 297 35.52 48.11 -9.09
C ILE B 297 34.24 47.73 -9.86
N ALA B 298 33.19 48.56 -9.79
CA ALA B 298 31.94 48.30 -10.50
C ALA B 298 32.14 48.17 -11.99
N ARG B 299 32.96 49.03 -12.61
CA ARG B 299 33.23 48.94 -14.06
C ARG B 299 33.93 47.62 -14.42
N GLU B 300 34.88 47.20 -13.58
CA GLU B 300 35.59 45.94 -13.83
C GLU B 300 34.62 44.77 -13.67
N ALA B 301 33.78 44.77 -12.60
CA ALA B 301 32.85 43.68 -12.33
C ALA B 301 31.73 43.57 -13.34
N GLU B 302 31.22 44.70 -13.86
CA GLU B 302 30.15 44.67 -14.87
C GLU B 302 30.59 44.00 -16.14
N ALA B 303 31.85 44.23 -16.56
CA ALA B 303 32.39 43.56 -17.74
C ALA B 303 32.54 42.05 -17.49
N ALA B 304 32.79 41.62 -16.23
CA ALA B 304 32.99 40.20 -15.87
C ALA B 304 31.67 39.43 -15.69
N VAL B 305 30.50 40.10 -15.81
CA VAL B 305 29.19 39.41 -15.72
C VAL B 305 29.09 38.41 -16.89
N TYR B 306 28.54 37.22 -16.65
CA TYR B 306 28.43 36.20 -17.70
C TYR B 306 27.08 36.34 -18.39
N HIS B 307 26.95 37.38 -19.26
CA HIS B 307 25.69 37.73 -19.94
C HIS B 307 25.04 36.59 -20.67
N ARG B 308 25.83 35.73 -21.33
CA ARG B 308 25.27 34.57 -22.03
C ARG B 308 24.33 33.74 -21.14
N GLN B 309 24.74 33.37 -19.90
CA GLN B 309 23.87 32.60 -19.02
C GLN B 309 22.83 33.50 -18.37
N LEU B 310 23.22 34.68 -17.90
CA LEU B 310 22.31 35.60 -17.24
C LEU B 310 21.08 35.94 -18.13
N PHE B 311 21.32 36.32 -19.40
CA PHE B 311 20.24 36.66 -20.32
C PHE B 311 19.31 35.49 -20.56
N GLU B 312 19.87 34.29 -20.83
CA GLU B 312 19.06 33.08 -21.01
C GLU B 312 18.21 32.78 -19.78
N GLU B 313 18.78 32.91 -18.57
CA GLU B 313 18.05 32.64 -17.35
C GLU B 313 16.97 33.67 -17.04
N LEU B 314 17.23 34.97 -17.30
CA LEU B 314 16.24 36.03 -17.12
C LEU B 314 15.07 35.78 -18.09
N ARG B 315 15.36 35.38 -19.33
CA ARG B 315 14.32 35.06 -20.30
C ARG B 315 13.48 33.84 -19.90
N ARG B 316 14.14 32.73 -19.52
CA ARG B 316 13.49 31.50 -19.11
C ARG B 316 12.59 31.72 -17.88
N ALA B 317 13.06 32.50 -16.89
CA ALA B 317 12.30 32.71 -15.67
C ALA B 317 11.17 33.71 -15.81
N ALA B 318 11.32 34.67 -16.73
CA ALA B 318 10.31 35.71 -16.89
C ALA B 318 9.07 35.11 -17.56
N PRO B 319 7.91 35.31 -16.92
CA PRO B 319 6.67 34.78 -17.51
C PRO B 319 6.32 35.52 -18.79
N LEU B 320 5.52 34.89 -19.67
CA LEU B 320 5.07 35.53 -20.90
C LEU B 320 4.31 36.81 -20.56
N SER B 321 4.41 37.80 -21.44
CA SER B 321 3.77 39.07 -21.15
C SER B 321 3.00 39.60 -22.29
N ARG B 322 1.86 40.21 -21.98
CA ARG B 322 1.06 40.86 -23.00
C ARG B 322 1.18 42.39 -22.93
N ASP B 323 2.10 42.91 -22.09
CA ASP B 323 2.35 44.34 -21.95
C ASP B 323 3.33 44.73 -23.05
N PRO B 324 2.92 45.60 -23.97
CA PRO B 324 3.82 45.97 -25.09
C PRO B 324 5.15 46.58 -24.66
N THR B 325 5.21 47.27 -23.50
CA THR B 325 6.47 47.85 -23.03
C THR B 325 7.44 46.70 -22.68
N GLU B 326 6.95 45.66 -22.02
CA GLU B 326 7.74 44.50 -21.65
C GLU B 326 8.20 43.71 -22.88
N VAL B 327 7.30 43.54 -23.86
CA VAL B 327 7.60 42.83 -25.09
C VAL B 327 8.65 43.60 -25.93
N THR B 328 8.51 44.93 -26.00
CA THR B 328 9.46 45.75 -26.75
C THR B 328 10.83 45.71 -26.05
N ALA B 329 10.83 45.75 -24.71
CA ALA B 329 12.06 45.71 -23.94
C ALA B 329 12.92 44.48 -24.24
N ILE B 330 12.32 43.26 -24.24
CA ILE B 330 13.08 42.06 -24.51
C ILE B 330 13.56 42.03 -25.96
N GLY B 331 12.75 42.51 -26.88
CA GLY B 331 13.14 42.56 -28.28
C GLY B 331 14.30 43.50 -28.49
N ALA B 332 14.30 44.66 -27.80
CA ALA B 332 15.37 45.65 -27.91
C ALA B 332 16.67 45.14 -27.30
N VAL B 333 16.58 44.45 -26.17
CA VAL B 333 17.78 43.91 -25.53
C VAL B 333 18.37 42.79 -26.39
N GLU B 334 17.52 41.94 -26.98
CA GLU B 334 17.98 40.87 -27.87
C GLU B 334 18.70 41.46 -29.08
N ALA B 335 18.10 42.51 -29.68
CA ALA B 335 18.68 43.19 -30.84
C ALA B 335 20.02 43.84 -30.47
N ALA B 336 20.11 44.44 -29.28
CA ALA B 336 21.34 45.08 -28.85
C ALA B 336 22.50 44.04 -28.72
N PHE B 337 22.21 42.86 -28.16
CA PHE B 337 23.23 41.81 -28.04
C PHE B 337 23.66 41.30 -29.42
N LYS B 338 22.72 41.17 -30.35
CA LYS B 338 22.98 40.69 -31.70
C LYS B 338 23.99 41.54 -32.47
N CYS B 339 23.92 42.87 -32.29
CA CYS B 339 24.80 43.76 -33.06
C CYS B 339 25.85 44.44 -32.25
N CYS B 340 26.00 44.10 -30.96
CA CYS B 340 26.97 44.76 -30.08
C CYS B 340 26.65 46.25 -30.02
N ALA B 341 25.35 46.61 -29.89
CA ALA B 341 24.91 48.00 -29.88
C ALA B 341 25.60 48.77 -28.79
N ALA B 342 26.03 49.97 -29.12
CA ALA B 342 26.69 50.81 -28.15
C ALA B 342 25.67 51.30 -27.08
N ALA B 343 24.40 51.49 -27.48
CA ALA B 343 23.39 51.99 -26.55
C ALA B 343 21.97 51.62 -26.99
N ILE B 344 21.04 51.69 -26.05
CA ILE B 344 19.63 51.60 -26.29
C ILE B 344 19.11 52.96 -25.85
N ILE B 345 18.57 53.78 -26.77
CA ILE B 345 18.02 55.08 -26.40
C ILE B 345 16.52 54.91 -26.19
N VAL B 346 16.02 55.28 -25.03
CA VAL B 346 14.60 55.09 -24.74
C VAL B 346 13.96 56.40 -24.27
N LEU B 347 12.77 56.67 -24.77
CA LEU B 347 12.00 57.86 -24.33
C LEU B 347 11.15 57.39 -23.17
N THR B 348 11.18 58.12 -22.05
CA THR B 348 10.39 57.70 -20.89
C THR B 348 9.88 58.88 -20.09
N THR B 349 8.68 58.73 -19.53
CA THR B 349 8.08 59.78 -18.73
C THR B 349 8.32 59.47 -17.27
N THR B 350 8.00 58.25 -16.85
CA THR B 350 8.15 57.84 -15.44
C THR B 350 9.44 57.05 -15.16
N GLY B 351 10.15 56.63 -16.21
CA GLY B 351 11.31 55.78 -16.06
C GLY B 351 10.98 54.32 -16.28
N ARG B 352 9.68 53.94 -16.32
CA ARG B 352 9.28 52.55 -16.46
C ARG B 352 9.83 51.83 -17.70
N SER B 353 9.80 52.44 -18.89
CA SER B 353 10.34 51.80 -20.09
C SER B 353 11.85 51.52 -19.95
N ALA B 354 12.57 52.39 -19.27
CA ALA B 354 14.00 52.22 -19.04
C ALA B 354 14.22 51.08 -18.02
N GLN B 355 13.37 51.00 -17.00
CA GLN B 355 13.46 49.94 -16.00
C GLN B 355 13.21 48.57 -16.62
N LEU B 356 12.26 48.47 -17.57
CA LEU B 356 11.99 47.20 -18.22
C LEU B 356 13.11 46.77 -19.15
N LEU B 357 13.90 47.72 -19.69
CA LEU B 357 15.05 47.36 -20.51
C LEU B 357 16.17 46.84 -19.56
N SER B 358 16.41 47.57 -18.47
CA SER B 358 17.38 47.32 -17.43
C SER B 358 17.24 45.92 -16.78
N ARG B 359 16.01 45.40 -16.60
CA ARG B 359 15.78 44.10 -15.98
C ARG B 359 16.38 42.92 -16.77
N TYR B 360 16.59 43.07 -18.08
CA TYR B 360 17.20 42.03 -18.91
C TYR B 360 18.72 42.12 -18.96
N ARG B 361 19.30 43.09 -18.23
CA ARG B 361 20.71 43.28 -18.07
C ARG B 361 21.48 43.39 -19.38
N PRO B 362 21.14 44.34 -20.26
CA PRO B 362 21.91 44.48 -21.50
C PRO B 362 23.34 44.95 -21.21
N ARG B 363 24.26 44.59 -22.09
CA ARG B 363 25.61 45.10 -22.00
C ARG B 363 25.57 46.59 -22.49
N ALA B 364 24.72 46.91 -23.51
CA ALA B 364 24.50 48.26 -24.03
C ALA B 364 23.96 49.20 -22.96
N ALA B 365 24.47 50.43 -22.93
CA ALA B 365 24.00 51.46 -22.00
C ALA B 365 22.55 51.83 -22.36
N VAL B 366 21.69 52.03 -21.37
CA VAL B 366 20.31 52.43 -21.62
C VAL B 366 20.26 53.94 -21.40
N ILE B 367 20.27 54.72 -22.48
CA ILE B 367 20.21 56.17 -22.40
C ILE B 367 18.72 56.60 -22.33
N ALA B 368 18.26 57.03 -21.17
CA ALA B 368 16.84 57.36 -20.99
C ALA B 368 16.61 58.86 -21.15
N VAL B 369 15.90 59.27 -22.25
CA VAL B 369 15.60 60.69 -22.49
C VAL B 369 14.26 61.01 -21.86
N THR B 370 14.24 61.94 -20.92
CA THR B 370 13.00 62.29 -20.22
C THR B 370 12.90 63.79 -19.99
N ARG B 371 11.67 64.30 -19.88
CA ARG B 371 11.44 65.69 -19.50
C ARG B 371 11.25 65.80 -17.99
N SER B 372 10.95 64.67 -17.29
CA SER B 372 10.73 64.68 -15.85
C SER B 372 12.06 64.68 -15.07
N ALA B 373 12.34 65.77 -14.35
CA ALA B 373 13.56 65.87 -13.54
C ALA B 373 13.57 64.80 -12.44
N GLN B 374 12.41 64.50 -11.85
CA GLN B 374 12.31 63.47 -10.83
C GLN B 374 12.59 62.08 -11.39
N ALA B 375 12.01 61.74 -12.56
CA ALA B 375 12.27 60.44 -13.17
C ALA B 375 13.75 60.31 -13.55
N ALA B 376 14.37 61.40 -14.03
CA ALA B 376 15.79 61.39 -14.37
C ALA B 376 16.64 61.05 -13.13
N ARG B 377 16.24 61.53 -11.94
CA ARG B 377 16.96 61.21 -10.71
C ARG B 377 16.67 59.79 -10.26
N GLN B 378 15.40 59.37 -10.30
CA GLN B 378 15.01 58.06 -9.82
C GLN B 378 15.51 56.88 -10.66
N VAL B 379 15.74 57.05 -11.98
CA VAL B 379 16.22 55.92 -12.79
C VAL B 379 17.65 55.49 -12.45
N HIS B 380 18.36 56.25 -11.60
CA HIS B 380 19.65 55.82 -11.09
C HIS B 380 19.48 54.54 -10.24
N LEU B 381 18.26 54.22 -9.75
CA LEU B 381 18.02 53.00 -9.02
C LEU B 381 18.13 51.74 -9.92
N CYS B 382 18.05 51.88 -11.25
CA CYS B 382 18.10 50.79 -12.19
C CYS B 382 19.44 50.69 -12.85
N ARG B 383 20.08 49.50 -12.74
CA ARG B 383 21.39 49.31 -13.33
C ARG B 383 21.42 49.60 -14.82
N GLY B 384 22.39 50.37 -15.25
CA GLY B 384 22.62 50.62 -16.66
C GLY B 384 21.78 51.69 -17.30
N VAL B 385 21.02 52.43 -16.51
CA VAL B 385 20.22 53.52 -17.04
C VAL B 385 20.95 54.86 -16.83
N PHE B 386 21.28 55.56 -17.93
CA PHE B 386 21.95 56.86 -17.97
C PHE B 386 20.90 57.93 -18.34
N PRO B 387 20.42 58.66 -17.33
CA PRO B 387 19.35 59.65 -17.60
C PRO B 387 19.82 60.93 -18.29
N LEU B 388 19.04 61.39 -19.28
CA LEU B 388 19.28 62.65 -19.97
C LEU B 388 18.05 63.51 -19.79
N LEU B 389 18.21 64.65 -19.13
CA LEU B 389 17.10 65.55 -18.91
C LEU B 389 16.93 66.48 -20.12
N TYR B 390 15.81 66.35 -20.85
CA TYR B 390 15.44 67.15 -22.03
C TYR B 390 14.71 68.43 -21.57
N ARG B 391 15.31 69.62 -21.79
CA ARG B 391 14.74 70.87 -21.32
C ARG B 391 14.00 71.68 -22.41
N GLU B 392 14.01 71.22 -23.66
CA GLU B 392 13.35 71.94 -24.76
C GLU B 392 11.82 71.89 -24.72
N PRO B 393 11.17 72.99 -25.13
CA PRO B 393 9.70 72.99 -25.17
C PRO B 393 9.17 72.11 -26.31
N PRO B 394 7.97 71.54 -26.12
CA PRO B 394 7.44 70.63 -27.15
C PRO B 394 7.25 71.25 -28.53
N GLU B 395 7.52 70.46 -29.57
CA GLU B 395 7.27 70.84 -30.97
C GLU B 395 5.75 70.79 -31.22
N ALA B 396 5.29 71.46 -32.29
CA ALA B 396 3.86 71.45 -32.61
C ALA B 396 3.43 70.04 -33.06
N ILE B 397 4.25 69.38 -33.88
CA ILE B 397 3.96 68.03 -34.31
C ILE B 397 4.65 67.02 -33.37
N TRP B 398 3.84 66.19 -32.67
CA TRP B 398 4.31 65.18 -31.73
C TRP B 398 5.40 64.26 -32.30
N ALA B 399 5.23 63.77 -33.54
CA ALA B 399 6.24 62.92 -34.19
C ALA B 399 7.60 63.62 -34.34
N ASP B 400 7.60 64.93 -34.64
CA ASP B 400 8.83 65.71 -34.74
C ASP B 400 9.49 65.90 -33.36
N ASP B 401 8.67 66.08 -32.31
CA ASP B 401 9.14 66.28 -30.93
C ASP B 401 9.87 65.01 -30.42
N VAL B 402 9.33 63.83 -30.77
CA VAL B 402 9.86 62.53 -30.46
C VAL B 402 11.19 62.36 -31.20
N ASP B 403 11.22 62.62 -32.51
CA ASP B 403 12.46 62.54 -33.29
C ASP B 403 13.56 63.46 -32.77
N ARG B 404 13.18 64.65 -32.29
CA ARG B 404 14.14 65.59 -31.71
C ARG B 404 14.73 65.03 -30.43
N ARG B 405 13.92 64.36 -29.63
CA ARG B 405 14.37 63.77 -28.37
C ARG B 405 15.35 62.61 -28.64
N VAL B 406 15.10 61.82 -29.68
CA VAL B 406 15.98 60.74 -30.07
C VAL B 406 17.31 61.29 -30.57
N GLN B 407 17.27 62.36 -31.38
CA GLN B 407 18.47 63.03 -31.88
C GLN B 407 19.28 63.66 -30.75
N PHE B 408 18.60 64.19 -29.73
CA PHE B 408 19.23 64.74 -28.54
C PHE B 408 20.00 63.62 -27.82
N GLY B 409 19.42 62.42 -27.75
CA GLY B 409 20.07 61.27 -27.12
C GLY B 409 21.31 60.85 -27.88
N ILE B 410 21.22 60.81 -29.22
CA ILE B 410 22.35 60.46 -30.08
C ILE B 410 23.48 61.49 -29.98
N GLU B 411 23.12 62.78 -30.05
CA GLU B 411 24.11 63.85 -29.96
C GLU B 411 24.76 63.91 -28.61
N SER B 412 23.97 63.72 -27.53
CA SER B 412 24.55 63.69 -26.20
C SER B 412 25.47 62.47 -26.05
N GLY B 413 25.05 61.32 -26.58
CA GLY B 413 25.82 60.09 -26.53
C GLY B 413 27.14 60.22 -27.26
N LYS B 414 27.15 60.92 -28.42
CA LYS B 414 28.38 61.13 -29.20
C LYS B 414 29.34 62.05 -28.44
N LEU B 415 28.83 63.19 -27.98
CA LEU B 415 29.63 64.13 -27.21
C LEU B 415 30.12 63.51 -25.91
N ARG B 416 29.37 62.57 -25.30
CA ARG B 416 29.75 61.93 -24.05
C ARG B 416 30.64 60.67 -24.21
N GLY B 417 30.96 60.29 -25.45
CA GLY B 417 31.78 59.12 -25.71
C GLY B 417 31.05 57.77 -25.73
N PHE B 418 29.72 57.76 -25.46
CA PHE B 418 28.94 56.51 -25.53
C PHE B 418 28.82 56.02 -26.97
N LEU B 419 28.73 56.93 -27.93
CA LEU B 419 28.49 56.58 -29.32
C LEU B 419 29.54 57.15 -30.25
N ARG B 420 29.89 56.36 -31.24
CA ARG B 420 30.85 56.69 -32.28
C ARG B 420 30.19 56.52 -33.65
N VAL B 421 30.70 57.22 -34.68
CA VAL B 421 30.19 57.07 -36.03
C VAL B 421 30.44 55.60 -36.48
N GLY B 422 29.43 54.98 -37.07
CA GLY B 422 29.50 53.59 -37.47
C GLY B 422 28.84 52.64 -36.48
N ASP B 423 28.58 53.10 -35.25
CA ASP B 423 27.90 52.28 -34.23
C ASP B 423 26.44 52.04 -34.59
N LEU B 424 25.88 50.97 -34.04
CA LEU B 424 24.45 50.73 -34.13
C LEU B 424 23.87 51.06 -32.76
N VAL B 425 22.69 51.66 -32.75
CA VAL B 425 21.96 52.00 -31.55
C VAL B 425 20.52 51.48 -31.73
N ILE B 426 19.90 51.08 -30.63
CA ILE B 426 18.53 50.60 -30.65
C ILE B 426 17.71 51.74 -30.05
N VAL B 427 16.63 52.17 -30.71
CA VAL B 427 15.81 53.27 -30.20
C VAL B 427 14.44 52.77 -29.80
N VAL B 428 14.00 53.04 -28.60
CA VAL B 428 12.73 52.55 -28.07
C VAL B 428 11.78 53.71 -27.78
N THR B 429 10.60 53.71 -28.46
CA THR B 429 9.59 54.78 -28.33
C THR B 429 8.15 54.19 -28.26
N GLY B 430 7.14 55.06 -28.15
CA GLY B 430 5.74 54.65 -28.10
C GLY B 430 4.92 55.20 -29.26
N TRP B 431 3.66 54.78 -29.36
CA TRP B 431 2.80 55.16 -30.47
C TRP B 431 1.96 56.43 -30.23
N ARG B 432 1.88 56.91 -28.99
CA ARG B 432 1.12 58.10 -28.64
C ARG B 432 1.72 58.76 -27.38
N PRO B 433 1.40 60.06 -27.14
CA PRO B 433 1.94 60.72 -25.93
C PRO B 433 1.42 60.11 -24.63
N GLY B 434 2.11 60.39 -23.54
CA GLY B 434 1.75 59.85 -22.24
C GLY B 434 2.46 58.54 -21.93
N SER B 435 2.53 58.23 -20.65
CA SER B 435 3.16 57.06 -20.08
C SER B 435 2.37 55.79 -20.42
N GLY B 436 3.08 54.67 -20.56
CA GLY B 436 2.46 53.35 -20.75
C GLY B 436 2.26 52.87 -22.17
N TYR B 437 2.73 53.63 -23.17
CA TYR B 437 2.49 53.26 -24.56
C TYR B 437 3.71 52.91 -25.36
N THR B 438 4.84 52.56 -24.70
CA THR B 438 6.03 52.13 -25.44
C THR B 438 5.71 50.84 -26.21
N ASN B 439 6.02 50.81 -27.49
CA ASN B 439 5.75 49.64 -28.30
C ASN B 439 6.60 49.56 -29.55
N ILE B 440 7.59 50.44 -29.73
CA ILE B 440 8.40 50.45 -30.95
C ILE B 440 9.91 50.32 -30.69
N MET B 441 10.60 49.53 -31.50
CA MET B 441 12.04 49.39 -31.41
CA MET B 441 12.04 49.33 -31.43
C MET B 441 12.60 49.60 -32.83
N ARG B 442 13.62 50.47 -32.97
CA ARG B 442 14.25 50.77 -34.25
C ARG B 442 15.75 50.57 -34.20
N VAL B 443 16.35 50.10 -35.29
CA VAL B 443 17.79 49.91 -35.37
C VAL B 443 18.34 51.07 -36.21
N LEU B 444 19.19 51.92 -35.61
CA LEU B 444 19.75 53.08 -36.30
CA LEU B 444 19.74 53.08 -36.28
C LEU B 444 21.28 53.05 -36.38
N SER B 445 21.82 53.46 -37.54
CA SER B 445 23.27 53.51 -37.75
C SER B 445 23.73 54.95 -37.42
N ILE B 446 24.80 55.09 -36.62
CA ILE B 446 25.30 56.41 -36.25
C ILE B 446 26.13 57.01 -37.38
N SER B 447 25.73 58.18 -37.88
CA SER B 447 26.47 58.83 -38.97
C SER B 447 27.20 60.11 -38.54
N GLU C 21 47.38 7.45 -28.56
CA GLU C 21 46.95 6.26 -27.83
C GLU C 21 45.85 5.52 -28.60
N LEU C 22 44.89 6.27 -29.20
CA LEU C 22 43.81 5.69 -30.00
C LEU C 22 43.93 6.08 -31.48
N GLY C 23 44.51 7.24 -31.76
CA GLY C 23 44.70 7.72 -33.12
C GLY C 23 43.58 8.60 -33.64
N THR C 24 43.90 9.40 -34.67
CA THR C 24 42.92 10.29 -35.30
C THR C 24 41.86 9.50 -36.05
N ALA C 25 42.21 8.33 -36.63
CA ALA C 25 41.27 7.48 -37.35
C ALA C 25 40.13 7.03 -36.45
N PHE C 26 40.43 6.72 -35.18
CA PHE C 26 39.42 6.31 -34.19
C PHE C 26 38.38 7.42 -34.01
N PHE C 27 38.83 8.67 -33.90
CA PHE C 27 37.93 9.80 -33.66
C PHE C 27 37.19 10.30 -34.91
N GLN C 28 37.44 9.70 -36.09
CA GLN C 28 36.69 10.04 -37.30
C GLN C 28 35.49 9.06 -37.52
N GLN C 29 35.61 7.82 -37.01
CA GLN C 29 34.61 6.76 -37.10
C GLN C 29 33.45 6.98 -36.12
N GLN C 30 32.38 6.16 -36.26
CA GLN C 30 31.17 6.09 -35.44
C GLN C 30 30.58 7.47 -35.06
N GLN C 31 30.59 8.43 -36.01
CA GLN C 31 30.06 9.78 -35.84
C GLN C 31 30.64 10.47 -34.60
N LEU C 32 31.92 10.22 -34.28
CA LEU C 32 32.53 10.84 -33.11
C LEU C 32 32.65 12.37 -33.25
N PRO C 33 32.95 12.97 -34.42
CA PRO C 33 32.90 14.46 -34.51
C PRO C 33 31.50 15.00 -34.15
N ALA C 34 30.41 14.37 -34.65
CA ALA C 34 29.04 14.76 -34.31
C ALA C 34 28.71 14.49 -32.84
N ALA C 35 29.37 13.49 -32.22
CA ALA C 35 29.19 13.16 -30.81
C ALA C 35 29.74 14.24 -29.90
N MET C 36 30.84 14.90 -30.31
CA MET C 36 31.47 15.94 -29.51
C MET C 36 30.78 17.30 -29.59
N ALA C 37 29.80 17.48 -30.50
CA ALA C 37 29.13 18.74 -30.70
C ALA C 37 28.49 19.32 -29.43
N ASP C 38 28.53 20.64 -29.29
CA ASP C 38 27.98 21.32 -28.13
C ASP C 38 26.48 21.56 -28.20
N THR C 39 25.89 21.51 -29.41
CA THR C 39 24.44 21.65 -29.55
C THR C 39 23.91 20.54 -30.48
N PHE C 40 22.59 20.28 -30.40
CA PHE C 40 21.97 19.31 -31.30
C PHE C 40 22.08 19.79 -32.77
N LEU C 41 21.95 21.11 -33.00
CA LEU C 41 22.06 21.68 -34.35
C LEU C 41 23.44 21.39 -34.94
N GLU C 42 24.51 21.65 -34.14
CA GLU C 42 25.88 21.37 -34.58
C GLU C 42 26.10 19.86 -34.77
N HIS C 43 25.45 19.02 -33.95
CA HIS C 43 25.50 17.56 -34.02
C HIS C 43 24.95 17.14 -35.39
N LEU C 44 23.79 17.68 -35.81
CA LEU C 44 23.23 17.37 -37.12
C LEU C 44 24.20 17.80 -38.23
N CYS C 45 24.75 19.02 -38.13
CA CYS C 45 25.68 19.57 -39.13
C CYS C 45 26.93 18.72 -39.31
N LEU C 46 27.38 18.02 -38.24
CA LEU C 46 28.59 17.20 -38.28
C LEU C 46 28.37 15.75 -38.63
N LEU C 47 27.12 15.32 -38.89
CA LEU C 47 26.87 13.93 -39.30
C LEU C 47 27.56 13.69 -40.64
N ASP C 48 28.28 12.59 -40.75
CA ASP C 48 29.08 12.32 -41.93
C ASP C 48 28.78 10.95 -42.50
N ILE C 49 28.37 10.91 -43.78
CA ILE C 49 28.11 9.64 -44.47
C ILE C 49 29.39 8.78 -44.63
N ASP C 50 30.57 9.40 -44.54
CA ASP C 50 31.83 8.66 -44.61
C ASP C 50 32.31 8.16 -43.23
N SER C 51 31.64 8.52 -42.14
CA SER C 51 32.02 8.07 -40.80
C SER C 51 31.39 6.69 -40.57
N GLU C 52 32.20 5.63 -40.70
CA GLU C 52 31.69 4.26 -40.61
C GLU C 52 31.34 3.80 -39.20
N PRO C 53 30.22 3.07 -39.06
CA PRO C 53 29.88 2.54 -37.73
C PRO C 53 30.86 1.43 -37.35
N VAL C 54 31.26 1.41 -36.07
CA VAL C 54 32.18 0.39 -35.61
C VAL C 54 31.54 -0.51 -34.58
N ALA C 55 30.71 0.07 -33.70
CA ALA C 55 30.00 -0.70 -32.68
C ALA C 55 29.05 -1.74 -33.27
N ALA C 56 28.84 -2.84 -32.52
CA ALA C 56 27.90 -3.89 -32.91
C ALA C 56 26.49 -3.28 -32.84
N ARG C 57 25.60 -3.72 -33.73
CA ARG C 57 24.23 -3.25 -33.79
C ARG C 57 23.50 -3.58 -32.49
N SER C 58 23.00 -2.56 -31.81
CA SER C 58 22.38 -2.69 -30.51
C SER C 58 20.83 -2.81 -30.48
N THR C 59 20.11 -2.33 -31.49
CA THR C 59 18.65 -2.44 -31.53
C THR C 59 18.30 -3.83 -32.04
N SER C 60 17.53 -4.62 -31.28
CA SER C 60 17.18 -5.98 -31.72
C SER C 60 16.19 -6.03 -32.87
N ILE C 61 16.29 -7.06 -33.69
CA ILE C 61 15.41 -7.22 -34.82
C ILE C 61 14.43 -8.36 -34.51
N ILE C 62 13.13 -8.07 -34.58
CA ILE C 62 12.11 -9.09 -34.38
C ILE C 62 11.62 -9.45 -35.78
N ALA C 63 11.70 -10.74 -36.14
CA ALA C 63 11.20 -11.16 -37.46
C ALA C 63 9.98 -12.07 -37.28
N THR C 64 8.91 -11.81 -38.02
CA THR C 64 7.72 -12.66 -37.95
C THR C 64 7.92 -13.91 -38.79
N ILE C 65 7.67 -15.08 -38.21
CA ILE C 65 7.84 -16.35 -38.89
C ILE C 65 6.56 -16.68 -39.66
N GLY C 66 6.72 -17.09 -40.91
CA GLY C 66 5.60 -17.47 -41.76
C GLY C 66 6.07 -18.35 -42.91
N PRO C 67 5.23 -18.56 -43.93
CA PRO C 67 5.65 -19.39 -45.06
C PRO C 67 6.99 -19.02 -45.69
N ALA C 68 7.29 -17.70 -45.80
CA ALA C 68 8.54 -17.24 -46.41
C ALA C 68 9.76 -17.39 -45.54
N SER C 69 9.60 -17.72 -44.26
CA SER C 69 10.74 -17.80 -43.35
C SER C 69 10.63 -18.97 -42.36
N ARG C 70 9.94 -20.04 -42.72
CA ARG C 70 9.74 -21.18 -41.82
C ARG C 70 10.80 -22.25 -41.85
N SER C 71 11.38 -22.51 -43.02
CA SER C 71 12.36 -23.59 -43.16
C SER C 71 13.61 -23.36 -42.33
N VAL C 72 14.22 -24.44 -41.85
CA VAL C 72 15.44 -24.41 -41.04
C VAL C 72 16.57 -23.68 -41.78
N GLU C 73 16.71 -23.93 -43.08
CA GLU C 73 17.75 -23.28 -43.87
C GLU C 73 17.52 -21.77 -44.03
N ARG C 74 16.26 -21.34 -44.19
CA ARG C 74 15.93 -19.94 -44.32
C ARG C 74 16.15 -19.24 -42.94
N LEU C 75 15.78 -19.90 -41.84
CA LEU C 75 15.98 -19.40 -40.50
C LEU C 75 17.46 -19.24 -40.15
N LYS C 76 18.33 -20.13 -40.65
CA LYS C 76 19.78 -20.00 -40.43
C LYS C 76 20.29 -18.74 -41.12
N GLU C 77 19.78 -18.45 -42.33
CA GLU C 77 20.17 -17.24 -43.05
C GLU C 77 19.67 -15.98 -42.33
N MET C 78 18.47 -16.05 -41.73
CA MET C 78 17.91 -14.91 -41.00
CA MET C 78 17.91 -14.91 -41.00
C MET C 78 18.64 -14.67 -39.70
N ILE C 79 19.14 -15.74 -39.04
CA ILE C 79 19.90 -15.60 -37.80
C ILE C 79 21.22 -14.90 -38.15
N LYS C 80 21.88 -15.35 -39.25
CA LYS C 80 23.13 -14.77 -39.74
C LYS C 80 22.94 -13.31 -40.13
N ALA C 81 21.78 -12.97 -40.68
CA ALA C 81 21.49 -11.61 -41.08
C ALA C 81 21.24 -10.66 -39.88
N GLY C 82 20.90 -11.20 -38.71
CA GLY C 82 20.67 -10.38 -37.54
C GLY C 82 19.40 -10.57 -36.72
N MET C 83 18.51 -11.52 -37.11
CA MET C 83 17.27 -11.78 -36.35
C MET C 83 17.60 -12.19 -34.91
N ASN C 84 17.01 -11.51 -33.92
CA ASN C 84 17.26 -11.83 -32.50
C ASN C 84 16.04 -12.45 -31.82
N ILE C 85 14.84 -12.10 -32.31
CA ILE C 85 13.58 -12.56 -31.75
C ILE C 85 12.70 -13.03 -32.91
N ALA C 86 12.18 -14.26 -32.78
CA ALA C 86 11.28 -14.84 -33.76
C ALA C 86 9.85 -14.65 -33.25
N ARG C 87 9.00 -13.99 -34.02
CA ARG C 87 7.63 -13.73 -33.62
C ARG C 87 6.67 -14.71 -34.28
N LEU C 88 5.79 -15.34 -33.48
CA LEU C 88 4.76 -16.26 -33.99
C LEU C 88 3.43 -15.51 -33.91
N ASN C 89 2.82 -15.22 -35.04
CA ASN C 89 1.55 -14.50 -35.07
C ASN C 89 0.38 -15.47 -34.92
N PHE C 90 -0.21 -15.54 -33.71
CA PHE C 90 -1.30 -16.47 -33.46
C PHE C 90 -2.64 -16.01 -34.05
N SER C 91 -2.66 -14.95 -34.86
CA SER C 91 -3.86 -14.55 -35.59
C SER C 91 -4.12 -15.57 -36.74
N HIS C 92 -3.08 -16.29 -37.20
CA HIS C 92 -3.20 -17.27 -38.27
C HIS C 92 -2.46 -18.55 -37.86
N GLY C 93 -2.83 -19.67 -38.45
CA GLY C 93 -2.15 -20.93 -38.19
C GLY C 93 -2.63 -21.65 -36.96
N SER C 94 -2.52 -22.97 -37.00
CA SER C 94 -2.95 -23.82 -35.92
C SER C 94 -1.82 -23.95 -34.86
N HIS C 95 -2.12 -24.60 -33.72
CA HIS C 95 -1.11 -24.88 -32.72
C HIS C 95 -0.03 -25.80 -33.30
N GLU C 96 -0.42 -26.75 -34.15
CA GLU C 96 0.50 -27.69 -34.80
C GLU C 96 1.46 -26.92 -35.73
N TYR C 97 0.93 -25.94 -36.46
CA TYR C 97 1.73 -25.12 -37.37
C TYR C 97 2.78 -24.32 -36.56
N HIS C 98 2.36 -23.66 -35.46
CA HIS C 98 3.27 -22.88 -34.63
C HIS C 98 4.27 -23.72 -33.89
N ALA C 99 3.90 -24.97 -33.47
CA ALA C 99 4.86 -25.84 -32.78
C ALA C 99 5.99 -26.24 -33.75
N GLU C 100 5.67 -26.40 -35.04
CA GLU C 100 6.66 -26.73 -36.04
C GLU C 100 7.57 -25.53 -36.28
N SER C 101 7.02 -24.30 -36.32
CA SER C 101 7.80 -23.07 -36.47
C SER C 101 8.80 -22.96 -35.29
N ILE C 102 8.35 -23.19 -34.04
CA ILE C 102 9.19 -23.16 -32.85
C ILE C 102 10.31 -24.18 -32.96
N ALA C 103 9.98 -25.42 -33.36
CA ALA C 103 11.00 -26.47 -33.50
C ALA C 103 12.03 -26.11 -34.57
N ASN C 104 11.59 -25.48 -35.65
CA ASN C 104 12.49 -25.07 -36.74
C ASN C 104 13.40 -23.94 -36.31
N VAL C 105 12.88 -23.00 -35.49
CA VAL C 105 13.67 -21.91 -34.96
C VAL C 105 14.74 -22.49 -34.04
N ARG C 106 14.34 -23.34 -33.08
CA ARG C 106 15.29 -23.96 -32.17
C ARG C 106 16.34 -24.84 -32.86
N GLU C 107 15.95 -25.54 -33.94
CA GLU C 107 16.91 -26.35 -34.70
C GLU C 107 17.92 -25.43 -35.43
N ALA C 108 17.46 -24.33 -36.03
CA ALA C 108 18.36 -23.38 -36.69
C ALA C 108 19.30 -22.70 -35.68
N VAL C 109 18.79 -22.33 -34.49
CA VAL C 109 19.59 -21.70 -33.44
C VAL C 109 20.67 -22.65 -32.94
N GLU C 110 20.27 -23.92 -32.64
CA GLU C 110 21.22 -24.88 -32.11
C GLU C 110 22.24 -25.41 -33.13
N SER C 111 22.00 -25.19 -34.43
CA SER C 111 22.99 -25.58 -35.44
C SER C 111 24.31 -24.82 -35.30
N PHE C 112 24.30 -23.67 -34.59
CA PHE C 112 25.48 -22.86 -34.35
C PHE C 112 26.10 -23.09 -32.96
N ALA C 113 25.57 -24.04 -32.15
CA ALA C 113 26.14 -24.28 -30.82
C ALA C 113 27.58 -24.86 -30.85
N GLY C 114 28.13 -25.06 -32.06
CA GLY C 114 29.51 -25.49 -32.24
C GLY C 114 30.41 -24.28 -32.13
N SER C 115 30.43 -23.46 -33.19
CA SER C 115 31.21 -22.21 -33.23
C SER C 115 30.68 -21.13 -32.26
N PRO C 116 31.52 -20.72 -31.30
CA PRO C 116 31.09 -19.67 -30.34
C PRO C 116 30.96 -18.28 -30.98
N LEU C 117 31.65 -18.05 -32.11
CA LEU C 117 31.63 -16.81 -32.90
C LEU C 117 30.27 -16.64 -33.61
N SER C 118 29.58 -17.75 -33.96
CA SER C 118 28.27 -17.71 -34.62
C SER C 118 27.08 -18.03 -33.69
N TYR C 119 27.31 -18.73 -32.55
CA TYR C 119 26.19 -19.04 -31.64
C TYR C 119 25.61 -17.77 -31.04
N ARG C 120 24.27 -17.70 -31.01
CA ARG C 120 23.56 -16.56 -30.47
C ARG C 120 22.19 -17.01 -29.99
N PRO C 121 21.80 -16.70 -28.74
CA PRO C 121 20.43 -17.03 -28.31
C PRO C 121 19.40 -16.27 -29.15
N VAL C 122 18.25 -16.90 -29.47
CA VAL C 122 17.18 -16.23 -30.23
C VAL C 122 15.90 -16.41 -29.40
N ALA C 123 15.21 -15.32 -29.05
CA ALA C 123 14.00 -15.43 -28.26
C ALA C 123 12.81 -15.82 -29.13
N ILE C 124 11.81 -16.45 -28.52
CA ILE C 124 10.58 -16.80 -29.22
C ILE C 124 9.46 -16.05 -28.58
N ALA C 125 8.77 -15.24 -29.36
CA ALA C 125 7.70 -14.40 -28.88
C ALA C 125 6.37 -14.86 -29.49
N LEU C 126 5.33 -14.92 -28.66
CA LEU C 126 4.02 -15.33 -29.12
C LEU C 126 3.16 -14.07 -29.21
N ASP C 127 2.61 -13.76 -30.38
CA ASP C 127 1.77 -12.59 -30.55
C ASP C 127 0.30 -13.10 -30.55
N THR C 128 -0.50 -12.69 -29.56
CA THR C 128 -1.88 -13.17 -29.45
C THR C 128 -2.84 -12.59 -30.52
N LYS C 129 -3.95 -13.33 -30.76
CA LYS C 129 -4.96 -12.92 -31.73
C LYS C 129 -5.68 -11.68 -31.24
N GLY C 130 -6.02 -11.63 -29.97
CA GLY C 130 -6.67 -10.46 -29.39
C GLY C 130 -8.08 -10.70 -28.90
N PRO C 131 -8.67 -9.69 -28.26
CA PRO C 131 -10.03 -9.86 -27.69
C PRO C 131 -11.16 -9.87 -28.72
N GLY C 134 -14.88 -8.38 -28.01
CA GLY C 134 -15.36 -9.12 -26.85
C GLY C 134 -14.78 -8.65 -25.52
N PRO C 135 -15.46 -9.01 -24.40
CA PRO C 135 -14.95 -8.62 -23.06
C PRO C 135 -14.01 -9.69 -22.47
N GLY C 136 -13.06 -9.28 -21.62
CA GLY C 136 -12.08 -10.19 -21.04
C GLY C 136 -11.22 -10.87 -22.08
N LEU C 137 -10.32 -11.76 -21.64
CA LEU C 137 -9.45 -12.50 -22.56
C LEU C 137 -10.28 -13.49 -23.37
N SER C 138 -10.08 -13.57 -24.69
CA SER C 138 -10.83 -14.53 -25.49
C SER C 138 -10.45 -15.97 -25.15
N GLU C 139 -11.32 -16.95 -25.46
CA GLU C 139 -11.04 -18.37 -25.18
C GLU C 139 -9.81 -18.80 -25.99
N GLN C 140 -9.67 -18.29 -27.23
CA GLN C 140 -8.54 -18.67 -28.06
C GLN C 140 -7.25 -18.11 -27.44
N ASP C 141 -7.27 -16.89 -26.89
CA ASP C 141 -6.09 -16.34 -26.23
C ASP C 141 -5.70 -17.15 -25.00
N VAL C 142 -6.68 -17.61 -24.20
CA VAL C 142 -6.40 -18.47 -23.04
C VAL C 142 -5.70 -19.76 -23.49
N ARG C 143 -6.14 -20.34 -24.60
CA ARG C 143 -5.57 -21.57 -25.11
C ARG C 143 -4.20 -21.37 -25.73
N ASP C 144 -4.00 -20.24 -26.43
CA ASP C 144 -2.74 -19.88 -27.08
C ASP C 144 -1.68 -19.54 -26.04
N LEU C 145 -2.06 -18.84 -24.97
CA LEU C 145 -1.15 -18.51 -23.89
C LEU C 145 -0.72 -19.77 -23.16
N ARG C 146 -1.63 -20.73 -22.98
CA ARG C 146 -1.30 -22.03 -22.36
C ARG C 146 -0.31 -22.80 -23.29
N PHE C 147 -0.50 -22.72 -24.61
CA PHE C 147 0.39 -23.32 -25.59
C PHE C 147 1.81 -22.73 -25.43
N GLY C 148 1.89 -21.40 -25.27
CA GLY C 148 3.15 -20.69 -25.07
C GLY C 148 3.91 -21.17 -23.84
N VAL C 149 3.21 -21.32 -22.71
CA VAL C 149 3.81 -21.85 -21.49
C VAL C 149 4.30 -23.27 -21.70
N GLU C 150 3.48 -24.11 -22.34
CA GLU C 150 3.86 -25.51 -22.60
C GLU C 150 5.05 -25.63 -23.55
N HIS C 151 5.19 -24.68 -24.47
CA HIS C 151 6.30 -24.71 -25.42
C HIS C 151 7.51 -23.84 -25.03
N GLY C 152 7.51 -23.29 -23.82
CA GLY C 152 8.61 -22.48 -23.31
C GLY C 152 8.91 -21.18 -24.03
N VAL C 153 7.88 -20.42 -24.44
CA VAL C 153 8.12 -19.13 -25.10
C VAL C 153 8.71 -18.15 -24.07
N ASP C 154 9.43 -17.16 -24.54
CA ASP C 154 10.07 -16.18 -23.68
C ASP C 154 9.25 -14.93 -23.51
N ILE C 155 8.53 -14.54 -24.55
CA ILE C 155 7.80 -13.28 -24.56
C ILE C 155 6.40 -13.49 -25.12
N VAL C 156 5.47 -12.65 -24.66
CA VAL C 156 4.12 -12.57 -25.19
C VAL C 156 3.90 -11.13 -25.65
N PHE C 157 3.51 -10.92 -26.90
CA PHE C 157 3.09 -9.60 -27.38
C PHE C 157 1.56 -9.65 -27.26
N ALA C 158 1.00 -9.04 -26.22
CA ALA C 158 -0.45 -9.10 -26.00
C ALA C 158 -1.19 -8.09 -26.88
N SER C 159 -2.04 -8.58 -27.79
CA SER C 159 -2.81 -7.71 -28.67
C SER C 159 -3.87 -6.89 -28.00
N PHE C 160 -4.08 -5.66 -28.51
CA PHE C 160 -5.13 -4.73 -28.08
C PHE C 160 -5.24 -4.52 -26.56
N VAL C 161 -4.13 -4.19 -25.90
CA VAL C 161 -4.18 -3.92 -24.48
C VAL C 161 -4.77 -2.53 -24.33
N ARG C 162 -5.80 -2.37 -23.50
CA ARG C 162 -6.49 -1.09 -23.34
C ARG C 162 -6.41 -0.53 -21.94
N LYS C 163 -6.15 -1.39 -20.97
CA LYS C 163 -6.10 -0.99 -19.57
C LYS C 163 -5.27 -1.99 -18.79
N ALA C 164 -4.90 -1.64 -17.55
CA ALA C 164 -4.10 -2.50 -16.68
C ALA C 164 -4.73 -3.89 -16.46
N SER C 165 -6.06 -4.00 -16.37
CA SER C 165 -6.72 -5.29 -16.16
C SER C 165 -6.56 -6.25 -17.35
N ASP C 166 -6.30 -5.72 -18.56
CA ASP C 166 -6.05 -6.58 -19.72
C ASP C 166 -4.72 -7.33 -19.51
N VAL C 167 -3.70 -6.63 -18.95
CA VAL C 167 -2.40 -7.20 -18.66
C VAL C 167 -2.53 -8.22 -17.56
N ALA C 168 -3.29 -7.91 -16.51
CA ALA C 168 -3.52 -8.84 -15.40
C ALA C 168 -4.15 -10.14 -15.89
N ALA C 169 -5.08 -10.05 -16.85
CA ALA C 169 -5.73 -11.22 -17.44
C ALA C 169 -4.74 -12.09 -18.19
N VAL C 170 -3.85 -11.48 -18.97
CA VAL C 170 -2.82 -12.20 -19.70
C VAL C 170 -1.85 -12.86 -18.71
N ARG C 171 -1.48 -12.14 -17.66
CA ARG C 171 -0.57 -12.62 -16.62
C ARG C 171 -1.18 -13.84 -15.92
N ALA C 172 -2.49 -13.78 -15.58
CA ALA C 172 -3.23 -14.89 -14.96
C ALA C 172 -3.28 -16.11 -15.89
N ALA C 173 -3.47 -15.91 -17.19
CA ALA C 173 -3.50 -17.02 -18.14
C ALA C 173 -2.12 -17.67 -18.34
N LEU C 174 -1.02 -16.97 -18.00
CA LEU C 174 0.33 -17.56 -18.07
C LEU C 174 0.54 -18.62 -16.94
N GLY C 175 -0.50 -18.86 -16.15
CA GLY C 175 -0.76 -19.98 -15.26
C GLY C 175 0.19 -20.04 -14.14
N PRO C 176 0.34 -21.28 -13.59
CA PRO C 176 1.31 -21.45 -12.50
C PRO C 176 2.77 -21.47 -13.00
N GLU C 177 3.00 -21.98 -14.22
CA GLU C 177 4.34 -22.21 -14.75
C GLU C 177 4.96 -21.14 -15.64
N GLY C 178 4.22 -20.10 -16.04
CA GLY C 178 4.77 -19.11 -16.96
C GLY C 178 4.94 -17.71 -16.41
N HIS C 179 5.24 -17.55 -15.10
CA HIS C 179 5.45 -16.21 -14.54
C HIS C 179 6.73 -15.50 -15.03
N GLY C 180 7.72 -16.23 -15.54
CA GLY C 180 8.93 -15.62 -16.07
C GLY C 180 8.82 -15.08 -17.48
N ILE C 181 7.69 -15.34 -18.18
CA ILE C 181 7.50 -14.87 -19.54
C ILE C 181 7.26 -13.33 -19.53
N LYS C 182 7.94 -12.60 -20.41
CA LYS C 182 7.81 -11.15 -20.46
C LYS C 182 6.53 -10.79 -21.23
N ILE C 183 5.75 -9.86 -20.69
CA ILE C 183 4.54 -9.41 -21.36
C ILE C 183 4.81 -8.04 -21.94
N ILE C 184 4.80 -7.95 -23.24
CA ILE C 184 4.92 -6.71 -23.97
C ILE C 184 3.50 -6.34 -24.44
N SER C 185 2.92 -5.27 -23.90
CA SER C 185 1.57 -4.86 -24.27
C SER C 185 1.57 -4.11 -25.59
N LYS C 186 0.74 -4.54 -26.53
CA LYS C 186 0.61 -3.86 -27.80
C LYS C 186 -0.41 -2.73 -27.67
N ILE C 187 -0.01 -1.47 -27.95
CA ILE C 187 -0.91 -0.33 -27.89
C ILE C 187 -1.41 -0.12 -29.29
N GLU C 188 -2.72 -0.40 -29.52
CA GLU C 188 -3.30 -0.40 -30.86
C GLU C 188 -4.51 0.50 -31.03
N ASN C 189 -4.92 1.25 -30.00
CA ASN C 189 -6.10 2.10 -30.14
C ASN C 189 -6.04 3.34 -29.22
N HIS C 190 -7.02 4.23 -29.33
CA HIS C 190 -7.07 5.44 -28.56
C HIS C 190 -7.08 5.17 -27.06
N GLU C 191 -7.86 4.19 -26.60
CA GLU C 191 -7.93 3.89 -25.17
C GLU C 191 -6.56 3.44 -24.61
N GLY C 192 -5.83 2.61 -25.37
CA GLY C 192 -4.50 2.18 -24.99
C GLY C 192 -3.53 3.34 -24.86
N VAL C 193 -3.63 4.32 -25.79
CA VAL C 193 -2.78 5.52 -25.75
C VAL C 193 -3.13 6.36 -24.53
N LYS C 194 -4.44 6.57 -24.28
CA LYS C 194 -4.88 7.36 -23.13
C LYS C 194 -4.58 6.72 -21.79
N ARG C 195 -4.67 5.38 -21.73
CA ARG C 195 -4.38 4.67 -20.48
C ARG C 195 -2.95 4.10 -20.46
N PHE C 196 -2.04 4.65 -21.28
CA PHE C 196 -0.65 4.21 -21.41
C PHE C 196 0.08 4.06 -20.09
N ASP C 197 0.06 5.07 -19.20
CA ASP C 197 0.79 4.98 -17.94
C ASP C 197 0.40 3.80 -17.07
N GLU C 198 -0.92 3.52 -16.95
CA GLU C 198 -1.36 2.39 -16.14
C GLU C 198 -0.98 1.05 -16.78
N ILE C 199 -0.91 0.98 -18.12
CA ILE C 199 -0.54 -0.22 -18.85
C ILE C 199 0.95 -0.49 -18.70
N LEU C 200 1.79 0.54 -18.89
CA LEU C 200 3.24 0.41 -18.80
C LEU C 200 3.65 0.02 -17.38
N GLU C 201 2.97 0.56 -16.37
CA GLU C 201 3.28 0.24 -14.98
C GLU C 201 3.20 -1.28 -14.69
N VAL C 202 2.25 -1.98 -15.30
CA VAL C 202 2.07 -3.42 -15.06
C VAL C 202 2.66 -4.32 -16.18
N SER C 203 3.19 -3.73 -17.25
CA SER C 203 3.77 -4.51 -18.34
C SER C 203 5.32 -4.57 -18.23
N ASP C 204 5.92 -5.54 -18.92
CA ASP C 204 7.37 -5.61 -19.02
C ASP C 204 7.89 -4.64 -20.11
N GLY C 205 7.05 -4.31 -21.06
CA GLY C 205 7.37 -3.41 -22.13
C GLY C 205 6.16 -3.11 -23.00
N ILE C 206 6.39 -2.40 -24.10
CA ILE C 206 5.34 -1.92 -24.97
C ILE C 206 5.70 -2.16 -26.41
N MET C 207 4.69 -2.45 -27.24
CA MET C 207 4.86 -2.50 -28.65
C MET C 207 3.93 -1.39 -29.24
N VAL C 208 4.51 -0.47 -30.04
CA VAL C 208 3.76 0.54 -30.75
C VAL C 208 3.27 -0.18 -31.99
N ALA C 209 2.04 -0.71 -31.95
CA ALA C 209 1.45 -1.53 -33.03
C ALA C 209 0.78 -0.61 -34.01
N ARG C 210 1.58 -0.01 -34.90
CA ARG C 210 1.15 1.05 -35.81
C ARG C 210 0.09 0.67 -36.83
N GLY C 211 -0.03 -0.60 -37.19
CA GLY C 211 -1.03 -1.06 -38.14
C GLY C 211 -2.44 -0.75 -37.66
N ASP C 212 -2.87 -1.35 -36.54
CA ASP C 212 -4.19 -1.07 -36.00
C ASP C 212 -4.30 0.34 -35.47
N LEU C 213 -3.23 0.86 -34.83
CA LEU C 213 -3.23 2.23 -34.31
C LEU C 213 -3.53 3.27 -35.40
N GLY C 214 -2.98 3.06 -36.60
CA GLY C 214 -3.20 3.92 -37.76
C GLY C 214 -4.61 3.86 -38.35
N ILE C 215 -5.40 2.84 -37.96
CA ILE C 215 -6.79 2.66 -38.36
C ILE C 215 -7.71 3.21 -37.24
N GLU C 216 -7.32 3.02 -35.97
CA GLU C 216 -8.07 3.43 -34.79
C GLU C 216 -8.00 4.93 -34.51
N ILE C 217 -6.87 5.55 -34.82
CA ILE C 217 -6.67 7.00 -34.67
C ILE C 217 -6.26 7.57 -36.06
N PRO C 218 -6.38 8.90 -36.29
CA PRO C 218 -5.98 9.45 -37.59
C PRO C 218 -4.54 9.09 -37.96
N ALA C 219 -4.31 8.67 -39.20
CA ALA C 219 -3.00 8.24 -39.64
C ALA C 219 -1.88 9.30 -39.40
N GLU C 220 -2.23 10.58 -39.50
CA GLU C 220 -1.29 11.68 -39.27
C GLU C 220 -0.91 11.89 -37.81
N LYS C 221 -1.54 11.17 -36.87
CA LYS C 221 -1.22 11.30 -35.46
C LYS C 221 -0.37 10.16 -34.92
N VAL C 222 -0.18 9.07 -35.68
CA VAL C 222 0.56 7.90 -35.21
C VAL C 222 1.98 8.25 -34.75
N PHE C 223 2.69 9.12 -35.50
CA PHE C 223 4.05 9.51 -35.11
C PHE C 223 4.09 10.15 -33.71
N LEU C 224 3.02 10.86 -33.31
CA LEU C 224 2.97 11.49 -31.98
C LEU C 224 2.86 10.42 -30.92
N ALA C 225 1.99 9.40 -31.17
CA ALA C 225 1.80 8.29 -30.23
C ALA C 225 3.10 7.49 -30.14
N GLN C 226 3.78 7.23 -31.27
CA GLN C 226 5.04 6.52 -31.27
C GLN C 226 6.12 7.25 -30.43
N LYS C 227 6.31 8.56 -30.70
CA LYS C 227 7.33 9.32 -30.00
C LYS C 227 7.03 9.44 -28.54
N MET C 228 5.74 9.61 -28.17
CA MET C 228 5.36 9.71 -26.77
C MET C 228 5.65 8.38 -26.04
N MET C 229 5.22 7.26 -26.60
CA MET C 229 5.40 5.96 -25.99
C MET C 229 6.86 5.56 -25.87
N ILE C 230 7.67 5.82 -26.90
CA ILE C 230 9.11 5.55 -26.84
C ILE C 230 9.76 6.41 -25.75
N GLY C 231 9.41 7.70 -25.70
CA GLY C 231 9.93 8.59 -24.67
C GLY C 231 9.59 8.10 -23.25
N ARG C 232 8.33 7.71 -23.02
CA ARG C 232 7.91 7.23 -21.71
C ARG C 232 8.54 5.90 -21.35
N CYS C 233 8.74 4.99 -22.31
CA CYS C 233 9.41 3.73 -22.02
C CYS C 233 10.87 3.95 -21.70
N ASN C 234 11.53 4.88 -22.40
CA ASN C 234 12.94 5.20 -22.12
C ASN C 234 13.05 5.79 -20.72
N LEU C 235 12.10 6.62 -20.33
CA LEU C 235 12.06 7.23 -19.00
C LEU C 235 11.83 6.14 -17.93
N ALA C 236 10.93 5.18 -18.20
CA ALA C 236 10.66 4.09 -17.24
C ALA C 236 11.75 3.00 -17.23
N GLY C 237 12.60 2.97 -18.24
CA GLY C 237 13.63 1.95 -18.37
C GLY C 237 13.06 0.62 -18.82
N LYS C 238 11.95 0.64 -19.59
CA LYS C 238 11.30 -0.58 -20.07
C LYS C 238 11.38 -0.72 -21.58
N PRO C 239 11.54 -1.94 -22.11
CA PRO C 239 11.68 -2.10 -23.56
C PRO C 239 10.48 -1.59 -24.36
N VAL C 240 10.76 -1.01 -25.54
CA VAL C 240 9.74 -0.52 -26.41
C VAL C 240 10.06 -0.99 -27.82
N VAL C 241 9.08 -1.57 -28.49
CA VAL C 241 9.21 -2.12 -29.83
C VAL C 241 8.48 -1.22 -30.82
N CYS C 242 9.14 -0.84 -31.92
CA CYS C 242 8.44 -0.12 -32.98
C CYS C 242 8.08 -1.18 -34.03
N ALA C 243 6.81 -1.22 -34.44
CA ALA C 243 6.36 -2.25 -35.36
C ALA C 243 5.49 -1.75 -36.50
N THR C 244 5.39 -2.56 -37.60
CA THR C 244 4.46 -2.53 -38.73
C THR C 244 4.80 -1.54 -39.81
N GLN C 245 4.94 -2.09 -41.03
CA GLN C 245 5.18 -1.40 -42.29
C GLN C 245 6.48 -0.65 -42.34
N MET C 246 7.48 -1.06 -41.52
CA MET C 246 8.77 -0.38 -41.52
C MET C 246 9.49 -0.51 -42.87
N LEU C 247 9.42 -1.69 -43.50
CA LEU C 247 10.04 -1.92 -44.81
C LEU C 247 9.00 -2.60 -45.73
N GLU C 248 7.71 -2.18 -45.64
CA GLU C 248 6.59 -2.77 -46.37
C GLU C 248 6.83 -3.07 -47.84
N SER C 249 7.39 -2.14 -48.61
CA SER C 249 7.66 -2.35 -50.03
C SER C 249 8.62 -3.53 -50.29
N MET C 250 9.40 -3.94 -49.29
CA MET C 250 10.29 -5.09 -49.45
C MET C 250 9.56 -6.45 -49.47
N ILE C 251 8.24 -6.47 -49.28
CA ILE C 251 7.46 -7.69 -49.44
C ILE C 251 7.56 -8.14 -50.94
N THR C 252 7.54 -7.17 -51.89
CA THR C 252 7.62 -7.48 -53.31
C THR C 252 8.88 -6.93 -54.01
N LYS C 253 9.55 -5.92 -53.43
CA LYS C 253 10.73 -5.32 -54.07
C LYS C 253 12.03 -5.62 -53.31
N PRO C 254 13.17 -5.77 -54.01
CA PRO C 254 14.42 -6.10 -53.30
C PRO C 254 15.04 -4.94 -52.51
N ARG C 255 14.59 -3.70 -52.76
CA ARG C 255 15.09 -2.51 -52.08
C ARG C 255 13.93 -1.72 -51.52
N PRO C 256 14.09 -1.12 -50.31
CA PRO C 256 13.00 -0.34 -49.73
C PRO C 256 12.94 1.09 -50.30
N THR C 257 11.83 1.78 -50.01
CA THR C 257 11.69 3.17 -50.42
C THR C 257 12.51 4.08 -49.47
N ARG C 258 12.68 5.35 -49.85
CA ARG C 258 13.39 6.34 -49.04
C ARG C 258 12.65 6.62 -47.75
N ALA C 259 11.31 6.54 -47.76
CA ALA C 259 10.52 6.74 -46.54
C ALA C 259 10.73 5.59 -45.57
N GLU C 260 10.90 4.36 -46.08
CA GLU C 260 11.08 3.18 -45.25
C GLU C 260 12.40 3.14 -44.52
N THR C 261 13.51 3.47 -45.20
CA THR C 261 14.81 3.51 -44.53
C THR C 261 14.83 4.65 -43.49
N SER C 262 14.17 5.76 -43.80
CA SER C 262 14.07 6.88 -42.89
C SER C 262 13.28 6.48 -41.64
N ASP C 263 12.18 5.74 -41.83
CA ASP C 263 11.32 5.29 -40.74
C ASP C 263 12.09 4.40 -39.75
N VAL C 264 12.90 3.46 -40.27
CA VAL C 264 13.69 2.57 -39.42
C VAL C 264 14.70 3.39 -38.62
N ALA C 265 15.43 4.29 -39.30
CA ALA C 265 16.44 5.14 -38.68
C ALA C 265 15.83 6.02 -37.60
N ASN C 266 14.66 6.60 -37.88
CA ASN C 266 14.00 7.47 -36.93
C ASN C 266 13.44 6.72 -35.75
N ALA C 267 13.02 5.45 -35.91
CA ALA C 267 12.55 4.65 -34.77
C ALA C 267 13.74 4.43 -33.81
N VAL C 268 14.93 4.15 -34.36
CA VAL C 268 16.14 3.96 -33.55
C VAL C 268 16.55 5.30 -32.88
N LEU C 269 16.58 6.42 -33.66
CA LEU C 269 16.89 7.72 -33.06
C LEU C 269 15.87 8.13 -32.00
N ASP C 270 14.56 7.81 -32.19
CA ASP C 270 13.52 8.08 -31.18
C ASP C 270 13.86 7.39 -29.85
N GLY C 271 14.40 6.17 -29.92
CA GLY C 271 14.76 5.42 -28.73
C GLY C 271 14.22 4.02 -28.63
N ALA C 272 13.72 3.45 -29.76
CA ALA C 272 13.18 2.08 -29.74
C ALA C 272 14.25 1.04 -29.38
N ASP C 273 13.92 0.11 -28.49
CA ASP C 273 14.84 -0.98 -28.14
C ASP C 273 14.82 -2.05 -29.26
N CYS C 274 13.66 -2.28 -29.86
CA CYS C 274 13.50 -3.28 -30.92
C CYS C 274 12.77 -2.71 -32.07
N ILE C 275 13.08 -3.23 -33.25
CA ILE C 275 12.37 -2.90 -34.48
C ILE C 275 11.84 -4.24 -35.03
N MET C 276 10.70 -4.19 -35.72
CA MET C 276 10.05 -5.40 -36.16
C MET C 276 9.79 -5.46 -37.65
N LEU C 277 9.73 -6.69 -38.17
CA LEU C 277 9.35 -7.02 -39.52
C LEU C 277 8.15 -7.97 -39.43
N SER C 278 7.08 -7.69 -40.17
CA SER C 278 5.88 -8.55 -40.17
C SER C 278 5.78 -9.31 -41.53
N GLY C 279 4.98 -8.80 -42.48
CA GLY C 279 4.82 -9.40 -43.81
C GLY C 279 6.13 -9.48 -44.58
N GLU C 280 7.08 -8.56 -44.28
CA GLU C 280 8.41 -8.54 -44.90
C GLU C 280 9.12 -9.86 -44.71
N THR C 281 8.96 -10.50 -43.55
CA THR C 281 9.64 -11.78 -43.29
C THR C 281 8.67 -12.99 -43.26
N ALA C 282 7.39 -12.75 -42.94
CA ALA C 282 6.42 -13.82 -42.87
C ALA C 282 5.98 -14.31 -44.26
N LYS C 283 5.76 -13.41 -45.21
CA LYS C 283 5.22 -13.81 -46.51
C LYS C 283 5.88 -13.21 -47.74
N GLY C 284 6.78 -12.25 -47.55
CA GLY C 284 7.39 -11.57 -48.68
C GLY C 284 8.43 -12.36 -49.44
N ASN C 285 8.87 -11.81 -50.58
CA ASN C 285 9.88 -12.45 -51.42
C ASN C 285 11.32 -12.20 -50.99
N PHE C 286 11.55 -11.27 -50.04
CA PHE C 286 12.91 -10.94 -49.62
C PHE C 286 13.06 -10.91 -48.08
N PRO C 287 12.73 -12.02 -47.36
CA PRO C 287 12.83 -11.99 -45.89
C PRO C 287 14.23 -11.72 -45.36
N VAL C 288 15.25 -12.37 -45.93
CA VAL C 288 16.63 -12.20 -45.47
C VAL C 288 17.14 -10.78 -45.75
N GLU C 289 16.84 -10.25 -46.94
CA GLU C 289 17.24 -8.91 -47.35
C GLU C 289 16.60 -7.85 -46.45
N ALA C 290 15.34 -8.08 -46.01
CA ALA C 290 14.65 -7.15 -45.12
C ALA C 290 15.38 -7.10 -43.75
N VAL C 291 15.83 -8.28 -43.25
CA VAL C 291 16.57 -8.33 -41.98
C VAL C 291 17.91 -7.61 -42.14
N LYS C 292 18.60 -7.85 -43.27
CA LYS C 292 19.87 -7.21 -43.54
C LYS C 292 19.74 -5.70 -43.62
N MET C 293 18.64 -5.22 -44.21
CA MET C 293 18.40 -3.80 -44.35
C MET C 293 18.17 -3.15 -42.98
N GLN C 294 17.36 -3.80 -42.12
CA GLN C 294 17.12 -3.28 -40.77
C GLN C 294 18.42 -3.26 -39.97
N HIS C 295 19.27 -4.30 -40.14
CA HIS C 295 20.55 -4.36 -39.46
C HIS C 295 21.44 -3.18 -39.89
N ALA C 296 21.58 -2.97 -41.21
CA ALA C 296 22.41 -1.90 -41.76
C ALA C 296 21.94 -0.51 -41.31
N ILE C 297 20.62 -0.25 -41.33
CA ILE C 297 20.11 1.06 -40.92
C ILE C 297 20.29 1.29 -39.41
N ALA C 298 19.94 0.30 -38.58
CA ALA C 298 20.07 0.43 -37.13
C ALA C 298 21.51 0.75 -36.71
N ARG C 299 22.51 0.09 -37.33
CA ARG C 299 23.92 0.37 -37.02
C ARG C 299 24.27 1.83 -37.31
N GLU C 300 23.82 2.35 -38.47
CA GLU C 300 24.08 3.72 -38.85
C GLU C 300 23.41 4.69 -37.89
N ALA C 301 22.15 4.41 -37.53
CA ALA C 301 21.35 5.30 -36.67
C ALA C 301 21.85 5.31 -35.24
N GLU C 302 22.34 4.17 -34.70
CA GLU C 302 22.85 4.14 -33.33
C GLU C 302 24.08 5.03 -33.15
N ALA C 303 24.95 5.10 -34.17
CA ALA C 303 26.12 5.96 -34.10
C ALA C 303 25.70 7.44 -34.17
N ALA C 304 24.57 7.76 -34.85
CA ALA C 304 24.05 9.13 -34.99
C ALA C 304 23.28 9.63 -33.76
N VAL C 305 23.09 8.79 -32.73
CA VAL C 305 22.41 9.21 -31.50
C VAL C 305 23.28 10.31 -30.82
N TYR C 306 22.65 11.35 -30.26
CA TYR C 306 23.38 12.44 -29.62
C TYR C 306 23.53 12.15 -28.14
N HIS C 307 24.42 11.20 -27.80
CA HIS C 307 24.65 10.74 -26.43
C HIS C 307 24.89 11.84 -25.40
N ARG C 308 25.54 12.93 -25.78
CA ARG C 308 25.80 14.04 -24.86
C ARG C 308 24.51 14.58 -24.23
N GLN C 309 23.50 14.84 -25.05
CA GLN C 309 22.22 15.31 -24.55
C GLN C 309 21.39 14.15 -23.96
N LEU C 310 21.34 13.00 -24.64
CA LEU C 310 20.57 11.86 -24.18
C LEU C 310 20.96 11.43 -22.76
N PHE C 311 22.26 11.24 -22.49
CA PHE C 311 22.74 10.82 -21.18
C PHE C 311 22.38 11.83 -20.12
N GLU C 312 22.60 13.13 -20.40
CA GLU C 312 22.27 14.20 -19.45
C GLU C 312 20.78 14.22 -19.14
N GLU C 313 19.93 14.06 -20.16
CA GLU C 313 18.49 14.05 -19.94
C GLU C 313 17.99 12.80 -19.22
N LEU C 314 18.53 11.60 -19.53
CA LEU C 314 18.17 10.37 -18.83
C LEU C 314 18.58 10.50 -17.35
N ARG C 315 19.76 11.08 -17.08
CA ARG C 315 20.27 11.35 -15.74
C ARG C 315 19.35 12.31 -14.98
N ARG C 316 19.02 13.45 -15.58
CA ARG C 316 18.18 14.47 -14.96
C ARG C 316 16.76 13.96 -14.67
N ALA C 317 16.18 13.18 -15.58
CA ALA C 317 14.83 12.67 -15.40
C ALA C 317 14.76 11.53 -14.40
N ALA C 318 15.83 10.72 -14.30
CA ALA C 318 15.81 9.56 -13.42
C ALA C 318 15.88 10.02 -11.97
N PRO C 319 14.93 9.54 -11.15
CA PRO C 319 14.93 9.95 -9.74
C PRO C 319 16.12 9.39 -8.98
N LEU C 320 16.47 9.99 -7.83
CA LEU C 320 17.54 9.46 -6.99
C LEU C 320 17.19 8.04 -6.59
N SER C 321 18.20 7.19 -6.46
CA SER C 321 17.94 5.81 -6.13
C SER C 321 18.79 5.31 -5.03
N ARG C 322 18.22 4.52 -4.14
CA ARG C 322 18.99 3.85 -3.10
C ARG C 322 19.18 2.37 -3.42
N ASP C 323 18.82 1.92 -4.64
CA ASP C 323 18.99 0.55 -5.06
C ASP C 323 20.43 0.44 -5.59
N PRO C 324 21.27 -0.40 -4.97
CA PRO C 324 22.67 -0.49 -5.42
C PRO C 324 22.85 -0.91 -6.86
N THR C 325 21.90 -1.69 -7.46
CA THR C 325 22.03 -2.10 -8.84
C THR C 325 21.89 -0.86 -9.74
N GLU C 326 20.90 0.00 -9.43
CA GLU C 326 20.64 1.23 -10.18
CA GLU C 326 20.66 1.22 -10.21
C GLU C 326 21.83 2.20 -10.05
N VAL C 327 22.34 2.36 -8.84
CA VAL C 327 23.48 3.24 -8.53
C VAL C 327 24.75 2.76 -9.24
N THR C 328 25.02 1.43 -9.23
CA THR C 328 26.18 0.86 -9.92
C THR C 328 26.04 1.05 -11.42
N ALA C 329 24.82 0.88 -11.96
CA ALA C 329 24.58 1.01 -13.38
C ALA C 329 24.94 2.41 -13.89
N ILE C 330 24.48 3.48 -13.20
CA ILE C 330 24.81 4.84 -13.66
C ILE C 330 26.32 5.13 -13.50
N GLY C 331 26.94 4.64 -12.44
CA GLY C 331 28.38 4.75 -12.25
C GLY C 331 29.15 4.06 -13.36
N ALA C 332 28.73 2.85 -13.76
CA ALA C 332 29.39 2.08 -14.81
C ALA C 332 29.22 2.75 -16.16
N VAL C 333 28.05 3.30 -16.44
CA VAL C 333 27.81 3.97 -17.72
C VAL C 333 28.64 5.26 -17.80
N GLU C 334 28.73 6.01 -16.70
CA GLU C 334 29.54 7.23 -16.65
CA GLU C 334 29.53 7.22 -16.65
C GLU C 334 31.02 6.88 -16.88
N ALA C 335 31.51 5.81 -16.24
CA ALA C 335 32.89 5.36 -16.38
C ALA C 335 33.16 4.90 -17.82
N ALA C 336 32.18 4.23 -18.45
CA ALA C 336 32.37 3.75 -19.80
C ALA C 336 32.51 4.93 -20.79
N PHE C 337 31.72 6.00 -20.61
CA PHE C 337 31.81 7.17 -21.47
C PHE C 337 33.16 7.87 -21.27
N LYS C 338 33.63 7.97 -20.02
CA LYS C 338 34.89 8.60 -19.69
C LYS C 338 36.09 7.99 -20.40
N CYS C 339 36.14 6.65 -20.53
CA CYS C 339 37.29 6.01 -21.15
C CYS C 339 37.03 5.46 -22.53
N CYS C 340 35.84 5.66 -23.11
CA CYS C 340 35.46 5.06 -24.39
C CYS C 340 35.60 3.53 -24.34
N ALA C 341 35.09 2.93 -23.25
CA ALA C 341 35.15 1.52 -22.98
C ALA C 341 34.52 0.76 -24.14
N ALA C 342 35.16 -0.30 -24.56
CA ALA C 342 34.66 -1.12 -25.64
C ALA C 342 33.34 -1.83 -25.19
N ALA C 343 33.26 -2.23 -23.94
CA ALA C 343 32.12 -2.95 -23.41
C ALA C 343 31.98 -2.78 -21.90
N ILE C 344 30.77 -3.07 -21.41
CA ILE C 344 30.47 -3.21 -20.00
C ILE C 344 30.09 -4.68 -19.87
N ILE C 345 30.86 -5.47 -19.12
CA ILE C 345 30.55 -6.87 -18.90
C ILE C 345 29.79 -6.97 -17.61
N VAL C 346 28.59 -7.54 -17.64
CA VAL C 346 27.77 -7.65 -16.43
C VAL C 346 27.35 -9.10 -16.20
N LEU C 347 27.39 -9.53 -14.95
CA LEU C 347 26.91 -10.86 -14.59
C LEU C 347 25.47 -10.65 -14.14
N THR C 348 24.56 -11.44 -14.71
CA THR C 348 23.15 -11.31 -14.40
C THR C 348 22.42 -12.66 -14.38
N THR C 349 21.54 -12.85 -13.39
CA THR C 349 20.77 -14.08 -13.30
C THR C 349 19.42 -13.90 -13.99
N THR C 350 18.74 -12.77 -13.77
CA THR C 350 17.44 -12.49 -14.37
C THR C 350 17.49 -11.54 -15.55
N GLY C 351 18.62 -10.88 -15.79
CA GLY C 351 18.75 -9.88 -16.85
C GLY C 351 18.60 -8.47 -16.31
N ARG C 352 18.14 -8.31 -15.05
CA ARG C 352 17.84 -6.99 -14.50
C ARG C 352 19.05 -6.06 -14.46
N SER C 353 20.23 -6.52 -13.98
CA SER C 353 21.43 -5.67 -13.99
C SER C 353 21.80 -5.17 -15.38
N ALA C 354 21.60 -5.99 -16.42
CA ALA C 354 21.87 -5.59 -17.80
C ALA C 354 20.81 -4.56 -18.27
N GLN C 355 19.55 -4.74 -17.87
CA GLN C 355 18.49 -3.81 -18.23
C GLN C 355 18.73 -2.42 -17.61
N LEU C 356 19.21 -2.36 -16.36
CA LEU C 356 19.51 -1.10 -15.70
C LEU C 356 20.70 -0.39 -16.32
N LEU C 357 21.65 -1.13 -16.94
CA LEU C 357 22.76 -0.49 -17.64
C LEU C 357 22.23 0.11 -18.96
N SER C 358 21.43 -0.67 -19.68
CA SER C 358 20.80 -0.38 -20.95
C SER C 358 19.93 0.90 -20.91
N ARG C 359 19.24 1.16 -19.81
CA ARG C 359 18.36 2.32 -19.69
C ARG C 359 19.09 3.68 -19.80
N TYR C 360 20.42 3.70 -19.49
CA TYR C 360 21.24 4.92 -19.59
C TYR C 360 21.85 5.10 -20.96
N ARG C 361 21.55 4.20 -21.90
CA ARG C 361 21.97 4.23 -23.27
C ARG C 361 23.46 4.43 -23.44
N PRO C 362 24.30 3.53 -22.89
CA PRO C 362 25.74 3.66 -23.12
C PRO C 362 26.09 3.44 -24.59
N ARG C 363 27.18 4.03 -25.03
CA ARG C 363 27.71 3.75 -26.36
C ARG C 363 28.41 2.36 -26.26
N ALA C 364 29.03 2.01 -25.11
CA ALA C 364 29.65 0.71 -24.92
C ALA C 364 28.61 -0.44 -24.97
N ALA C 365 28.95 -1.57 -25.60
CA ALA C 365 28.11 -2.77 -25.64
C ALA C 365 27.96 -3.32 -24.24
N VAL C 366 26.77 -3.78 -23.86
CA VAL C 366 26.56 -4.39 -22.54
C VAL C 366 26.58 -5.91 -22.74
N ILE C 367 27.65 -6.57 -22.31
CA ILE C 367 27.81 -7.99 -22.48
C ILE C 367 27.32 -8.67 -21.24
N ALA C 368 26.16 -9.30 -21.34
CA ALA C 368 25.53 -9.94 -20.19
C ALA C 368 25.82 -11.42 -20.14
N VAL C 369 26.50 -11.85 -19.08
CA VAL C 369 26.86 -13.24 -18.89
C VAL C 369 25.88 -13.86 -17.90
N THR C 370 25.24 -14.92 -18.32
CA THR C 370 24.22 -15.55 -17.49
C THR C 370 24.21 -17.07 -17.60
N ARG C 371 23.76 -17.74 -16.57
CA ARG C 371 23.52 -19.18 -16.60
C ARG C 371 22.04 -19.50 -17.03
N SER C 372 21.16 -18.51 -17.04
CA SER C 372 19.76 -18.71 -17.42
C SER C 372 19.57 -18.58 -18.91
N ALA C 373 19.22 -19.69 -19.58
CA ALA C 373 18.95 -19.65 -21.02
C ALA C 373 17.77 -18.74 -21.36
N GLN C 374 16.75 -18.67 -20.49
CA GLN C 374 15.60 -17.80 -20.72
C GLN C 374 16.00 -16.33 -20.61
N ALA C 375 16.77 -15.94 -19.56
CA ALA C 375 17.24 -14.56 -19.42
C ALA C 375 18.11 -14.17 -20.61
N ALA C 376 18.95 -15.09 -21.09
CA ALA C 376 19.77 -14.82 -22.26
C ALA C 376 18.91 -14.48 -23.50
N ARG C 377 17.77 -15.16 -23.68
CA ARG C 377 16.90 -14.89 -24.81
C ARG C 377 16.13 -13.58 -24.56
N GLN C 378 15.61 -13.38 -23.35
CA GLN C 378 14.80 -12.20 -23.05
C GLN C 378 15.55 -10.87 -23.07
N VAL C 379 16.87 -10.84 -22.76
CA VAL C 379 17.59 -9.54 -22.75
C VAL C 379 17.76 -8.93 -24.12
N HIS C 380 17.42 -9.65 -25.20
CA HIS C 380 17.34 -9.08 -26.54
C HIS C 380 16.29 -7.94 -26.59
N LEU C 381 15.34 -7.89 -25.65
CA LEU C 381 14.37 -6.81 -25.59
C LEU C 381 15.03 -5.47 -25.21
N CYS C 382 16.21 -5.48 -24.58
CA CYS C 382 16.91 -4.27 -24.13
C CYS C 382 17.98 -3.85 -25.09
N ARG C 383 17.90 -2.60 -25.60
CA ARG C 383 18.90 -2.10 -26.54
C ARG C 383 20.32 -2.20 -25.98
N GLY C 384 21.22 -2.73 -26.79
CA GLY C 384 22.62 -2.78 -26.47
C GLY C 384 23.06 -3.89 -25.56
N VAL C 385 22.18 -4.85 -25.26
CA VAL C 385 22.55 -6.00 -24.43
C VAL C 385 22.88 -7.20 -25.33
N PHE C 386 24.10 -7.74 -25.21
CA PHE C 386 24.60 -8.89 -26.00
C PHE C 386 24.75 -10.05 -25.01
N PRO C 387 23.77 -10.99 -25.00
CA PRO C 387 23.77 -12.06 -24.01
C PRO C 387 24.69 -13.21 -24.38
N LEU C 388 25.32 -13.77 -23.36
CA LEU C 388 26.19 -14.92 -23.49
C LEU C 388 25.70 -15.92 -22.46
N LEU C 389 25.37 -17.10 -22.91
CA LEU C 389 24.89 -18.16 -22.05
C LEU C 389 26.07 -18.95 -21.61
N TYR C 390 26.33 -18.97 -20.30
CA TYR C 390 27.45 -19.64 -19.66
C TYR C 390 26.99 -21.02 -19.15
N ARG C 391 27.65 -22.08 -19.57
CA ARG C 391 27.24 -23.42 -19.24
C ARG C 391 28.26 -24.23 -18.48
N GLU C 392 29.37 -23.65 -18.08
CA GLU C 392 30.38 -24.34 -17.32
C GLU C 392 29.82 -24.69 -15.93
N PRO C 393 30.29 -25.82 -15.37
CA PRO C 393 29.84 -26.18 -14.02
C PRO C 393 30.46 -25.24 -12.97
N PRO C 394 29.68 -24.96 -11.90
CA PRO C 394 30.17 -24.05 -10.87
C PRO C 394 31.49 -24.45 -10.23
N GLU C 395 32.36 -23.47 -9.94
CA GLU C 395 33.55 -23.69 -9.14
C GLU C 395 33.09 -23.77 -7.67
N ALA C 396 33.88 -24.40 -6.81
CA ALA C 396 33.56 -24.54 -5.39
C ALA C 396 33.67 -23.16 -4.73
N ILE C 397 34.68 -22.36 -5.10
CA ILE C 397 34.83 -21.02 -4.53
C ILE C 397 34.09 -19.99 -5.42
N TRP C 398 33.09 -19.35 -4.85
CA TRP C 398 32.26 -18.37 -5.55
C TRP C 398 33.05 -17.25 -6.26
N ALA C 399 34.03 -16.62 -5.59
CA ALA C 399 34.85 -15.56 -6.21
C ALA C 399 35.55 -16.09 -7.47
N ASP C 400 35.98 -17.36 -7.47
CA ASP C 400 36.59 -17.96 -8.66
C ASP C 400 35.58 -18.20 -9.73
N ASP C 401 34.33 -18.59 -9.36
CA ASP C 401 33.25 -18.79 -10.33
C ASP C 401 32.90 -17.47 -11.03
N VAL C 402 32.94 -16.36 -10.26
CA VAL C 402 32.69 -15.01 -10.81
C VAL C 402 33.81 -14.66 -11.78
N ASP C 403 35.09 -14.87 -11.38
CA ASP C 403 36.21 -14.56 -12.28
C ASP C 403 36.18 -15.38 -13.57
N ARG C 404 35.85 -16.66 -13.52
CA ARG C 404 35.68 -17.47 -14.73
C ARG C 404 34.60 -16.91 -15.66
N ARG C 405 33.45 -16.45 -15.13
CA ARG C 405 32.41 -15.85 -15.99
C ARG C 405 32.83 -14.49 -16.52
N VAL C 406 33.58 -13.68 -15.75
CA VAL C 406 34.10 -12.41 -16.26
C VAL C 406 35.07 -12.68 -17.42
N GLN C 407 35.97 -13.67 -17.24
CA GLN C 407 36.90 -14.05 -18.31
C GLN C 407 36.23 -14.65 -19.51
N PHE C 408 35.11 -15.32 -19.32
CA PHE C 408 34.28 -15.86 -20.41
C PHE C 408 33.70 -14.72 -21.29
N GLY C 409 33.26 -13.64 -20.65
CA GLY C 409 32.79 -12.46 -21.40
C GLY C 409 33.92 -11.77 -22.14
N ILE C 410 35.10 -11.74 -21.54
CA ILE C 410 36.27 -11.12 -22.15
C ILE C 410 36.72 -11.94 -23.36
N GLU C 411 36.82 -13.26 -23.22
CA GLU C 411 37.24 -14.09 -24.33
C GLU C 411 36.20 -14.12 -25.43
N SER C 412 34.89 -14.11 -25.09
CA SER C 412 33.86 -14.05 -26.14
C SER C 412 33.94 -12.71 -26.86
N GLY C 413 34.17 -11.63 -26.12
CA GLY C 413 34.29 -10.30 -26.65
C GLY C 413 35.46 -10.19 -27.60
N LYS C 414 36.62 -10.75 -27.21
CA LYS C 414 37.82 -10.81 -28.09
C LYS C 414 37.47 -11.62 -29.34
N LEU C 415 36.87 -12.80 -29.19
CA LEU C 415 36.49 -13.64 -30.31
C LEU C 415 35.51 -12.95 -31.31
N ARG C 416 34.52 -12.19 -30.80
CA ARG C 416 33.53 -11.55 -31.64
C ARG C 416 33.92 -10.19 -32.19
N GLY C 417 34.98 -9.58 -31.69
CA GLY C 417 35.42 -8.29 -32.21
C GLY C 417 35.15 -7.08 -31.38
N PHE C 418 34.44 -7.24 -30.24
CA PHE C 418 34.20 -6.11 -29.35
C PHE C 418 35.53 -5.66 -28.68
N LEU C 419 36.38 -6.63 -28.29
CA LEU C 419 37.55 -6.35 -27.46
C LEU C 419 38.89 -6.75 -28.03
N ARG C 420 39.91 -5.99 -27.71
CA ARG C 420 41.30 -6.28 -28.09
C ARG C 420 42.16 -6.10 -26.84
N VAL C 421 43.34 -6.72 -26.83
CA VAL C 421 44.29 -6.53 -25.73
C VAL C 421 44.66 -5.02 -25.65
N GLY C 422 44.68 -4.48 -24.44
CA GLY C 422 44.93 -3.07 -24.24
C GLY C 422 43.65 -2.24 -24.09
N ASP C 423 42.48 -2.78 -24.46
CA ASP C 423 41.22 -2.06 -24.26
C ASP C 423 40.87 -1.96 -22.78
N LEU C 424 39.97 -1.06 -22.44
CA LEU C 424 39.44 -0.96 -21.08
C LEU C 424 38.00 -1.46 -21.18
N VAL C 425 37.57 -2.22 -20.19
CA VAL C 425 36.19 -2.67 -20.05
C VAL C 425 35.74 -2.32 -18.66
N ILE C 426 34.43 -2.10 -18.49
CA ILE C 426 33.86 -1.88 -17.19
C ILE C 426 33.22 -3.21 -16.81
N VAL C 427 33.40 -3.68 -15.59
CA VAL C 427 32.86 -4.97 -15.19
C VAL C 427 31.94 -4.77 -14.03
N VAL C 428 30.72 -5.27 -14.15
CA VAL C 428 29.70 -5.10 -13.13
C VAL C 428 29.30 -6.45 -12.51
N THR C 429 29.45 -6.58 -11.20
CA THR C 429 29.18 -7.79 -10.41
C THR C 429 28.50 -7.37 -9.07
N GLY C 430 28.24 -8.32 -8.20
CA GLY C 430 27.62 -8.11 -6.90
C GLY C 430 28.44 -8.74 -5.81
N TRP C 431 28.08 -8.49 -4.55
CA TRP C 431 28.90 -8.88 -3.41
C TRP C 431 28.63 -10.29 -2.86
N ARG C 432 27.57 -10.94 -3.32
CA ARG C 432 27.22 -12.29 -2.89
C ARG C 432 26.41 -12.97 -4.00
N PRO C 433 26.30 -14.33 -3.98
CA PRO C 433 25.51 -15.01 -5.02
C PRO C 433 24.03 -14.71 -4.92
N GLY C 434 23.34 -14.96 -6.01
CA GLY C 434 21.93 -14.71 -6.11
C GLY C 434 21.65 -13.37 -6.72
N SER C 435 20.53 -13.31 -7.36
CA SER C 435 19.97 -12.14 -7.99
C SER C 435 19.74 -11.01 -6.99
N GLY C 436 19.83 -9.77 -7.45
CA GLY C 436 19.51 -8.59 -6.65
C GLY C 436 20.58 -7.98 -5.79
N TYR C 437 21.85 -8.41 -5.91
CA TYR C 437 22.95 -7.89 -5.09
C TYR C 437 24.05 -7.18 -5.88
N THR C 438 23.83 -6.77 -7.14
CA THR C 438 24.83 -6.05 -7.92
C THR C 438 25.21 -4.73 -7.19
N ASN C 439 26.51 -4.51 -6.96
CA ASN C 439 26.94 -3.28 -6.30
C ASN C 439 28.40 -2.92 -6.57
N ILE C 440 29.00 -3.49 -7.62
CA ILE C 440 30.43 -3.33 -7.86
C ILE C 440 30.68 -3.04 -9.28
N MET C 441 31.51 -2.04 -9.52
CA MET C 441 31.93 -1.62 -10.85
C MET C 441 33.46 -1.61 -10.83
N ARG C 442 34.07 -2.30 -11.77
CA ARG C 442 35.55 -2.37 -11.84
C ARG C 442 36.01 -1.93 -13.20
N VAL C 443 37.15 -1.28 -13.26
CA VAL C 443 37.75 -0.86 -14.54
C VAL C 443 38.87 -1.82 -14.81
N LEU C 444 38.75 -2.61 -15.88
CA LEU C 444 39.75 -3.61 -16.18
C LEU C 444 40.42 -3.37 -17.51
N SER C 445 41.72 -3.61 -17.55
CA SER C 445 42.53 -3.51 -18.75
CA SER C 445 42.51 -3.51 -18.76
C SER C 445 42.56 -4.92 -19.36
N ILE C 446 42.23 -5.05 -20.65
CA ILE C 446 42.20 -6.35 -21.30
C ILE C 446 43.59 -6.86 -21.56
N SER C 447 43.93 -8.02 -21.03
CA SER C 447 45.24 -8.63 -21.23
C SER C 447 45.13 -9.99 -21.98
N GLY D 23 12.87 11.31 4.48
CA GLY D 23 11.99 12.24 5.16
C GLY D 23 12.00 13.64 4.59
N THR D 24 10.95 14.42 4.88
CA THR D 24 10.83 15.80 4.41
C THR D 24 11.90 16.71 5.04
N ALA D 25 12.25 16.44 6.32
CA ALA D 25 13.25 17.22 7.04
C ALA D 25 14.60 17.18 6.32
N PHE D 26 14.96 16.02 5.76
CA PHE D 26 16.22 15.83 5.02
C PHE D 26 16.28 16.78 3.83
N PHE D 27 15.17 16.89 3.09
CA PHE D 27 15.12 17.71 1.88
C PHE D 27 14.95 19.22 2.13
N GLN D 28 14.82 19.63 3.40
CA GLN D 28 14.75 21.07 3.74
C GLN D 28 16.17 21.61 4.12
N GLN D 29 17.04 20.72 4.67
CA GLN D 29 18.40 21.03 5.10
C GLN D 29 19.37 21.16 3.90
N GLN D 30 20.61 21.62 4.19
CA GLN D 30 21.74 21.79 3.28
C GLN D 30 21.40 22.38 1.90
N GLN D 31 20.50 23.38 1.89
CA GLN D 31 20.06 24.10 0.70
C GLN D 31 19.59 23.14 -0.39
N LEU D 32 18.93 22.02 -0.01
CA LEU D 32 18.46 21.05 -1.00
C LEU D 32 17.38 21.63 -1.92
N PRO D 33 16.41 22.47 -1.48
CA PRO D 33 15.49 23.10 -2.45
C PRO D 33 16.27 23.92 -3.50
N ALA D 34 17.30 24.71 -3.07
CA ALA D 34 18.13 25.49 -4.01
C ALA D 34 19.01 24.58 -4.91
N ALA D 35 19.36 23.38 -4.42
CA ALA D 35 20.15 22.41 -5.16
C ALA D 35 19.37 21.82 -6.33
N MET D 36 18.05 21.65 -6.17
CA MET D 36 17.21 21.09 -7.22
C MET D 36 16.80 22.09 -8.30
N ALA D 37 17.10 23.38 -8.14
CA ALA D 37 16.70 24.40 -9.09
C ALA D 37 17.21 24.17 -10.51
N ASP D 38 16.39 24.55 -11.49
CA ASP D 38 16.68 24.35 -12.90
C ASP D 38 17.60 25.40 -13.49
N THR D 39 17.71 26.58 -12.87
CA THR D 39 18.63 27.63 -13.32
C THR D 39 19.40 28.18 -12.10
N PHE D 40 20.52 28.85 -12.35
CA PHE D 40 21.30 29.50 -11.30
C PHE D 40 20.46 30.61 -10.65
N LEU D 41 19.65 31.35 -11.44
CA LEU D 41 18.78 32.40 -10.92
C LEU D 41 17.78 31.83 -9.91
N GLU D 42 17.12 30.72 -10.26
CA GLU D 42 16.18 30.07 -9.34
C GLU D 42 16.91 29.50 -8.11
N HIS D 43 18.16 29.02 -8.30
CA HIS D 43 19.00 28.50 -7.23
C HIS D 43 19.25 29.66 -6.21
N LEU D 44 19.60 30.87 -6.67
CA LEU D 44 19.78 32.01 -5.78
C LEU D 44 18.48 32.32 -5.04
N CYS D 45 17.34 32.34 -5.78
CA CYS D 45 16.03 32.64 -5.21
C CYS D 45 15.62 31.70 -4.13
N LEU D 46 16.07 30.42 -4.19
CA LEU D 46 15.69 29.40 -3.21
C LEU D 46 16.66 29.26 -2.03
N LEU D 47 17.73 30.08 -1.96
CA LEU D 47 18.66 30.01 -0.83
C LEU D 47 17.92 30.41 0.43
N ASP D 48 18.09 29.65 1.50
CA ASP D 48 17.34 29.82 2.72
C ASP D 48 18.24 29.93 3.94
N ILE D 49 18.11 31.02 4.69
CA ILE D 49 18.89 31.20 5.91
C ILE D 49 18.49 30.19 7.00
N ASP D 50 17.31 29.58 6.91
CA ASP D 50 16.86 28.56 7.87
C ASP D 50 17.27 27.14 7.44
N SER D 51 17.88 26.96 6.25
CA SER D 51 18.30 25.65 5.81
C SER D 51 19.69 25.39 6.39
N GLU D 52 19.76 24.60 7.46
CA GLU D 52 21.02 24.32 8.15
C GLU D 52 21.98 23.39 7.42
N PRO D 53 23.28 23.72 7.45
CA PRO D 53 24.26 22.86 6.77
C PRO D 53 24.39 21.52 7.52
N VAL D 54 24.52 20.43 6.77
CA VAL D 54 24.59 19.09 7.36
C VAL D 54 25.95 18.47 7.10
N ALA D 55 26.46 18.63 5.88
CA ALA D 55 27.75 18.08 5.50
C ALA D 55 28.89 18.65 6.37
N ALA D 56 29.97 17.88 6.53
CA ALA D 56 31.16 18.35 7.20
C ALA D 56 31.80 19.43 6.34
N ARG D 57 32.45 20.43 6.97
CA ARG D 57 33.07 21.53 6.25
C ARG D 57 34.21 21.00 5.40
N SER D 58 34.16 21.26 4.10
CA SER D 58 35.11 20.70 3.14
C SER D 58 36.27 21.61 2.71
N THR D 59 36.14 22.94 2.82
CA THR D 59 37.24 23.86 2.48
C THR D 59 38.20 23.92 3.65
N SER D 60 39.48 23.66 3.46
CA SER D 60 40.46 23.66 4.56
CA SER D 60 40.48 23.65 4.54
C SER D 60 40.81 25.04 5.05
N ILE D 61 41.15 25.14 6.32
CA ILE D 61 41.54 26.40 6.91
C ILE D 61 43.04 26.36 7.18
N ILE D 62 43.76 27.33 6.64
CA ILE D 62 45.17 27.47 6.92
C ILE D 62 45.31 28.61 7.94
N ALA D 63 45.94 28.35 9.09
CA ALA D 63 46.13 29.38 10.12
C ALA D 63 47.60 29.67 10.24
N THR D 64 47.98 30.95 10.19
CA THR D 64 49.36 31.36 10.36
C THR D 64 49.73 31.35 11.85
N ILE D 65 50.86 30.72 12.19
CA ILE D 65 51.31 30.60 13.57
C ILE D 65 52.15 31.82 13.95
N GLY D 66 51.92 32.36 15.13
CA GLY D 66 52.65 33.51 15.62
C GLY D 66 52.53 33.63 17.12
N PRO D 67 52.91 34.80 17.70
CA PRO D 67 52.75 35.00 19.15
C PRO D 67 51.35 34.69 19.72
N ALA D 68 50.30 34.99 18.96
CA ALA D 68 48.93 34.71 19.41
C ALA D 68 48.50 33.25 19.31
N SER D 69 49.33 32.38 18.70
CA SER D 69 48.89 31.01 18.48
C SER D 69 49.97 29.99 18.69
N ARG D 70 51.03 30.28 19.46
CA ARG D 70 52.07 29.26 19.65
C ARG D 70 51.91 28.44 20.87
N SER D 71 51.10 28.88 21.84
CA SER D 71 50.88 28.12 23.07
C SER D 71 50.27 26.76 22.68
N VAL D 72 50.85 25.64 23.16
CA VAL D 72 50.33 24.30 22.91
C VAL D 72 48.82 24.21 23.27
N GLU D 73 48.42 24.83 24.39
CA GLU D 73 47.00 24.82 24.78
C GLU D 73 46.09 25.63 23.82
N ARG D 74 46.60 26.75 23.28
CA ARG D 74 45.88 27.56 22.31
C ARG D 74 45.79 26.78 20.94
N LEU D 75 46.88 26.13 20.52
CA LEU D 75 46.93 25.29 19.32
C LEU D 75 45.92 24.13 19.40
N LYS D 76 45.72 23.52 20.59
CA LYS D 76 44.73 22.45 20.76
C LYS D 76 43.33 23.00 20.53
N GLU D 77 43.06 24.23 20.99
CA GLU D 77 41.76 24.85 20.75
C GLU D 77 41.57 25.17 19.26
N MET D 78 42.64 25.56 18.55
CA MET D 78 42.56 25.89 17.13
CA MET D 78 42.56 25.89 17.13
C MET D 78 42.34 24.65 16.28
N ILE D 79 42.90 23.49 16.70
CA ILE D 79 42.69 22.24 15.99
C ILE D 79 41.23 21.84 16.16
N LYS D 80 40.69 21.94 17.38
CA LYS D 80 39.28 21.64 17.65
C LYS D 80 38.34 22.60 16.89
N ALA D 81 38.75 23.88 16.71
CA ALA D 81 37.96 24.87 15.98
C ALA D 81 37.92 24.62 14.47
N GLY D 82 38.89 23.85 13.94
CA GLY D 82 38.91 23.56 12.51
C GLY D 82 40.20 23.80 11.73
N MET D 83 41.29 24.28 12.37
CA MET D 83 42.55 24.50 11.65
C MET D 83 43.08 23.16 11.06
N ASN D 84 43.38 23.16 9.76
CA ASN D 84 43.86 21.95 9.09
C ASN D 84 45.32 22.05 8.72
N ILE D 85 45.80 23.28 8.44
CA ILE D 85 47.17 23.52 8.01
C ILE D 85 47.71 24.69 8.84
N ALA D 86 48.89 24.49 9.43
CA ALA D 86 49.57 25.51 10.20
C ALA D 86 50.62 26.13 9.28
N ARG D 87 50.55 27.43 9.04
CA ARG D 87 51.48 28.12 8.18
C ARG D 87 52.57 28.82 9.00
N LEU D 88 53.83 28.65 8.60
CA LEU D 88 54.97 29.32 9.24
C LEU D 88 55.44 30.37 8.25
N ASN D 89 55.33 31.63 8.61
CA ASN D 89 55.69 32.70 7.70
C ASN D 89 57.16 33.02 7.88
N PHE D 90 58.02 32.59 6.96
CA PHE D 90 59.46 32.82 7.07
C PHE D 90 59.88 34.26 6.75
N SER D 91 58.92 35.18 6.54
CA SER D 91 59.23 36.60 6.40
C SER D 91 59.59 37.22 7.76
N HIS D 92 59.16 36.58 8.89
CA HIS D 92 59.39 37.01 10.27
C HIS D 92 59.92 35.84 11.10
N GLY D 93 60.73 36.12 12.10
CA GLY D 93 61.27 35.11 12.98
C GLY D 93 62.48 34.37 12.46
N SER D 94 63.28 33.86 13.38
CA SER D 94 64.47 33.09 13.09
C SER D 94 64.15 31.60 12.89
N HIS D 95 65.14 30.79 12.49
CA HIS D 95 64.97 29.36 12.39
C HIS D 95 64.63 28.75 13.75
N GLU D 96 65.23 29.27 14.83
CA GLU D 96 64.98 28.77 16.18
C GLU D 96 63.51 29.01 16.55
N TYR D 97 62.99 30.18 16.19
CA TYR D 97 61.61 30.54 16.47
C TYR D 97 60.68 29.57 15.73
N HIS D 98 60.93 29.31 14.45
CA HIS D 98 60.07 28.43 13.65
C HIS D 98 60.16 26.97 14.08
N ALA D 99 61.33 26.52 14.57
CA ALA D 99 61.45 25.14 15.05
C ALA D 99 60.60 24.96 16.31
N GLU D 100 60.52 25.98 17.17
CA GLU D 100 59.68 25.95 18.39
C GLU D 100 58.20 25.92 17.97
N SER D 101 57.82 26.68 16.93
CA SER D 101 56.44 26.70 16.40
C SER D 101 56.05 25.30 15.94
N ILE D 102 56.92 24.66 15.15
CA ILE D 102 56.72 23.30 14.65
C ILE D 102 56.54 22.33 15.78
N ALA D 103 57.42 22.40 16.81
CA ALA D 103 57.35 21.48 17.96
C ALA D 103 56.04 21.65 18.71
N ASN D 104 55.59 22.90 18.88
CA ASN D 104 54.32 23.18 19.57
C ASN D 104 53.13 22.68 18.79
N VAL D 105 53.16 22.83 17.47
CA VAL D 105 52.09 22.34 16.61
C VAL D 105 52.02 20.82 16.74
N ARG D 106 53.16 20.14 16.57
CA ARG D 106 53.21 18.68 16.65
C ARG D 106 52.81 18.16 18.00
N GLU D 107 53.19 18.86 19.09
CA GLU D 107 52.78 18.45 20.43
C GLU D 107 51.24 18.58 20.59
N ALA D 108 50.64 19.71 20.16
CA ALA D 108 49.18 19.84 20.22
C ALA D 108 48.49 18.75 19.35
N VAL D 109 48.97 18.52 18.12
CA VAL D 109 48.37 17.54 17.19
C VAL D 109 48.45 16.13 17.77
N GLU D 110 49.62 15.74 18.27
CA GLU D 110 49.80 14.40 18.82
C GLU D 110 49.11 14.17 20.16
N SER D 111 48.68 15.23 20.86
CA SER D 111 47.91 15.05 22.11
C SER D 111 46.58 14.33 21.86
N PHE D 112 46.09 14.32 20.62
CA PHE D 112 44.84 13.67 20.24
C PHE D 112 45.05 12.29 19.60
N ALA D 113 46.30 11.82 19.45
CA ALA D 113 46.60 10.54 18.82
C ALA D 113 46.16 9.29 19.61
N GLY D 114 45.85 9.44 20.89
CA GLY D 114 45.38 8.34 21.72
C GLY D 114 44.01 7.82 21.34
N SER D 115 43.24 8.58 20.54
CA SER D 115 41.95 8.13 20.02
C SER D 115 42.06 8.13 18.49
N PRO D 116 42.52 7.02 17.91
CA PRO D 116 42.70 6.98 16.45
C PRO D 116 41.46 7.28 15.62
N LEU D 117 40.25 6.99 16.14
CA LEU D 117 39.01 7.23 15.41
C LEU D 117 38.64 8.72 15.28
N SER D 118 39.25 9.58 16.09
CA SER D 118 38.94 11.00 16.06
C SER D 118 40.17 11.92 15.80
N TYR D 119 41.37 11.35 15.73
CA TYR D 119 42.61 12.06 15.48
C TYR D 119 42.54 12.85 14.17
N ARG D 120 42.92 14.14 14.23
CA ARG D 120 42.92 14.97 13.05
C ARG D 120 44.33 15.31 12.64
N PRO D 121 44.77 14.81 11.48
CA PRO D 121 46.10 15.22 11.00
C PRO D 121 46.12 16.73 10.69
N VAL D 122 47.27 17.41 10.89
CA VAL D 122 47.39 18.84 10.62
C VAL D 122 48.67 19.03 9.85
N ALA D 123 48.61 19.64 8.66
CA ALA D 123 49.80 19.85 7.85
C ALA D 123 50.60 21.04 8.34
N ILE D 124 51.90 21.06 8.03
CA ILE D 124 52.76 22.17 8.36
C ILE D 124 53.26 22.72 7.04
N ALA D 125 53.00 24.01 6.78
CA ALA D 125 53.39 24.66 5.54
C ALA D 125 54.41 25.74 5.82
N LEU D 126 55.43 25.83 4.97
CA LEU D 126 56.46 26.84 5.12
C LEU D 126 56.24 27.88 4.05
N ASP D 127 56.06 29.13 4.43
CA ASP D 127 55.84 30.20 3.47
C ASP D 127 57.18 30.97 3.35
N THR D 128 57.79 30.97 2.17
CA THR D 128 59.09 31.60 1.99
C THR D 128 59.05 33.13 2.01
N LYS D 129 60.18 33.76 2.32
CA LYS D 129 60.30 35.21 2.36
C LYS D 129 60.17 35.79 0.94
N GLY D 130 60.81 35.15 -0.04
CA GLY D 130 60.74 35.61 -1.42
C GLY D 130 62.06 36.08 -1.99
N PRO D 131 62.04 36.40 -3.29
CA PRO D 131 63.28 36.82 -3.97
C PRO D 131 63.75 38.25 -3.70
N GLY D 132 62.84 39.11 -3.24
CA GLY D 132 63.16 40.50 -3.00
C GLY D 132 63.48 41.22 -4.31
N SER D 133 64.59 41.97 -4.32
CA SER D 133 65.04 42.68 -5.51
C SER D 133 65.74 41.76 -6.56
N GLY D 134 66.04 40.52 -6.18
CA GLY D 134 66.71 39.56 -7.05
C GLY D 134 65.83 38.99 -8.13
N PRO D 135 66.45 38.27 -9.08
CA PRO D 135 65.68 37.69 -10.19
C PRO D 135 65.15 36.27 -9.97
N GLY D 136 65.78 35.54 -9.05
CA GLY D 136 65.42 34.17 -8.75
C GLY D 136 65.53 33.80 -7.29
N LEU D 137 65.82 32.52 -7.00
CA LEU D 137 65.88 32.01 -5.62
C LEU D 137 66.95 32.68 -4.78
N SER D 138 66.54 33.34 -3.71
CA SER D 138 67.47 34.02 -2.82
C SER D 138 68.22 33.04 -1.92
N GLU D 139 69.34 33.48 -1.33
CA GLU D 139 70.12 32.62 -0.45
C GLU D 139 69.38 32.31 0.85
N GLN D 140 68.56 33.26 1.36
CA GLN D 140 67.77 33.01 2.55
C GLN D 140 66.71 31.94 2.26
N ASP D 141 66.09 31.98 1.06
CA ASP D 141 65.10 30.98 0.67
C ASP D 141 65.75 29.60 0.56
N VAL D 142 66.98 29.51 0.03
CA VAL D 142 67.70 28.24 -0.03
C VAL D 142 67.90 27.66 1.38
N ARG D 143 68.24 28.51 2.34
CA ARG D 143 68.45 28.08 3.72
C ARG D 143 67.16 27.71 4.43
N ASP D 144 66.10 28.48 4.18
CA ASP D 144 64.77 28.22 4.75
C ASP D 144 64.15 26.95 4.19
N LEU D 145 64.31 26.71 2.87
CA LEU D 145 63.82 25.49 2.27
C LEU D 145 64.55 24.27 2.82
N ARG D 146 65.87 24.39 3.05
CA ARG D 146 66.62 23.28 3.64
CA ARG D 146 66.62 23.28 3.63
C ARG D 146 66.15 23.02 5.06
N PHE D 147 65.81 24.08 5.82
CA PHE D 147 65.27 23.97 7.18
C PHE D 147 63.95 23.18 7.13
N GLY D 148 63.11 23.49 6.14
CA GLY D 148 61.83 22.81 5.96
C GLY D 148 61.97 21.33 5.72
N VAL D 149 62.93 20.94 4.84
CA VAL D 149 63.18 19.53 4.59
C VAL D 149 63.69 18.84 5.86
N GLU D 150 64.63 19.48 6.58
CA GLU D 150 65.17 18.93 7.83
C GLU D 150 64.13 18.80 8.91
N HIS D 151 63.11 19.68 8.93
CA HIS D 151 62.05 19.60 9.94
C HIS D 151 60.79 18.87 9.48
N GLY D 152 60.79 18.29 8.28
CA GLY D 152 59.67 17.49 7.80
C GLY D 152 58.40 18.25 7.45
N VAL D 153 58.54 19.45 6.85
CA VAL D 153 57.34 20.20 6.47
C VAL D 153 56.63 19.50 5.32
N ASP D 154 55.31 19.67 5.24
CA ASP D 154 54.53 19.00 4.22
C ASP D 154 54.36 19.80 2.95
N ILE D 155 54.29 21.12 3.09
CA ILE D 155 54.00 22.02 2.01
C ILE D 155 54.92 23.23 2.04
N VAL D 156 55.20 23.80 0.88
CA VAL D 156 55.94 25.02 0.71
C VAL D 156 55.05 25.98 -0.07
N PHE D 157 54.81 27.18 0.46
CA PHE D 157 54.09 28.22 -0.26
C PHE D 157 55.23 29.08 -0.77
N ALA D 158 55.60 28.94 -2.06
CA ALA D 158 56.72 29.67 -2.64
C ALA D 158 56.35 31.09 -3.03
N SER D 159 56.97 32.08 -2.38
CA SER D 159 56.65 33.48 -2.65
C SER D 159 57.12 33.99 -4.02
N PHE D 160 56.33 34.91 -4.60
CA PHE D 160 56.60 35.59 -5.87
C PHE D 160 57.05 34.69 -7.02
N VAL D 161 56.28 33.63 -7.30
CA VAL D 161 56.61 32.77 -8.42
C VAL D 161 56.19 33.53 -9.69
N ARG D 162 57.13 33.73 -10.62
CA ARG D 162 56.89 34.49 -11.85
C ARG D 162 56.97 33.65 -13.13
N LYS D 163 57.55 32.46 -13.05
CA LYS D 163 57.71 31.59 -14.21
C LYS D 163 57.99 30.15 -13.75
N ALA D 164 57.91 29.18 -14.66
CA ALA D 164 58.14 27.79 -14.37
C ALA D 164 59.52 27.50 -13.77
N SER D 165 60.56 28.26 -14.19
CA SER D 165 61.91 28.03 -13.67
C SER D 165 62.02 28.40 -12.20
N ASP D 166 61.16 29.30 -11.69
CA ASP D 166 61.14 29.63 -10.26
C ASP D 166 60.73 28.40 -9.44
N VAL D 167 59.75 27.62 -9.94
CA VAL D 167 59.28 26.41 -9.29
C VAL D 167 60.37 25.34 -9.34
N ALA D 168 61.06 25.22 -10.49
CA ALA D 168 62.14 24.25 -10.63
C ALA D 168 63.26 24.55 -9.63
N ALA D 169 63.55 25.84 -9.40
CA ALA D 169 64.59 26.25 -8.45
C ALA D 169 64.17 25.87 -7.03
N VAL D 170 62.88 26.07 -6.66
CA VAL D 170 62.39 25.67 -5.33
C VAL D 170 62.51 24.17 -5.16
N ARG D 171 62.11 23.43 -6.20
CA ARG D 171 62.18 21.96 -6.20
C ARG D 171 63.65 21.49 -6.00
N ALA D 172 64.59 22.11 -6.72
CA ALA D 172 66.02 21.78 -6.61
C ALA D 172 66.56 22.07 -5.20
N ALA D 173 66.15 23.20 -4.60
CA ALA D 173 66.56 23.56 -3.24
C ALA D 173 66.01 22.60 -2.17
N LEU D 174 64.90 21.91 -2.46
CA LEU D 174 64.36 20.92 -1.53
C LEU D 174 65.19 19.63 -1.53
N GLY D 175 65.93 19.36 -2.62
CA GLY D 175 66.82 18.21 -2.71
C GLY D 175 66.11 16.90 -2.84
N PRO D 176 66.88 15.79 -2.86
CA PRO D 176 66.26 14.46 -2.97
C PRO D 176 65.40 14.07 -1.76
N GLU D 177 65.72 14.59 -0.56
CA GLU D 177 64.93 14.28 0.64
C GLU D 177 63.56 14.98 0.69
N GLY D 178 63.41 16.08 -0.03
CA GLY D 178 62.16 16.82 -0.06
C GLY D 178 61.35 16.59 -1.30
N HIS D 179 61.45 15.39 -1.93
CA HIS D 179 60.70 15.08 -3.15
CA HIS D 179 60.69 15.07 -3.15
C HIS D 179 59.19 14.98 -2.91
N GLY D 180 58.79 14.60 -1.69
CA GLY D 180 57.38 14.48 -1.36
C GLY D 180 56.68 15.77 -0.92
N ILE D 181 57.42 16.87 -0.70
CA ILE D 181 56.85 18.12 -0.27
C ILE D 181 56.03 18.75 -1.40
N LYS D 182 54.80 19.24 -1.10
CA LYS D 182 53.99 19.88 -2.13
C LYS D 182 54.42 21.33 -2.30
N ILE D 183 54.58 21.78 -3.54
CA ILE D 183 54.93 23.16 -3.80
C ILE D 183 53.69 23.91 -4.31
N ILE D 184 53.22 24.86 -3.52
CA ILE D 184 52.11 25.71 -3.86
C ILE D 184 52.72 27.05 -4.29
N SER D 185 52.60 27.43 -5.56
CA SER D 185 53.18 28.68 -6.04
C SER D 185 52.30 29.86 -5.71
N LYS D 186 52.87 30.89 -5.08
CA LYS D 186 52.13 32.10 -4.78
C LYS D 186 52.16 33.04 -5.96
N ILE D 187 50.99 33.42 -6.48
CA ILE D 187 50.94 34.37 -7.61
C ILE D 187 50.73 35.74 -7.01
N GLU D 188 51.75 36.61 -7.11
CA GLU D 188 51.70 37.90 -6.43
C GLU D 188 51.95 39.11 -7.33
N ASN D 189 52.11 38.92 -8.63
CA ASN D 189 52.38 40.06 -9.53
C ASN D 189 51.88 39.82 -10.95
N HIS D 190 51.97 40.84 -11.80
CA HIS D 190 51.49 40.75 -13.17
C HIS D 190 52.14 39.64 -13.98
N GLU D 191 53.46 39.45 -13.85
CA GLU D 191 54.13 38.39 -14.58
C GLU D 191 53.63 36.99 -14.18
N GLY D 192 53.37 36.78 -12.89
CA GLY D 192 52.85 35.51 -12.41
C GLY D 192 51.46 35.23 -12.97
N VAL D 193 50.62 36.27 -13.07
CA VAL D 193 49.29 36.14 -13.63
C VAL D 193 49.39 35.82 -15.13
N LYS D 194 50.26 36.53 -15.86
CA LYS D 194 50.44 36.31 -17.30
C LYS D 194 51.07 34.96 -17.63
N ARG D 195 51.98 34.48 -16.79
CA ARG D 195 52.61 33.17 -17.00
C ARG D 195 51.97 32.08 -16.15
N PHE D 196 50.70 32.27 -15.71
CA PHE D 196 49.97 31.35 -14.86
C PHE D 196 49.97 29.91 -15.37
N ASP D 197 49.64 29.69 -16.65
CA ASP D 197 49.56 28.34 -17.19
C ASP D 197 50.86 27.55 -17.05
N GLU D 198 52.01 28.17 -17.35
CA GLU D 198 53.28 27.47 -17.25
C GLU D 198 53.66 27.18 -15.78
N ILE D 199 53.25 28.06 -14.85
CA ILE D 199 53.50 27.89 -13.42
C ILE D 199 52.66 26.76 -12.84
N LEU D 200 51.35 26.76 -13.16
CA LEU D 200 50.43 25.72 -12.68
C LEU D 200 50.84 24.34 -13.20
N GLU D 201 51.31 24.26 -14.45
CA GLU D 201 51.74 22.99 -15.02
C GLU D 201 52.83 22.29 -14.20
N VAL D 202 53.77 23.05 -13.63
CA VAL D 202 54.85 22.46 -12.83
C VAL D 202 54.65 22.53 -11.30
N SER D 203 53.57 23.17 -10.82
CA SER D 203 53.32 23.29 -9.39
C SER D 203 52.30 22.24 -8.94
N ASP D 204 52.26 21.98 -7.62
CA ASP D 204 51.23 21.13 -7.05
C ASP D 204 49.91 21.90 -6.85
N GLY D 205 50.00 23.22 -6.74
CA GLY D 205 48.85 24.08 -6.58
C GLY D 205 49.24 25.54 -6.60
N ILE D 206 48.27 26.41 -6.29
CA ILE D 206 48.45 27.84 -6.39
C ILE D 206 47.90 28.54 -5.17
N MET D 207 48.55 29.64 -4.76
CA MET D 207 48.00 30.51 -3.76
C MET D 207 47.76 31.87 -4.43
N VAL D 208 46.55 32.40 -4.33
CA VAL D 208 46.22 33.73 -4.82
C VAL D 208 46.60 34.65 -3.65
N ALA D 209 47.81 35.21 -3.71
CA ALA D 209 48.39 36.02 -2.63
C ALA D 209 47.96 37.46 -2.85
N ARG D 210 46.75 37.79 -2.40
CA ARG D 210 46.08 39.06 -2.67
C ARG D 210 46.76 40.30 -2.11
N GLY D 211 47.54 40.16 -1.05
CA GLY D 211 48.25 41.30 -0.45
C GLY D 211 49.19 41.96 -1.43
N ASP D 212 50.23 41.23 -1.88
CA ASP D 212 51.16 41.78 -2.86
C ASP D 212 50.52 41.97 -4.22
N LEU D 213 49.64 41.06 -4.65
CA LEU D 213 48.93 41.19 -5.92
C LEU D 213 48.15 42.51 -6.01
N GLY D 214 47.52 42.91 -4.91
CA GLY D 214 46.78 44.17 -4.84
C GLY D 214 47.62 45.43 -4.86
N ILE D 215 48.95 45.30 -4.69
CA ILE D 215 49.92 46.38 -4.76
C ILE D 215 50.58 46.36 -6.16
N GLU D 216 50.81 45.17 -6.73
CA GLU D 216 51.46 44.98 -8.02
C GLU D 216 50.58 45.27 -9.21
N ILE D 217 49.29 45.00 -9.08
CA ILE D 217 48.29 45.29 -10.11
C ILE D 217 47.20 46.20 -9.48
N PRO D 218 46.38 46.91 -10.28
CA PRO D 218 45.33 47.77 -9.67
C PRO D 218 44.45 46.98 -8.71
N ALA D 219 44.14 47.54 -7.53
CA ALA D 219 43.34 46.87 -6.53
C ALA D 219 42.00 46.37 -7.07
N GLU D 220 41.39 47.12 -7.99
CA GLU D 220 40.08 46.76 -8.58
C GLU D 220 40.16 45.58 -9.54
N LYS D 221 41.34 45.09 -9.87
CA LYS D 221 41.47 43.94 -10.79
C LYS D 221 41.77 42.62 -10.04
N VAL D 222 42.09 42.66 -8.74
CA VAL D 222 42.45 41.44 -8.01
C VAL D 222 41.36 40.37 -8.06
N PHE D 223 40.07 40.74 -7.91
CA PHE D 223 38.99 39.76 -7.98
C PHE D 223 38.98 39.02 -9.33
N LEU D 224 39.40 39.68 -10.44
CA LEU D 224 39.45 39.02 -11.76
C LEU D 224 40.54 37.98 -11.76
N ALA D 225 41.74 38.32 -11.22
CA ALA D 225 42.86 37.38 -11.12
C ALA D 225 42.45 36.22 -10.21
N GLN D 226 41.79 36.50 -9.08
CA GLN D 226 41.37 35.45 -8.15
C GLN D 226 40.41 34.46 -8.83
N LYS D 227 39.36 34.99 -9.48
CA LYS D 227 38.37 34.16 -10.13
C LYS D 227 38.95 33.37 -11.29
N MET D 228 39.83 33.97 -12.07
CA MET D 228 40.49 33.28 -13.18
C MET D 228 41.35 32.12 -12.64
N MET D 229 42.21 32.40 -11.64
CA MET D 229 43.12 31.37 -11.09
C MET D 229 42.38 30.23 -10.44
N ILE D 230 41.32 30.53 -9.68
CA ILE D 230 40.51 29.48 -9.06
C ILE D 230 39.84 28.61 -10.14
N GLY D 231 39.30 29.26 -11.19
CA GLY D 231 38.67 28.57 -12.32
C GLY D 231 39.64 27.63 -13.00
N ARG D 232 40.86 28.12 -13.32
CA ARG D 232 41.88 27.31 -13.99
C ARG D 232 42.42 26.17 -13.11
N CYS D 233 42.54 26.39 -11.79
CA CYS D 233 42.97 25.31 -10.88
C CYS D 233 41.89 24.26 -10.76
N ASN D 234 40.61 24.67 -10.70
CA ASN D 234 39.51 23.71 -10.63
C ASN D 234 39.48 22.86 -11.93
N LEU D 235 39.70 23.51 -13.07
CA LEU D 235 39.78 22.83 -14.36
C LEU D 235 40.96 21.81 -14.38
N ALA D 236 42.13 22.21 -13.83
CA ALA D 236 43.29 21.32 -13.78
C ALA D 236 43.22 20.24 -12.69
N GLY D 237 42.27 20.37 -11.75
CA GLY D 237 42.20 19.45 -10.63
C GLY D 237 43.33 19.66 -9.63
N LYS D 238 43.84 20.90 -9.50
CA LYS D 238 44.94 21.20 -8.57
C LYS D 238 44.49 22.16 -7.48
N PRO D 239 44.99 21.99 -6.22
CA PRO D 239 44.55 22.87 -5.13
C PRO D 239 44.80 24.34 -5.33
N VAL D 240 43.85 25.17 -4.89
CA VAL D 240 43.99 26.60 -4.97
C VAL D 240 43.63 27.21 -3.60
N VAL D 241 44.47 28.09 -3.12
CA VAL D 241 44.30 28.74 -1.81
C VAL D 241 43.95 30.22 -2.00
N CYS D 242 42.90 30.70 -1.33
CA CYS D 242 42.61 32.11 -1.34
C CYS D 242 43.20 32.69 -0.04
N ALA D 243 44.00 33.75 -0.15
CA ALA D 243 44.68 34.29 1.03
C ALA D 243 44.60 35.81 1.15
N THR D 244 44.84 36.31 2.40
CA THR D 244 45.10 37.70 2.81
C THR D 244 43.87 38.57 3.01
N GLN D 245 43.76 39.07 4.25
CA GLN D 245 42.77 40.02 4.75
C GLN D 245 41.36 39.51 4.67
N MET D 246 41.16 38.18 4.71
CA MET D 246 39.81 37.63 4.63
C MET D 246 38.97 38.03 5.84
N LEU D 247 39.56 38.04 7.06
CA LEU D 247 38.86 38.45 8.29
C LEU D 247 39.75 39.46 9.05
N GLU D 248 40.42 40.36 8.33
CA GLU D 248 41.36 41.36 8.87
C GLU D 248 40.89 42.08 10.13
N SER D 249 39.65 42.59 10.16
CA SER D 249 39.15 43.29 11.33
C SER D 249 39.10 42.44 12.61
N MET D 250 39.12 41.10 12.47
CA MET D 250 39.13 40.22 13.65
C MET D 250 40.50 40.18 14.36
N ILE D 251 41.49 40.94 13.86
CA ILE D 251 42.77 41.07 14.57
C ILE D 251 42.50 41.83 15.88
N THR D 252 41.59 42.82 15.86
CA THR D 252 41.25 43.64 17.04
C THR D 252 39.82 43.51 17.49
N LYS D 253 38.91 43.08 16.61
CA LYS D 253 37.48 43.00 16.97
C LYS D 253 36.97 41.57 17.05
N PRO D 254 36.00 41.31 17.95
CA PRO D 254 35.52 39.93 18.12
C PRO D 254 34.62 39.43 16.96
N ARG D 255 34.10 40.33 16.14
CA ARG D 255 33.23 40.00 15.02
C ARG D 255 33.78 40.63 13.74
N PRO D 256 33.68 39.94 12.59
CA PRO D 256 34.20 40.52 11.34
C PRO D 256 33.19 41.51 10.71
N THR D 257 33.65 42.27 9.71
CA THR D 257 32.78 43.18 8.97
C THR D 257 31.93 42.36 7.96
N ARG D 258 30.90 42.98 7.41
CA ARG D 258 30.02 42.35 6.43
C ARG D 258 30.79 42.02 5.16
N ALA D 259 31.78 42.85 4.79
CA ALA D 259 32.57 42.60 3.61
C ALA D 259 33.47 41.36 3.79
N GLU D 260 33.97 41.14 5.01
CA GLU D 260 34.83 40.02 5.34
C GLU D 260 34.10 38.68 5.30
N THR D 261 32.91 38.55 5.90
CA THR D 261 32.16 37.30 5.82
C THR D 261 31.75 37.01 4.37
N SER D 262 31.45 38.04 3.59
CA SER D 262 31.08 37.90 2.21
C SER D 262 32.28 37.41 1.39
N ASP D 263 33.46 37.96 1.64
CA ASP D 263 34.69 37.59 0.97
C ASP D 263 35.02 36.09 1.19
N VAL D 264 34.88 35.59 2.43
CA VAL D 264 35.14 34.19 2.72
C VAL D 264 34.14 33.31 1.96
N ALA D 265 32.86 33.65 2.01
CA ALA D 265 31.81 32.90 1.36
C ALA D 265 32.02 32.87 -0.15
N ASN D 266 32.41 34.00 -0.74
CA ASN D 266 32.62 34.09 -2.16
C ASN D 266 33.88 33.36 -2.61
N ALA D 267 34.91 33.28 -1.78
CA ALA D 267 36.12 32.50 -2.12
C ALA D 267 35.72 31.01 -2.21
N VAL D 268 34.88 30.53 -1.27
CA VAL D 268 34.37 29.17 -1.29
C VAL D 268 33.45 28.93 -2.51
N LEU D 269 32.49 29.86 -2.78
CA LEU D 269 31.63 29.75 -3.95
C LEU D 269 32.44 29.78 -5.25
N ASP D 270 33.51 30.57 -5.32
CA ASP D 270 34.37 30.64 -6.51
C ASP D 270 34.99 29.27 -6.80
N GLY D 271 35.34 28.51 -5.75
CA GLY D 271 35.94 27.19 -5.91
C GLY D 271 37.26 26.99 -5.18
N ALA D 272 37.61 27.86 -4.21
CA ALA D 272 38.87 27.70 -3.47
C ALA D 272 38.88 26.40 -2.65
N ASP D 273 39.98 25.66 -2.70
CA ASP D 273 40.12 24.45 -1.90
C ASP D 273 40.44 24.84 -0.46
N CYS D 274 41.24 25.91 -0.26
CA CYS D 274 41.67 26.37 1.06
C CYS D 274 41.44 27.85 1.21
N ILE D 275 41.20 28.27 2.43
CA ILE D 275 41.10 29.66 2.80
C ILE D 275 42.13 29.88 3.92
N MET D 276 42.71 31.08 3.98
CA MET D 276 43.79 31.35 4.91
C MET D 276 43.51 32.50 5.87
N LEU D 277 44.15 32.42 7.05
CA LEU D 277 44.16 33.45 8.07
C LEU D 277 45.64 33.81 8.29
N SER D 278 45.97 35.11 8.32
CA SER D 278 47.35 35.56 8.55
C SER D 278 47.43 36.21 9.96
N GLY D 279 47.39 37.54 10.07
CA GLY D 279 47.40 38.28 11.30
C GLY D 279 46.30 37.89 12.23
N GLU D 280 45.13 37.50 11.68
CA GLU D 280 43.98 37.02 12.48
C GLU D 280 44.36 35.91 13.42
N THR D 281 45.28 35.03 13.01
CA THR D 281 45.71 33.96 13.93
C THR D 281 47.11 34.17 14.46
N ALA D 282 47.98 34.84 13.68
CA ALA D 282 49.37 34.98 14.09
C ALA D 282 49.57 36.01 15.20
N LYS D 283 48.91 37.14 15.15
CA LYS D 283 49.14 38.20 16.11
C LYS D 283 47.92 38.83 16.75
N GLY D 284 46.72 38.54 16.27
CA GLY D 284 45.51 39.17 16.78
C GLY D 284 45.03 38.68 18.13
N ASN D 285 43.90 39.24 18.62
CA ASN D 285 43.35 38.84 19.91
C ASN D 285 42.27 37.76 19.86
N PHE D 286 41.87 37.35 18.66
CA PHE D 286 40.80 36.38 18.53
C PHE D 286 41.19 35.24 17.59
N PRO D 287 42.37 34.58 17.77
CA PRO D 287 42.77 33.53 16.82
C PRO D 287 41.81 32.38 16.72
N VAL D 288 41.30 31.86 17.85
CA VAL D 288 40.35 30.75 17.84
C VAL D 288 39.03 31.16 17.21
N GLU D 289 38.53 32.37 17.53
CA GLU D 289 37.27 32.86 16.98
C GLU D 289 37.38 33.09 15.50
N ALA D 290 38.55 33.49 14.99
CA ALA D 290 38.73 33.71 13.55
C ALA D 290 38.63 32.34 12.81
N VAL D 291 39.21 31.27 13.40
CA VAL D 291 39.14 29.93 12.84
C VAL D 291 37.67 29.46 12.87
N LYS D 292 36.98 29.68 13.99
CA LYS D 292 35.57 29.29 14.11
C LYS D 292 34.69 30.03 13.11
N MET D 293 34.99 31.32 12.82
CA MET D 293 34.22 32.11 11.88
C MET D 293 34.42 31.60 10.46
N GLN D 294 35.68 31.28 10.08
CA GLN D 294 35.94 30.73 8.75
C GLN D 294 35.26 29.38 8.59
N HIS D 295 35.26 28.56 9.66
CA HIS D 295 34.61 27.27 9.65
C HIS D 295 33.10 27.43 9.41
N ALA D 296 32.46 28.33 10.19
CA ALA D 296 31.02 28.57 10.07
C ALA D 296 30.63 29.07 8.68
N ILE D 297 31.38 30.02 8.12
CA ILE D 297 31.06 30.58 6.81
C ILE D 297 31.26 29.54 5.70
N ALA D 298 32.38 28.82 5.72
CA ALA D 298 32.67 27.82 4.70
C ALA D 298 31.60 26.73 4.65
N ARG D 299 31.11 26.26 5.81
CA ARG D 299 30.04 25.26 5.82
C ARG D 299 28.77 25.81 5.14
N GLU D 300 28.41 27.07 5.42
CA GLU D 300 27.22 27.67 4.83
C GLU D 300 27.39 27.80 3.34
N ALA D 301 28.57 28.27 2.89
CA ALA D 301 28.84 28.50 1.48
C ALA D 301 28.91 27.22 0.66
N GLU D 302 29.47 26.13 1.22
CA GLU D 302 29.55 24.85 0.52
C GLU D 302 28.16 24.27 0.21
N ALA D 303 27.19 24.43 1.10
CA ALA D 303 25.82 23.99 0.84
C ALA D 303 25.17 24.84 -0.25
N ALA D 304 25.56 26.12 -0.39
CA ALA D 304 25.03 27.04 -1.40
C ALA D 304 25.68 26.87 -2.80
N VAL D 305 26.65 25.98 -2.96
CA VAL D 305 27.26 25.69 -4.27
C VAL D 305 26.18 25.05 -5.16
N TYR D 306 26.13 25.44 -6.43
CA TYR D 306 25.12 24.92 -7.35
C TYR D 306 25.69 23.69 -8.08
N HIS D 307 25.78 22.55 -7.37
CA HIS D 307 26.33 21.29 -7.86
C HIS D 307 25.77 20.82 -9.20
N ARG D 308 24.48 21.08 -9.49
CA ARG D 308 23.88 20.69 -10.75
C ARG D 308 24.66 21.24 -11.94
N GLN D 309 24.98 22.55 -11.91
CA GLN D 309 25.77 23.15 -12.96
C GLN D 309 27.26 22.80 -12.83
N LEU D 310 27.80 22.91 -11.62
CA LEU D 310 29.22 22.64 -11.39
C LEU D 310 29.67 21.24 -11.86
N PHE D 311 28.96 20.19 -11.44
CA PHE D 311 29.30 18.82 -11.87
C PHE D 311 29.23 18.66 -13.36
N GLU D 312 28.17 19.19 -14.02
CA GLU D 312 28.04 19.11 -15.46
C GLU D 312 29.19 19.79 -16.16
N GLU D 313 29.58 20.97 -15.68
CA GLU D 313 30.69 21.70 -16.29
C GLU D 313 32.05 21.05 -16.08
N LEU D 314 32.30 20.48 -14.87
CA LEU D 314 33.57 19.80 -14.60
C LEU D 314 33.67 18.55 -15.45
N ARG D 315 32.59 17.77 -15.57
CA ARG D 315 32.58 16.58 -16.43
C ARG D 315 32.83 16.94 -17.89
N ARG D 316 32.12 17.96 -18.43
CA ARG D 316 32.25 18.38 -19.82
C ARG D 316 33.67 18.85 -20.13
N ALA D 317 34.29 19.60 -19.22
CA ALA D 317 35.64 20.14 -19.43
C ALA D 317 36.73 19.11 -19.28
N ALA D 318 36.51 18.08 -18.45
CA ALA D 318 37.53 17.07 -18.22
C ALA D 318 37.67 16.16 -19.44
N PRO D 319 38.91 16.02 -19.93
CA PRO D 319 39.13 15.19 -21.12
C PRO D 319 38.90 13.70 -20.84
N LEU D 320 38.72 12.91 -21.93
CA LEU D 320 38.63 11.46 -21.82
C LEU D 320 39.91 10.92 -21.18
N SER D 321 39.81 9.85 -20.40
CA SER D 321 40.96 9.29 -19.76
C SER D 321 41.01 7.80 -19.86
N ARG D 322 42.19 7.24 -20.02
CA ARG D 322 42.37 5.80 -19.96
C ARG D 322 43.02 5.37 -18.64
N ASP D 323 43.10 6.26 -17.65
CA ASP D 323 43.69 5.94 -16.36
C ASP D 323 42.57 5.40 -15.50
N PRO D 324 42.66 4.14 -15.03
CA PRO D 324 41.58 3.56 -14.23
C PRO D 324 41.24 4.33 -12.96
N THR D 325 42.21 5.03 -12.34
CA THR D 325 41.92 5.81 -11.14
C THR D 325 40.99 6.97 -11.49
N GLU D 326 41.24 7.65 -12.60
CA GLU D 326 40.44 8.77 -13.04
C GLU D 326 39.04 8.30 -13.48
N VAL D 327 38.98 7.15 -14.18
CA VAL D 327 37.71 6.56 -14.63
C VAL D 327 36.87 6.09 -13.43
N THR D 328 37.50 5.46 -12.42
CA THR D 328 36.79 5.03 -11.22
C THR D 328 36.29 6.26 -10.46
N ALA D 329 37.11 7.33 -10.38
CA ALA D 329 36.74 8.56 -9.68
C ALA D 329 35.45 9.18 -10.22
N ILE D 330 35.32 9.34 -11.54
CA ILE D 330 34.12 9.94 -12.09
C ILE D 330 32.91 9.00 -11.93
N GLY D 331 33.12 7.69 -12.08
CA GLY D 331 32.05 6.72 -11.83
C GLY D 331 31.56 6.77 -10.40
N ALA D 332 32.48 6.90 -9.42
CA ALA D 332 32.15 6.95 -8.00
C ALA D 332 31.45 8.25 -7.66
N VAL D 333 31.85 9.39 -8.25
CA VAL D 333 31.21 10.66 -7.96
C VAL D 333 29.80 10.65 -8.55
N GLU D 334 29.61 10.10 -9.76
CA GLU D 334 28.29 10.00 -10.36
CA GLU D 334 28.29 10.00 -10.37
C GLU D 334 27.38 9.13 -9.50
N ALA D 335 27.89 7.97 -9.02
CA ALA D 335 27.14 7.07 -8.15
C ALA D 335 26.79 7.77 -6.83
N ALA D 336 27.69 8.58 -6.27
CA ALA D 336 27.45 9.26 -5.02
C ALA D 336 26.28 10.26 -5.17
N PHE D 337 26.23 11.00 -6.27
CA PHE D 337 25.15 11.94 -6.52
C PHE D 337 23.83 11.21 -6.71
N LYS D 338 23.85 10.08 -7.41
CA LYS D 338 22.65 9.29 -7.68
C LYS D 338 21.94 8.82 -6.42
N CYS D 339 22.69 8.44 -5.39
CA CYS D 339 22.07 7.89 -4.18
C CYS D 339 22.14 8.80 -3.00
N CYS D 340 22.63 10.07 -3.15
CA CYS D 340 22.82 10.98 -2.01
C CYS D 340 23.73 10.34 -0.99
N ALA D 341 24.83 9.72 -1.47
CA ALA D 341 25.78 9.04 -0.57
C ALA D 341 26.32 10.01 0.48
N ALA D 342 26.37 9.61 1.74
CA ALA D 342 26.92 10.42 2.80
C ALA D 342 28.42 10.61 2.62
N ALA D 343 29.11 9.58 2.05
CA ALA D 343 30.56 9.66 1.89
C ALA D 343 31.06 8.75 0.79
N ILE D 344 32.26 9.04 0.29
CA ILE D 344 33.04 8.22 -0.62
C ILE D 344 34.24 7.82 0.22
N ILE D 345 34.39 6.54 0.59
CA ILE D 345 35.56 6.11 1.36
C ILE D 345 36.61 5.62 0.38
N VAL D 346 37.80 6.20 0.39
CA VAL D 346 38.85 5.81 -0.56
C VAL D 346 40.13 5.44 0.16
N LEU D 347 40.80 4.39 -0.32
CA LEU D 347 42.07 3.96 0.26
C LEU D 347 43.12 4.61 -0.60
N THR D 348 44.08 5.31 0.03
CA THR D 348 45.10 6.00 -0.76
C THR D 348 46.44 5.96 -0.08
N THR D 349 47.52 5.81 -0.85
CA THR D 349 48.86 5.77 -0.32
C THR D 349 49.48 7.17 -0.45
N THR D 350 49.36 7.80 -1.64
CA THR D 350 49.95 9.11 -1.88
C THR D 350 48.93 10.26 -1.76
N GLY D 351 47.63 9.94 -1.67
CA GLY D 351 46.55 10.92 -1.71
C GLY D 351 45.97 11.10 -3.10
N ARG D 352 46.63 10.58 -4.14
CA ARG D 352 46.17 10.77 -5.53
C ARG D 352 44.73 10.33 -5.81
N SER D 353 44.32 9.14 -5.36
CA SER D 353 42.94 8.67 -5.61
C SER D 353 41.92 9.61 -4.98
N ALA D 354 42.23 10.18 -3.82
CA ALA D 354 41.35 11.13 -3.14
C ALA D 354 41.30 12.46 -3.90
N GLN D 355 42.45 12.90 -4.42
CA GLN D 355 42.50 14.13 -5.21
C GLN D 355 41.66 14.02 -6.48
N LEU D 356 41.70 12.85 -7.16
CA LEU D 356 40.91 12.63 -8.38
C LEU D 356 39.41 12.58 -8.09
N LEU D 357 39.00 12.18 -6.88
CA LEU D 357 37.57 12.21 -6.53
C LEU D 357 37.15 13.68 -6.27
N SER D 358 37.99 14.41 -5.52
CA SER D 358 37.82 15.80 -5.10
C SER D 358 37.65 16.77 -6.29
N ARG D 359 38.34 16.51 -7.40
CA ARG D 359 38.31 17.40 -8.56
C ARG D 359 36.90 17.50 -9.21
N TYR D 360 36.04 16.49 -8.99
CA TYR D 360 34.67 16.49 -9.53
C TYR D 360 33.68 17.13 -8.57
N ARG D 361 34.16 17.65 -7.42
CA ARG D 361 33.40 18.36 -6.41
C ARG D 361 32.15 17.62 -5.96
N PRO D 362 32.28 16.40 -5.43
CA PRO D 362 31.10 15.71 -4.91
C PRO D 362 30.52 16.45 -3.69
N ARG D 363 29.22 16.30 -3.48
CA ARG D 363 28.60 16.79 -2.26
C ARG D 363 29.02 15.80 -1.13
N ALA D 364 29.12 14.49 -1.41
CA ALA D 364 29.59 13.48 -0.46
C ALA D 364 31.02 13.76 0.01
N ALA D 365 31.28 13.60 1.30
CA ALA D 365 32.61 13.78 1.88
C ALA D 365 33.52 12.67 1.33
N VAL D 366 34.77 12.98 1.00
CA VAL D 366 35.72 11.97 0.55
C VAL D 366 36.56 11.60 1.78
N ILE D 367 36.29 10.46 2.39
CA ILE D 367 37.02 10.00 3.55
C ILE D 367 38.22 9.20 3.05
N ALA D 368 39.43 9.76 3.17
CA ALA D 368 40.63 9.11 2.66
C ALA D 368 41.35 8.37 3.77
N VAL D 369 41.41 7.03 3.68
CA VAL D 369 42.10 6.23 4.67
C VAL D 369 43.47 5.93 4.15
N THR D 370 44.50 6.36 4.90
CA THR D 370 45.88 6.14 4.51
C THR D 370 46.77 5.71 5.67
N ARG D 371 47.88 5.02 5.37
CA ARG D 371 48.93 4.72 6.36
C ARG D 371 50.02 5.79 6.32
N SER D 372 50.09 6.62 5.28
CA SER D 372 51.11 7.64 5.16
C SER D 372 50.70 8.90 5.95
N ALA D 373 51.44 9.21 7.02
CA ALA D 373 51.17 10.39 7.83
C ALA D 373 51.33 11.66 7.00
N GLN D 374 52.32 11.70 6.12
CA GLN D 374 52.49 12.85 5.23
C GLN D 374 51.33 13.05 4.25
N ALA D 375 50.87 11.98 3.58
CA ALA D 375 49.73 12.07 2.67
C ALA D 375 48.48 12.50 3.44
N ALA D 376 48.29 11.99 4.64
CA ALA D 376 47.14 12.39 5.48
C ALA D 376 47.15 13.93 5.74
N ARG D 377 48.33 14.50 5.95
CA ARG D 377 48.45 15.93 6.15
C ARG D 377 48.26 16.71 4.85
N GLN D 378 48.87 16.23 3.76
CA GLN D 378 48.80 16.93 2.49
C GLN D 378 47.45 16.94 1.81
N VAL D 379 46.60 15.92 2.01
CA VAL D 379 45.29 15.90 1.32
C VAL D 379 44.33 16.98 1.83
N HIS D 380 44.70 17.71 2.93
CA HIS D 380 43.94 18.87 3.36
C HIS D 380 43.95 19.96 2.27
N LEU D 381 44.91 19.92 1.34
CA LEU D 381 44.93 20.87 0.24
C LEU D 381 43.78 20.66 -0.74
N CYS D 382 43.10 19.48 -0.74
CA CYS D 382 42.01 19.15 -1.67
C CYS D 382 40.68 19.30 -1.00
N ARG D 383 39.78 20.14 -1.55
CA ARG D 383 38.48 20.34 -0.95
C ARG D 383 37.70 19.05 -0.81
N GLY D 384 37.14 18.86 0.37
CA GLY D 384 36.27 17.73 0.64
C GLY D 384 36.95 16.43 0.95
N VAL D 385 38.26 16.45 1.15
CA VAL D 385 38.99 15.23 1.53
C VAL D 385 39.24 15.27 3.04
N PHE D 386 38.73 14.28 3.75
CA PHE D 386 38.85 14.14 5.19
C PHE D 386 39.81 12.99 5.47
N PRO D 387 41.05 13.33 5.83
CA PRO D 387 42.05 12.27 6.02
C PRO D 387 42.00 11.52 7.34
N LEU D 388 42.10 10.19 7.25
CA LEU D 388 42.14 9.36 8.43
C LEU D 388 43.47 8.61 8.38
N LEU D 389 44.27 8.73 9.44
CA LEU D 389 45.53 8.01 9.52
C LEU D 389 45.33 6.64 10.16
N TYR D 390 45.51 5.58 9.38
CA TYR D 390 45.38 4.20 9.83
C TYR D 390 46.74 3.75 10.43
N ARG D 391 46.72 3.24 11.67
CA ARG D 391 48.01 2.91 12.33
C ARG D 391 48.34 1.42 12.46
N GLU D 392 47.37 0.53 12.24
CA GLU D 392 47.60 -0.90 12.38
C GLU D 392 48.53 -1.49 11.33
N PRO D 393 49.42 -2.40 11.73
CA PRO D 393 50.32 -3.02 10.75
C PRO D 393 49.51 -3.93 9.80
N PRO D 394 49.99 -4.13 8.56
CA PRO D 394 49.24 -4.95 7.61
C PRO D 394 48.83 -6.34 8.06
N GLU D 395 47.62 -6.75 7.71
CA GLU D 395 47.10 -8.09 7.90
C GLU D 395 47.81 -9.02 6.92
N ALA D 396 47.81 -10.31 7.20
CA ALA D 396 48.45 -11.31 6.36
C ALA D 396 47.69 -11.44 5.06
N ILE D 397 46.34 -11.43 5.11
CA ILE D 397 45.53 -11.50 3.90
C ILE D 397 45.18 -10.06 3.45
N TRP D 398 45.65 -9.68 2.26
CA TRP D 398 45.51 -8.35 1.73
C TRP D 398 44.04 -7.88 1.67
N ALA D 399 43.13 -8.72 1.22
CA ALA D 399 41.70 -8.39 1.18
C ALA D 399 41.13 -8.07 2.57
N ASP D 400 41.63 -8.74 3.63
CA ASP D 400 41.18 -8.43 4.99
C ASP D 400 41.74 -7.07 5.45
N ASP D 401 42.97 -6.76 5.05
CA ASP D 401 43.61 -5.50 5.40
C ASP D 401 42.85 -4.34 4.73
N VAL D 402 42.35 -4.55 3.47
CA VAL D 402 41.58 -3.59 2.74
C VAL D 402 40.27 -3.36 3.48
N ASP D 403 39.57 -4.44 3.84
CA ASP D 403 38.31 -4.39 4.58
C ASP D 403 38.45 -3.73 5.94
N ARG D 404 39.59 -3.96 6.65
CA ARG D 404 39.83 -3.34 7.96
C ARG D 404 39.95 -1.84 7.84
N ARG D 405 40.65 -1.38 6.81
CA ARG D 405 40.79 0.03 6.54
C ARG D 405 39.45 0.69 6.20
N VAL D 406 38.60 0.01 5.42
CA VAL D 406 37.27 0.51 5.06
C VAL D 406 36.41 0.61 6.33
N GLN D 407 36.47 -0.40 7.21
CA GLN D 407 35.75 -0.41 8.49
C GLN D 407 36.23 0.69 9.41
N PHE D 408 37.51 0.97 9.41
CA PHE D 408 38.07 2.08 10.15
C PHE D 408 37.47 3.43 9.64
N GLY D 409 37.30 3.57 8.31
CA GLY D 409 36.70 4.74 7.72
C GLY D 409 35.24 4.89 8.13
N ILE D 410 34.50 3.77 8.13
CA ILE D 410 33.10 3.74 8.55
C ILE D 410 32.98 4.10 10.03
N GLU D 411 33.80 3.49 10.90
CA GLU D 411 33.77 3.74 12.33
C GLU D 411 34.18 5.16 12.67
N SER D 412 35.23 5.71 12.01
CA SER D 412 35.63 7.10 12.21
C SER D 412 34.48 8.02 11.75
N GLY D 413 33.88 7.71 10.61
CA GLY D 413 32.79 8.46 10.04
C GLY D 413 31.57 8.49 10.94
N LYS D 414 31.25 7.37 11.58
CA LYS D 414 30.10 7.31 12.51
C LYS D 414 30.42 8.16 13.76
N LEU D 415 31.62 8.03 14.30
CA LEU D 415 32.02 8.74 15.50
C LEU D 415 32.02 10.26 15.28
N ARG D 416 32.47 10.69 14.10
CA ARG D 416 32.55 12.10 13.77
C ARG D 416 31.25 12.71 13.25
N GLY D 417 30.22 11.92 13.05
CA GLY D 417 28.94 12.43 12.55
C GLY D 417 28.78 12.44 11.03
N PHE D 418 29.78 11.96 10.27
CA PHE D 418 29.66 11.90 8.81
C PHE D 418 28.65 10.84 8.37
N LEU D 419 28.54 9.75 9.14
CA LEU D 419 27.73 8.60 8.75
C LEU D 419 26.81 8.15 9.82
N ARG D 420 25.71 7.54 9.39
CA ARG D 420 24.73 6.93 10.28
C ARG D 420 24.31 5.62 9.67
N VAL D 421 23.76 4.72 10.49
CA VAL D 421 23.20 3.46 10.00
C VAL D 421 22.07 3.75 8.98
N GLY D 422 22.11 3.04 7.86
CA GLY D 422 21.13 3.27 6.81
C GLY D 422 21.64 4.14 5.68
N ASP D 423 22.76 4.86 5.89
CA ASP D 423 23.37 5.67 4.83
C ASP D 423 23.98 4.77 3.74
N LEU D 424 24.10 5.32 2.54
CA LEU D 424 24.79 4.65 1.47
C LEU D 424 26.14 5.32 1.37
N VAL D 425 27.13 4.52 1.10
CA VAL D 425 28.51 4.97 0.97
C VAL D 425 29.11 4.36 -0.31
N ILE D 426 29.96 5.10 -1.01
CA ILE D 426 30.66 4.59 -2.19
C ILE D 426 32.08 4.25 -1.69
N VAL D 427 32.55 3.04 -1.95
CA VAL D 427 33.88 2.60 -1.44
C VAL D 427 34.80 2.47 -2.65
N VAL D 428 35.95 3.14 -2.65
CA VAL D 428 36.87 3.14 -3.78
C VAL D 428 38.18 2.50 -3.36
N THR D 429 38.55 1.41 -4.09
CA THR D 429 39.76 0.62 -3.76
C THR D 429 40.47 0.20 -5.05
N GLY D 430 41.54 -0.56 -4.93
CA GLY D 430 42.31 -1.07 -6.05
C GLY D 430 42.39 -2.59 -6.07
N TRP D 431 42.96 -3.13 -7.13
CA TRP D 431 43.00 -4.59 -7.32
C TRP D 431 44.25 -5.27 -6.75
N ARG D 432 45.27 -4.48 -6.36
CA ARG D 432 46.50 -5.01 -5.77
C ARG D 432 47.15 -3.94 -4.86
N PRO D 433 48.07 -4.36 -3.94
CA PRO D 433 48.76 -3.39 -3.09
C PRO D 433 49.64 -2.44 -3.88
N GLY D 434 49.99 -1.31 -3.27
CA GLY D 434 50.80 -0.31 -3.92
C GLY D 434 49.97 0.76 -4.58
N SER D 435 50.58 1.90 -4.74
CA SER D 435 50.02 3.08 -5.34
CA SER D 435 50.01 3.07 -5.38
C SER D 435 49.77 2.88 -6.87
N GLY D 436 48.74 3.55 -7.39
CA GLY D 436 48.45 3.58 -8.81
C GLY D 436 47.48 2.57 -9.35
N TYR D 437 46.89 1.73 -8.50
CA TYR D 437 46.02 0.63 -8.97
C TYR D 437 44.56 0.74 -8.58
N THR D 438 44.08 1.94 -8.18
CA THR D 438 42.66 2.12 -7.88
C THR D 438 41.83 1.82 -9.15
N ASN D 439 40.85 0.94 -9.03
CA ASN D 439 40.01 0.57 -10.16
C ASN D 439 38.63 0.05 -9.77
N ILE D 440 38.26 0.09 -8.49
CA ILE D 440 37.00 -0.50 -8.05
C ILE D 440 36.14 0.49 -7.29
N MET D 441 34.85 0.51 -7.62
CA MET D 441 33.85 1.33 -6.94
C MET D 441 32.76 0.35 -6.41
N ARG D 442 32.40 0.43 -5.14
CA ARG D 442 31.40 -0.44 -4.57
C ARG D 442 30.31 0.35 -3.73
N VAL D 443 29.04 0.02 -3.91
CA VAL D 443 27.95 0.68 -3.18
C VAL D 443 27.67 -0.07 -1.90
N LEU D 444 27.86 0.55 -0.75
CA LEU D 444 27.72 -0.12 0.54
C LEU D 444 26.71 0.55 1.44
N SER D 445 25.89 -0.24 2.09
CA SER D 445 24.90 0.25 3.05
C SER D 445 25.52 0.22 4.43
N ILE D 446 25.41 1.31 5.18
CA ILE D 446 25.98 1.38 6.52
C ILE D 446 25.13 0.62 7.53
N SER D 447 25.75 -0.35 8.21
CA SER D 447 25.05 -1.15 9.21
C SER D 447 25.65 -0.91 10.62
N ALA E 25 3.44 -11.58 33.47
CA ALA E 25 2.11 -11.40 34.03
C ALA E 25 1.43 -12.72 34.36
N PHE E 26 0.48 -12.69 35.31
CA PHE E 26 -0.31 -13.85 35.71
C PHE E 26 -1.09 -14.39 34.50
N PHE E 27 -1.69 -13.49 33.72
CA PHE E 27 -2.51 -13.87 32.57
C PHE E 27 -1.70 -14.25 31.32
N GLN E 28 -0.36 -14.19 31.36
CA GLN E 28 0.46 -14.65 30.24
C GLN E 28 0.94 -16.11 30.47
N GLN E 29 1.07 -16.53 31.75
CA GLN E 29 1.50 -17.87 32.16
C GLN E 29 0.39 -18.91 31.99
N GLN E 30 0.75 -20.19 32.16
CA GLN E 30 -0.09 -21.39 32.12
C GLN E 30 -1.13 -21.42 30.97
N GLN E 31 -0.71 -20.95 29.78
CA GLN E 31 -1.54 -20.89 28.57
C GLN E 31 -2.88 -20.20 28.81
N LEU E 32 -2.90 -19.16 29.67
CA LEU E 32 -4.13 -18.44 29.95
C LEU E 32 -4.69 -17.70 28.72
N PRO E 33 -3.89 -17.08 27.82
CA PRO E 33 -4.49 -16.52 26.58
C PRO E 33 -5.22 -17.62 25.77
N ALA E 34 -4.61 -18.82 25.64
CA ALA E 34 -5.26 -19.93 24.93
C ALA E 34 -6.50 -20.46 25.69
N ALA E 35 -6.52 -20.32 27.03
CA ALA E 35 -7.64 -20.74 27.87
C ALA E 35 -8.86 -19.85 27.64
N MET E 36 -8.65 -18.55 27.36
CA MET E 36 -9.76 -17.61 27.15
C MET E 36 -10.37 -17.65 25.74
N ALA E 37 -9.79 -18.43 24.83
CA ALA E 37 -10.26 -18.49 23.44
C ALA E 37 -11.71 -18.95 23.33
N ASP E 38 -12.41 -18.40 22.33
CA ASP E 38 -13.82 -18.71 22.11
C ASP E 38 -14.04 -19.99 21.32
N THR E 39 -13.04 -20.47 20.58
CA THR E 39 -13.16 -21.74 19.84
C THR E 39 -11.89 -22.59 20.07
N PHE E 40 -11.97 -23.89 19.83
CA PHE E 40 -10.84 -24.79 19.94
C PHE E 40 -9.76 -24.38 18.92
N LEU E 41 -10.18 -23.95 17.69
CA LEU E 41 -9.23 -23.48 16.68
C LEU E 41 -8.43 -22.28 17.20
N GLU E 42 -9.11 -21.27 17.78
CA GLU E 42 -8.46 -20.09 18.35
CA GLU E 42 -8.43 -20.10 18.34
C GLU E 42 -7.54 -20.49 19.52
N HIS E 43 -7.97 -21.50 20.29
CA HIS E 43 -7.22 -22.02 21.44
C HIS E 43 -5.89 -22.59 20.93
N LEU E 44 -5.91 -23.41 19.86
CA LEU E 44 -4.68 -23.94 19.27
C LEU E 44 -3.78 -22.79 18.79
N CYS E 45 -4.37 -21.80 18.10
CA CYS E 45 -3.63 -20.66 17.57
C CYS E 45 -2.92 -19.85 18.65
N LEU E 46 -3.46 -19.81 19.87
CA LEU E 46 -2.91 -19.03 20.97
C LEU E 46 -1.95 -19.79 21.89
N LEU E 47 -1.70 -21.09 21.61
CA LEU E 47 -0.74 -21.86 22.43
C LEU E 47 0.64 -21.25 22.28
N ASP E 48 1.33 -21.03 23.39
CA ASP E 48 2.60 -20.31 23.37
C ASP E 48 3.70 -21.10 24.07
N ILE E 49 4.81 -21.35 23.35
CA ILE E 49 5.95 -22.05 23.94
C ILE E 49 6.62 -21.23 25.07
N ASP E 50 6.42 -19.91 25.10
CA ASP E 50 6.97 -19.06 26.14
C ASP E 50 6.04 -18.95 27.37
N SER E 51 4.81 -19.49 27.31
CA SER E 51 3.88 -19.44 28.42
C SER E 51 4.21 -20.58 29.39
N GLU E 52 4.91 -20.28 30.49
CA GLU E 52 5.37 -21.30 31.42
C GLU E 52 4.30 -21.89 32.31
N PRO E 53 4.36 -23.21 32.52
CA PRO E 53 3.37 -23.84 33.41
C PRO E 53 3.63 -23.43 34.86
N VAL E 54 2.57 -23.14 35.62
CA VAL E 54 2.72 -22.73 37.00
C VAL E 54 2.12 -23.77 37.95
N ALA E 55 0.98 -24.34 37.58
CA ALA E 55 0.33 -25.38 38.36
C ALA E 55 1.18 -26.62 38.54
N ALA E 56 0.94 -27.34 39.64
CA ALA E 56 1.63 -28.59 39.93
C ALA E 56 1.16 -29.63 38.94
N ARG E 57 2.05 -30.57 38.56
CA ARG E 57 1.72 -31.61 37.60
C ARG E 57 0.62 -32.51 38.18
N SER E 58 -0.50 -32.62 37.47
CA SER E 58 -1.68 -33.33 37.94
C SER E 58 -1.87 -34.77 37.42
N THR E 59 -1.24 -35.16 36.32
CA THR E 59 -1.36 -36.53 35.80
C THR E 59 -0.31 -37.37 36.53
N SER E 60 -0.72 -38.47 37.18
CA SER E 60 0.23 -39.30 37.94
C SER E 60 1.12 -40.12 37.05
N ILE E 61 2.34 -40.38 37.53
CA ILE E 61 3.30 -41.20 36.81
C ILE E 61 3.41 -42.55 37.50
N ILE E 62 3.19 -43.61 36.73
CA ILE E 62 3.35 -44.96 37.23
C ILE E 62 4.68 -45.46 36.68
N ALA E 63 5.59 -45.89 37.55
CA ALA E 63 6.88 -46.41 37.10
C ALA E 63 6.98 -47.88 37.46
N THR E 64 7.36 -48.72 36.50
CA THR E 64 7.52 -50.15 36.74
C THR E 64 8.85 -50.41 37.45
N ILE E 65 8.82 -51.17 38.54
CA ILE E 65 10.02 -51.49 39.31
C ILE E 65 10.69 -52.74 38.74
N GLY E 66 11.99 -52.66 38.55
CA GLY E 66 12.77 -53.78 38.03
C GLY E 66 14.24 -53.62 38.36
N PRO E 67 15.12 -54.39 37.70
CA PRO E 67 16.57 -54.27 37.98
C PRO E 67 17.14 -52.87 37.92
N ALA E 68 16.64 -52.03 36.97
CA ALA E 68 17.14 -50.67 36.80
C ALA E 68 16.66 -49.68 37.86
N SER E 69 15.63 -50.03 38.60
CA SER E 69 15.00 -49.10 39.54
C SER E 69 14.67 -49.75 40.88
N ARG E 70 15.40 -50.78 41.28
CA ARG E 70 15.11 -51.50 42.52
C ARG E 70 15.78 -50.95 43.80
N SER E 71 16.98 -50.39 43.68
CA SER E 71 17.71 -49.90 44.85
C SER E 71 17.01 -48.76 45.56
N VAL E 72 17.15 -48.69 46.90
CA VAL E 72 16.54 -47.65 47.73
C VAL E 72 16.99 -46.25 47.29
N GLU E 73 18.27 -46.11 46.97
CA GLU E 73 18.83 -44.82 46.53
C GLU E 73 18.25 -44.40 45.16
N ARG E 74 18.08 -45.35 44.24
CA ARG E 74 17.52 -45.07 42.91
C ARG E 74 16.03 -44.71 43.06
N LEU E 75 15.29 -45.42 43.93
CA LEU E 75 13.89 -45.15 44.23
C LEU E 75 13.68 -43.77 44.85
N LYS E 76 14.63 -43.30 45.68
CA LYS E 76 14.52 -41.95 46.25
C LYS E 76 14.64 -40.90 45.15
N GLU E 77 15.52 -41.14 44.16
CA GLU E 77 15.68 -40.23 43.02
C GLU E 77 14.41 -40.23 42.15
N MET E 78 13.77 -41.41 41.98
CA MET E 78 12.56 -41.52 41.18
CA MET E 78 12.56 -41.52 41.18
C MET E 78 11.37 -40.86 41.87
N ILE E 79 11.32 -40.91 43.22
CA ILE E 79 10.25 -40.25 43.96
C ILE E 79 10.42 -38.73 43.79
N LYS E 80 11.65 -38.23 43.92
CA LYS E 80 11.97 -36.81 43.72
C LYS E 80 11.68 -36.35 42.27
N ALA E 81 11.86 -37.24 41.29
CA ALA E 81 11.60 -36.93 39.90
C ALA E 81 10.08 -36.87 39.58
N GLY E 82 9.23 -37.50 40.40
CA GLY E 82 7.80 -37.44 40.21
C GLY E 82 7.01 -38.74 40.22
N MET E 83 7.66 -39.89 40.47
CA MET E 83 6.94 -41.18 40.52
C MET E 83 5.88 -41.15 41.63
N ASN E 84 4.62 -41.51 41.29
CA ASN E 84 3.53 -41.52 42.27
C ASN E 84 3.06 -42.93 42.58
N ILE E 85 3.18 -43.86 41.61
CA ILE E 85 2.74 -45.22 41.76
C ILE E 85 3.86 -46.14 41.28
N ALA E 86 4.23 -47.13 42.09
CA ALA E 86 5.26 -48.10 41.75
C ALA E 86 4.54 -49.36 41.29
N ARG E 87 4.82 -49.82 40.08
CA ARG E 87 4.16 -50.99 39.54
C ARG E 87 5.06 -52.23 39.63
N LEU E 88 4.52 -53.35 40.12
CA LEU E 88 5.25 -54.61 40.20
C LEU E 88 4.67 -55.51 39.15
N ASN E 89 5.48 -55.89 38.16
CA ASN E 89 5.00 -56.74 37.08
C ASN E 89 5.15 -58.21 37.45
N PHE E 90 4.05 -58.85 37.81
CA PHE E 90 4.08 -60.26 38.22
C PHE E 90 4.22 -61.25 37.06
N SER E 91 4.46 -60.75 35.84
CA SER E 91 4.77 -61.63 34.71
C SER E 91 6.21 -62.20 34.86
N HIS E 92 7.07 -61.53 35.63
CA HIS E 92 8.44 -61.95 35.88
C HIS E 92 8.75 -61.86 37.37
N GLY E 93 9.73 -62.62 37.84
CA GLY E 93 10.14 -62.57 39.22
C GLY E 93 9.31 -63.39 40.18
N SER E 94 9.96 -63.85 41.22
CA SER E 94 9.32 -64.65 42.26
C SER E 94 8.64 -63.75 43.30
N HIS E 95 7.86 -64.36 44.21
CA HIS E 95 7.24 -63.62 45.29
C HIS E 95 8.32 -62.98 46.20
N GLU E 96 9.45 -63.67 46.40
CA GLU E 96 10.56 -63.16 47.20
C GLU E 96 11.16 -61.92 46.55
N TYR E 97 11.29 -61.94 45.22
CA TYR E 97 11.82 -60.80 44.46
C TYR E 97 10.91 -59.59 44.63
N HIS E 98 9.58 -59.78 44.45
CA HIS E 98 8.61 -58.69 44.57
C HIS E 98 8.47 -58.17 45.99
N ALA E 99 8.62 -59.04 47.01
CA ALA E 99 8.55 -58.58 48.40
C ALA E 99 9.74 -57.66 48.72
N GLU E 100 10.90 -57.93 48.12
CA GLU E 100 12.08 -57.10 48.31
C GLU E 100 11.90 -55.75 47.63
N SER E 101 11.29 -55.74 46.41
CA SER E 101 10.96 -54.51 45.68
C SER E 101 10.01 -53.64 46.53
N ILE E 102 8.94 -54.26 47.09
CA ILE E 102 7.98 -53.57 47.95
C ILE E 102 8.67 -52.95 49.16
N ALA E 103 9.55 -53.72 49.83
CA ALA E 103 10.26 -53.22 51.01
C ALA E 103 11.16 -52.04 50.65
N ASN E 104 11.82 -52.11 49.49
CA ASN E 104 12.70 -51.03 49.03
C ASN E 104 11.92 -49.77 48.67
N VAL E 105 10.71 -49.94 48.08
CA VAL E 105 9.85 -48.81 47.76
C VAL E 105 9.41 -48.15 49.06
N ARG E 106 8.89 -48.95 50.01
CA ARG E 106 8.45 -48.41 51.29
C ARG E 106 9.56 -47.75 52.07
N GLU E 107 10.78 -48.28 52.01
CA GLU E 107 11.92 -47.67 52.70
C GLU E 107 12.24 -46.31 52.06
N ALA E 108 12.26 -46.23 50.72
CA ALA E 108 12.50 -44.95 50.02
C ALA E 108 11.39 -43.92 50.31
N VAL E 109 10.13 -44.36 50.32
CA VAL E 109 8.99 -43.49 50.60
C VAL E 109 9.02 -42.96 52.02
N GLU E 110 9.27 -43.84 52.99
CA GLU E 110 9.29 -43.46 54.41
C GLU E 110 10.52 -42.64 54.81
N SER E 111 11.57 -42.61 53.98
CA SER E 111 12.73 -41.77 54.26
C SER E 111 12.36 -40.26 54.27
N PHE E 112 11.22 -39.90 53.66
CA PHE E 112 10.74 -38.51 53.61
C PHE E 112 9.60 -38.23 54.62
N ALA E 113 9.20 -39.22 55.46
CA ALA E 113 8.12 -39.07 56.43
C ALA E 113 8.41 -38.16 57.62
N GLY E 114 9.69 -37.81 57.81
CA GLY E 114 10.11 -36.91 58.87
C GLY E 114 9.55 -35.51 58.76
N SER E 115 9.18 -35.10 57.54
CA SER E 115 8.57 -33.79 57.31
C SER E 115 7.16 -34.02 56.78
N PRO E 116 6.16 -34.10 57.69
CA PRO E 116 4.79 -34.38 57.26
C PRO E 116 4.19 -33.38 56.25
N LEU E 117 4.65 -32.12 56.27
CA LEU E 117 4.16 -31.09 55.35
C LEU E 117 4.65 -31.29 53.90
N SER E 118 5.67 -32.14 53.68
CA SER E 118 6.18 -32.37 52.33
C SER E 118 6.19 -33.85 51.90
N TYR E 119 5.82 -34.77 52.80
CA TYR E 119 5.78 -36.20 52.53
C TYR E 119 4.87 -36.53 51.34
N ARG E 120 5.40 -37.35 50.42
CA ARG E 120 4.63 -37.75 49.25
C ARG E 120 4.30 -39.23 49.33
N PRO E 121 3.00 -39.56 49.49
CA PRO E 121 2.61 -40.97 49.46
C PRO E 121 2.86 -41.59 48.08
N VAL E 122 3.23 -42.86 48.02
CA VAL E 122 3.46 -43.55 46.77
C VAL E 122 2.65 -44.83 46.80
N ALA E 123 1.78 -45.05 45.83
CA ALA E 123 0.98 -46.27 45.79
C ALA E 123 1.80 -47.46 45.26
N ILE E 124 1.39 -48.67 45.62
CA ILE E 124 2.03 -49.87 45.13
C ILE E 124 0.98 -50.62 44.38
N ALA E 125 1.24 -50.88 43.11
CA ALA E 125 0.28 -51.57 42.25
C ALA E 125 0.85 -52.90 41.81
N LEU E 126 0.00 -53.93 41.81
CA LEU E 126 0.41 -55.26 41.41
C LEU E 126 -0.18 -55.51 40.06
N ASP E 127 0.64 -55.82 39.07
CA ASP E 127 0.17 -56.11 37.72
C ASP E 127 0.20 -57.63 37.55
N THR E 128 -0.96 -58.27 37.37
CA THR E 128 -1.03 -59.72 37.26
C THR E 128 -0.48 -60.28 35.94
N LYS E 129 -0.07 -61.55 35.96
CA LYS E 129 0.47 -62.23 34.79
C LYS E 129 -0.61 -62.41 33.72
N GLY E 130 -1.81 -62.79 34.15
CA GLY E 130 -2.92 -62.98 33.23
C GLY E 130 -3.41 -64.40 33.11
N PRO E 131 -4.50 -64.59 32.35
CA PRO E 131 -5.06 -65.94 32.20
C PRO E 131 -4.28 -66.90 31.30
N GLY E 136 -10.42 -68.09 32.29
CA GLY E 136 -10.66 -67.29 33.49
C GLY E 136 -9.45 -67.12 34.36
N LEU E 137 -9.66 -66.83 35.66
CA LEU E 137 -8.57 -66.60 36.63
C LEU E 137 -7.64 -67.80 36.79
N SER E 138 -6.36 -67.61 36.46
CA SER E 138 -5.37 -68.66 36.57
C SER E 138 -4.97 -68.92 38.03
N GLU E 139 -4.35 -70.09 38.29
CA GLU E 139 -3.92 -70.43 39.65
C GLU E 139 -2.77 -69.54 40.12
N GLN E 140 -1.89 -69.12 39.20
CA GLN E 140 -0.80 -68.21 39.57
C GLN E 140 -1.37 -66.85 39.96
N ASP E 141 -2.40 -66.37 39.24
CA ASP E 141 -3.06 -65.10 39.57
C ASP E 141 -3.71 -65.16 40.94
N VAL E 142 -4.34 -66.29 41.29
CA VAL E 142 -4.95 -66.46 42.61
C VAL E 142 -3.87 -66.33 43.71
N ARG E 143 -2.70 -66.93 43.48
CA ARG E 143 -1.59 -66.86 44.43
C ARG E 143 -0.95 -65.49 44.52
N ASP E 144 -0.83 -64.80 43.37
CA ASP E 144 -0.25 -63.47 43.29
C ASP E 144 -1.17 -62.43 43.91
N LEU E 145 -2.49 -62.56 43.70
CA LEU E 145 -3.46 -61.66 44.31
C LEU E 145 -3.46 -61.83 45.82
N ARG E 146 -3.32 -63.07 46.30
CA ARG E 146 -3.23 -63.34 47.74
C ARG E 146 -1.97 -62.69 48.32
N PHE E 147 -0.84 -62.76 47.57
CA PHE E 147 0.43 -62.13 47.95
C PHE E 147 0.22 -60.62 48.10
N GLY E 148 -0.52 -60.01 47.15
CA GLY E 148 -0.83 -58.59 47.17
C GLY E 148 -1.58 -58.17 48.41
N VAL E 149 -2.61 -58.93 48.79
CA VAL E 149 -3.38 -58.66 50.00
C VAL E 149 -2.49 -58.78 51.24
N GLU E 150 -1.67 -59.83 51.30
CA GLU E 150 -0.76 -60.06 52.42
C GLU E 150 0.30 -58.98 52.54
N HIS E 151 0.71 -58.39 51.41
CA HIS E 151 1.72 -57.33 51.43
C HIS E 151 1.15 -55.91 51.39
N GLY E 152 -0.16 -55.75 51.49
CA GLY E 152 -0.82 -54.46 51.54
C GLY E 152 -0.74 -53.60 50.29
N VAL E 153 -0.85 -54.22 49.09
CA VAL E 153 -0.83 -53.42 47.86
C VAL E 153 -2.10 -52.57 47.77
N ASP E 154 -1.99 -51.42 47.11
CA ASP E 154 -3.11 -50.49 47.00
C ASP E 154 -3.98 -50.73 45.78
N ILE E 155 -3.35 -51.17 44.69
CA ILE E 155 -4.02 -51.32 43.41
C ILE E 155 -3.64 -52.63 42.75
N VAL E 156 -4.54 -53.17 41.95
CA VAL E 156 -4.30 -54.34 41.15
C VAL E 156 -4.60 -53.93 39.69
N PHE E 157 -3.64 -54.13 38.79
CA PHE E 157 -3.86 -53.93 37.37
C PHE E 157 -4.13 -55.34 36.87
N ALA E 158 -5.40 -55.69 36.64
CA ALA E 158 -5.77 -57.03 36.23
C ALA E 158 -5.56 -57.25 34.74
N SER E 159 -4.64 -58.14 34.37
CA SER E 159 -4.35 -58.41 32.97
C SER E 159 -5.45 -59.12 32.21
N PHE E 160 -5.58 -58.79 30.91
CA PHE E 160 -6.51 -59.38 29.96
C PHE E 160 -7.95 -59.52 30.46
N VAL E 161 -8.54 -58.42 30.98
CA VAL E 161 -9.93 -58.45 31.40
C VAL E 161 -10.79 -58.44 30.14
N ARG E 162 -11.66 -59.45 29.96
CA ARG E 162 -12.49 -59.58 28.78
C ARG E 162 -13.99 -59.42 29.03
N LYS E 163 -14.42 -59.50 30.29
CA LYS E 163 -15.83 -59.39 30.66
C LYS E 163 -15.96 -59.07 32.15
N ALA E 164 -17.16 -58.68 32.59
CA ALA E 164 -17.42 -58.34 33.99
C ALA E 164 -17.10 -59.48 34.96
N SER E 165 -17.32 -60.75 34.56
CA SER E 165 -17.02 -61.88 35.43
C SER E 165 -15.52 -62.03 35.73
N ASP E 166 -14.65 -61.52 34.84
CA ASP E 166 -13.21 -61.55 35.09
C ASP E 166 -12.87 -60.64 36.29
N VAL E 167 -13.54 -59.48 36.38
CA VAL E 167 -13.35 -58.53 37.49
C VAL E 167 -13.89 -59.13 38.78
N ALA E 168 -15.06 -59.77 38.71
CA ALA E 168 -15.66 -60.41 39.88
C ALA E 168 -14.76 -61.50 40.44
N ALA E 169 -14.08 -62.26 39.54
CA ALA E 169 -13.15 -63.32 39.94
C ALA E 169 -11.94 -62.71 40.65
N VAL E 170 -11.39 -61.60 40.15
CA VAL E 170 -10.26 -60.92 40.79
C VAL E 170 -10.69 -60.42 42.17
N ARG E 171 -11.88 -59.82 42.26
CA ARG E 171 -12.43 -59.30 43.50
C ARG E 171 -12.57 -60.42 44.54
N ALA E 172 -13.10 -61.60 44.11
CA ALA E 172 -13.26 -62.77 44.98
C ALA E 172 -11.90 -63.29 45.47
N ALA E 173 -10.89 -63.35 44.57
CA ALA E 173 -9.55 -63.80 44.94
C ALA E 173 -8.85 -62.85 45.93
N LEU E 174 -9.26 -61.58 45.99
CA LEU E 174 -8.69 -60.64 46.96
C LEU E 174 -9.22 -60.92 48.39
N GLY E 175 -10.38 -61.57 48.49
CA GLY E 175 -10.98 -61.94 49.76
C GLY E 175 -11.54 -60.78 50.55
N PRO E 176 -12.01 -61.08 51.76
CA PRO E 176 -12.58 -60.01 52.61
C PRO E 176 -11.56 -58.97 53.07
N GLU E 177 -10.28 -59.38 53.23
CA GLU E 177 -9.21 -58.47 53.66
C GLU E 177 -8.77 -57.48 52.58
N GLY E 178 -8.96 -57.84 51.31
CA GLY E 178 -8.57 -56.96 50.19
C GLY E 178 -9.74 -56.22 49.58
N HIS E 179 -10.73 -55.88 50.42
CA HIS E 179 -11.92 -55.17 49.97
C HIS E 179 -11.64 -53.73 49.54
N GLY E 180 -10.59 -53.12 50.11
CA GLY E 180 -10.21 -51.75 49.82
C GLY E 180 -9.25 -51.58 48.65
N ILE E 181 -8.73 -52.68 48.10
CA ILE E 181 -7.80 -52.59 46.96
C ILE E 181 -8.55 -52.16 45.70
N LYS E 182 -7.98 -51.20 44.92
CA LYS E 182 -8.62 -50.75 43.70
C LYS E 182 -8.31 -51.70 42.56
N ILE E 183 -9.30 -52.08 41.79
CA ILE E 183 -9.08 -52.95 40.63
C ILE E 183 -9.17 -52.12 39.36
N ILE E 184 -8.05 -52.03 38.66
CA ILE E 184 -7.93 -51.33 37.39
C ILE E 184 -7.88 -52.43 36.32
N SER E 185 -8.92 -52.55 35.50
CA SER E 185 -8.96 -53.58 34.48
C SER E 185 -8.13 -53.20 33.26
N LYS E 186 -7.21 -54.08 32.83
CA LYS E 186 -6.41 -53.83 31.65
C LYS E 186 -7.16 -54.31 30.43
N ILE E 187 -7.42 -53.40 29.47
CA ILE E 187 -8.09 -53.79 28.23
C ILE E 187 -7.00 -54.06 27.22
N GLU E 188 -6.85 -55.33 26.81
CA GLU E 188 -5.75 -55.76 25.96
C GLU E 188 -6.15 -56.48 24.69
N ASN E 189 -7.46 -56.65 24.43
CA ASN E 189 -7.89 -57.36 23.23
C ASN E 189 -9.25 -56.90 22.71
N HIS E 190 -9.67 -57.41 21.55
CA HIS E 190 -10.93 -57.03 20.94
C HIS E 190 -12.14 -57.25 21.84
N GLU E 191 -12.19 -58.40 22.53
CA GLU E 191 -13.31 -58.68 23.43
C GLU E 191 -13.43 -57.67 24.56
N GLY E 192 -12.31 -57.28 25.14
CA GLY E 192 -12.27 -56.28 26.21
C GLY E 192 -12.77 -54.93 25.72
N VAL E 193 -12.42 -54.57 24.47
CA VAL E 193 -12.87 -53.31 23.87
C VAL E 193 -14.38 -53.37 23.64
N LYS E 194 -14.88 -54.49 23.08
CA LYS E 194 -16.31 -54.66 22.80
C LYS E 194 -17.16 -54.73 24.05
N ARG E 195 -16.64 -55.35 25.11
CA ARG E 195 -17.36 -55.45 26.38
C ARG E 195 -16.93 -54.40 27.38
N PHE E 196 -16.34 -53.29 26.91
CA PHE E 196 -15.83 -52.20 27.74
C PHE E 196 -16.84 -51.68 28.77
N ASP E 197 -18.07 -51.37 28.35
CA ASP E 197 -19.06 -50.81 29.26
C ASP E 197 -19.35 -51.69 30.47
N GLU E 198 -19.49 -53.01 30.25
CA GLU E 198 -19.77 -53.93 31.36
C GLU E 198 -18.55 -54.07 32.29
N ILE E 199 -17.34 -53.96 31.74
CA ILE E 199 -16.11 -54.04 32.52
C ILE E 199 -15.92 -52.80 33.38
N LEU E 200 -16.11 -51.61 32.78
CA LEU E 200 -15.96 -50.34 33.49
C LEU E 200 -16.98 -50.23 34.62
N GLU E 201 -18.21 -50.71 34.39
CA GLU E 201 -19.25 -50.66 35.41
C GLU E 201 -18.84 -51.34 36.73
N VAL E 202 -18.12 -52.46 36.66
CA VAL E 202 -17.70 -53.19 37.85
C VAL E 202 -16.25 -52.93 38.28
N SER E 203 -15.48 -52.12 37.52
CA SER E 203 -14.08 -51.85 37.86
C SER E 203 -13.93 -50.49 38.55
N ASP E 204 -12.81 -50.28 39.24
CA ASP E 204 -12.50 -48.97 39.81
C ASP E 204 -11.90 -48.03 38.74
N GLY E 205 -11.33 -48.60 37.68
CA GLY E 205 -10.73 -47.87 36.59
C GLY E 205 -10.27 -48.79 35.48
N ILE E 206 -9.59 -48.19 34.49
CA ILE E 206 -9.15 -48.91 33.30
C ILE E 206 -7.71 -48.60 32.94
N MET E 207 -7.01 -49.58 32.38
CA MET E 207 -5.70 -49.35 31.82
C MET E 207 -5.79 -49.69 30.33
N VAL E 208 -5.39 -48.74 29.47
CA VAL E 208 -5.32 -48.97 28.03
C VAL E 208 -3.94 -49.62 27.84
N ALA E 209 -3.91 -50.95 27.79
CA ALA E 209 -2.68 -51.73 27.71
C ALA E 209 -2.31 -51.88 26.24
N ARG E 210 -1.70 -50.84 25.67
CA ARG E 210 -1.41 -50.72 24.23
C ARG E 210 -0.49 -51.78 23.66
N GLY E 211 0.38 -52.36 24.48
CA GLY E 211 1.28 -53.42 24.02
C GLY E 211 0.55 -54.60 23.43
N ASP E 212 -0.23 -55.33 24.25
CA ASP E 212 -1.00 -56.45 23.75
C ASP E 212 -2.12 -56.01 22.84
N LEU E 213 -2.77 -54.89 23.14
CA LEU E 213 -3.85 -54.36 22.30
C LEU E 213 -3.38 -54.12 20.86
N GLY E 214 -2.16 -53.62 20.69
CA GLY E 214 -1.56 -53.40 19.38
C GLY E 214 -1.20 -54.65 18.60
N ILE E 215 -1.20 -55.81 19.27
CA ILE E 215 -0.95 -57.13 18.67
C ILE E 215 -2.30 -57.82 18.40
N GLU E 216 -3.29 -57.65 19.30
CA GLU E 216 -4.59 -58.26 19.23
C GLU E 216 -5.52 -57.61 18.21
N ILE E 217 -5.38 -56.30 18.01
CA ILE E 217 -6.15 -55.54 17.01
C ILE E 217 -5.14 -54.84 16.06
N PRO E 218 -5.53 -54.41 14.85
CA PRO E 218 -4.55 -53.73 13.96
C PRO E 218 -3.90 -52.54 14.65
N ALA E 219 -2.57 -52.43 14.51
CA ALA E 219 -1.82 -51.36 15.17
C ALA E 219 -2.38 -49.94 14.88
N GLU E 220 -2.90 -49.72 13.66
CA GLU E 220 -3.47 -48.44 13.27
C GLU E 220 -4.79 -48.12 13.93
N LYS E 221 -5.38 -49.05 14.68
CA LYS E 221 -6.66 -48.81 15.36
C LYS E 221 -6.51 -48.52 16.85
N VAL E 222 -5.33 -48.76 17.44
CA VAL E 222 -5.13 -48.58 18.88
C VAL E 222 -5.47 -47.17 19.36
N PHE E 223 -5.12 -46.12 18.60
CA PHE E 223 -5.45 -44.74 18.99
C PHE E 223 -6.99 -44.55 19.13
N LEU E 224 -7.78 -45.27 18.34
CA LEU E 224 -9.24 -45.16 18.44
C LEU E 224 -9.71 -45.80 19.74
N ALA E 225 -9.15 -46.97 20.11
CA ALA E 225 -9.50 -47.65 21.35
C ALA E 225 -9.06 -46.80 22.52
N GLN E 226 -7.85 -46.19 22.45
CA GLN E 226 -7.36 -45.32 23.52
C GLN E 226 -8.27 -44.13 23.74
N LYS E 227 -8.61 -43.42 22.66
CA LYS E 227 -9.43 -42.21 22.76
C LYS E 227 -10.85 -42.52 23.23
N MET E 228 -11.40 -43.65 22.78
CA MET E 228 -12.74 -44.07 23.18
C MET E 228 -12.75 -44.42 24.69
N MET E 229 -11.77 -45.23 25.14
CA MET E 229 -11.73 -45.64 26.55
C MET E 229 -11.48 -44.49 27.48
N ILE E 230 -10.58 -43.58 27.10
CA ILE E 230 -10.33 -42.38 27.92
C ILE E 230 -11.59 -41.51 28.01
N GLY E 231 -12.27 -41.32 26.88
CA GLY E 231 -13.50 -40.57 26.82
C GLY E 231 -14.58 -41.15 27.73
N ARG E 232 -14.79 -42.48 27.63
CA ARG E 232 -15.79 -43.15 28.47
C ARG E 232 -15.44 -43.14 29.95
N CYS E 233 -14.15 -43.24 30.32
CA CYS E 233 -13.75 -43.17 31.72
C CYS E 233 -13.94 -41.78 32.26
N ASN E 234 -13.63 -40.76 31.45
CA ASN E 234 -13.83 -39.36 31.85
C ASN E 234 -15.31 -39.10 32.10
N LEU E 235 -16.16 -39.66 31.25
CA LEU E 235 -17.60 -39.54 31.35
C LEU E 235 -18.11 -40.23 32.63
N ALA E 236 -17.59 -41.43 32.93
CA ALA E 236 -17.94 -42.17 34.14
C ALA E 236 -17.33 -41.62 35.43
N GLY E 237 -16.33 -40.76 35.32
CA GLY E 237 -15.64 -40.22 36.48
C GLY E 237 -14.72 -41.26 37.11
N LYS E 238 -14.20 -42.21 36.33
CA LYS E 238 -13.31 -43.27 36.83
C LYS E 238 -11.90 -43.15 36.24
N PRO E 239 -10.86 -43.45 37.04
CA PRO E 239 -9.49 -43.31 36.53
C PRO E 239 -9.17 -44.13 35.29
N VAL E 240 -8.34 -43.56 34.40
CA VAL E 240 -7.90 -44.26 33.20
C VAL E 240 -6.39 -44.05 33.07
N VAL E 241 -5.67 -45.13 32.79
CA VAL E 241 -4.22 -45.14 32.66
C VAL E 241 -3.84 -45.37 31.22
N CYS E 242 -2.94 -44.55 30.67
CA CYS E 242 -2.40 -44.81 29.33
C CYS E 242 -1.04 -45.50 29.53
N ALA E 243 -0.83 -46.64 28.88
CA ALA E 243 0.39 -47.39 29.11
C ALA E 243 1.06 -47.92 27.84
N THR E 244 2.37 -48.27 27.96
CA THR E 244 3.23 -49.01 27.03
C THR E 244 3.81 -48.20 25.87
N GLN E 245 5.14 -48.23 25.79
CA GLN E 245 5.97 -47.62 24.77
C GLN E 245 5.85 -46.11 24.66
N MET E 246 5.45 -45.43 25.73
CA MET E 246 5.34 -43.99 25.72
C MET E 246 6.67 -43.30 25.48
N LEU E 247 7.75 -43.80 26.11
CA LEU E 247 9.10 -43.24 25.93
C LEU E 247 10.08 -44.39 25.63
N GLU E 248 9.64 -45.39 24.84
CA GLU E 248 10.39 -46.59 24.52
C GLU E 248 11.87 -46.40 24.18
N SER E 249 12.20 -45.43 23.31
CA SER E 249 13.59 -45.19 22.92
C SER E 249 14.49 -44.80 24.12
N MET E 250 13.90 -44.30 25.22
CA MET E 250 14.66 -43.94 26.42
C MET E 250 15.18 -45.17 27.21
N ILE E 251 14.86 -46.39 26.77
CA ILE E 251 15.43 -47.60 27.37
C ILE E 251 16.96 -47.60 27.06
N THR E 252 17.36 -47.14 25.86
CA THR E 252 18.77 -47.07 25.47
C THR E 252 19.31 -45.66 25.23
N LYS E 253 18.45 -44.67 25.00
CA LYS E 253 18.90 -43.30 24.70
C LYS E 253 18.53 -42.31 25.78
N PRO E 254 19.37 -41.28 26.02
CA PRO E 254 19.05 -40.33 27.10
C PRO E 254 17.90 -39.36 26.79
N ARG E 255 17.53 -39.22 25.50
CA ARG E 255 16.45 -38.32 25.07
C ARG E 255 15.45 -39.11 24.23
N PRO E 256 14.14 -38.80 24.37
CA PRO E 256 13.14 -39.52 23.59
C PRO E 256 12.99 -38.97 22.16
N THR E 257 12.29 -39.72 21.30
CA THR E 257 12.03 -39.26 19.95
C THR E 257 10.88 -38.20 19.98
N ARG E 258 10.68 -37.49 18.85
CA ARG E 258 9.61 -36.52 18.72
C ARG E 258 8.24 -37.18 18.80
N ALA E 259 8.12 -38.41 18.33
CA ALA E 259 6.85 -39.13 18.42
C ALA E 259 6.51 -39.49 19.88
N GLU E 260 7.53 -39.80 20.68
CA GLU E 260 7.34 -40.17 22.08
C GLU E 260 6.90 -39.03 22.96
N THR E 261 7.50 -37.84 22.82
CA THR E 261 7.05 -36.68 23.61
C THR E 261 5.63 -36.27 23.18
N SER E 262 5.31 -36.41 21.91
CA SER E 262 3.99 -36.07 21.39
C SER E 262 2.96 -37.07 21.96
N ASP E 263 3.31 -38.36 22.02
CA ASP E 263 2.44 -39.40 22.56
C ASP E 263 2.08 -39.13 24.03
N VAL E 264 3.05 -38.72 24.83
CA VAL E 264 2.79 -38.42 26.25
C VAL E 264 1.85 -37.22 26.36
N ALA E 265 2.15 -36.16 25.60
CA ALA E 265 1.33 -34.94 25.61
C ALA E 265 -0.10 -35.21 25.18
N ASN E 266 -0.26 -36.04 24.13
CA ASN E 266 -1.57 -36.36 23.61
C ASN E 266 -2.35 -37.28 24.54
N ALA E 267 -1.67 -38.15 25.33
CA ALA E 267 -2.40 -38.98 26.30
C ALA E 267 -2.99 -38.08 27.37
N VAL E 268 -2.25 -37.06 27.81
CA VAL E 268 -2.73 -36.10 28.80
C VAL E 268 -3.87 -35.26 28.21
N LEU E 269 -3.70 -34.72 26.99
CA LEU E 269 -4.75 -33.94 26.33
C LEU E 269 -6.01 -34.79 26.11
N ASP E 270 -5.87 -36.10 25.77
CA ASP E 270 -7.00 -37.02 25.62
C ASP E 270 -7.82 -37.09 26.90
N GLY E 271 -7.16 -37.05 28.05
CA GLY E 271 -7.84 -37.11 29.34
C GLY E 271 -7.36 -38.21 30.28
N ALA E 272 -6.18 -38.80 30.03
CA ALA E 272 -5.64 -39.85 30.91
C ALA E 272 -5.36 -39.31 32.32
N ASP E 273 -5.79 -40.05 33.34
CA ASP E 273 -5.50 -39.68 34.73
C ASP E 273 -4.05 -40.03 35.06
N CYS E 274 -3.54 -41.14 34.51
CA CYS E 274 -2.19 -41.62 34.75
C CYS E 274 -1.49 -41.96 33.46
N ILE E 275 -0.18 -41.79 33.44
CA ILE E 275 0.68 -42.23 32.35
C ILE E 275 1.70 -43.21 32.96
N MET E 276 2.13 -44.19 32.17
CA MET E 276 2.99 -45.26 32.68
C MET E 276 4.30 -45.42 31.93
N LEU E 277 5.29 -45.93 32.66
CA LEU E 277 6.61 -46.29 32.14
C LEU E 277 6.80 -47.77 32.47
N SER E 278 7.18 -48.60 31.49
CA SER E 278 7.40 -50.03 31.71
C SER E 278 8.91 -50.32 31.66
N GLY E 279 9.42 -50.79 30.51
CA GLY E 279 10.84 -51.06 30.32
C GLY E 279 11.71 -49.85 30.57
N GLU E 280 11.18 -48.63 30.31
CA GLU E 280 11.90 -47.38 30.52
C GLU E 280 12.40 -47.26 31.95
N THR E 281 11.63 -47.79 32.93
CA THR E 281 12.05 -47.74 34.34
C THR E 281 12.47 -49.09 34.91
N ALA E 282 11.90 -50.17 34.40
CA ALA E 282 12.18 -51.50 34.89
C ALA E 282 13.56 -52.01 34.48
N LYS E 283 13.95 -51.80 33.22
CA LYS E 283 15.20 -52.34 32.73
C LYS E 283 16.09 -51.39 31.94
N GLY E 284 15.65 -50.19 31.68
CA GLY E 284 16.39 -49.24 30.86
C GLY E 284 17.58 -48.58 31.52
N ASN E 285 18.38 -47.89 30.72
CA ASN E 285 19.56 -47.20 31.21
C ASN E 285 19.31 -45.82 31.76
N PHE E 286 18.08 -45.27 31.59
CA PHE E 286 17.77 -43.92 32.06
C PHE E 286 16.41 -43.86 32.81
N PRO E 287 16.23 -44.65 33.89
CA PRO E 287 14.93 -44.65 34.58
C PRO E 287 14.51 -43.31 35.16
N VAL E 288 15.43 -42.59 35.80
CA VAL E 288 15.12 -41.31 36.42
C VAL E 288 14.81 -40.25 35.35
N GLU E 289 15.60 -40.24 34.27
CA GLU E 289 15.40 -39.29 33.17
C GLU E 289 14.03 -39.52 32.49
N ALA E 290 13.58 -40.78 32.40
CA ALA E 290 12.30 -41.10 31.81
C ALA E 290 11.17 -40.50 32.66
N VAL E 291 11.28 -40.61 34.01
CA VAL E 291 10.30 -40.04 34.93
C VAL E 291 10.30 -38.51 34.81
N LYS E 292 11.49 -37.91 34.74
CA LYS E 292 11.60 -36.45 34.61
C LYS E 292 10.98 -35.96 33.30
N MET E 293 11.15 -36.73 32.21
CA MET E 293 10.62 -36.36 30.91
C MET E 293 9.10 -36.42 30.93
N GLN E 294 8.52 -37.50 31.51
CA GLN E 294 7.06 -37.59 31.64
C GLN E 294 6.50 -36.46 32.48
N HIS E 295 7.22 -36.10 33.56
CA HIS E 295 6.79 -35.00 34.43
C HIS E 295 6.76 -33.68 33.66
N ALA E 296 7.86 -33.38 32.94
CA ALA E 296 7.97 -32.15 32.17
C ALA E 296 6.89 -32.03 31.09
N ILE E 297 6.63 -33.14 30.35
CA ILE E 297 5.63 -33.10 29.28
C ILE E 297 4.20 -32.94 29.84
N ALA E 298 3.87 -33.73 30.89
CA ALA E 298 2.54 -33.66 31.50
C ALA E 298 2.20 -32.28 32.00
N ARG E 299 3.16 -31.58 32.63
CA ARG E 299 2.92 -30.21 33.11
C ARG E 299 2.57 -29.27 31.94
N GLU E 300 3.31 -29.38 30.83
CA GLU E 300 3.07 -28.55 29.66
C GLU E 300 1.70 -28.86 29.06
N ALA E 301 1.36 -30.15 28.92
CA ALA E 301 0.11 -30.57 28.33
C ALA E 301 -1.12 -30.21 29.16
N GLU E 302 -1.03 -30.28 30.50
CA GLU E 302 -2.16 -29.94 31.37
C GLU E 302 -2.55 -28.47 31.25
N ALA E 303 -1.57 -27.58 31.07
CA ALA E 303 -1.87 -26.17 30.87
C ALA E 303 -2.53 -25.94 29.49
N ALA E 304 -2.23 -26.78 28.48
CA ALA E 304 -2.78 -26.70 27.12
C ALA E 304 -4.19 -27.30 26.98
N VAL E 305 -4.76 -27.87 28.06
CA VAL E 305 -6.12 -28.41 28.02
C VAL E 305 -7.09 -27.24 27.79
N TYR E 306 -8.13 -27.43 26.97
CA TYR E 306 -9.09 -26.37 26.69
C TYR E 306 -10.26 -26.46 27.68
N HIS E 307 -10.04 -26.01 28.94
CA HIS E 307 -11.01 -26.10 30.02
C HIS E 307 -12.38 -25.53 29.70
N ARG E 308 -12.45 -24.46 28.92
CA ARG E 308 -13.75 -23.85 28.57
C ARG E 308 -14.70 -24.87 27.93
N GLN E 309 -14.21 -25.64 26.96
CA GLN E 309 -15.04 -26.66 26.33
C GLN E 309 -15.14 -27.91 27.21
N LEU E 310 -14.02 -28.37 27.79
CA LEU E 310 -14.01 -29.58 28.62
C LEU E 310 -14.99 -29.49 29.80
N PHE E 311 -14.95 -28.40 30.58
CA PHE E 311 -15.87 -28.22 31.69
C PHE E 311 -17.31 -28.22 31.26
N GLU E 312 -17.64 -27.48 30.17
CA GLU E 312 -19.00 -27.47 29.65
C GLU E 312 -19.47 -28.83 29.24
N GLU E 313 -18.62 -29.59 28.55
CA GLU E 313 -19.01 -30.94 28.13
C GLU E 313 -19.15 -31.95 29.28
N LEU E 314 -18.25 -31.87 30.30
CA LEU E 314 -18.31 -32.73 31.47
C LEU E 314 -19.54 -32.40 32.28
N ARG E 315 -19.78 -31.10 32.55
CA ARG E 315 -20.94 -30.56 33.26
C ARG E 315 -22.24 -31.07 32.62
N ARG E 316 -22.38 -30.91 31.29
CA ARG E 316 -23.52 -31.30 30.46
C ARG E 316 -23.80 -32.80 30.54
N ALA E 317 -22.75 -33.62 30.43
CA ALA E 317 -22.92 -35.07 30.41
C ALA E 317 -23.12 -35.70 31.80
N ALA E 318 -22.71 -35.01 32.89
CA ALA E 318 -22.87 -35.55 34.24
C ALA E 318 -24.33 -35.46 34.63
N PRO E 319 -24.95 -36.57 35.04
CA PRO E 319 -26.40 -36.55 35.31
C PRO E 319 -26.82 -35.74 36.50
N LEU E 320 -28.10 -35.35 36.56
CA LEU E 320 -28.63 -34.66 37.74
C LEU E 320 -28.50 -35.60 38.96
N SER E 321 -28.23 -35.02 40.13
CA SER E 321 -27.98 -35.84 41.30
C SER E 321 -28.57 -35.23 42.51
N ARG E 322 -29.04 -36.07 43.42
CA ARG E 322 -29.48 -35.61 44.72
C ARG E 322 -28.49 -36.04 45.83
N ASP E 323 -27.25 -36.46 45.47
CA ASP E 323 -26.21 -36.82 46.42
C ASP E 323 -25.49 -35.53 46.75
N PRO E 324 -25.51 -35.10 48.04
CA PRO E 324 -24.87 -33.84 48.40
C PRO E 324 -23.39 -33.74 48.08
N THR E 325 -22.64 -34.87 48.06
CA THR E 325 -21.22 -34.83 47.71
C THR E 325 -21.06 -34.44 46.24
N GLU E 326 -21.87 -35.02 45.36
CA GLU E 326 -21.84 -34.74 43.93
C GLU E 326 -22.24 -33.28 43.66
N VAL E 327 -23.30 -32.80 44.36
CA VAL E 327 -23.81 -31.45 44.25
C VAL E 327 -22.78 -30.41 44.73
N THR E 328 -22.12 -30.69 45.87
CA THR E 328 -21.10 -29.80 46.42
C THR E 328 -19.89 -29.78 45.49
N ALA E 329 -19.52 -30.95 44.90
CA ALA E 329 -18.36 -31.03 44.02
C ALA E 329 -18.49 -30.11 42.80
N ILE E 330 -19.66 -30.14 42.11
CA ILE E 330 -19.82 -29.29 40.95
C ILE E 330 -19.87 -27.81 41.35
N GLY E 331 -20.51 -27.49 42.46
CA GLY E 331 -20.54 -26.14 42.97
C GLY E 331 -19.14 -25.61 43.30
N ALA E 332 -18.29 -26.47 43.92
CA ALA E 332 -16.91 -26.10 44.27
C ALA E 332 -16.05 -25.90 43.03
N VAL E 333 -16.19 -26.78 42.03
CA VAL E 333 -15.41 -26.64 40.80
C VAL E 333 -15.82 -25.38 40.04
N GLU E 334 -17.13 -25.08 40.01
CA GLU E 334 -17.63 -23.87 39.36
C GLU E 334 -17.06 -22.63 40.05
N ALA E 335 -17.09 -22.62 41.39
CA ALA E 335 -16.58 -21.50 42.19
C ALA E 335 -15.06 -21.34 41.99
N ALA E 336 -14.33 -22.47 41.86
CA ALA E 336 -12.88 -22.40 41.64
C ALA E 336 -12.56 -21.74 40.31
N PHE E 337 -13.31 -22.08 39.23
CA PHE E 337 -13.09 -21.45 37.92
C PHE E 337 -13.43 -19.98 37.95
N LYS E 338 -14.47 -19.60 38.66
CA LYS E 338 -14.90 -18.21 38.76
C LYS E 338 -13.86 -17.29 39.36
N CYS E 339 -13.12 -17.76 40.37
CA CYS E 339 -12.12 -16.90 41.01
C CYS E 339 -10.68 -17.26 40.70
N CYS E 340 -10.43 -18.22 39.80
CA CYS E 340 -9.09 -18.71 39.52
C CYS E 340 -8.43 -19.21 40.79
N ALA E 341 -9.19 -19.98 41.60
CA ALA E 341 -8.69 -20.51 42.87
C ALA E 341 -7.41 -21.30 42.67
N ALA E 342 -6.43 -21.10 43.56
CA ALA E 342 -5.17 -21.83 43.48
C ALA E 342 -5.40 -23.31 43.79
N ALA E 343 -6.37 -23.62 44.68
CA ALA E 343 -6.63 -25.00 45.09
C ALA E 343 -8.04 -25.18 45.65
N ILE E 344 -8.49 -26.43 45.66
CA ILE E 344 -9.69 -26.86 46.31
C ILE E 344 -9.16 -27.80 47.41
N ILE E 345 -9.34 -27.44 48.69
CA ILE E 345 -8.90 -28.31 49.78
C ILE E 345 -10.10 -29.14 50.22
N VAL E 346 -9.99 -30.46 50.15
CA VAL E 346 -11.09 -31.32 50.52
C VAL E 346 -10.69 -32.32 51.61
N LEU E 347 -11.57 -32.56 52.61
CA LEU E 347 -11.31 -33.56 53.65
C LEU E 347 -11.98 -34.83 53.14
N THR E 348 -11.24 -35.94 53.04
CA THR E 348 -11.80 -37.19 52.55
C THR E 348 -11.31 -38.40 53.35
N THR E 349 -12.19 -39.38 53.54
CA THR E 349 -11.85 -40.57 54.29
C THR E 349 -11.47 -41.67 53.31
N THR E 350 -12.31 -41.89 52.30
CA THR E 350 -12.09 -42.92 51.30
C THR E 350 -11.48 -42.42 49.99
N GLY E 351 -11.43 -41.09 49.81
CA GLY E 351 -10.99 -40.49 48.58
C GLY E 351 -12.15 -40.10 47.66
N ARG E 352 -13.38 -40.57 47.96
CA ARG E 352 -14.54 -40.30 47.12
C ARG E 352 -14.83 -38.79 46.88
N SER E 353 -14.82 -37.93 47.92
CA SER E 353 -15.07 -36.51 47.73
C SER E 353 -14.05 -35.87 46.79
N ALA E 354 -12.78 -36.33 46.86
CA ALA E 354 -11.73 -35.82 45.99
C ALA E 354 -11.94 -36.31 44.56
N GLN E 355 -12.37 -37.57 44.39
CA GLN E 355 -12.62 -38.14 43.08
C GLN E 355 -13.79 -37.40 42.39
N LEU E 356 -14.83 -37.03 43.15
CA LEU E 356 -15.97 -36.30 42.58
C LEU E 356 -15.58 -34.88 42.15
N LEU E 357 -14.57 -34.27 42.79
CA LEU E 357 -14.11 -32.94 42.38
C LEU E 357 -13.27 -33.10 41.09
N SER E 358 -12.38 -34.10 41.08
CA SER E 358 -11.48 -34.41 39.99
CA SER E 358 -11.49 -34.38 39.96
C SER E 358 -12.19 -34.74 38.66
N ARG E 359 -13.38 -35.35 38.72
CA ARG E 359 -14.09 -35.73 37.50
C ARG E 359 -14.53 -34.51 36.64
N TYR E 360 -14.64 -33.33 37.25
CA TYR E 360 -15.00 -32.09 36.56
C TYR E 360 -13.78 -31.36 36.02
N ARG E 361 -12.58 -31.95 36.15
CA ARG E 361 -11.31 -31.45 35.66
C ARG E 361 -11.05 -29.98 36.00
N PRO E 362 -11.05 -29.61 37.29
CA PRO E 362 -10.72 -28.22 37.62
C PRO E 362 -9.27 -27.90 37.26
N ARG E 363 -9.01 -26.62 36.99
CA ARG E 363 -7.64 -26.16 36.79
C ARG E 363 -6.97 -26.12 38.19
N ALA E 364 -7.73 -25.75 39.23
CA ALA E 364 -7.27 -25.72 40.62
C ALA E 364 -6.86 -27.13 41.10
N ALA E 365 -5.74 -27.21 41.81
CA ALA E 365 -5.26 -28.46 42.39
C ALA E 365 -6.27 -28.92 43.45
N VAL E 366 -6.56 -30.22 43.52
CA VAL E 366 -7.45 -30.74 44.57
C VAL E 366 -6.53 -31.30 45.66
N ILE E 367 -6.38 -30.55 46.76
CA ILE E 367 -5.54 -30.99 47.88
C ILE E 367 -6.42 -31.83 48.82
N ALA E 368 -6.24 -33.15 48.80
CA ALA E 368 -7.07 -34.04 49.60
C ALA E 368 -6.40 -34.38 50.94
N VAL E 369 -6.98 -33.90 52.06
CA VAL E 369 -6.45 -34.18 53.40
C VAL E 369 -7.14 -35.41 53.95
N THR E 370 -6.38 -36.46 54.24
CA THR E 370 -6.95 -37.70 54.77
C THR E 370 -6.10 -38.30 55.89
N ARG E 371 -6.75 -39.05 56.79
CA ARG E 371 -6.06 -39.81 57.83
C ARG E 371 -5.75 -41.26 57.32
N SER E 372 -6.43 -41.71 56.24
CA SER E 372 -6.22 -43.04 55.68
C SER E 372 -5.00 -43.09 54.78
N ALA E 373 -3.95 -43.82 55.21
CA ALA E 373 -2.72 -43.94 54.41
C ALA E 373 -3.00 -44.61 53.06
N GLN E 374 -3.89 -45.59 53.06
CA GLN E 374 -4.25 -46.27 51.82
C GLN E 374 -5.00 -45.33 50.86
N ALA E 375 -5.98 -44.54 51.35
CA ALA E 375 -6.71 -43.59 50.49
C ALA E 375 -5.73 -42.55 49.94
N ALA E 376 -4.77 -42.10 50.75
CA ALA E 376 -3.77 -41.13 50.31
C ALA E 376 -2.95 -41.70 49.12
N ARG E 377 -2.63 -43.00 49.16
CA ARG E 377 -1.91 -43.63 48.06
C ARG E 377 -2.81 -43.83 46.84
N GLN E 378 -4.03 -44.29 47.05
CA GLN E 378 -4.95 -44.59 45.97
C GLN E 378 -5.49 -43.37 45.20
N VAL E 379 -5.59 -42.18 45.83
CA VAL E 379 -6.10 -41.01 45.10
C VAL E 379 -5.14 -40.51 44.01
N HIS E 380 -3.91 -41.05 43.93
CA HIS E 380 -3.00 -40.77 42.83
C HIS E 380 -3.62 -41.24 41.50
N LEU E 381 -4.59 -42.17 41.54
CA LEU E 381 -5.26 -42.63 40.34
C LEU E 381 -6.15 -41.51 39.72
N CYS E 382 -6.52 -40.46 40.49
CA CYS E 382 -7.39 -39.39 40.02
C CYS E 382 -6.58 -38.18 39.64
N ARG E 383 -6.73 -37.69 38.39
CA ARG E 383 -5.99 -36.52 37.95
C ARG E 383 -6.25 -35.30 38.81
N GLY E 384 -5.18 -34.63 39.18
CA GLY E 384 -5.26 -33.38 39.93
C GLY E 384 -5.49 -33.52 41.42
N VAL E 385 -5.46 -34.76 41.96
CA VAL E 385 -5.62 -34.93 43.41
C VAL E 385 -4.24 -35.08 44.04
N PHE E 386 -3.88 -34.16 44.94
CA PHE E 386 -2.62 -34.12 45.66
C PHE E 386 -2.90 -34.55 47.11
N PRO E 387 -2.56 -35.81 47.43
CA PRO E 387 -2.90 -36.34 48.76
C PRO E 387 -2.00 -35.87 49.87
N LEU E 388 -2.57 -35.52 51.00
CA LEU E 388 -1.82 -35.14 52.18
C LEU E 388 -2.23 -36.08 53.30
N LEU E 389 -1.27 -36.81 53.87
CA LEU E 389 -1.57 -37.73 54.96
C LEU E 389 -1.46 -36.99 56.31
N TYR E 390 -2.59 -36.85 57.01
CA TYR E 390 -2.69 -36.20 58.31
C TYR E 390 -2.42 -37.26 59.39
N ARG E 391 -1.39 -37.05 60.24
CA ARG E 391 -1.01 -38.05 61.24
C ARG E 391 -1.42 -37.71 62.68
N GLU E 392 -1.90 -36.49 62.94
CA GLU E 392 -2.26 -36.08 64.29
C GLU E 392 -3.50 -36.76 64.85
N PRO E 393 -3.50 -37.06 66.17
CA PRO E 393 -4.69 -37.68 66.78
C PRO E 393 -5.84 -36.68 66.89
N PRO E 394 -7.08 -37.21 66.84
CA PRO E 394 -8.25 -36.31 66.86
C PRO E 394 -8.36 -35.35 68.03
N GLU E 395 -8.83 -34.14 67.76
CA GLU E 395 -9.15 -33.13 68.75
C GLU E 395 -10.45 -33.55 69.48
N ALA E 396 -10.69 -33.00 70.67
CA ALA E 396 -11.90 -33.32 71.44
C ALA E 396 -13.13 -32.78 70.72
N ILE E 397 -13.04 -31.55 70.22
CA ILE E 397 -14.15 -30.95 69.48
C ILE E 397 -13.97 -31.22 67.97
N TRP E 398 -14.92 -31.95 67.36
CA TRP E 398 -14.88 -32.31 65.95
C TRP E 398 -14.70 -31.11 65.01
N ALA E 399 -15.41 -30.00 65.23
CA ALA E 399 -15.24 -28.80 64.42
C ALA E 399 -13.80 -28.25 64.45
N ASP E 400 -13.11 -28.35 65.60
CA ASP E 400 -11.72 -27.91 65.72
C ASP E 400 -10.79 -28.89 64.98
N ASP E 401 -11.12 -30.18 64.97
CA ASP E 401 -10.34 -31.19 64.26
C ASP E 401 -10.47 -31.00 62.73
N VAL E 402 -11.67 -30.57 62.26
CA VAL E 402 -11.95 -30.27 60.85
C VAL E 402 -11.09 -29.08 60.46
N ASP E 403 -11.14 -28.00 61.27
CA ASP E 403 -10.33 -26.79 61.05
C ASP E 403 -8.84 -27.06 61.02
N ARG E 404 -8.35 -27.97 61.90
CA ARG E 404 -6.93 -28.31 61.93
C ARG E 404 -6.51 -29.03 60.66
N ARG E 405 -7.38 -29.90 60.14
CA ARG E 405 -7.10 -30.62 58.90
C ARG E 405 -7.06 -29.68 57.68
N VAL E 406 -7.91 -28.61 57.68
CA VAL E 406 -7.94 -27.58 56.64
C VAL E 406 -6.66 -26.75 56.71
N GLN E 407 -6.23 -26.38 57.95
CA GLN E 407 -4.99 -25.61 58.16
C GLN E 407 -3.76 -26.38 57.76
N PHE E 408 -3.77 -27.69 57.99
CA PHE E 408 -2.69 -28.55 57.54
C PHE E 408 -2.60 -28.55 55.99
N GLY E 409 -3.76 -28.51 55.33
CA GLY E 409 -3.85 -28.44 53.87
C GLY E 409 -3.28 -27.15 53.35
N ILE E 410 -3.61 -26.03 54.01
CA ILE E 410 -3.11 -24.70 53.65
C ILE E 410 -1.59 -24.62 53.87
N GLU E 411 -1.11 -25.09 55.03
CA GLU E 411 0.31 -25.05 55.33
C GLU E 411 1.14 -25.94 54.42
N SER E 412 0.67 -27.16 54.10
CA SER E 412 1.41 -28.03 53.16
C SER E 412 1.39 -27.41 51.75
N GLY E 413 0.29 -26.75 51.39
CA GLY E 413 0.13 -26.08 50.11
C GLY E 413 1.08 -24.91 49.98
N LYS E 414 1.25 -24.12 51.05
CA LYS E 414 2.17 -22.99 51.04
C LYS E 414 3.61 -23.50 50.92
N LEU E 415 3.96 -24.53 51.70
CA LEU E 415 5.30 -25.09 51.70
C LEU E 415 5.68 -25.65 50.35
N ARG E 416 4.74 -26.33 49.69
CA ARG E 416 5.00 -26.94 48.39
C ARG E 416 4.88 -26.00 47.19
N GLY E 417 4.46 -24.76 47.40
CA GLY E 417 4.32 -23.82 46.30
C GLY E 417 2.96 -23.77 45.63
N PHE E 418 1.99 -24.56 46.11
CA PHE E 418 0.63 -24.53 45.56
C PHE E 418 -0.09 -23.23 45.92
N LEU E 419 0.19 -22.69 47.12
CA LEU E 419 -0.53 -21.51 47.61
C LEU E 419 0.41 -20.42 48.06
N ARG E 420 -0.07 -19.20 48.02
CA ARG E 420 0.62 -18.04 48.49
C ARG E 420 -0.41 -17.12 49.17
N VAL E 421 0.04 -16.23 50.04
CA VAL E 421 -0.85 -15.28 50.72
C VAL E 421 -1.58 -14.41 49.70
N GLY E 422 -2.88 -14.23 49.88
CA GLY E 422 -3.70 -13.48 48.94
C GLY E 422 -4.48 -14.36 47.97
N ASP E 423 -4.07 -15.64 47.82
CA ASP E 423 -4.78 -16.59 46.96
C ASP E 423 -6.16 -16.92 47.51
N LEU E 424 -7.08 -17.31 46.63
CA LEU E 424 -8.39 -17.79 47.04
C LEU E 424 -8.35 -19.31 46.93
N VAL E 425 -8.96 -19.99 47.88
CA VAL E 425 -9.08 -21.43 47.86
C VAL E 425 -10.54 -21.76 48.15
N ILE E 426 -10.97 -22.91 47.65
CA ILE E 426 -12.30 -23.42 47.92
C ILE E 426 -12.08 -24.55 48.93
N VAL E 427 -12.81 -24.57 50.03
CA VAL E 427 -12.66 -25.63 51.04
C VAL E 427 -13.92 -26.48 51.07
N VAL E 428 -13.78 -27.80 50.85
CA VAL E 428 -14.91 -28.71 50.82
C VAL E 428 -14.88 -29.66 52.03
N THR E 429 -15.94 -29.63 52.85
CA THR E 429 -16.07 -30.43 54.08
C THR E 429 -17.50 -31.00 54.23
N GLY E 430 -17.75 -31.75 55.31
CA GLY E 430 -19.05 -32.34 55.59
C GLY E 430 -19.66 -31.83 56.88
N TRP E 431 -20.91 -32.23 57.16
CA TRP E 431 -21.63 -31.74 58.33
C TRP E 431 -21.47 -32.62 59.60
N ARG E 432 -20.94 -33.84 59.45
CA ARG E 432 -20.74 -34.77 60.55
C ARG E 432 -19.56 -35.73 60.23
N PRO E 433 -18.97 -36.40 61.25
CA PRO E 433 -17.88 -37.34 60.97
C PRO E 433 -18.32 -38.54 60.13
N GLY E 434 -17.36 -39.23 59.55
CA GLY E 434 -17.63 -40.40 58.74
C GLY E 434 -17.77 -40.03 57.27
N SER E 435 -17.57 -41.01 56.43
CA SER E 435 -17.64 -40.95 54.99
C SER E 435 -19.08 -40.70 54.53
N GLY E 436 -19.23 -40.00 53.40
CA GLY E 436 -20.51 -39.82 52.75
C GLY E 436 -21.32 -38.60 53.11
N TYR E 437 -20.77 -37.70 53.92
CA TYR E 437 -21.52 -36.52 54.37
C TYR E 437 -20.98 -35.19 53.92
N THR E 438 -20.13 -35.17 52.86
CA THR E 438 -19.64 -33.90 52.32
C THR E 438 -20.85 -33.08 51.80
N ASN E 439 -20.96 -31.83 52.24
CA ASN E 439 -22.08 -30.98 51.83
C ASN E 439 -21.78 -29.48 51.93
N ILE E 440 -20.52 -29.10 52.22
CA ILE E 440 -20.19 -27.69 52.42
C ILE E 440 -19.05 -27.23 51.55
N MET E 441 -19.19 -26.02 50.99
CA MET E 441 -18.14 -25.41 50.20
CA MET E 441 -18.18 -25.38 50.16
C MET E 441 -17.95 -23.97 50.72
N ARG E 442 -16.69 -23.59 50.97
CA ARG E 442 -16.38 -22.28 51.51
C ARG E 442 -15.34 -21.59 50.67
N VAL E 443 -15.45 -20.26 50.49
CA VAL E 443 -14.42 -19.55 49.73
C VAL E 443 -13.54 -18.80 50.75
N LEU E 444 -12.26 -19.16 50.78
CA LEU E 444 -11.32 -18.69 51.78
C LEU E 444 -10.15 -17.95 51.20
N SER E 445 -9.77 -16.83 51.82
CA SER E 445 -8.61 -16.07 51.38
CA SER E 445 -8.61 -16.07 51.38
C SER E 445 -7.41 -16.54 52.20
N ILE E 446 -6.30 -16.84 51.52
CA ILE E 446 -5.10 -17.31 52.19
C ILE E 446 -4.39 -16.17 52.91
N SER E 447 -4.20 -16.33 54.22
CA SER E 447 -3.53 -15.30 55.03
C SER E 447 -2.14 -15.74 55.50
N ALA F 13 -30.34 -40.33 29.95
CA ALA F 13 -29.20 -40.84 30.73
C ALA F 13 -28.76 -39.83 31.80
N ASP F 14 -28.80 -38.52 31.47
CA ASP F 14 -28.45 -37.44 32.39
C ASP F 14 -29.58 -37.15 33.42
N VAL F 15 -30.81 -37.64 33.18
CA VAL F 15 -31.91 -37.46 34.10
C VAL F 15 -32.54 -38.80 34.53
N ALA F 16 -31.96 -39.96 34.15
CA ALA F 16 -32.58 -41.26 34.44
C ALA F 16 -32.73 -41.58 35.95
N GLN F 17 -31.67 -41.40 36.73
CA GLN F 17 -31.71 -41.66 38.17
C GLN F 17 -32.69 -40.72 38.85
N LEU F 18 -32.59 -39.42 38.54
CA LEU F 18 -33.50 -38.46 39.10
C LEU F 18 -34.96 -38.66 38.66
N THR F 19 -35.18 -39.25 37.48
CA THR F 19 -36.53 -39.56 37.00
C THR F 19 -37.09 -40.74 37.78
N GLN F 20 -36.26 -41.75 38.09
CA GLN F 20 -36.72 -42.86 38.90
C GLN F 20 -37.13 -42.36 40.32
N GLU F 21 -36.30 -41.49 40.92
CA GLU F 21 -36.49 -40.94 42.25
C GLU F 21 -37.64 -39.97 42.37
N LEU F 22 -37.69 -38.96 41.48
CA LEU F 22 -38.73 -37.93 41.52
C LEU F 22 -40.00 -38.26 40.73
N GLY F 23 -39.90 -39.24 39.84
CA GLY F 23 -41.03 -39.68 39.05
C GLY F 23 -41.18 -38.94 37.75
N THR F 24 -41.89 -39.57 36.81
CA THR F 24 -42.10 -38.96 35.49
C THR F 24 -43.00 -37.76 35.61
N ALA F 25 -43.97 -37.73 36.55
CA ALA F 25 -44.86 -36.56 36.66
C ALA F 25 -44.07 -35.28 36.95
N PHE F 26 -43.03 -35.37 37.78
CA PHE F 26 -42.18 -34.24 38.12
C PHE F 26 -41.52 -33.66 36.85
N PHE F 27 -41.01 -34.54 35.98
CA PHE F 27 -40.30 -34.14 34.77
C PHE F 27 -41.21 -33.73 33.63
N GLN F 28 -42.55 -33.79 33.78
CA GLN F 28 -43.49 -33.31 32.79
C GLN F 28 -43.92 -31.86 33.09
N GLN F 29 -43.90 -31.46 34.37
CA GLN F 29 -44.27 -30.14 34.84
C GLN F 29 -43.20 -29.08 34.55
N GLN F 30 -43.54 -27.80 34.78
CA GLN F 30 -42.70 -26.60 34.67
C GLN F 30 -41.80 -26.56 33.41
N GLN F 31 -42.33 -27.02 32.26
CA GLN F 31 -41.63 -27.07 30.99
C GLN F 31 -40.27 -27.76 31.08
N LEU F 32 -40.16 -28.79 31.95
CA LEU F 32 -38.91 -29.52 32.08
C LEU F 32 -38.51 -30.27 30.80
N PRO F 33 -39.40 -30.90 29.99
CA PRO F 33 -38.92 -31.47 28.72
C PRO F 33 -38.28 -30.40 27.83
N ALA F 34 -38.88 -29.20 27.75
CA ALA F 34 -38.32 -28.08 26.96
C ALA F 34 -37.01 -27.56 27.55
N ALA F 35 -36.85 -27.69 28.89
CA ALA F 35 -35.64 -27.28 29.61
C ALA F 35 -34.46 -28.17 29.25
N MET F 36 -34.70 -29.46 29.02
CA MET F 36 -33.62 -30.41 28.69
C MET F 36 -33.16 -30.36 27.22
N ALA F 37 -33.86 -29.59 26.36
CA ALA F 37 -33.54 -29.55 24.94
C ALA F 37 -32.11 -29.10 24.63
N ASP F 38 -31.56 -29.66 23.58
CA ASP F 38 -30.18 -29.39 23.18
C ASP F 38 -30.00 -28.12 22.37
N THR F 39 -31.07 -27.60 21.74
CA THR F 39 -31.05 -26.36 20.96
C THR F 39 -32.27 -25.51 21.32
N PHE F 40 -32.19 -24.21 21.07
CA PHE F 40 -33.34 -23.32 21.30
C PHE F 40 -34.54 -23.73 20.42
N LEU F 41 -34.29 -24.17 19.17
CA LEU F 41 -35.34 -24.63 18.27
C LEU F 41 -36.08 -25.81 18.88
N GLU F 42 -35.34 -26.82 19.38
CA GLU F 42 -35.95 -27.97 20.02
C GLU F 42 -36.69 -27.60 21.31
N HIS F 43 -36.16 -26.59 22.02
CA HIS F 43 -36.76 -26.04 23.24
C HIS F 43 -38.15 -25.48 22.89
N LEU F 44 -38.26 -24.70 21.82
CA LEU F 44 -39.57 -24.17 21.39
C LEU F 44 -40.52 -25.32 21.02
N CYS F 45 -40.02 -26.31 20.27
CA CYS F 45 -40.79 -27.48 19.85
C CYS F 45 -41.36 -28.29 21.00
N LEU F 46 -40.68 -28.30 22.16
CA LEU F 46 -41.11 -29.06 23.33
C LEU F 46 -41.95 -28.28 24.33
N LEU F 47 -42.23 -26.97 24.07
CA LEU F 47 -43.09 -26.19 25.00
C LEU F 47 -44.49 -26.83 24.99
N ASP F 48 -45.08 -26.99 26.18
CA ASP F 48 -46.32 -27.72 26.30
C ASP F 48 -47.35 -26.96 27.14
N ILE F 49 -48.55 -26.71 26.59
CA ILE F 49 -49.63 -26.05 27.29
C ILE F 49 -50.16 -26.90 28.48
N ASP F 50 -49.92 -28.22 28.47
CA ASP F 50 -50.31 -29.09 29.58
C ASP F 50 -49.23 -29.19 30.67
N SER F 51 -48.07 -28.57 30.47
CA SER F 51 -47.01 -28.60 31.45
C SER F 51 -47.25 -27.46 32.45
N GLU F 52 -47.83 -27.77 33.62
CA GLU F 52 -48.20 -26.75 34.59
C GLU F 52 -47.02 -26.13 35.33
N PRO F 53 -47.07 -24.79 35.54
CA PRO F 53 -46.01 -24.16 36.32
C PRO F 53 -46.08 -24.59 37.79
N VAL F 54 -44.95 -24.81 38.41
CA VAL F 54 -44.90 -25.28 39.79
C VAL F 54 -44.27 -24.20 40.66
N ALA F 55 -43.17 -23.60 40.20
CA ALA F 55 -42.46 -22.58 40.96
C ALA F 55 -43.31 -21.34 41.26
N ALA F 56 -42.98 -20.67 42.37
CA ALA F 56 -43.64 -19.41 42.74
C ALA F 56 -43.22 -18.37 41.70
N ARG F 57 -44.12 -17.45 41.36
CA ARG F 57 -43.87 -16.41 40.37
C ARG F 57 -42.71 -15.53 40.80
N SER F 58 -41.68 -15.45 39.98
CA SER F 58 -40.46 -14.74 40.30
C SER F 58 -40.34 -13.29 39.78
N THR F 59 -41.06 -12.89 38.73
CA THR F 59 -40.98 -11.52 38.22
C THR F 59 -41.94 -10.67 39.07
N SER F 60 -41.46 -9.58 39.64
CA SER F 60 -42.32 -8.73 40.46
C SER F 60 -43.31 -7.92 39.68
N ILE F 61 -44.45 -7.63 40.29
CA ILE F 61 -45.47 -6.82 39.68
C ILE F 61 -45.49 -5.46 40.37
N ILE F 62 -45.37 -4.40 39.58
CA ILE F 62 -45.45 -3.05 40.08
C ILE F 62 -46.82 -2.54 39.69
N ALA F 63 -47.63 -2.11 40.67
CA ALA F 63 -48.96 -1.60 40.37
C ALA F 63 -49.00 -0.12 40.70
N THR F 64 -49.53 0.70 39.79
CA THR F 64 -49.67 2.13 40.04
C THR F 64 -50.90 2.38 40.89
N ILE F 65 -50.74 3.17 41.94
CA ILE F 65 -51.85 3.50 42.85
C ILE F 65 -52.61 4.72 42.33
N GLY F 66 -53.91 4.62 42.32
CA GLY F 66 -54.79 5.72 41.90
C GLY F 66 -56.19 5.54 42.44
N PRO F 67 -57.16 6.29 41.92
CA PRO F 67 -58.54 6.15 42.42
C PRO F 67 -59.10 4.72 42.42
N ALA F 68 -58.73 3.92 41.42
CA ALA F 68 -59.23 2.53 41.33
C ALA F 68 -58.57 1.56 42.30
N SER F 69 -57.45 1.94 42.90
CA SER F 69 -56.71 1.03 43.77
C SER F 69 -56.24 1.72 45.05
N ARG F 70 -56.97 2.72 45.54
CA ARG F 70 -56.52 3.48 46.69
C ARG F 70 -56.97 2.99 48.05
N SER F 71 -58.24 2.55 48.19
CA SER F 71 -58.77 2.06 49.46
C SER F 71 -57.97 0.91 50.02
N VAL F 72 -57.95 0.82 51.35
CA VAL F 72 -57.25 -0.22 52.09
C VAL F 72 -57.77 -1.61 51.72
N GLU F 73 -59.09 -1.75 51.53
CA GLU F 73 -59.68 -3.03 51.18
C GLU F 73 -59.29 -3.47 49.76
N ARG F 74 -59.21 -2.52 48.83
CA ARG F 74 -58.81 -2.82 47.45
C ARG F 74 -57.31 -3.18 47.41
N LEU F 75 -56.48 -2.49 48.19
CA LEU F 75 -55.07 -2.77 48.29
C LEU F 75 -54.79 -4.14 48.91
N LYS F 76 -55.64 -4.61 49.85
CA LYS F 76 -55.47 -5.95 50.44
C LYS F 76 -55.71 -7.00 49.36
N GLU F 77 -56.72 -6.78 48.50
CA GLU F 77 -57.05 -7.67 47.39
CA GLU F 77 -57.01 -7.71 47.43
C GLU F 77 -55.87 -7.71 46.37
N MET F 78 -55.24 -6.55 46.11
CA MET F 78 -54.13 -6.45 45.18
CA MET F 78 -54.13 -6.45 45.18
C MET F 78 -52.87 -7.10 45.72
N ILE F 79 -52.65 -7.03 47.05
CA ILE F 79 -51.50 -7.67 47.66
C ILE F 79 -51.69 -9.20 47.53
N LYS F 80 -52.92 -9.71 47.80
CA LYS F 80 -53.24 -11.13 47.68
C LYS F 80 -53.12 -11.60 46.22
N ALA F 81 -53.45 -10.72 45.24
CA ALA F 81 -53.34 -11.05 43.84
C ALA F 81 -51.87 -11.12 43.33
N GLY F 82 -50.94 -10.48 44.06
CA GLY F 82 -49.53 -10.55 43.69
C GLY F 82 -48.74 -9.26 43.59
N MET F 83 -49.36 -8.09 43.90
CA MET F 83 -48.64 -6.81 43.82
C MET F 83 -47.46 -6.80 44.79
N ASN F 84 -46.24 -6.48 44.30
CA ASN F 84 -45.06 -6.45 45.13
C ASN F 84 -44.57 -5.03 45.39
N ILE F 85 -44.80 -4.12 44.44
CA ILE F 85 -44.34 -2.74 44.50
C ILE F 85 -45.50 -1.83 44.14
N ALA F 86 -45.76 -0.83 45.00
CA ALA F 86 -46.82 0.14 44.77
C ALA F 86 -46.15 1.38 44.22
N ARG F 87 -46.60 1.86 43.07
CA ARG F 87 -46.01 3.02 42.42
C ARG F 87 -46.89 4.23 42.61
N LEU F 88 -46.29 5.35 43.04
CA LEU F 88 -47.01 6.63 43.22
C LEU F 88 -46.55 7.51 42.09
N ASN F 89 -47.46 7.89 41.20
CA ASN F 89 -47.11 8.72 40.05
C ASN F 89 -47.21 10.19 40.43
N PHE F 90 -46.07 10.84 40.65
CA PHE F 90 -46.06 12.25 41.05
C PHE F 90 -46.36 13.23 39.90
N SER F 91 -46.74 12.72 38.72
CA SER F 91 -47.18 13.59 37.62
C SER F 91 -48.60 14.15 37.93
N HIS F 92 -49.37 13.47 38.81
CA HIS F 92 -50.70 13.87 39.22
C HIS F 92 -50.82 13.80 40.74
N GLY F 93 -51.78 14.54 41.29
CA GLY F 93 -52.02 14.52 42.73
C GLY F 93 -51.09 15.36 43.56
N SER F 94 -51.60 15.83 44.68
CA SER F 94 -50.85 16.65 45.61
C SER F 94 -50.02 15.79 46.57
N HIS F 95 -49.15 16.42 47.38
CA HIS F 95 -48.40 15.71 48.40
C HIS F 95 -49.36 15.07 49.42
N GLU F 96 -50.47 15.75 49.73
CA GLU F 96 -51.48 15.25 50.67
C GLU F 96 -52.12 13.98 50.12
N TYR F 97 -52.41 13.97 48.80
CA TYR F 97 -53.00 12.82 48.14
C TYR F 97 -52.06 11.61 48.21
N HIS F 98 -50.77 11.82 47.90
CA HIS F 98 -49.79 10.74 47.91
C HIS F 98 -49.47 10.24 49.31
N ALA F 99 -49.51 11.11 50.33
CA ALA F 99 -49.27 10.68 51.70
C ALA F 99 -50.40 9.75 52.17
N GLU F 100 -51.63 10.01 51.72
CA GLU F 100 -52.77 9.18 52.06
C GLU F 100 -52.65 7.81 51.36
N SER F 101 -52.18 7.79 50.09
CA SER F 101 -51.96 6.55 49.33
C SER F 101 -50.91 5.69 50.07
N ILE F 102 -49.78 6.31 50.49
CA ILE F 102 -48.73 5.63 51.23
C ILE F 102 -49.27 5.02 52.53
N ALA F 103 -50.07 5.81 53.29
CA ALA F 103 -50.64 5.33 54.55
C ALA F 103 -51.57 4.14 54.32
N ASN F 104 -52.37 4.20 53.24
CA ASN F 104 -53.29 3.12 52.90
C ASN F 104 -52.55 1.85 52.47
N VAL F 105 -51.44 2.01 51.73
CA VAL F 105 -50.61 0.87 51.33
C VAL F 105 -50.03 0.22 52.58
N ARG F 106 -49.41 1.02 53.46
CA ARG F 106 -48.82 0.51 54.69
C ARG F 106 -49.84 -0.16 55.62
N GLU F 107 -51.06 0.38 55.69
CA GLU F 107 -52.11 -0.21 56.51
C GLU F 107 -52.53 -1.58 55.93
N ALA F 108 -52.69 -1.68 54.59
CA ALA F 108 -53.03 -2.95 53.95
C ALA F 108 -51.90 -3.97 54.12
N VAL F 109 -50.64 -3.54 53.99
CA VAL F 109 -49.48 -4.44 54.13
C VAL F 109 -49.38 -4.97 55.55
N GLU F 110 -49.52 -4.09 56.55
CA GLU F 110 -49.40 -4.49 57.95
C GLU F 110 -50.58 -5.30 58.47
N SER F 111 -51.72 -5.30 57.76
CA SER F 111 -52.84 -6.15 58.16
C SER F 111 -52.49 -7.66 58.11
N PHE F 112 -51.41 -8.03 57.38
CA PHE F 112 -50.96 -9.41 57.26
C PHE F 112 -49.73 -9.73 58.15
N ALA F 113 -49.24 -8.75 58.94
CA ALA F 113 -48.05 -8.92 59.79
C ALA F 113 -48.21 -9.84 60.98
N GLY F 114 -49.46 -10.21 61.31
CA GLY F 114 -49.77 -11.09 62.42
C GLY F 114 -49.14 -12.47 62.27
N SER F 115 -48.95 -12.91 61.02
CA SER F 115 -48.32 -14.19 60.76
C SER F 115 -47.01 -13.95 60.04
N PRO F 116 -45.91 -13.85 60.82
CA PRO F 116 -44.60 -13.60 60.21
C PRO F 116 -44.16 -14.61 59.14
N LEU F 117 -44.60 -15.86 59.25
CA LEU F 117 -44.24 -16.89 58.29
C LEU F 117 -44.97 -16.72 56.92
N SER F 118 -45.98 -15.84 56.82
CA SER F 118 -46.69 -15.65 55.53
C SER F 118 -46.78 -14.17 55.06
N TYR F 119 -46.30 -13.23 55.88
CA TYR F 119 -46.29 -11.79 55.62
C TYR F 119 -45.65 -11.42 54.28
N ARG F 120 -46.26 -10.44 53.56
CA ARG F 120 -45.76 -9.94 52.27
C ARG F 120 -45.25 -8.50 52.27
N PRO F 121 -43.92 -8.32 52.31
CA PRO F 121 -43.36 -6.96 52.19
C PRO F 121 -43.73 -6.32 50.83
N VAL F 122 -44.13 -5.04 50.82
CA VAL F 122 -44.49 -4.37 49.58
C VAL F 122 -43.68 -3.09 49.51
N ALA F 123 -42.90 -2.89 48.44
CA ALA F 123 -42.11 -1.68 48.30
C ALA F 123 -42.96 -0.49 47.84
N ILE F 124 -42.53 0.72 48.17
CA ILE F 124 -43.23 1.93 47.75
C ILE F 124 -42.27 2.67 46.87
N ALA F 125 -42.67 2.90 45.61
CA ALA F 125 -41.82 3.58 44.64
C ALA F 125 -42.43 4.92 44.27
N LEU F 126 -41.60 5.95 44.21
CA LEU F 126 -42.06 7.29 43.84
C LEU F 126 -41.61 7.53 42.41
N ASP F 127 -42.55 7.82 41.51
CA ASP F 127 -42.24 8.09 40.12
C ASP F 127 -42.29 9.61 39.94
N THR F 128 -41.15 10.25 39.63
CA THR F 128 -41.10 11.70 39.49
C THR F 128 -41.81 12.24 38.24
N LYS F 129 -42.22 13.52 38.29
CA LYS F 129 -42.89 14.18 37.18
C LYS F 129 -41.94 14.34 36.00
N GLY F 130 -40.71 14.72 36.27
CA GLY F 130 -39.70 14.89 35.23
C GLY F 130 -39.25 16.32 35.01
N PRO F 131 -38.25 16.49 34.14
CA PRO F 131 -37.72 17.84 33.89
C PRO F 131 -38.62 18.70 33.01
N PRO F 135 -33.89 20.93 31.07
CA PRO F 135 -32.45 20.65 31.03
C PRO F 135 -31.97 19.71 32.16
N GLY F 136 -32.41 20.00 33.38
CA GLY F 136 -32.01 19.20 34.54
C GLY F 136 -33.12 19.03 35.55
N LEU F 137 -32.76 18.78 36.82
CA LEU F 137 -33.72 18.55 37.90
C LEU F 137 -34.63 19.75 38.16
N SER F 138 -35.93 19.55 37.97
CA SER F 138 -36.91 20.61 38.18
C SER F 138 -37.14 20.89 39.68
N GLU F 139 -37.73 22.06 40.00
CA GLU F 139 -38.00 22.41 41.39
C GLU F 139 -39.07 21.52 42.00
N GLN F 140 -40.06 21.09 41.20
CA GLN F 140 -41.09 20.19 41.70
C GLN F 140 -40.48 18.84 42.05
N ASP F 141 -39.54 18.34 41.21
CA ASP F 141 -38.85 17.09 41.49
C ASP F 141 -38.03 17.18 42.76
N VAL F 142 -37.37 18.31 43.02
CA VAL F 142 -36.61 18.49 44.27
C VAL F 142 -37.55 18.39 45.49
N ARG F 143 -38.75 18.98 45.39
CA ARG F 143 -39.73 18.94 46.47
C ARG F 143 -40.34 17.55 46.66
N ASP F 144 -40.61 16.85 45.55
CA ASP F 144 -41.18 15.51 45.55
C ASP F 144 -40.19 14.48 46.07
N LEU F 145 -38.91 14.62 45.72
CA LEU F 145 -37.88 13.73 46.21
C LEU F 145 -37.68 13.91 47.71
N ARG F 146 -37.79 15.17 48.20
CA ARG F 146 -37.70 15.47 49.63
C ARG F 146 -38.89 14.81 50.36
N PHE F 147 -40.09 14.87 49.75
CA PHE F 147 -41.30 14.22 50.28
C PHE F 147 -41.06 12.70 50.42
N GLY F 148 -40.45 12.10 49.39
CA GLY F 148 -40.14 10.67 49.37
C GLY F 148 -39.24 10.25 50.50
N VAL F 149 -38.18 11.03 50.77
CA VAL F 149 -37.26 10.76 51.88
C VAL F 149 -38.00 10.88 53.21
N GLU F 150 -38.81 11.95 53.36
CA GLU F 150 -39.58 12.17 54.59
C GLU F 150 -40.61 11.08 54.84
N HIS F 151 -41.16 10.48 53.77
CA HIS F 151 -42.16 9.43 53.91
C HIS F 151 -41.59 8.01 53.81
N GLY F 152 -40.27 7.86 53.74
CA GLY F 152 -39.62 6.56 53.73
C GLY F 152 -39.85 5.68 52.52
N VAL F 153 -39.89 6.29 51.31
CA VAL F 153 -40.05 5.48 50.10
C VAL F 153 -38.82 4.61 49.88
N ASP F 154 -39.00 3.47 49.23
CA ASP F 154 -37.90 2.53 49.00
C ASP F 154 -37.19 2.76 47.70
N ILE F 155 -37.94 3.19 46.68
CA ILE F 155 -37.43 3.32 45.32
C ILE F 155 -37.88 4.64 44.72
N VAL F 156 -37.07 5.18 43.82
CA VAL F 156 -37.40 6.34 43.03
C VAL F 156 -37.28 5.92 41.55
N PHE F 157 -38.33 6.13 40.76
CA PHE F 157 -38.29 5.91 39.32
C PHE F 157 -38.07 7.31 38.80
N ALA F 158 -36.83 7.64 38.44
CA ALA F 158 -36.49 8.99 37.97
C ALA F 158 -36.86 9.20 36.51
N SER F 159 -37.82 10.09 36.24
CA SER F 159 -38.27 10.35 34.87
C SER F 159 -37.25 11.05 33.99
N PHE F 160 -37.27 10.70 32.69
CA PHE F 160 -36.46 11.28 31.63
C PHE F 160 -34.97 11.41 31.96
N VAL F 161 -34.35 10.32 32.40
CA VAL F 161 -32.91 10.35 32.67
C VAL F 161 -32.21 10.32 31.31
N ARG F 162 -31.35 11.31 31.03
CA ARG F 162 -30.65 11.43 29.75
C ARG F 162 -29.14 11.24 29.83
N LYS F 163 -28.57 11.33 31.02
CA LYS F 163 -27.13 11.21 31.22
C LYS F 163 -26.83 10.91 32.69
N ALA F 164 -25.59 10.52 33.00
CA ALA F 164 -25.18 10.19 34.36
C ALA F 164 -25.38 11.34 35.35
N SER F 165 -25.20 12.60 34.92
CA SER F 165 -25.38 13.74 35.81
C SER F 165 -26.84 13.91 36.26
N ASP F 166 -27.81 13.40 35.48
CA ASP F 166 -29.22 13.44 35.89
C ASP F 166 -29.42 12.55 37.12
N VAL F 167 -28.77 11.38 37.16
CA VAL F 167 -28.83 10.46 38.28
C VAL F 167 -28.16 11.07 39.50
N ALA F 168 -26.99 11.69 39.30
CA ALA F 168 -26.26 12.36 40.39
C ALA F 168 -27.12 13.46 41.02
N ALA F 169 -27.87 14.21 40.20
CA ALA F 169 -28.77 15.26 40.68
C ALA F 169 -29.89 14.69 41.53
N VAL F 170 -30.48 13.55 41.11
CA VAL F 170 -31.53 12.88 41.88
C VAL F 170 -30.96 12.41 43.22
N ARG F 171 -29.76 11.80 43.18
CA ARG F 171 -29.09 11.31 44.37
CA ARG F 171 -29.09 11.32 44.39
C ARG F 171 -28.84 12.45 45.36
N ALA F 172 -28.36 13.61 44.86
CA ALA F 172 -28.11 14.80 45.68
C ALA F 172 -29.39 15.32 46.31
N ALA F 173 -30.49 15.36 45.55
CA ALA F 173 -31.77 15.82 46.08
C ALA F 173 -32.36 14.89 47.16
N LEU F 174 -31.94 13.61 47.18
CA LEU F 174 -32.38 12.67 48.22
C LEU F 174 -31.67 12.96 49.56
N GLY F 175 -30.52 13.60 49.52
CA GLY F 175 -29.78 13.98 50.72
C GLY F 175 -29.13 12.83 51.44
N PRO F 176 -28.53 13.14 52.62
CA PRO F 176 -27.85 12.07 53.38
C PRO F 176 -28.81 11.02 53.93
N GLU F 177 -30.05 11.40 54.24
CA GLU F 177 -31.05 10.47 54.78
C GLU F 177 -31.61 9.47 53.75
N GLY F 178 -31.58 9.84 52.48
CA GLY F 178 -32.09 8.97 51.42
C GLY F 178 -30.99 8.22 50.71
N HIS F 179 -29.91 7.89 51.40
CA HIS F 179 -28.79 7.16 50.80
C HIS F 179 -29.13 5.70 50.48
N GLY F 180 -30.10 5.13 51.20
CA GLY F 180 -30.51 3.74 50.98
C GLY F 180 -31.60 3.55 49.93
N ILE F 181 -32.20 4.65 49.44
CA ILE F 181 -33.23 4.58 48.41
C ILE F 181 -32.65 4.13 47.07
N LYS F 182 -33.31 3.18 46.39
CA LYS F 182 -32.84 2.70 45.08
C LYS F 182 -33.28 3.66 43.98
N ILE F 183 -32.36 4.04 43.09
CA ILE F 183 -32.72 4.92 41.98
C ILE F 183 -32.80 4.09 40.70
N ILE F 184 -34.00 3.99 40.15
CA ILE F 184 -34.25 3.29 38.90
C ILE F 184 -34.42 4.37 37.84
N SER F 185 -33.47 4.49 36.91
CA SER F 185 -33.55 5.51 35.88
C SER F 185 -34.51 5.12 34.76
N LYS F 186 -35.47 6.01 34.46
CA LYS F 186 -36.40 5.76 33.37
C LYS F 186 -35.79 6.21 32.05
N ILE F 187 -35.65 5.29 31.07
CA ILE F 187 -35.12 5.65 29.76
C ILE F 187 -36.30 5.94 28.88
N GLU F 188 -36.49 7.23 28.48
CA GLU F 188 -37.68 7.65 27.76
C GLU F 188 -37.42 8.36 26.45
N ASN F 189 -36.16 8.51 26.02
CA ASN F 189 -35.88 9.23 24.77
C ASN F 189 -34.59 8.74 24.11
N HIS F 190 -34.29 9.27 22.92
CA HIS F 190 -33.11 8.88 22.17
C HIS F 190 -31.82 9.07 22.93
N GLU F 191 -31.67 10.20 23.60
CA GLU F 191 -30.44 10.47 24.36
C GLU F 191 -30.22 9.46 25.48
N GLY F 192 -31.28 9.10 26.19
CA GLY F 192 -31.20 8.10 27.25
C GLY F 192 -30.77 6.75 26.72
N VAL F 193 -31.26 6.38 25.51
CA VAL F 193 -30.88 5.11 24.89
C VAL F 193 -29.42 5.16 24.47
N LYS F 194 -29.00 6.25 23.82
CA LYS F 194 -27.61 6.41 23.38
C LYS F 194 -26.60 6.50 24.53
N ARG F 195 -26.96 7.18 25.62
CA ARG F 195 -26.09 7.31 26.80
C ARG F 195 -26.38 6.22 27.85
N PHE F 196 -27.07 5.10 27.48
CA PHE F 196 -27.48 4.03 28.38
C PHE F 196 -26.38 3.52 29.29
N ASP F 197 -25.18 3.22 28.75
CA ASP F 197 -24.11 2.65 29.54
C ASP F 197 -23.66 3.53 30.70
N GLU F 198 -23.57 4.86 30.46
CA GLU F 198 -23.16 5.76 31.55
C GLU F 198 -24.27 5.92 32.59
N ILE F 199 -25.54 5.80 32.18
CA ILE F 199 -26.68 5.89 33.09
C ILE F 199 -26.78 4.65 33.98
N LEU F 200 -26.67 3.46 33.37
CA LEU F 200 -26.72 2.21 34.09
C LEU F 200 -25.59 2.10 35.09
N GLU F 201 -24.39 2.56 34.72
CA GLU F 201 -23.23 2.53 35.63
C GLU F 201 -23.51 3.22 36.98
N VAL F 202 -24.22 4.33 36.98
CA VAL F 202 -24.51 5.08 38.21
C VAL F 202 -25.90 4.83 38.79
N SER F 203 -26.75 4.04 38.12
CA SER F 203 -28.11 3.76 38.63
C SER F 203 -28.18 2.42 39.34
N ASP F 204 -29.21 2.24 40.15
CA ASP F 204 -29.46 0.92 40.76
C ASP F 204 -30.19 -0.02 39.79
N GLY F 205 -30.90 0.54 38.83
CA GLY F 205 -31.60 -0.21 37.81
C GLY F 205 -32.19 0.70 36.75
N ILE F 206 -32.97 0.10 35.84
CA ILE F 206 -33.53 0.83 34.70
C ILE F 206 -35.00 0.52 34.51
N MET F 207 -35.77 1.50 34.05
CA MET F 207 -37.12 1.28 33.65
C MET F 207 -37.20 1.61 32.15
N VAL F 208 -37.70 0.66 31.33
CA VAL F 208 -37.92 0.87 29.91
C VAL F 208 -39.29 1.53 29.87
N ALA F 209 -39.32 2.87 29.81
CA ALA F 209 -40.55 3.64 29.87
C ALA F 209 -41.08 3.79 28.46
N ARG F 210 -41.77 2.75 27.98
CA ARG F 210 -42.22 2.63 26.58
C ARG F 210 -43.18 3.67 26.08
N GLY F 211 -43.96 4.28 26.99
CA GLY F 211 -44.92 5.32 26.62
C GLY F 211 -44.25 6.51 25.96
N ASP F 212 -43.38 7.20 26.68
CA ASP F 212 -42.66 8.35 26.12
C ASP F 212 -41.65 7.91 25.09
N LEU F 213 -40.97 6.79 25.30
CA LEU F 213 -40.00 6.27 24.35
C LEU F 213 -40.64 6.03 22.96
N GLY F 214 -41.87 5.53 22.93
CA GLY F 214 -42.62 5.29 21.70
C GLY F 214 -43.09 6.55 20.98
N ILE F 215 -42.98 7.72 21.63
CA ILE F 215 -43.31 9.03 21.08
C ILE F 215 -42.00 9.72 20.64
N GLU F 216 -40.92 9.54 21.42
CA GLU F 216 -39.60 10.13 21.18
C GLU F 216 -38.81 9.47 20.06
N ILE F 217 -38.97 8.16 19.88
CA ILE F 217 -38.34 7.40 18.81
C ILE F 217 -39.47 6.70 18.00
N PRO F 218 -39.21 6.25 16.76
CA PRO F 218 -40.27 5.56 16.00
C PRO F 218 -40.86 4.37 16.77
N ALA F 219 -42.17 4.24 16.76
CA ALA F 219 -42.85 3.17 17.51
C ALA F 219 -42.34 1.76 17.15
N GLU F 220 -41.95 1.55 15.89
CA GLU F 220 -41.43 0.26 15.44
C GLU F 220 -40.01 -0.06 15.94
N LYS F 221 -39.36 0.86 16.64
CA LYS F 221 -38.02 0.64 17.17
C LYS F 221 -38.00 0.39 18.67
N VAL F 222 -39.12 0.62 19.38
CA VAL F 222 -39.14 0.45 20.84
C VAL F 222 -38.73 -0.96 21.29
N PHE F 223 -39.17 -2.02 20.59
CA PHE F 223 -38.79 -3.39 20.97
C PHE F 223 -37.26 -3.58 20.93
N LEU F 224 -36.55 -2.86 20.05
CA LEU F 224 -35.10 -2.98 19.96
C LEU F 224 -34.49 -2.33 21.21
N ALA F 225 -34.99 -1.17 21.62
CA ALA F 225 -34.51 -0.49 22.80
C ALA F 225 -34.81 -1.34 24.03
N GLN F 226 -36.01 -1.93 24.11
CA GLN F 226 -36.38 -2.79 25.24
C GLN F 226 -35.46 -4.00 25.35
N LYS F 227 -35.24 -4.73 24.24
CA LYS F 227 -34.40 -5.93 24.26
C LYS F 227 -32.95 -5.61 24.54
N MET F 228 -32.45 -4.50 24.01
CA MET F 228 -31.08 -4.08 24.28
C MET F 228 -30.91 -3.73 25.78
N MET F 229 -31.83 -2.92 26.34
CA MET F 229 -31.72 -2.50 27.74
C MET F 229 -31.87 -3.65 28.72
N ILE F 230 -32.80 -4.58 28.44
CA ILE F 230 -32.97 -5.75 29.27
C ILE F 230 -31.72 -6.62 29.22
N GLY F 231 -31.17 -6.82 28.02
CA GLY F 231 -29.94 -7.58 27.84
C GLY F 231 -28.78 -6.98 28.61
N ARG F 232 -28.58 -5.66 28.52
CA ARG F 232 -27.49 -4.99 29.21
C ARG F 232 -27.65 -4.99 30.72
N CYS F 233 -28.90 -4.87 31.23
CA CYS F 233 -29.14 -4.95 32.66
C CYS F 233 -28.91 -6.34 33.17
N ASN F 234 -29.30 -7.38 32.40
CA ASN F 234 -29.06 -8.75 32.79
C ASN F 234 -27.56 -9.03 32.86
N LEU F 235 -26.80 -8.50 31.90
CA LEU F 235 -25.36 -8.62 31.86
C LEU F 235 -24.73 -7.91 33.08
N ALA F 236 -25.22 -6.70 33.43
CA ALA F 236 -24.70 -5.96 34.58
C ALA F 236 -25.20 -6.50 35.94
N GLY F 237 -26.22 -7.35 35.94
CA GLY F 237 -26.80 -7.87 37.17
C GLY F 237 -27.61 -6.81 37.90
N LYS F 238 -28.21 -5.85 37.15
CA LYS F 238 -29.03 -4.80 37.77
C LYS F 238 -30.49 -4.91 37.36
N PRO F 239 -31.43 -4.60 38.27
CA PRO F 239 -32.86 -4.75 37.93
C PRO F 239 -33.31 -3.95 36.73
N VAL F 240 -34.23 -4.51 35.94
CA VAL F 240 -34.80 -3.82 34.79
C VAL F 240 -36.32 -4.02 34.82
N VAL F 241 -37.06 -2.94 34.65
CA VAL F 241 -38.51 -2.93 34.67
C VAL F 241 -39.06 -2.70 33.27
N CYS F 242 -40.02 -3.51 32.84
CA CYS F 242 -40.69 -3.26 31.57
C CYS F 242 -42.00 -2.57 31.90
N ALA F 243 -42.29 -1.42 31.28
CA ALA F 243 -43.49 -0.66 31.64
C ALA F 243 -44.29 -0.15 30.44
N THR F 244 -45.59 0.18 30.68
CA THR F 244 -46.55 0.92 29.86
C THR F 244 -47.28 0.13 28.80
N GLN F 245 -48.62 0.13 28.93
CA GLN F 245 -49.59 -0.48 28.04
C GLN F 245 -49.47 -1.97 27.92
N MET F 246 -48.91 -2.64 28.94
CA MET F 246 -48.79 -4.09 28.89
C MET F 246 -50.14 -4.80 28.83
N LEU F 247 -51.14 -4.32 29.56
CA LEU F 247 -52.49 -4.91 29.57
C LEU F 247 -53.51 -3.78 29.43
N GLU F 248 -53.21 -2.76 28.61
CA GLU F 248 -54.02 -1.57 28.39
C GLU F 248 -55.51 -1.82 28.24
N SER F 249 -55.95 -2.78 27.42
CA SER F 249 -57.38 -3.02 27.22
C SER F 249 -58.11 -3.46 28.50
N MET F 250 -57.38 -3.94 29.52
CA MET F 250 -57.97 -4.31 30.80
C MET F 250 -58.41 -3.10 31.64
N ILE F 251 -58.18 -1.85 31.16
CA ILE F 251 -58.70 -0.65 31.80
C ILE F 251 -60.25 -0.70 31.73
N THR F 252 -60.82 -1.20 30.62
CA THR F 252 -62.27 -1.30 30.47
C THR F 252 -62.79 -2.71 30.26
N LYS F 253 -61.93 -3.66 29.88
CA LYS F 253 -62.39 -5.03 29.62
C LYS F 253 -61.86 -6.03 30.63
N PRO F 254 -62.65 -7.07 30.97
CA PRO F 254 -62.20 -8.04 32.00
C PRO F 254 -61.09 -8.98 31.54
N ARG F 255 -60.88 -9.09 30.21
CA ARG F 255 -59.85 -9.95 29.62
C ARG F 255 -58.97 -9.13 28.67
N PRO F 256 -57.67 -9.41 28.63
CA PRO F 256 -56.79 -8.65 27.72
C PRO F 256 -56.82 -9.15 26.27
N THR F 257 -56.20 -8.41 25.37
CA THR F 257 -56.09 -8.85 23.97
C THR F 257 -54.93 -9.90 23.88
N ARG F 258 -54.86 -10.61 22.76
CA ARG F 258 -53.83 -11.60 22.49
C ARG F 258 -52.46 -10.94 22.39
N ALA F 259 -52.38 -9.69 21.89
CA ALA F 259 -51.11 -8.96 21.84
C ALA F 259 -50.61 -8.61 23.24
N GLU F 260 -51.51 -8.27 24.16
CA GLU F 260 -51.16 -7.91 25.53
C GLU F 260 -50.60 -9.05 26.33
N THR F 261 -51.23 -10.24 26.27
CA THR F 261 -50.68 -11.40 27.01
C THR F 261 -49.33 -11.80 26.44
N SER F 262 -49.16 -11.68 25.12
CA SER F 262 -47.91 -12.00 24.46
C SER F 262 -46.82 -11.00 24.90
N ASP F 263 -47.17 -9.71 25.00
CA ASP F 263 -46.23 -8.68 25.42
C ASP F 263 -45.70 -8.93 26.84
N VAL F 264 -46.58 -9.32 27.78
CA VAL F 264 -46.17 -9.64 29.14
C VAL F 264 -45.23 -10.82 29.15
N ALA F 265 -45.61 -11.89 28.43
CA ALA F 265 -44.80 -13.11 28.36
C ALA F 265 -43.43 -12.83 27.76
N ASN F 266 -43.37 -12.03 26.68
CA ASN F 266 -42.13 -11.71 26.02
C ASN F 266 -41.24 -10.81 26.83
N ALA F 267 -41.83 -9.90 27.67
CA ALA F 267 -41.00 -9.07 28.55
C ALA F 267 -40.29 -9.99 29.59
N VAL F 268 -41.01 -10.98 30.11
CA VAL F 268 -40.43 -11.94 31.06
C VAL F 268 -39.38 -12.81 30.36
N LEU F 269 -39.69 -13.37 29.16
CA LEU F 269 -38.72 -14.15 28.40
C LEU F 269 -37.48 -13.32 28.03
N ASP F 270 -37.64 -12.00 27.74
CA ASP F 270 -36.50 -11.13 27.43
C ASP F 270 -35.56 -11.05 28.61
N GLY F 271 -36.10 -11.05 29.84
CA GLY F 271 -35.29 -11.00 31.04
C GLY F 271 -35.65 -9.88 32.01
N ALA F 272 -36.86 -9.29 31.89
CA ALA F 272 -37.28 -8.24 32.81
C ALA F 272 -37.42 -8.75 34.25
N ASP F 273 -36.87 -8.02 35.22
CA ASP F 273 -37.01 -8.39 36.64
C ASP F 273 -38.42 -8.04 37.11
N CYS F 274 -38.98 -6.90 36.63
CA CYS F 274 -40.30 -6.43 37.02
C CYS F 274 -41.12 -6.09 35.81
N ILE F 275 -42.42 -6.22 35.94
CA ILE F 275 -43.39 -5.79 34.95
C ILE F 275 -44.34 -4.82 35.65
N MET F 276 -44.86 -3.83 34.92
CA MET F 276 -45.65 -2.79 35.52
C MET F 276 -47.03 -2.64 34.94
N LEU F 277 -47.94 -2.14 35.76
CA LEU F 277 -49.30 -1.78 35.41
C LEU F 277 -49.45 -0.29 35.76
N SER F 278 -49.98 0.50 34.85
CA SER F 278 -50.19 1.94 35.06
C SER F 278 -51.70 2.22 35.20
N GLY F 279 -52.38 2.63 34.12
CA GLY F 279 -53.80 2.90 34.10
C GLY F 279 -54.65 1.70 34.45
N GLU F 280 -54.13 0.48 34.16
CA GLU F 280 -54.82 -0.77 34.45
C GLU F 280 -55.16 -0.89 35.94
N THR F 281 -54.29 -0.40 36.83
CA THR F 281 -54.55 -0.45 38.27
C THR F 281 -54.89 0.96 38.86
N ALA F 282 -54.35 2.03 38.28
CA ALA F 282 -54.59 3.37 38.79
C ALA F 282 -56.00 3.87 38.54
N LYS F 283 -56.57 3.62 37.36
CA LYS F 283 -57.89 4.16 37.03
C LYS F 283 -58.88 3.18 36.38
N GLY F 284 -58.45 1.98 36.04
CA GLY F 284 -59.31 1.02 35.35
C GLY F 284 -60.40 0.36 36.17
N ASN F 285 -61.27 -0.38 35.51
CA ASN F 285 -62.35 -1.09 36.16
C ASN F 285 -61.98 -2.48 36.68
N PHE F 286 -60.79 -2.98 36.35
CA PHE F 286 -60.39 -4.32 36.78
C PHE F 286 -58.94 -4.32 37.36
N PRO F 287 -58.64 -3.51 38.40
CA PRO F 287 -57.28 -3.48 38.92
C PRO F 287 -56.78 -4.82 39.46
N VAL F 288 -57.62 -5.53 40.18
CA VAL F 288 -57.22 -6.82 40.78
C VAL F 288 -57.04 -7.88 39.68
N GLU F 289 -57.94 -7.92 38.70
CA GLU F 289 -57.88 -8.87 37.59
C GLU F 289 -56.63 -8.62 36.74
N ALA F 290 -56.19 -7.37 36.60
CA ALA F 290 -54.99 -7.03 35.83
C ALA F 290 -53.75 -7.60 36.55
N VAL F 291 -53.71 -7.49 37.89
CA VAL F 291 -52.62 -8.03 38.69
C VAL F 291 -52.63 -9.56 38.57
N LYS F 292 -53.82 -10.18 38.65
CA LYS F 292 -53.94 -11.64 38.52
C LYS F 292 -53.50 -12.13 37.14
N MET F 293 -53.78 -11.36 36.10
CA MET F 293 -53.39 -11.72 34.74
C MET F 293 -51.87 -11.64 34.56
N GLN F 294 -51.23 -10.59 35.10
CA GLN F 294 -49.77 -10.50 35.04
C GLN F 294 -49.12 -11.61 35.81
N HIS F 295 -49.72 -11.99 36.98
CA HIS F 295 -49.21 -13.06 37.80
C HIS F 295 -49.28 -14.38 37.01
N ALA F 296 -50.43 -14.68 36.42
CA ALA F 296 -50.64 -15.92 35.67
C ALA F 296 -49.71 -16.03 34.47
N ILE F 297 -49.51 -14.94 33.71
CA ILE F 297 -48.63 -14.96 32.54
C ILE F 297 -47.17 -15.10 32.94
N ALA F 298 -46.72 -14.32 33.93
CA ALA F 298 -45.34 -14.38 34.39
C ALA F 298 -44.94 -15.78 34.84
N ARG F 299 -45.82 -16.47 35.58
CA ARG F 299 -45.53 -17.83 36.03
C ARG F 299 -45.33 -18.78 34.82
N GLU F 300 -46.19 -18.66 33.80
CA GLU F 300 -46.08 -19.49 32.62
C GLU F 300 -44.79 -19.18 31.85
N ALA F 301 -44.46 -17.88 31.71
CA ALA F 301 -43.28 -17.47 30.97
C ALA F 301 -41.97 -17.82 31.64
N GLU F 302 -41.91 -17.74 32.97
CA GLU F 302 -40.68 -18.08 33.70
C GLU F 302 -40.31 -19.55 33.51
N ALA F 303 -41.31 -20.44 33.47
CA ALA F 303 -41.03 -21.85 33.22
C ALA F 303 -40.52 -22.07 31.79
N ALA F 304 -40.94 -21.22 30.82
CA ALA F 304 -40.55 -21.34 29.40
C ALA F 304 -39.15 -20.73 29.08
N VAL F 305 -38.48 -20.15 30.09
CA VAL F 305 -37.12 -19.61 29.89
C VAL F 305 -36.17 -20.78 29.54
N TYR F 306 -35.22 -20.59 28.61
CA TYR F 306 -34.32 -21.67 28.22
C TYR F 306 -33.05 -21.62 29.06
N HIS F 307 -33.15 -22.06 30.35
CA HIS F 307 -32.07 -21.96 31.32
C HIS F 307 -30.74 -22.55 30.87
N ARG F 308 -30.75 -23.64 30.09
CA ARG F 308 -29.51 -24.25 29.60
C ARG F 308 -28.63 -23.22 28.85
N GLN F 309 -29.22 -22.45 27.92
CA GLN F 309 -28.46 -21.44 27.19
C GLN F 309 -28.25 -20.20 28.05
N LEU F 310 -29.28 -19.74 28.74
CA LEU F 310 -29.21 -18.53 29.55
C LEU F 310 -28.08 -18.61 30.59
N PHE F 311 -28.04 -19.70 31.37
CA PHE F 311 -27.01 -19.88 32.41
C PHE F 311 -25.60 -19.93 31.80
N GLU F 312 -25.41 -20.68 30.72
CA GLU F 312 -24.13 -20.75 30.04
C GLU F 312 -23.67 -19.38 29.53
N GLU F 313 -24.60 -18.59 28.96
CA GLU F 313 -24.26 -17.27 28.47
C GLU F 313 -23.97 -16.28 29.58
N LEU F 314 -24.76 -16.30 30.69
CA LEU F 314 -24.54 -15.42 31.83
C LEU F 314 -23.17 -15.75 32.45
N ARG F 315 -22.84 -17.04 32.56
CA ARG F 315 -21.54 -17.46 33.09
C ARG F 315 -20.36 -17.03 32.14
N ARG F 316 -20.46 -17.27 30.84
CA ARG F 316 -19.44 -16.87 29.87
C ARG F 316 -19.20 -15.35 29.88
N ALA F 317 -20.28 -14.56 29.94
CA ALA F 317 -20.16 -13.10 29.90
C ALA F 317 -19.70 -12.48 31.22
N ALA F 318 -19.95 -13.16 32.35
CA ALA F 318 -19.57 -12.61 33.64
C ALA F 318 -18.06 -12.74 33.82
N PRO F 319 -17.41 -11.62 34.17
CA PRO F 319 -15.96 -11.66 34.33
C PRO F 319 -15.56 -12.47 35.56
N LEU F 320 -14.30 -12.94 35.61
CA LEU F 320 -13.79 -13.64 36.78
C LEU F 320 -13.87 -12.72 38.00
N SER F 321 -14.12 -13.29 39.17
CA SER F 321 -14.27 -12.46 40.35
C SER F 321 -13.53 -13.00 41.52
N ARG F 322 -12.94 -12.12 42.31
CA ARG F 322 -12.32 -12.51 43.56
C ARG F 322 -13.17 -12.11 44.77
N ASP F 323 -14.44 -11.70 44.55
CA ASP F 323 -15.34 -11.35 45.63
C ASP F 323 -16.02 -12.65 46.07
N PRO F 324 -15.82 -13.06 47.33
CA PRO F 324 -16.41 -14.33 47.79
C PRO F 324 -17.93 -14.42 47.67
N THR F 325 -18.66 -13.30 47.76
CA THR F 325 -20.12 -13.33 47.61
C THR F 325 -20.47 -13.74 46.16
N GLU F 326 -19.77 -13.18 45.18
CA GLU F 326 -19.99 -13.48 43.78
C GLU F 326 -19.61 -14.94 43.47
N VAL F 327 -18.48 -15.40 44.03
CA VAL F 327 -17.99 -16.76 43.84
C VAL F 327 -18.95 -17.78 44.46
N THR F 328 -19.47 -17.49 45.67
CA THR F 328 -20.40 -18.37 46.35
C THR F 328 -21.71 -18.41 45.57
N ALA F 329 -22.16 -17.25 45.05
CA ALA F 329 -23.39 -17.16 44.28
C ALA F 329 -23.41 -18.09 43.06
N ILE F 330 -22.34 -18.07 42.24
CA ILE F 330 -22.31 -18.93 41.06
C ILE F 330 -22.21 -20.41 41.46
N GLY F 331 -21.47 -20.70 42.51
CA GLY F 331 -21.37 -22.07 43.02
C GLY F 331 -22.71 -22.58 43.50
N ALA F 332 -23.48 -21.73 44.23
CA ALA F 332 -24.80 -22.08 44.74
C ALA F 332 -25.82 -22.27 43.63
N VAL F 333 -25.77 -21.43 42.59
CA VAL F 333 -26.68 -21.55 41.48
C VAL F 333 -26.37 -22.84 40.69
N GLU F 334 -25.09 -23.15 40.49
CA GLU F 334 -24.68 -24.36 39.79
CA GLU F 334 -24.68 -24.36 39.79
C GLU F 334 -25.17 -25.60 40.55
N ALA F 335 -24.98 -25.60 41.90
CA ALA F 335 -25.42 -26.70 42.76
C ALA F 335 -26.96 -26.85 42.72
N ALA F 336 -27.70 -25.73 42.69
CA ALA F 336 -29.15 -25.79 42.62
C ALA F 336 -29.63 -26.43 41.30
N PHE F 337 -28.98 -26.11 40.16
CA PHE F 337 -29.36 -26.73 38.88
C PHE F 337 -29.04 -28.22 38.89
N LYS F 338 -27.91 -28.61 39.48
CA LYS F 338 -27.47 -30.00 39.54
C LYS F 338 -28.46 -30.93 40.25
N CYS F 339 -29.12 -30.44 41.31
CA CYS F 339 -30.04 -31.28 42.07
C CYS F 339 -31.49 -30.91 41.92
N CYS F 340 -31.83 -29.97 41.01
CA CYS F 340 -33.21 -29.48 40.85
C CYS F 340 -33.70 -28.92 42.20
N ALA F 341 -32.81 -28.20 42.92
CA ALA F 341 -33.14 -27.67 44.24
C ALA F 341 -34.39 -26.84 44.22
N ALA F 342 -35.23 -27.01 45.24
CA ALA F 342 -36.48 -26.27 45.33
C ALA F 342 -36.23 -24.78 45.63
N ALA F 343 -35.22 -24.49 46.46
CA ALA F 343 -34.93 -23.12 46.84
C ALA F 343 -33.46 -22.93 47.22
N ILE F 344 -33.00 -21.68 47.22
CA ILE F 344 -31.68 -21.24 47.69
C ILE F 344 -32.04 -20.29 48.83
N ILE F 345 -31.68 -20.62 50.08
CA ILE F 345 -31.98 -19.76 51.22
C ILE F 345 -30.74 -18.96 51.49
N VAL F 346 -30.86 -17.64 51.50
CA VAL F 346 -29.70 -16.77 51.70
C VAL F 346 -29.97 -15.76 52.81
N LEU F 347 -28.96 -15.53 53.65
CA LEU F 347 -29.06 -14.54 54.71
C LEU F 347 -28.49 -13.27 54.13
N THR F 348 -29.22 -12.15 54.24
CA THR F 348 -28.74 -10.90 53.67
C THR F 348 -29.14 -9.72 54.52
N THR F 349 -28.27 -8.72 54.58
CA THR F 349 -28.52 -7.50 55.35
C THR F 349 -29.00 -6.40 54.40
N THR F 350 -28.29 -6.21 53.29
CA THR F 350 -28.65 -5.18 52.32
C THR F 350 -29.41 -5.70 51.09
N GLY F 351 -29.48 -7.03 50.94
CA GLY F 351 -30.08 -7.64 49.76
C GLY F 351 -29.05 -8.04 48.72
N ARG F 352 -27.80 -7.57 48.84
CA ARG F 352 -26.75 -7.83 47.85
C ARG F 352 -26.48 -9.33 47.59
N SER F 353 -26.37 -10.17 48.61
CA SER F 353 -26.13 -11.61 48.40
C SER F 353 -27.28 -12.25 47.57
N ALA F 354 -28.51 -11.79 47.80
CA ALA F 354 -29.66 -12.30 47.08
C ALA F 354 -29.61 -11.78 45.61
N GLN F 355 -29.18 -10.54 45.40
CA GLN F 355 -29.06 -9.97 44.07
C GLN F 355 -28.00 -10.71 43.24
N LEU F 356 -26.89 -11.09 43.85
CA LEU F 356 -25.85 -11.83 43.16
C LEU F 356 -26.28 -13.24 42.79
N LEU F 357 -27.22 -13.85 43.55
CA LEU F 357 -27.72 -15.18 43.21
C LEU F 357 -28.70 -15.01 42.01
N SER F 358 -29.58 -14.01 42.11
CA SER F 358 -30.60 -13.64 41.14
C SER F 358 -30.03 -13.34 39.72
N ARG F 359 -28.83 -12.77 39.63
CA ARG F 359 -28.25 -12.41 38.34
C ARG F 359 -27.92 -13.63 37.47
N TYR F 360 -27.73 -14.83 38.08
CA TYR F 360 -27.47 -16.06 37.34
C TYR F 360 -28.73 -16.77 36.93
N ARG F 361 -29.91 -16.19 37.24
CA ARG F 361 -31.22 -16.68 36.88
C ARG F 361 -31.46 -18.14 37.25
N PRO F 362 -31.36 -18.52 38.54
CA PRO F 362 -31.68 -19.90 38.91
C PRO F 362 -33.18 -20.20 38.71
N ARG F 363 -33.54 -21.46 38.46
CA ARG F 363 -34.94 -21.91 38.45
C ARG F 363 -35.40 -21.93 39.95
N ALA F 364 -34.50 -22.32 40.88
CA ALA F 364 -34.79 -22.34 42.31
C ALA F 364 -35.14 -20.94 42.84
N ALA F 365 -36.15 -20.84 43.71
CA ALA F 365 -36.55 -19.60 44.36
C ALA F 365 -35.43 -19.16 45.28
N VAL F 366 -35.12 -17.86 45.32
CA VAL F 366 -34.10 -17.34 46.24
C VAL F 366 -34.85 -16.79 47.44
N ILE F 367 -34.87 -17.52 48.55
CA ILE F 367 -35.56 -17.09 49.77
C ILE F 367 -34.55 -16.26 50.58
N ALA F 368 -34.76 -14.94 50.63
CA ALA F 368 -33.82 -14.06 51.31
C ALA F 368 -34.31 -13.75 52.73
N VAL F 369 -33.59 -14.23 53.74
CA VAL F 369 -33.97 -13.95 55.13
C VAL F 369 -33.21 -12.71 55.60
N THR F 370 -33.94 -11.66 55.97
CA THR F 370 -33.32 -10.41 56.40
C THR F 370 -34.02 -9.83 57.61
N ARG F 371 -33.29 -9.05 58.41
CA ARG F 371 -33.89 -8.29 59.50
C ARG F 371 -34.25 -6.86 59.01
N SER F 372 -33.68 -6.39 57.87
CA SER F 372 -33.94 -5.06 57.35
C SER F 372 -35.26 -4.99 56.59
N ALA F 373 -36.24 -4.27 57.13
CA ALA F 373 -37.55 -4.12 56.50
C ALA F 373 -37.40 -3.43 55.12
N GLN F 374 -36.50 -2.45 55.01
CA GLN F 374 -36.28 -1.76 53.73
C GLN F 374 -35.66 -2.71 52.69
N ALA F 375 -34.63 -3.50 53.06
CA ALA F 375 -34.03 -4.45 52.14
C ALA F 375 -35.08 -5.50 51.71
N ALA F 376 -35.94 -5.95 52.63
CA ALA F 376 -37.00 -6.89 52.30
C ALA F 376 -37.94 -6.31 51.22
N ARG F 377 -38.24 -5.01 51.27
CA ARG F 377 -39.07 -4.36 50.25
C ARG F 377 -38.30 -4.17 48.94
N GLN F 378 -37.04 -3.74 49.02
CA GLN F 378 -36.26 -3.45 47.82
C GLN F 378 -35.83 -4.68 47.01
N VAL F 379 -35.67 -5.87 47.64
CA VAL F 379 -35.27 -7.06 46.87
C VAL F 379 -36.35 -7.55 45.90
N HIS F 380 -37.56 -7.00 45.97
CA HIS F 380 -38.60 -7.28 44.97
C HIS F 380 -38.12 -6.79 43.57
N LEU F 381 -37.13 -5.88 43.51
CA LEU F 381 -36.61 -5.43 42.23
C LEU F 381 -35.82 -6.55 41.51
N CYS F 382 -35.36 -7.60 42.23
CA CYS F 382 -34.57 -8.69 41.68
C CYS F 382 -35.42 -9.90 41.42
N ARG F 383 -35.41 -10.39 40.16
CA ARG F 383 -36.20 -11.55 39.81
C ARG F 383 -35.87 -12.77 40.67
N GLY F 384 -36.90 -13.42 41.18
CA GLY F 384 -36.75 -14.65 41.91
C GLY F 384 -36.37 -14.53 43.36
N VAL F 385 -36.36 -13.31 43.92
CA VAL F 385 -36.02 -13.13 45.32
C VAL F 385 -37.30 -12.96 46.13
N PHE F 386 -37.54 -13.89 47.08
CA PHE F 386 -38.71 -13.92 47.97
C PHE F 386 -38.25 -13.50 49.35
N PRO F 387 -38.56 -12.24 49.72
CA PRO F 387 -38.06 -11.73 51.01
C PRO F 387 -38.81 -12.24 52.22
N LEU F 388 -38.08 -12.64 53.27
CA LEU F 388 -38.71 -13.03 54.54
C LEU F 388 -38.16 -12.10 55.61
N LEU F 389 -39.05 -11.33 56.22
CA LEU F 389 -38.64 -10.42 57.27
C LEU F 389 -38.54 -11.14 58.64
N TYR F 390 -37.33 -11.22 59.18
CA TYR F 390 -37.02 -11.84 60.47
C TYR F 390 -37.18 -10.78 61.59
N ARG F 391 -38.14 -10.99 62.51
CA ARG F 391 -38.40 -10.00 63.56
C ARG F 391 -37.81 -10.40 64.95
N GLU F 392 -37.25 -11.60 65.08
CA GLU F 392 -36.69 -12.06 66.36
C GLU F 392 -35.40 -11.35 66.77
N PRO F 393 -35.24 -11.07 68.08
CA PRO F 393 -34.01 -10.41 68.55
C PRO F 393 -32.81 -11.36 68.50
N PRO F 394 -31.61 -10.81 68.29
CA PRO F 394 -30.42 -11.66 68.16
C PRO F 394 -30.13 -12.58 69.34
N GLU F 395 -29.66 -13.80 69.02
CA GLU F 395 -29.22 -14.77 70.01
C GLU F 395 -27.86 -14.30 70.58
N ALA F 396 -27.47 -14.84 71.76
CA ALA F 396 -26.19 -14.48 72.36
C ALA F 396 -25.05 -15.02 71.48
N ILE F 397 -25.17 -16.27 71.03
CA ILE F 397 -24.16 -16.87 70.16
C ILE F 397 -24.53 -16.66 68.68
N TRP F 398 -23.68 -15.93 67.95
CA TRP F 398 -23.90 -15.62 66.54
C TRP F 398 -24.21 -16.85 65.67
N ALA F 399 -23.44 -17.93 65.80
CA ALA F 399 -23.70 -19.15 65.03
C ALA F 399 -25.11 -19.69 65.27
N ASP F 400 -25.64 -19.60 66.51
CA ASP F 400 -26.99 -20.06 66.80
C ASP F 400 -28.03 -19.14 66.15
N ASP F 401 -27.73 -17.83 66.08
CA ASP F 401 -28.64 -16.84 65.47
C ASP F 401 -28.75 -17.09 63.95
N VAL F 402 -27.62 -17.47 63.31
CA VAL F 402 -27.50 -17.81 61.90
C VAL F 402 -28.32 -19.05 61.65
N ASP F 403 -28.12 -20.11 62.46
CA ASP F 403 -28.89 -21.35 62.32
C ASP F 403 -30.38 -21.14 62.50
N ARG F 404 -30.78 -20.25 63.44
CA ARG F 404 -32.19 -19.96 63.66
C ARG F 404 -32.80 -19.29 62.43
N ARG F 405 -32.04 -18.38 61.79
CA ARG F 405 -32.49 -17.66 60.61
C ARG F 405 -32.66 -18.62 59.42
N VAL F 406 -31.75 -19.60 59.29
CA VAL F 406 -31.83 -20.60 58.25
C VAL F 406 -33.06 -21.46 58.46
N GLN F 407 -33.30 -21.88 59.71
CA GLN F 407 -34.47 -22.70 60.08
C GLN F 407 -35.75 -21.96 59.87
N PHE F 408 -35.78 -20.65 60.13
CA PHE F 408 -36.95 -19.79 59.89
C PHE F 408 -37.26 -19.78 58.38
N GLY F 409 -36.22 -19.77 57.54
CA GLY F 409 -36.36 -19.79 56.10
C GLY F 409 -36.95 -21.11 55.64
N ILE F 410 -36.43 -22.23 56.19
CA ILE F 410 -36.92 -23.58 55.90
C ILE F 410 -38.36 -23.75 56.32
N GLU F 411 -38.69 -23.33 57.55
CA GLU F 411 -40.05 -23.45 58.08
C GLU F 411 -41.03 -22.59 57.34
N SER F 412 -40.66 -21.34 57.01
CA SER F 412 -41.55 -20.49 56.23
C SER F 412 -41.70 -21.06 54.81
N GLY F 413 -40.63 -21.59 54.22
CA GLY F 413 -40.65 -22.21 52.90
C GLY F 413 -41.56 -23.42 52.85
N LYS F 414 -41.55 -24.24 53.90
CA LYS F 414 -42.44 -25.41 53.98
C LYS F 414 -43.88 -24.95 54.10
N LEU F 415 -44.13 -23.96 54.97
CA LEU F 415 -45.45 -23.38 55.22
C LEU F 415 -46.04 -22.79 53.99
N ARG F 416 -45.25 -22.06 53.18
CA ARG F 416 -45.73 -21.43 51.96
C ARG F 416 -45.80 -22.35 50.74
N GLY F 417 -45.30 -23.58 50.85
CA GLY F 417 -45.31 -24.52 49.74
C GLY F 417 -44.05 -24.57 48.90
N PHE F 418 -43.08 -23.65 49.14
CA PHE F 418 -41.82 -23.65 48.41
C PHE F 418 -41.05 -24.93 48.63
N LEU F 419 -41.10 -25.47 49.86
CA LEU F 419 -40.37 -26.68 50.21
C LEU F 419 -41.29 -27.80 50.67
N ARG F 420 -40.85 -28.99 50.34
CA ARG F 420 -41.51 -30.24 50.63
C ARG F 420 -40.43 -31.13 51.28
N VAL F 421 -40.82 -32.01 52.23
CA VAL F 421 -39.89 -32.95 52.85
C VAL F 421 -39.27 -33.84 51.76
N GLY F 422 -37.96 -34.02 51.81
CA GLY F 422 -37.25 -34.76 50.77
C GLY F 422 -36.59 -33.85 49.76
N ASP F 423 -37.00 -32.55 49.69
CA ASP F 423 -36.39 -31.59 48.79
C ASP F 423 -34.96 -31.29 49.22
N LEU F 424 -34.13 -30.87 48.26
CA LEU F 424 -32.81 -30.39 48.56
C LEU F 424 -32.89 -28.87 48.48
N VAL F 425 -32.17 -28.22 49.37
CA VAL F 425 -32.12 -26.78 49.44
C VAL F 425 -30.65 -26.38 49.53
N ILE F 426 -30.29 -25.23 48.92
CA ILE F 426 -28.92 -24.72 48.97
C ILE F 426 -28.98 -23.56 49.97
N VAL F 427 -28.10 -23.53 50.97
CA VAL F 427 -28.12 -22.47 51.99
C VAL F 427 -26.86 -21.63 51.85
N VAL F 428 -27.02 -20.32 51.73
CA VAL F 428 -25.90 -19.42 51.53
C VAL F 428 -25.77 -18.45 52.72
N THR F 429 -24.61 -18.50 53.38
CA THR F 429 -24.32 -17.69 54.58
C THR F 429 -22.87 -17.12 54.54
N GLY F 430 -22.49 -16.34 55.56
CA GLY F 430 -21.15 -15.77 55.67
C GLY F 430 -20.39 -16.27 56.89
N TRP F 431 -19.12 -15.90 57.01
CA TRP F 431 -18.27 -16.37 58.09
C TRP F 431 -18.25 -15.45 59.35
N ARG F 432 -18.80 -14.23 59.24
CA ARG F 432 -18.86 -13.30 60.36
C ARG F 432 -20.06 -12.33 60.18
N PRO F 433 -20.51 -11.67 61.27
CA PRO F 433 -21.65 -10.73 61.13
C PRO F 433 -21.32 -9.53 60.24
N GLY F 434 -22.36 -8.83 59.81
CA GLY F 434 -22.18 -7.68 58.94
C GLY F 434 -22.20 -8.03 57.45
N SER F 435 -22.52 -7.05 56.63
CA SER F 435 -22.59 -7.16 55.18
C SER F 435 -21.24 -7.42 54.56
N GLY F 436 -21.22 -8.13 53.43
CA GLY F 436 -20.03 -8.31 52.62
C GLY F 436 -19.20 -9.55 52.87
N TYR F 437 -19.66 -10.43 53.77
CA TYR F 437 -18.86 -11.62 54.13
C TYR F 437 -19.47 -12.94 53.75
N THR F 438 -20.46 -12.96 52.82
CA THR F 438 -21.03 -14.23 52.36
C THR F 438 -19.93 -15.06 51.69
N ASN F 439 -19.74 -16.31 52.12
CA ASN F 439 -18.70 -17.15 51.55
C ASN F 439 -18.98 -18.64 51.70
N ILE F 440 -20.17 -19.03 52.18
CA ILE F 440 -20.44 -20.44 52.41
C ILE F 440 -21.71 -20.91 51.68
N MET F 441 -21.63 -22.11 51.11
CA MET F 441 -22.78 -22.72 50.46
CA MET F 441 -22.74 -22.75 50.43
C MET F 441 -22.91 -24.15 51.01
N ARG F 442 -24.10 -24.52 51.46
CA ARG F 442 -24.37 -25.83 52.02
C ARG F 442 -25.52 -26.52 51.32
N VAL F 443 -25.44 -27.83 51.12
CA VAL F 443 -26.50 -28.60 50.50
C VAL F 443 -27.24 -29.30 51.65
N LEU F 444 -28.52 -28.96 51.85
CA LEU F 444 -29.30 -29.52 52.94
CA LEU F 444 -29.29 -29.51 52.95
C LEU F 444 -30.52 -30.30 52.46
N SER F 445 -30.79 -31.46 53.10
CA SER F 445 -31.97 -32.27 52.77
C SER F 445 -33.08 -31.83 53.72
N ILE F 446 -34.27 -31.55 53.19
CA ILE F 446 -35.38 -31.11 54.01
CA ILE F 446 -35.39 -31.10 53.99
C ILE F 446 -36.06 -32.28 54.71
N SER F 447 -36.07 -32.25 56.05
CA SER F 447 -36.65 -33.36 56.81
C SER F 447 -37.96 -33.01 57.47
N ALA G 25 -25.90 -50.14 7.34
CA ALA G 25 -24.49 -50.49 7.19
C ALA G 25 -23.64 -49.25 6.86
N PHE G 26 -24.19 -48.37 6.02
CA PHE G 26 -23.53 -47.13 5.61
C PHE G 26 -23.25 -46.26 6.85
N PHE G 27 -24.25 -46.14 7.74
CA PHE G 27 -24.13 -45.30 8.93
C PHE G 27 -23.33 -45.92 10.08
N GLN G 28 -22.82 -47.15 9.91
CA GLN G 28 -21.95 -47.74 10.92
C GLN G 28 -20.46 -47.54 10.54
N GLN G 29 -20.15 -47.41 9.23
CA GLN G 29 -18.80 -47.21 8.69
C GLN G 29 -18.31 -45.76 8.89
N GLN G 30 -16.99 -45.53 8.60
CA GLN G 30 -16.26 -44.26 8.64
C GLN G 30 -16.57 -43.38 9.87
N GLN G 31 -16.71 -44.00 11.05
CA GLN G 31 -17.00 -43.34 12.33
C GLN G 31 -18.21 -42.43 12.26
N LEU G 32 -19.24 -42.84 11.48
CA LEU G 32 -20.44 -42.00 11.35
C LEU G 32 -21.24 -41.88 12.66
N PRO G 33 -21.36 -42.90 13.54
CA PRO G 33 -22.01 -42.65 14.84
C PRO G 33 -21.26 -41.57 15.64
N ALA G 34 -19.91 -41.59 15.66
CA ALA G 34 -19.11 -40.58 16.35
C ALA G 34 -19.21 -39.21 15.67
N ALA G 35 -19.46 -39.20 14.35
CA ALA G 35 -19.63 -37.97 13.58
C ALA G 35 -20.92 -37.23 13.96
N MET G 36 -21.99 -37.98 14.29
CA MET G 36 -23.28 -37.39 14.67
C MET G 36 -23.35 -36.87 16.11
N ALA G 37 -22.32 -37.13 16.94
CA ALA G 37 -22.32 -36.72 18.34
C ALA G 37 -22.48 -35.23 18.56
N ASP G 38 -23.18 -34.86 19.63
CA ASP G 38 -23.45 -33.46 19.94
C ASP G 38 -22.32 -32.76 20.66
N THR G 39 -21.41 -33.52 21.30
CA THR G 39 -20.25 -32.93 21.97
C THR G 39 -18.97 -33.69 21.56
N PHE G 40 -17.80 -33.06 21.76
CA PHE G 40 -16.53 -33.73 21.49
C PHE G 40 -16.36 -34.94 22.43
N LEU G 41 -16.80 -34.82 23.70
CA LEU G 41 -16.73 -35.92 24.67
C LEU G 41 -17.52 -37.13 24.17
N GLU G 42 -18.76 -36.90 23.71
CA GLU G 42 -19.59 -37.98 23.16
C GLU G 42 -19.00 -38.55 21.88
N HIS G 43 -18.33 -37.68 21.07
CA HIS G 43 -17.66 -38.08 19.86
C HIS G 43 -16.56 -39.08 20.19
N LEU G 44 -15.75 -38.79 21.22
CA LEU G 44 -14.69 -39.72 21.65
C LEU G 44 -15.30 -41.04 22.11
N CYS G 45 -16.37 -40.97 22.92
CA CYS G 45 -17.07 -42.14 23.46
C CYS G 45 -17.63 -43.04 22.39
N LEU G 46 -17.99 -42.49 21.23
CA LEU G 46 -18.58 -43.28 20.14
C LEU G 46 -17.59 -43.79 19.12
N LEU G 47 -16.27 -43.51 19.29
CA LEU G 47 -15.27 -44.00 18.32
C LEU G 47 -15.26 -45.52 18.38
N ASP G 48 -15.28 -46.17 17.24
CA ASP G 48 -15.40 -47.60 17.16
C ASP G 48 -14.29 -48.24 16.34
N ILE G 49 -13.52 -49.17 16.94
CA ILE G 49 -12.48 -49.90 16.22
C ILE G 49 -13.05 -50.79 15.08
N ASP G 50 -14.34 -51.13 15.14
CA ASP G 50 -14.98 -51.93 14.10
C ASP G 50 -15.57 -51.07 12.97
N SER G 51 -15.54 -49.75 13.10
CA SER G 51 -16.06 -48.87 12.08
C SER G 51 -14.97 -48.65 11.03
N GLU G 52 -15.05 -49.36 9.90
CA GLU G 52 -14.04 -49.32 8.87
C GLU G 52 -14.01 -48.05 8.04
N PRO G 53 -12.81 -47.54 7.74
CA PRO G 53 -12.73 -46.33 6.92
C PRO G 53 -13.13 -46.68 5.49
N VAL G 54 -13.89 -45.79 4.86
CA VAL G 54 -14.31 -46.02 3.49
C VAL G 54 -13.69 -45.00 2.56
N ALA G 55 -13.62 -43.74 3.01
CA ALA G 55 -13.01 -42.66 2.25
C ALA G 55 -11.54 -42.92 1.92
N ALA G 56 -11.09 -42.38 0.77
CA ALA G 56 -9.69 -42.50 0.39
C ALA G 56 -8.86 -41.64 1.35
N ARG G 57 -7.63 -42.07 1.60
CA ARG G 57 -6.71 -41.38 2.51
C ARG G 57 -6.41 -39.98 1.99
N SER G 58 -6.71 -38.97 2.76
CA SER G 58 -6.61 -37.57 2.36
C SER G 58 -5.31 -36.81 2.79
N THR G 59 -4.59 -37.26 3.82
CA THR G 59 -3.35 -36.61 4.24
C THR G 59 -2.23 -37.15 3.34
N SER G 60 -1.49 -36.28 2.65
CA SER G 60 -0.42 -36.76 1.77
C SER G 60 0.78 -37.27 2.51
N ILE G 61 1.48 -38.20 1.89
CA ILE G 61 2.67 -38.79 2.47
C ILE G 61 3.88 -38.29 1.71
N ILE G 62 4.83 -37.69 2.44
CA ILE G 62 6.07 -37.26 1.83
C ILE G 62 7.11 -38.29 2.22
N ALA G 63 7.79 -38.88 1.23
CA ALA G 63 8.84 -39.87 1.53
C ALA G 63 10.19 -39.31 1.09
N THR G 64 11.20 -39.40 1.97
CA THR G 64 12.54 -38.95 1.62
C THR G 64 13.25 -40.01 0.79
N ILE G 65 13.82 -39.62 -0.35
CA ILE G 65 14.54 -40.50 -1.23
C ILE G 65 16.00 -40.66 -0.77
N GLY G 66 16.49 -41.88 -0.75
CA GLY G 66 17.87 -42.15 -0.36
C GLY G 66 18.32 -43.51 -0.84
N PRO G 67 19.44 -44.06 -0.29
CA PRO G 67 19.89 -45.40 -0.73
C PRO G 67 18.82 -46.50 -0.63
N ALA G 68 17.94 -46.46 0.40
CA ALA G 68 16.88 -47.46 0.55
C ALA G 68 15.68 -47.31 -0.42
N SER G 69 15.52 -46.15 -1.06
CA SER G 69 14.31 -45.89 -1.87
C SER G 69 14.62 -45.22 -3.18
N ARG G 70 15.69 -45.63 -3.82
CA ARG G 70 16.18 -44.95 -5.02
C ARG G 70 16.01 -45.68 -6.32
N SER G 71 15.91 -47.01 -6.28
CA SER G 71 15.74 -47.76 -7.52
C SER G 71 14.32 -47.58 -8.07
N VAL G 72 14.18 -47.66 -9.38
CA VAL G 72 12.92 -47.51 -10.08
C VAL G 72 11.90 -48.53 -9.59
N GLU G 73 12.34 -49.78 -9.36
CA GLU G 73 11.41 -50.80 -8.88
C GLU G 73 10.93 -50.56 -7.45
N ARG G 74 11.81 -50.04 -6.59
CA ARG G 74 11.43 -49.74 -5.20
C ARG G 74 10.47 -48.51 -5.19
N LEU G 75 10.75 -47.51 -6.03
CA LEU G 75 9.91 -46.33 -6.16
C LEU G 75 8.50 -46.67 -6.67
N LYS G 76 8.39 -47.67 -7.57
CA LYS G 76 7.06 -48.13 -8.05
C LYS G 76 6.27 -48.73 -6.89
N GLU G 77 6.94 -49.47 -6.00
CA GLU G 77 6.29 -50.05 -4.84
C GLU G 77 5.85 -48.96 -3.87
N MET G 78 6.67 -47.91 -3.71
CA MET G 78 6.34 -46.79 -2.81
CA MET G 78 6.34 -46.79 -2.81
C MET G 78 5.18 -45.95 -3.34
N ILE G 79 5.07 -45.81 -4.67
CA ILE G 79 3.97 -45.08 -5.28
C ILE G 79 2.68 -45.87 -5.03
N LYS G 80 2.73 -47.21 -5.24
CA LYS G 80 1.60 -48.10 -4.98
C LYS G 80 1.20 -48.10 -3.50
N ALA G 81 2.17 -47.95 -2.59
CA ALA G 81 1.90 -47.91 -1.17
C ALA G 81 1.25 -46.59 -0.69
N GLY G 82 1.40 -45.51 -1.47
CA GLY G 82 0.79 -44.25 -1.12
C GLY G 82 1.65 -42.99 -1.12
N MET G 83 2.95 -43.08 -1.51
CA MET G 83 3.82 -41.90 -1.56
C MET G 83 3.26 -40.88 -2.55
N ASN G 84 3.09 -39.63 -2.11
CA ASN G 84 2.56 -38.58 -3.00
C ASN G 84 3.64 -37.56 -3.37
N ILE G 85 4.60 -37.34 -2.46
CA ILE G 85 5.66 -36.38 -2.65
C ILE G 85 6.99 -37.04 -2.34
N ALA G 86 7.95 -36.93 -3.25
CA ALA G 86 9.31 -37.46 -3.06
C ALA G 86 10.20 -36.29 -2.60
N ARG G 87 10.81 -36.40 -1.44
CA ARG G 87 11.66 -35.36 -0.90
C ARG G 87 13.16 -35.67 -1.16
N LEU G 88 13.89 -34.70 -1.71
CA LEU G 88 15.33 -34.81 -1.94
C LEU G 88 15.99 -33.96 -0.86
N ASN G 89 16.76 -34.57 0.02
CA ASN G 89 17.43 -33.85 1.08
C ASN G 89 18.79 -33.35 0.59
N PHE G 90 18.89 -32.04 0.29
CA PHE G 90 20.13 -31.48 -0.20
C PHE G 90 21.21 -31.26 0.88
N SER G 91 20.97 -31.74 2.12
CA SER G 91 22.00 -31.73 3.13
C SER G 91 23.10 -32.77 2.80
N HIS G 92 22.77 -33.80 1.98
CA HIS G 92 23.70 -34.85 1.59
C HIS G 92 23.58 -35.09 0.10
N GLY G 93 24.61 -35.63 -0.50
CA GLY G 93 24.59 -35.99 -1.92
C GLY G 93 24.92 -34.85 -2.84
N SER G 94 25.50 -35.18 -3.97
CA SER G 94 25.88 -34.19 -4.96
C SER G 94 24.67 -33.85 -5.90
N HIS G 95 24.82 -32.85 -6.76
CA HIS G 95 23.82 -32.53 -7.75
C HIS G 95 23.60 -33.71 -8.71
N GLU G 96 24.67 -34.44 -9.05
CA GLU G 96 24.59 -35.60 -9.94
C GLU G 96 23.77 -36.70 -9.27
N TYR G 97 23.95 -36.90 -7.95
CA TYR G 97 23.22 -37.91 -7.19
C TYR G 97 21.73 -37.57 -7.20
N HIS G 98 21.38 -36.30 -6.92
CA HIS G 98 19.99 -35.89 -6.87
C HIS G 98 19.32 -35.88 -8.22
N ALA G 99 20.06 -35.59 -9.30
CA ALA G 99 19.49 -35.65 -10.64
C ALA G 99 19.10 -37.09 -11.00
N GLU G 100 19.87 -38.08 -10.53
CA GLU G 100 19.59 -39.49 -10.77
CA GLU G 100 19.56 -39.47 -10.81
C GLU G 100 18.34 -39.90 -9.99
N SER G 101 18.20 -39.42 -8.73
CA SER G 101 17.04 -39.70 -7.89
C SER G 101 15.76 -39.14 -8.60
N ILE G 102 15.84 -37.88 -9.11
CA ILE G 102 14.73 -37.25 -9.84
C ILE G 102 14.34 -38.08 -11.05
N ALA G 103 15.33 -38.50 -11.84
CA ALA G 103 15.09 -39.30 -13.04
C ALA G 103 14.42 -40.62 -12.72
N ASN G 104 14.83 -41.25 -11.60
CA ASN G 104 14.25 -42.53 -11.16
C ASN G 104 12.84 -42.36 -10.69
N VAL G 105 12.55 -41.26 -9.98
CA VAL G 105 11.19 -40.97 -9.53
C VAL G 105 10.29 -40.78 -10.74
N ARG G 106 10.72 -39.93 -11.71
CA ARG G 106 9.93 -39.67 -12.89
C ARG G 106 9.71 -40.92 -13.73
N GLU G 107 10.72 -41.81 -13.81
CA GLU G 107 10.58 -43.04 -14.57
C GLU G 107 9.55 -43.97 -13.88
N ALA G 108 9.61 -44.10 -12.55
CA ALA G 108 8.64 -44.90 -11.80
C ALA G 108 7.21 -44.30 -11.93
N VAL G 109 7.07 -42.98 -11.84
CA VAL G 109 5.77 -42.31 -11.96
C VAL G 109 5.18 -42.50 -13.36
N GLU G 110 5.99 -42.29 -14.41
CA GLU G 110 5.51 -42.42 -15.78
C GLU G 110 5.26 -43.86 -16.22
N SER G 111 5.77 -44.86 -15.50
CA SER G 111 5.47 -46.27 -15.83
C SER G 111 3.96 -46.59 -15.69
N PHE G 112 3.20 -45.75 -14.95
CA PHE G 112 1.76 -45.91 -14.77
C PHE G 112 0.93 -44.97 -15.66
N ALA G 113 1.57 -44.17 -16.54
CA ALA G 113 0.87 -43.21 -17.40
C ALA G 113 0.02 -43.84 -18.53
N GLY G 114 0.25 -45.12 -18.80
CA GLY G 114 -0.50 -45.86 -19.82
C GLY G 114 -1.95 -46.07 -19.46
N SER G 115 -2.32 -45.90 -18.19
CA SER G 115 -3.72 -46.00 -17.74
C SER G 115 -4.09 -44.63 -17.17
N PRO G 116 -4.57 -43.70 -18.02
CA PRO G 116 -4.89 -42.34 -17.53
C PRO G 116 -5.91 -42.25 -16.42
N LEU G 117 -6.84 -43.23 -16.32
CA LEU G 117 -7.86 -43.20 -15.28
C LEU G 117 -7.33 -43.55 -13.90
N SER G 118 -6.12 -44.17 -13.80
CA SER G 118 -5.58 -44.54 -12.49
C SER G 118 -4.22 -43.87 -12.18
N TYR G 119 -3.61 -43.16 -13.17
CA TYR G 119 -2.31 -42.50 -13.04
C TYR G 119 -2.27 -41.57 -11.81
N ARG G 120 -1.23 -41.75 -10.99
CA ARG G 120 -1.05 -40.92 -9.82
C ARG G 120 0.11 -39.95 -9.96
N PRO G 121 -0.18 -38.65 -10.00
CA PRO G 121 0.92 -37.68 -10.03
C PRO G 121 1.75 -37.73 -8.75
N VAL G 122 3.07 -37.49 -8.83
CA VAL G 122 3.94 -37.47 -7.63
C VAL G 122 4.80 -36.20 -7.66
N ALA G 123 4.72 -35.36 -6.62
CA ALA G 123 5.51 -34.13 -6.60
C ALA G 123 6.98 -34.41 -6.22
N ILE G 124 7.87 -33.52 -6.63
CA ILE G 124 9.26 -33.61 -6.25
C ILE G 124 9.57 -32.38 -5.45
N ALA G 125 9.99 -32.57 -4.19
CA ALA G 125 10.30 -31.47 -3.29
C ALA G 125 11.80 -31.44 -3.00
N LEU G 126 12.38 -30.26 -2.99
CA LEU G 126 13.80 -30.09 -2.70
C LEU G 126 13.90 -29.51 -1.30
N ASP G 127 14.60 -30.19 -0.39
CA ASP G 127 14.80 -29.71 0.96
C ASP G 127 16.23 -29.10 1.03
N THR G 128 16.33 -27.80 1.30
CA THR G 128 17.62 -27.12 1.32
C THR G 128 18.50 -27.47 2.54
N LYS G 129 19.83 -27.30 2.38
CA LYS G 129 20.78 -27.56 3.46
C LYS G 129 20.59 -26.54 4.60
N GLY G 130 20.38 -25.28 4.26
CA GLY G 130 20.17 -24.26 5.28
C GLY G 130 21.27 -23.22 5.38
N PRO G 131 21.05 -22.19 6.20
CA PRO G 131 22.02 -21.08 6.28
C PRO G 131 23.31 -21.39 7.05
N GLY G 134 25.30 -18.96 9.63
CA GLY G 134 25.55 -17.94 8.62
C GLY G 134 24.43 -16.93 8.47
N PRO G 135 24.74 -15.78 7.83
CA PRO G 135 23.73 -14.73 7.65
C PRO G 135 22.99 -14.85 6.32
N GLY G 136 21.73 -15.25 6.42
CA GLY G 136 20.88 -15.35 5.24
C GLY G 136 21.22 -16.50 4.32
N LEU G 137 20.75 -16.38 3.08
CA LEU G 137 20.89 -17.42 2.07
C LEU G 137 22.34 -17.79 1.77
N SER G 138 22.68 -19.03 2.02
CA SER G 138 24.04 -19.53 1.78
C SER G 138 24.32 -19.71 0.29
N GLU G 139 25.61 -19.82 -0.08
CA GLU G 139 26.00 -20.00 -1.47
C GLU G 139 25.53 -21.34 -1.99
N GLN G 140 25.59 -22.38 -1.15
CA GLN G 140 25.18 -23.72 -1.56
C GLN G 140 23.66 -23.72 -1.81
N ASP G 141 22.86 -23.02 -0.97
CA ASP G 141 21.42 -22.93 -1.17
C ASP G 141 21.09 -22.23 -2.46
N VAL G 142 21.82 -21.16 -2.82
CA VAL G 142 21.61 -20.48 -4.10
C VAL G 142 21.83 -21.44 -5.26
N ARG G 143 22.87 -22.29 -5.17
CA ARG G 143 23.19 -23.24 -6.22
C ARG G 143 22.19 -24.39 -6.29
N ASP G 144 21.73 -24.85 -5.12
CA ASP G 144 20.76 -25.95 -5.02
C ASP G 144 19.36 -25.50 -5.50
N LEU G 145 18.96 -24.26 -5.17
CA LEU G 145 17.70 -23.70 -5.65
C LEU G 145 17.74 -23.55 -7.15
N ARG G 146 18.89 -23.17 -7.73
CA ARG G 146 19.05 -23.07 -9.19
C ARG G 146 18.91 -24.46 -9.83
N PHE G 147 19.50 -25.48 -9.18
CA PHE G 147 19.39 -26.87 -9.63
C PHE G 147 17.90 -27.29 -9.65
N GLY G 148 17.15 -26.94 -8.61
CA GLY G 148 15.73 -27.23 -8.52
C GLY G 148 14.93 -26.65 -9.65
N VAL G 149 15.18 -25.36 -9.98
CA VAL G 149 14.52 -24.73 -11.12
C VAL G 149 14.87 -25.43 -12.44
N GLU G 150 16.15 -25.74 -12.63
CA GLU G 150 16.62 -26.41 -13.84
C GLU G 150 16.05 -27.82 -14.00
N HIS G 151 15.79 -28.49 -12.87
CA HIS G 151 15.24 -29.84 -12.91
C HIS G 151 13.72 -29.91 -12.74
N GLY G 152 13.04 -28.76 -12.70
CA GLY G 152 11.59 -28.70 -12.62
C GLY G 152 10.96 -29.22 -11.34
N VAL G 153 11.58 -28.94 -10.17
CA VAL G 153 10.99 -29.37 -8.91
C VAL G 153 9.72 -28.58 -8.65
N ASP G 154 8.81 -29.17 -7.89
CA ASP G 154 7.51 -28.56 -7.64
C ASP G 154 7.49 -27.76 -6.36
N ILE G 155 8.23 -28.22 -5.35
CA ILE G 155 8.22 -27.63 -4.03
C ILE G 155 9.62 -27.47 -3.48
N VAL G 156 9.80 -26.48 -2.61
CA VAL G 156 11.02 -26.25 -1.89
C VAL G 156 10.68 -26.24 -0.41
N PHE G 157 11.34 -27.07 0.39
CA PHE G 157 11.20 -27.04 1.84
C PHE G 157 12.43 -26.21 2.28
N ALA G 158 12.24 -24.93 2.60
CA ALA G 158 13.35 -24.04 2.96
C ALA G 158 13.76 -24.25 4.40
N SER G 159 15.00 -24.69 4.63
CA SER G 159 15.49 -24.94 5.99
C SER G 159 15.74 -23.69 6.80
N PHE G 160 15.51 -23.79 8.12
CA PHE G 160 15.75 -22.74 9.11
C PHE G 160 15.23 -21.35 8.73
N VAL G 161 13.95 -21.26 8.35
CA VAL G 161 13.36 -19.96 8.07
C VAL G 161 13.12 -19.28 9.40
N ARG G 162 13.66 -18.07 9.59
CA ARG G 162 13.51 -17.35 10.87
C ARG G 162 12.67 -16.09 10.78
N LYS G 163 12.51 -15.54 9.59
CA LYS G 163 11.81 -14.28 9.37
C LYS G 163 11.35 -14.19 7.91
N ALA G 164 10.45 -13.25 7.59
CA ALA G 164 9.92 -13.04 6.25
C ALA G 164 11.01 -12.81 5.21
N SER G 165 12.11 -12.12 5.56
CA SER G 165 13.19 -11.86 4.60
C SER G 165 13.92 -13.13 4.17
N ASP G 166 13.89 -14.19 4.99
CA ASP G 166 14.49 -15.47 4.61
C ASP G 166 13.70 -16.07 3.44
N VAL G 167 12.36 -15.94 3.46
CA VAL G 167 11.47 -16.44 2.40
C VAL G 167 11.65 -15.62 1.15
N ALA G 168 11.75 -14.28 1.28
CA ALA G 168 11.97 -13.37 0.16
C ALA G 168 13.26 -13.72 -0.56
N ALA G 169 14.32 -14.09 0.20
CA ALA G 169 15.62 -14.48 -0.36
C ALA G 169 15.50 -15.79 -1.14
N VAL G 170 14.76 -16.78 -0.60
CA VAL G 170 14.52 -18.04 -1.31
C VAL G 170 13.71 -17.77 -2.59
N ARG G 171 12.67 -16.89 -2.50
CA ARG G 171 11.84 -16.51 -3.67
C ARG G 171 12.67 -15.90 -4.75
N ALA G 172 13.56 -14.96 -4.38
CA ALA G 172 14.45 -14.29 -5.33
C ALA G 172 15.39 -15.31 -5.98
N ALA G 173 15.89 -16.28 -5.20
CA ALA G 173 16.78 -17.32 -5.70
C ALA G 173 16.08 -18.31 -6.65
N LEU G 174 14.73 -18.38 -6.61
CA LEU G 174 14.01 -19.21 -7.57
C LEU G 174 13.93 -18.51 -8.97
N GLY G 175 14.57 -17.36 -9.08
CA GLY G 175 15.01 -16.73 -10.31
C GLY G 175 13.94 -16.37 -11.26
N PRO G 176 14.33 -16.20 -12.54
CA PRO G 176 13.30 -15.81 -13.52
C PRO G 176 12.30 -16.95 -13.79
N GLU G 177 12.74 -18.22 -13.80
CA GLU G 177 11.86 -19.28 -14.22
C GLU G 177 11.29 -20.22 -13.13
N GLY G 178 11.44 -19.92 -11.85
CA GLY G 178 10.92 -20.76 -10.78
C GLY G 178 9.89 -20.14 -9.87
N HIS G 179 9.18 -19.09 -10.33
CA HIS G 179 8.17 -18.45 -9.50
C HIS G 179 6.94 -19.33 -9.21
N GLY G 180 6.69 -20.39 -10.01
CA GLY G 180 5.56 -21.29 -9.74
C GLY G 180 5.85 -22.38 -8.70
N ILE G 181 7.11 -22.49 -8.25
CA ILE G 181 7.50 -23.46 -7.24
C ILE G 181 6.94 -23.05 -5.89
N LYS G 182 6.35 -23.99 -5.14
CA LYS G 182 5.79 -23.68 -3.84
C LYS G 182 6.89 -23.64 -2.78
N ILE G 183 6.87 -22.63 -1.92
CA ILE G 183 7.87 -22.52 -0.85
C ILE G 183 7.22 -22.88 0.45
N ILE G 184 7.65 -23.97 1.05
CA ILE G 184 7.18 -24.41 2.34
C ILE G 184 8.31 -24.07 3.32
N SER G 185 8.07 -23.13 4.23
CA SER G 185 9.08 -22.71 5.20
C SER G 185 9.19 -23.68 6.34
N LYS G 186 10.39 -24.17 6.62
CA LYS G 186 10.60 -25.06 7.77
C LYS G 186 10.84 -24.26 9.02
N ILE G 187 10.01 -24.45 10.05
CA ILE G 187 10.17 -23.75 11.32
C ILE G 187 10.97 -24.68 12.22
N GLU G 188 12.22 -24.30 12.53
CA GLU G 188 13.14 -25.18 13.27
C GLU G 188 13.74 -24.60 14.53
N ASN G 189 13.36 -23.39 14.92
CA ASN G 189 13.96 -22.77 16.11
C ASN G 189 13.02 -21.76 16.76
N HIS G 190 13.43 -21.21 17.91
CA HIS G 190 12.61 -20.27 18.66
C HIS G 190 12.24 -19.04 17.86
N GLU G 191 13.19 -18.47 17.09
CA GLU G 191 12.90 -17.29 16.29
C GLU G 191 11.81 -17.55 15.23
N GLY G 192 11.88 -18.71 14.58
CA GLY G 192 10.89 -19.08 13.59
C GLY G 192 9.50 -19.20 14.20
N VAL G 193 9.43 -19.77 15.43
CA VAL G 193 8.16 -19.90 16.13
C VAL G 193 7.63 -18.51 16.51
N LYS G 194 8.48 -17.63 17.04
CA LYS G 194 8.08 -16.29 17.44
C LYS G 194 7.67 -15.41 16.27
N ARG G 195 8.36 -15.56 15.14
CA ARG G 195 8.03 -14.78 13.94
C ARG G 195 7.16 -15.55 12.96
N PHE G 196 6.43 -16.57 13.44
CA PHE G 196 5.57 -17.42 12.62
C PHE G 196 4.59 -16.65 11.73
N ASP G 197 3.83 -15.70 12.28
CA ASP G 197 2.84 -14.98 11.47
C ASP G 197 3.42 -14.28 10.25
N GLU G 198 4.57 -13.61 10.42
CA GLU G 198 5.18 -12.91 9.29
C GLU G 198 5.72 -13.91 8.24
N ILE G 199 6.17 -15.08 8.68
CA ILE G 199 6.70 -16.12 7.80
C ILE G 199 5.58 -16.76 6.98
N LEU G 200 4.49 -17.14 7.65
CA LEU G 200 3.34 -17.78 7.01
C LEU G 200 2.72 -16.82 5.98
N GLU G 201 2.64 -15.54 6.31
CA GLU G 201 2.09 -14.55 5.38
C GLU G 201 2.77 -14.56 4.00
N VAL G 202 4.09 -14.76 3.95
CA VAL G 202 4.83 -14.76 2.69
C VAL G 202 5.18 -16.16 2.16
N SER G 203 4.86 -17.22 2.88
CA SER G 203 5.13 -18.59 2.42
C SER G 203 3.89 -19.25 1.81
N ASP G 204 4.09 -20.29 1.02
CA ASP G 204 2.98 -21.10 0.51
C ASP G 204 2.48 -22.09 1.58
N GLY G 205 3.33 -22.43 2.54
CA GLY G 205 2.99 -23.34 3.60
C GLY G 205 4.11 -23.47 4.62
N ILE G 206 3.94 -24.37 5.56
CA ILE G 206 4.87 -24.53 6.68
C ILE G 206 5.21 -25.99 6.91
N MET G 207 6.45 -26.25 7.34
CA MET G 207 6.82 -27.56 7.79
C MET G 207 7.22 -27.41 9.27
N VAL G 208 6.62 -28.21 10.16
CA VAL G 208 6.99 -28.24 11.57
C VAL G 208 8.15 -29.23 11.58
N ALA G 209 9.38 -28.71 11.54
CA ALA G 209 10.60 -29.53 11.45
C ALA G 209 11.02 -29.89 12.88
N ARG G 210 10.38 -30.92 13.44
CA ARG G 210 10.52 -31.30 14.86
C ARG G 210 11.90 -31.74 15.29
N GLY G 211 12.73 -32.24 14.39
CA GLY G 211 14.09 -32.66 14.71
C GLY G 211 14.91 -31.53 15.29
N ASP G 212 15.18 -30.48 14.49
CA ASP G 212 15.93 -29.33 14.98
C ASP G 212 15.15 -28.55 16.00
N LEU G 213 13.83 -28.42 15.84
CA LEU G 213 12.99 -27.71 16.81
C LEU G 213 13.11 -28.31 18.22
N GLY G 214 13.16 -29.64 18.30
CA GLY G 214 13.31 -30.34 19.56
C GLY G 214 14.68 -30.23 20.23
N ILE G 215 15.68 -29.71 19.49
CA ILE G 215 17.03 -29.45 19.97
C ILE G 215 17.13 -27.94 20.33
N GLU G 216 16.49 -27.06 19.54
CA GLU G 216 16.51 -25.61 19.70
C GLU G 216 15.63 -25.10 20.83
N ILE G 217 14.54 -25.81 21.12
CA ILE G 217 13.61 -25.46 22.20
C ILE G 217 13.46 -26.71 23.10
N PRO G 218 12.99 -26.58 24.35
CA PRO G 218 12.83 -27.79 25.20
C PRO G 218 11.98 -28.85 24.53
N ALA G 219 12.41 -30.12 24.56
CA ALA G 219 11.70 -31.21 23.91
C ALA G 219 10.23 -31.30 24.33
N GLU G 220 9.92 -30.99 25.59
CA GLU G 220 8.55 -31.03 26.11
C GLU G 220 7.66 -29.91 25.59
N LYS G 221 8.19 -28.94 24.83
CA LYS G 221 7.39 -27.85 24.30
C LYS G 221 7.08 -28.00 22.80
N VAL G 222 7.71 -28.97 22.11
CA VAL G 222 7.51 -29.14 20.67
C VAL G 222 6.03 -29.36 20.32
N PHE G 223 5.31 -30.16 21.08
CA PHE G 223 3.89 -30.41 20.80
C PHE G 223 3.07 -29.11 20.79
N LEU G 224 3.44 -28.11 21.61
CA LEU G 224 2.74 -26.83 21.66
C LEU G 224 3.01 -26.08 20.36
N ALA G 225 4.28 -26.06 19.90
CA ALA G 225 4.63 -25.38 18.66
C ALA G 225 3.93 -26.07 17.49
N GLN G 226 3.90 -27.43 17.48
CA GLN G 226 3.24 -28.16 16.42
C GLN G 226 1.74 -27.84 16.34
N LYS G 227 1.05 -27.89 17.47
CA LYS G 227 -0.37 -27.64 17.52
C LYS G 227 -0.72 -26.20 17.18
N MET G 228 0.09 -25.25 17.65
CA MET G 228 -0.12 -23.85 17.31
C MET G 228 0.06 -23.61 15.80
N MET G 229 1.15 -24.11 15.21
CA MET G 229 1.43 -23.90 13.79
C MET G 229 0.41 -24.57 12.88
N ILE G 230 -0.04 -25.78 13.23
CA ILE G 230 -1.07 -26.47 12.47
C ILE G 230 -2.38 -25.69 12.55
N GLY G 231 -2.73 -25.21 13.76
CA GLY G 231 -3.92 -24.40 13.94
C GLY G 231 -3.90 -23.14 13.10
N ARG G 232 -2.76 -22.42 13.10
CA ARG G 232 -2.66 -21.18 12.34
C ARG G 232 -2.65 -21.40 10.84
N CYS G 233 -2.06 -22.51 10.38
CA CYS G 233 -2.10 -22.83 8.96
C CYS G 233 -3.49 -23.22 8.52
N ASN G 234 -4.22 -23.95 9.36
CA ASN G 234 -5.60 -24.32 9.06
C ASN G 234 -6.47 -23.04 8.97
N LEU G 235 -6.24 -22.10 9.85
CA LEU G 235 -6.94 -20.82 9.87
C LEU G 235 -6.59 -20.02 8.59
N ALA G 236 -5.33 -20.04 8.15
CA ALA G 236 -4.93 -19.33 6.94
C ALA G 236 -5.28 -20.07 5.66
N GLY G 237 -5.66 -21.34 5.72
CA GLY G 237 -5.93 -22.14 4.53
C GLY G 237 -4.66 -22.49 3.77
N LYS G 238 -3.53 -22.64 4.48
CA LYS G 238 -2.23 -22.94 3.85
C LYS G 238 -1.71 -24.29 4.30
N PRO G 239 -1.07 -25.04 3.40
CA PRO G 239 -0.62 -26.39 3.79
C PRO G 239 0.37 -26.41 4.97
N VAL G 240 0.26 -27.42 5.84
CA VAL G 240 1.17 -27.60 6.95
C VAL G 240 1.63 -29.06 6.96
N VAL G 241 2.94 -29.27 7.08
CA VAL G 241 3.54 -30.59 7.09
C VAL G 241 4.05 -30.93 8.48
N CYS G 242 3.72 -32.12 8.99
CA CYS G 242 4.29 -32.56 10.25
C CYS G 242 5.45 -33.50 9.88
N ALA G 243 6.64 -33.26 10.43
CA ALA G 243 7.82 -34.03 10.04
C ALA G 243 8.67 -34.50 11.21
N THR G 244 9.49 -35.53 10.96
CA THR G 244 10.61 -36.06 11.75
C THR G 244 10.23 -36.99 12.88
N GLN G 245 10.81 -38.21 12.80
CA GLN G 245 10.71 -39.27 13.79
C GLN G 245 9.30 -39.78 14.02
N MET G 246 8.42 -39.64 13.00
CA MET G 246 7.05 -40.13 13.15
C MET G 246 7.00 -41.64 13.31
N LEU G 247 7.82 -42.39 12.54
CA LEU G 247 7.90 -43.85 12.63
C LEU G 247 9.38 -44.27 12.77
N GLU G 248 10.17 -43.52 13.53
CA GLU G 248 11.61 -43.70 13.69
C GLU G 248 12.09 -45.16 13.89
N SER G 249 11.44 -45.93 14.77
CA SER G 249 11.82 -47.32 15.01
C SER G 249 11.73 -48.19 13.75
N MET G 250 10.93 -47.78 12.74
CA MET G 250 10.83 -48.55 11.49
C MET G 250 12.07 -48.40 10.58
N ILE G 251 13.09 -47.65 11.00
CA ILE G 251 14.36 -47.61 10.28
C ILE G 251 14.99 -49.03 10.36
N THR G 252 14.86 -49.70 11.52
CA THR G 252 15.40 -51.05 11.68
C THR G 252 14.30 -52.10 11.94
N LYS G 253 13.12 -51.70 12.43
CA LYS G 253 12.08 -52.68 12.76
C LYS G 253 10.90 -52.70 11.78
N PRO G 254 10.31 -53.87 11.51
CA PRO G 254 9.19 -53.92 10.55
C PRO G 254 7.85 -53.37 11.06
N ARG G 255 7.73 -53.13 12.38
CA ARG G 255 6.52 -52.59 13.01
C ARG G 255 6.91 -51.40 13.89
N PRO G 256 6.06 -50.35 13.94
CA PRO G 256 6.39 -49.19 14.77
C PRO G 256 5.96 -49.38 16.23
N THR G 257 6.40 -48.47 17.10
CA THR G 257 6.02 -48.50 18.49
C THR G 257 4.60 -47.89 18.65
N ARG G 258 4.00 -48.05 19.84
CA ARG G 258 2.68 -47.49 20.14
C ARG G 258 2.70 -45.97 20.14
N ALA G 259 3.82 -45.36 20.54
CA ALA G 259 3.93 -43.91 20.54
C ALA G 259 3.98 -43.37 19.08
N GLU G 260 4.61 -44.12 18.17
CA GLU G 260 4.75 -43.73 16.79
C GLU G 260 3.43 -43.75 16.04
N THR G 261 2.62 -44.80 16.19
CA THR G 261 1.32 -44.85 15.53
C THR G 261 0.40 -43.75 16.09
N SER G 262 0.49 -43.48 17.39
CA SER G 262 -0.29 -42.46 18.03
C SER G 262 0.14 -41.06 17.51
N ASP G 263 1.45 -40.84 17.31
CA ASP G 263 1.98 -39.58 16.81
C ASP G 263 1.45 -39.28 15.40
N VAL G 264 1.42 -40.28 14.52
CA VAL G 264 0.90 -40.10 13.18
C VAL G 264 -0.57 -39.73 13.23
N ALA G 265 -1.36 -40.47 14.02
CA ALA G 265 -2.79 -40.25 14.18
C ALA G 265 -3.09 -38.89 14.74
N ASN G 266 -2.30 -38.45 15.75
CA ASN G 266 -2.50 -37.14 16.34
C ASN G 266 -2.08 -36.00 15.44
N ALA G 267 -1.09 -36.20 14.55
CA ALA G 267 -0.72 -35.14 13.61
C ALA G 267 -1.90 -34.92 12.62
N VAL G 268 -2.54 -36.01 12.19
CA VAL G 268 -3.71 -35.93 11.32
C VAL G 268 -4.90 -35.28 12.07
N LEU G 269 -5.20 -35.73 13.31
CA LEU G 269 -6.27 -35.12 14.09
C LEU G 269 -5.99 -33.64 14.38
N ASP G 270 -4.72 -33.25 14.57
CA ASP G 270 -4.34 -31.84 14.80
C ASP G 270 -4.74 -30.99 13.59
N GLY G 271 -4.61 -31.55 12.39
CA GLY G 271 -4.94 -30.84 11.16
C GLY G 271 -3.83 -30.77 10.12
N ALA G 272 -2.77 -31.63 10.24
CA ALA G 272 -1.69 -31.61 9.25
C ALA G 272 -2.19 -32.02 7.87
N ASP G 273 -1.76 -31.28 6.85
CA ASP G 273 -2.12 -31.62 5.47
C ASP G 273 -1.25 -32.77 5.00
N CYS G 274 0.04 -32.77 5.38
CA CYS G 274 1.00 -33.79 4.99
C CYS G 274 1.71 -34.33 6.21
N ILE G 275 2.14 -35.58 6.09
CA ILE G 275 2.96 -36.26 7.09
C ILE G 275 4.19 -36.75 6.34
N MET G 276 5.33 -36.79 7.02
CA MET G 276 6.60 -37.08 6.37
C MET G 276 7.33 -38.26 6.97
N LEU G 277 8.14 -38.90 6.13
CA LEU G 277 9.06 -39.97 6.50
C LEU G 277 10.43 -39.50 6.04
N SER G 278 11.41 -39.62 6.94
CA SER G 278 12.77 -39.21 6.65
CA SER G 278 12.77 -39.21 6.63
C SER G 278 13.70 -40.45 6.53
N GLY G 279 14.44 -40.79 7.59
CA GLY G 279 15.32 -41.95 7.62
C GLY G 279 14.56 -43.24 7.36
N GLU G 280 13.24 -43.29 7.73
CA GLU G 280 12.41 -44.47 7.50
C GLU G 280 12.38 -44.87 6.02
N THR G 281 12.37 -43.89 5.09
CA THR G 281 12.41 -44.25 3.68
C THR G 281 13.78 -44.06 3.04
N ALA G 282 14.55 -43.08 3.53
CA ALA G 282 15.83 -42.75 2.91
C ALA G 282 16.88 -43.83 3.15
N LYS G 283 16.98 -44.34 4.37
CA LYS G 283 18.01 -45.32 4.71
C LYS G 283 17.50 -46.54 5.49
N GLY G 284 16.20 -46.70 5.63
CA GLY G 284 15.63 -47.77 6.43
C GLY G 284 15.52 -49.13 5.78
N ASN G 285 15.33 -50.13 6.63
CA ASN G 285 15.15 -51.51 6.20
C ASN G 285 13.76 -51.77 5.62
N PHE G 286 12.75 -50.95 6.01
CA PHE G 286 11.39 -51.20 5.54
C PHE G 286 10.74 -49.93 4.95
N PRO G 287 11.31 -49.35 3.86
CA PRO G 287 10.74 -48.10 3.33
C PRO G 287 9.28 -48.23 2.87
N VAL G 288 8.93 -49.34 2.17
CA VAL G 288 7.58 -49.54 1.68
C VAL G 288 6.59 -49.75 2.82
N GLU G 289 7.00 -50.53 3.84
CA GLU G 289 6.17 -50.79 5.00
C GLU G 289 5.92 -49.52 5.80
N ALA G 290 6.90 -48.61 5.86
CA ALA G 290 6.72 -47.33 6.57
C ALA G 290 5.65 -46.47 5.86
N VAL G 291 5.65 -46.46 4.50
CA VAL G 291 4.65 -45.74 3.72
C VAL G 291 3.27 -46.38 3.95
N LYS G 292 3.22 -47.72 3.94
CA LYS G 292 1.95 -48.45 4.18
C LYS G 292 1.39 -48.16 5.55
N MET G 293 2.26 -48.06 6.55
CA MET G 293 1.83 -47.80 7.92
C MET G 293 1.26 -46.37 8.06
N GLN G 294 1.93 -45.38 7.45
CA GLN G 294 1.43 -44.01 7.47
C GLN G 294 0.07 -43.92 6.75
N HIS G 295 -0.07 -44.67 5.64
CA HIS G 295 -1.31 -44.70 4.88
C HIS G 295 -2.44 -45.26 5.74
N ALA G 296 -2.20 -46.42 6.38
CA ALA G 296 -3.20 -47.08 7.21
C ALA G 296 -3.64 -46.22 8.39
N ILE G 297 -2.70 -45.58 9.10
CA ILE G 297 -3.04 -44.75 10.26
C ILE G 297 -3.80 -43.48 9.84
N ALA G 298 -3.35 -42.80 8.78
CA ALA G 298 -4.00 -41.58 8.31
C ALA G 298 -5.44 -41.82 7.93
N ARG G 299 -5.75 -42.95 7.24
CA ARG G 299 -7.13 -43.28 6.88
C ARG G 299 -8.02 -43.42 8.12
N GLU G 300 -7.49 -44.10 9.17
CA GLU G 300 -8.24 -44.29 10.40
C GLU G 300 -8.47 -42.97 11.09
N ALA G 301 -7.43 -42.11 11.16
CA ALA G 301 -7.51 -40.83 11.86
C ALA G 301 -8.41 -39.83 11.16
N GLU G 302 -8.42 -39.83 9.83
CA GLU G 302 -9.29 -38.91 9.08
C GLU G 302 -10.77 -39.15 9.32
N ALA G 303 -11.16 -40.41 9.49
CA ALA G 303 -12.54 -40.75 9.81
C ALA G 303 -12.88 -40.31 11.25
N ALA G 304 -11.90 -40.28 12.16
CA ALA G 304 -12.08 -39.87 13.56
C ALA G 304 -12.11 -38.36 13.79
N VAL G 305 -11.89 -37.55 12.74
CA VAL G 305 -11.97 -36.09 12.87
C VAL G 305 -13.43 -35.70 13.24
N TYR G 306 -13.63 -34.71 14.12
CA TYR G 306 -14.96 -34.31 14.54
C TYR G 306 -15.42 -33.16 13.65
N HIS G 307 -15.79 -33.48 12.42
CA HIS G 307 -16.22 -32.49 11.41
C HIS G 307 -17.30 -31.52 11.87
N ARG G 308 -18.22 -31.95 12.73
CA ARG G 308 -19.30 -31.11 13.23
C ARG G 308 -18.78 -29.83 13.89
N GLN G 309 -17.75 -29.97 14.72
CA GLN G 309 -17.14 -28.81 15.37
C GLN G 309 -16.10 -28.14 14.44
N LEU G 310 -15.27 -28.93 13.74
CA LEU G 310 -14.25 -28.39 12.86
C LEU G 310 -14.84 -27.47 11.77
N PHE G 311 -15.88 -27.93 11.06
CA PHE G 311 -16.52 -27.12 10.03
C PHE G 311 -17.09 -25.82 10.59
N GLU G 312 -17.80 -25.90 11.73
CA GLU G 312 -18.36 -24.70 12.38
C GLU G 312 -17.27 -23.72 12.78
N GLU G 313 -16.13 -24.22 13.29
CA GLU G 313 -15.04 -23.34 13.69
C GLU G 313 -14.31 -22.71 12.51
N LEU G 314 -14.10 -23.48 11.44
CA LEU G 314 -13.45 -22.97 10.22
C LEU G 314 -14.36 -21.91 9.57
N ARG G 315 -15.69 -22.13 9.58
CA ARG G 315 -16.71 -21.19 9.08
C ARG G 315 -16.68 -19.88 9.89
N ARG G 316 -16.75 -19.99 11.22
CA ARG G 316 -16.76 -18.84 12.11
C ARG G 316 -15.48 -17.99 11.97
N ALA G 317 -14.33 -18.65 11.82
CA ALA G 317 -13.07 -17.92 11.73
C ALA G 317 -12.81 -17.31 10.37
N ALA G 318 -13.37 -17.91 9.30
CA ALA G 318 -13.13 -17.40 7.96
C ALA G 318 -13.92 -16.10 7.73
N PRO G 319 -13.25 -15.04 7.30
CA PRO G 319 -13.94 -13.77 7.11
C PRO G 319 -14.88 -13.80 5.90
N LEU G 320 -15.81 -12.82 5.83
CA LEU G 320 -16.68 -12.70 4.65
C LEU G 320 -15.82 -12.53 3.40
N SER G 321 -16.27 -13.06 2.27
CA SER G 321 -15.49 -12.94 1.06
C SER G 321 -16.34 -12.54 -0.08
N ARG G 322 -15.81 -11.71 -0.97
CA ARG G 322 -16.48 -11.37 -2.20
C ARG G 322 -15.82 -12.08 -3.40
N ASP G 323 -14.89 -13.02 -3.16
CA ASP G 323 -14.25 -13.77 -4.23
C ASP G 323 -15.19 -14.96 -4.56
N PRO G 324 -15.72 -15.04 -5.78
CA PRO G 324 -16.64 -16.13 -6.12
C PRO G 324 -16.07 -17.53 -5.94
N THR G 325 -14.74 -17.74 -6.09
CA THR G 325 -14.14 -19.06 -5.87
C THR G 325 -14.30 -19.45 -4.40
N GLU G 326 -14.04 -18.50 -3.49
CA GLU G 326 -14.14 -18.72 -2.05
CA GLU G 326 -14.16 -18.77 -2.05
C GLU G 326 -15.61 -19.01 -1.65
N VAL G 327 -16.54 -18.21 -2.19
CA VAL G 327 -17.97 -18.33 -1.93
C VAL G 327 -18.51 -19.67 -2.46
N THR G 328 -18.11 -20.07 -3.68
CA THR G 328 -18.55 -21.34 -4.25
C THR G 328 -17.97 -22.49 -3.43
N ALA G 329 -16.71 -22.37 -2.97
CA ALA G 329 -16.07 -23.42 -2.17
C ALA G 329 -16.84 -23.71 -0.90
N ILE G 330 -17.24 -22.68 -0.12
CA ILE G 330 -17.96 -22.95 1.13
C ILE G 330 -19.36 -23.51 0.85
N GLY G 331 -20.00 -23.03 -0.22
CA GLY G 331 -21.29 -23.54 -0.64
C GLY G 331 -21.21 -25.01 -1.01
N ALA G 332 -20.17 -25.40 -1.76
CA ALA G 332 -19.96 -26.77 -2.20
C ALA G 332 -19.64 -27.69 -1.01
N VAL G 333 -18.86 -27.21 -0.07
CA VAL G 333 -18.53 -28.01 1.11
C VAL G 333 -19.78 -28.21 1.97
N GLU G 334 -20.60 -27.15 2.16
CA GLU G 334 -21.85 -27.29 2.91
CA GLU G 334 -21.85 -27.28 2.91
C GLU G 334 -22.80 -28.30 2.22
N ALA G 335 -22.92 -28.22 0.88
CA ALA G 335 -23.76 -29.12 0.12
C ALA G 335 -23.26 -30.56 0.22
N ALA G 336 -21.92 -30.76 0.25
CA ALA G 336 -21.35 -32.10 0.35
C ALA G 336 -21.70 -32.73 1.70
N PHE G 337 -21.63 -31.96 2.79
CA PHE G 337 -21.99 -32.47 4.12
C PHE G 337 -23.49 -32.80 4.20
N LYS G 338 -24.33 -31.98 3.58
CA LYS G 338 -25.78 -32.18 3.60
C LYS G 338 -26.21 -33.51 2.99
N CYS G 339 -25.56 -33.94 1.91
CA CYS G 339 -25.96 -35.17 1.23
C CYS G 339 -25.01 -36.32 1.42
N CYS G 340 -23.96 -36.17 2.23
CA CYS G 340 -22.90 -37.18 2.39
C CYS G 340 -22.27 -37.50 1.04
N ALA G 341 -21.95 -36.44 0.26
CA ALA G 341 -21.39 -36.60 -1.08
C ALA G 341 -20.13 -37.43 -1.04
N ALA G 342 -19.99 -38.36 -1.99
CA ALA G 342 -18.80 -39.19 -2.07
C ALA G 342 -17.57 -38.32 -2.46
N ALA G 343 -17.78 -37.27 -3.28
CA ALA G 343 -16.69 -36.45 -3.75
C ALA G 343 -17.18 -35.09 -4.22
N ILE G 344 -16.22 -34.13 -4.29
CA ILE G 344 -16.42 -32.82 -4.88
C ILE G 344 -15.46 -32.85 -6.06
N ILE G 345 -15.95 -32.82 -7.31
CA ILE G 345 -15.09 -32.79 -8.47
C ILE G 345 -14.89 -31.35 -8.87
N VAL G 346 -13.64 -30.88 -8.93
CA VAL G 346 -13.36 -29.50 -9.28
C VAL G 346 -12.37 -29.42 -10.45
N LEU G 347 -12.62 -28.52 -11.38
CA LEU G 347 -11.73 -28.23 -12.48
C LEU G 347 -10.82 -27.08 -11.99
N THR G 348 -9.51 -27.25 -12.19
CA THR G 348 -8.55 -26.26 -11.72
C THR G 348 -7.34 -26.17 -12.63
N THR G 349 -6.88 -24.95 -12.92
CA THR G 349 -5.70 -24.77 -13.73
C THR G 349 -4.49 -24.61 -12.81
N THR G 350 -4.57 -23.78 -11.77
CA THR G 350 -3.47 -23.55 -10.83
C THR G 350 -3.55 -24.36 -9.54
N GLY G 351 -4.70 -24.97 -9.26
CA GLY G 351 -4.91 -25.69 -8.01
C GLY G 351 -5.68 -24.88 -6.99
N ARG G 352 -5.81 -23.57 -7.22
CA ARG G 352 -6.45 -22.68 -6.26
C ARG G 352 -7.88 -23.07 -5.87
N SER G 353 -8.75 -23.39 -6.87
CA SER G 353 -10.12 -23.80 -6.53
C SER G 353 -10.16 -25.03 -5.64
N ALA G 354 -9.24 -25.97 -5.85
CA ALA G 354 -9.16 -27.17 -5.02
C ALA G 354 -8.66 -26.80 -3.61
N GLN G 355 -7.69 -25.88 -3.50
CA GLN G 355 -7.16 -25.47 -2.21
C GLN G 355 -8.23 -24.77 -1.37
N LEU G 356 -9.08 -23.96 -2.02
CA LEU G 356 -10.16 -23.28 -1.30
C LEU G 356 -11.24 -24.27 -0.81
N LEU G 357 -11.43 -25.40 -1.49
CA LEU G 357 -12.37 -26.42 -1.03
C LEU G 357 -11.76 -27.12 0.19
N SER G 358 -10.48 -27.51 0.07
CA SER G 358 -9.67 -28.18 1.08
C SER G 358 -9.60 -27.46 2.42
N ARG G 359 -9.53 -26.13 2.42
CA ARG G 359 -9.44 -25.37 3.65
C ARG G 359 -10.64 -25.52 4.62
N TYR G 360 -11.83 -25.90 4.08
CA TYR G 360 -13.04 -26.14 4.88
C TYR G 360 -13.15 -27.56 5.36
N ARG G 361 -12.15 -28.39 5.07
CA ARG G 361 -12.04 -29.76 5.53
C ARG G 361 -13.28 -30.60 5.28
N PRO G 362 -13.71 -30.74 4.01
CA PRO G 362 -14.86 -31.61 3.75
C PRO G 362 -14.51 -33.06 4.04
N ARG G 363 -15.52 -33.86 4.38
CA ARG G 363 -15.31 -35.30 4.50
C ARG G 363 -15.19 -35.86 3.08
N ALA G 364 -15.94 -35.31 2.10
CA ALA G 364 -15.90 -35.73 0.71
C ALA G 364 -14.53 -35.48 0.10
N ALA G 365 -14.03 -36.42 -0.72
CA ALA G 365 -12.75 -36.28 -1.41
C ALA G 365 -12.86 -35.16 -2.43
N VAL G 366 -11.82 -34.32 -2.57
CA VAL G 366 -11.83 -33.25 -3.56
C VAL G 366 -11.05 -33.77 -4.77
N ILE G 367 -11.74 -34.20 -5.82
CA ILE G 367 -11.09 -34.72 -7.01
C ILE G 367 -10.81 -33.55 -7.92
N ALA G 368 -9.53 -33.20 -8.07
CA ALA G 368 -9.15 -32.03 -8.85
C ALA G 368 -8.73 -32.45 -10.21
N VAL G 369 -9.42 -31.99 -11.25
CA VAL G 369 -9.08 -32.32 -12.61
C VAL G 369 -8.35 -31.15 -13.27
N THR G 370 -7.12 -31.43 -13.75
CA THR G 370 -6.32 -30.37 -14.33
C THR G 370 -5.54 -30.84 -15.52
N ARG G 371 -5.22 -29.89 -16.38
CA ARG G 371 -4.33 -30.15 -17.53
C ARG G 371 -2.87 -29.80 -17.16
N SER G 372 -2.65 -29.08 -16.04
CA SER G 372 -1.32 -28.68 -15.61
C SER G 372 -0.67 -29.79 -14.79
N ALA G 373 0.39 -30.39 -15.34
CA ALA G 373 1.11 -31.44 -14.64
C ALA G 373 1.74 -30.92 -13.35
N GLN G 374 2.21 -29.65 -13.33
CA GLN G 374 2.76 -29.10 -12.11
C GLN G 374 1.69 -28.88 -11.04
N ALA G 375 0.52 -28.29 -11.42
CA ALA G 375 -0.57 -28.11 -10.43
C ALA G 375 -1.04 -29.45 -9.88
N ALA G 376 -1.13 -30.50 -10.73
CA ALA G 376 -1.50 -31.84 -10.28
C ALA G 376 -0.54 -32.34 -9.21
N ARG G 377 0.76 -32.07 -9.37
CA ARG G 377 1.74 -32.49 -8.37
C ARG G 377 1.64 -31.64 -7.10
N GLN G 378 1.51 -30.32 -7.26
CA GLN G 378 1.52 -29.42 -6.11
C GLN G 378 0.29 -29.51 -5.21
N VAL G 379 -0.91 -29.85 -5.75
CA VAL G 379 -2.11 -29.96 -4.90
C VAL G 379 -2.06 -31.11 -3.89
N HIS G 380 -1.04 -31.99 -3.99
CA HIS G 380 -0.81 -33.00 -2.94
C HIS G 380 -0.50 -32.30 -1.59
N LEU G 381 -0.09 -31.02 -1.60
CA LEU G 381 0.16 -30.29 -0.35
C LEU G 381 -1.14 -30.03 0.42
N CYS G 382 -2.31 -30.04 -0.25
CA CYS G 382 -3.60 -29.77 0.38
C CYS G 382 -4.34 -31.04 0.77
N ARG G 383 -4.71 -31.17 2.06
CA ARG G 383 -5.42 -32.34 2.51
C ARG G 383 -6.73 -32.57 1.74
N GLY G 384 -6.94 -33.80 1.34
CA GLY G 384 -8.13 -34.25 0.68
C GLY G 384 -8.23 -33.92 -0.77
N VAL G 385 -7.14 -33.45 -1.41
CA VAL G 385 -7.19 -33.14 -2.84
C VAL G 385 -6.54 -34.30 -3.58
N PHE G 386 -7.31 -34.90 -4.51
CA PHE G 386 -6.92 -36.08 -5.31
C PHE G 386 -6.75 -35.62 -6.74
N PRO G 387 -5.52 -35.34 -7.16
CA PRO G 387 -5.32 -34.76 -8.50
C PRO G 387 -5.39 -35.77 -9.63
N LEU G 388 -6.03 -35.37 -10.71
CA LEU G 388 -6.14 -36.18 -11.90
C LEU G 388 -5.61 -35.34 -13.02
N LEU G 389 -4.63 -35.85 -13.73
CA LEU G 389 -4.04 -35.16 -14.86
C LEU G 389 -4.76 -35.55 -16.15
N TYR G 390 -5.33 -34.58 -16.85
CA TYR G 390 -6.07 -34.82 -18.06
C TYR G 390 -5.20 -34.57 -19.24
N ARG G 391 -5.07 -35.54 -20.08
CA ARG G 391 -4.21 -35.47 -21.27
C ARG G 391 -4.94 -35.70 -22.58
N GLU G 392 -6.28 -35.66 -22.58
CA GLU G 392 -7.01 -35.84 -23.80
C GLU G 392 -6.92 -34.61 -24.69
N PRO G 393 -7.01 -34.82 -26.02
CA PRO G 393 -7.06 -33.66 -26.94
C PRO G 393 -8.33 -32.82 -26.65
N PRO G 394 -8.28 -31.51 -26.93
CA PRO G 394 -9.42 -30.63 -26.57
C PRO G 394 -10.63 -30.73 -27.49
N GLU G 395 -11.82 -30.48 -26.95
CA GLU G 395 -13.03 -30.42 -27.75
C GLU G 395 -13.14 -28.96 -28.27
N ALA G 396 -13.72 -28.77 -29.45
CA ALA G 396 -13.88 -27.45 -30.08
C ALA G 396 -14.77 -26.56 -29.23
N ILE G 397 -15.84 -27.14 -28.65
CA ILE G 397 -16.75 -26.38 -27.83
C ILE G 397 -16.34 -26.46 -26.37
N TRP G 398 -16.10 -25.29 -25.76
CA TRP G 398 -15.66 -25.22 -24.39
C TRP G 398 -16.55 -25.99 -23.39
N ALA G 399 -17.90 -25.84 -23.42
CA ALA G 399 -18.79 -26.55 -22.50
C ALA G 399 -18.69 -28.09 -22.66
N ASP G 400 -18.45 -28.59 -23.88
CA ASP G 400 -18.23 -30.04 -24.11
C ASP G 400 -16.90 -30.49 -23.52
N ASP G 401 -15.87 -29.65 -23.61
CA ASP G 401 -14.57 -29.95 -23.02
C ASP G 401 -14.63 -29.97 -21.49
N VAL G 402 -15.43 -29.08 -20.90
CA VAL G 402 -15.63 -29.03 -19.46
C VAL G 402 -16.34 -30.32 -19.01
N ASP G 403 -17.41 -30.73 -19.75
CA ASP G 403 -18.16 -31.94 -19.45
C ASP G 403 -17.31 -33.16 -19.55
N ARG G 404 -16.41 -33.23 -20.55
CA ARG G 404 -15.48 -34.38 -20.67
C ARG G 404 -14.54 -34.46 -19.49
N ARG G 405 -14.05 -33.32 -18.98
CA ARG G 405 -13.16 -33.35 -17.82
C ARG G 405 -13.88 -33.78 -16.56
N VAL G 406 -15.15 -33.34 -16.39
CA VAL G 406 -15.99 -33.74 -15.25
C VAL G 406 -16.24 -35.26 -15.34
N GLN G 407 -16.58 -35.76 -16.53
CA GLN G 407 -16.75 -37.21 -16.72
C GLN G 407 -15.47 -38.00 -16.50
N PHE G 408 -14.33 -37.47 -16.90
CA PHE G 408 -13.04 -38.08 -16.61
C PHE G 408 -12.80 -38.16 -15.09
N GLY G 409 -13.29 -37.17 -14.32
CA GLY G 409 -13.17 -37.24 -12.87
C GLY G 409 -14.05 -38.33 -12.32
N ILE G 410 -15.27 -38.46 -12.83
CA ILE G 410 -16.25 -39.48 -12.41
C ILE G 410 -15.75 -40.88 -12.75
N GLU G 411 -15.23 -41.08 -13.96
CA GLU G 411 -14.71 -42.39 -14.39
C GLU G 411 -13.47 -42.77 -13.58
N SER G 412 -12.53 -41.81 -13.32
CA SER G 412 -11.38 -42.15 -12.47
C SER G 412 -11.86 -42.47 -11.04
N GLY G 413 -12.84 -41.72 -10.54
CA GLY G 413 -13.39 -41.95 -9.22
C GLY G 413 -14.03 -43.31 -9.09
N LYS G 414 -14.77 -43.76 -10.11
CA LYS G 414 -15.40 -45.08 -10.10
C LYS G 414 -14.33 -46.16 -10.15
N LEU G 415 -13.33 -46.00 -11.03
CA LEU G 415 -12.26 -46.97 -11.15
C LEU G 415 -11.49 -47.16 -9.85
N ARG G 416 -11.19 -46.04 -9.17
CA ARG G 416 -10.42 -46.07 -7.93
C ARG G 416 -11.21 -46.39 -6.67
N GLY G 417 -12.52 -46.52 -6.76
CA GLY G 417 -13.34 -46.82 -5.60
C GLY G 417 -13.87 -45.62 -4.82
N PHE G 418 -13.61 -44.39 -5.28
CA PHE G 418 -14.15 -43.19 -4.61
C PHE G 418 -15.68 -43.11 -4.85
N LEU G 419 -16.15 -43.52 -6.03
CA LEU G 419 -17.56 -43.31 -6.42
C LEU G 419 -18.22 -44.57 -6.89
N ARG G 420 -19.54 -44.61 -6.77
CA ARG G 420 -20.37 -45.70 -7.24
C ARG G 420 -21.62 -45.09 -7.89
N VAL G 421 -22.30 -45.85 -8.75
CA VAL G 421 -23.57 -45.43 -9.33
C VAL G 421 -24.58 -45.22 -8.20
N GLY G 422 -25.33 -44.12 -8.26
CA GLY G 422 -26.25 -43.79 -7.19
C GLY G 422 -25.70 -42.78 -6.20
N ASP G 423 -24.38 -42.59 -6.16
CA ASP G 423 -23.79 -41.58 -5.26
C ASP G 423 -24.17 -40.16 -5.71
N LEU G 424 -24.09 -39.21 -4.76
CA LEU G 424 -24.21 -37.81 -5.11
C LEU G 424 -22.79 -37.24 -5.08
N VAL G 425 -22.49 -36.36 -6.04
CA VAL G 425 -21.23 -35.64 -6.08
C VAL G 425 -21.55 -34.17 -6.28
N ILE G 426 -20.66 -33.31 -5.82
CA ILE G 426 -20.79 -31.89 -6.03
C ILE G 426 -19.75 -31.58 -7.12
N VAL G 427 -20.10 -30.83 -8.14
CA VAL G 427 -19.19 -30.48 -9.22
C VAL G 427 -18.96 -28.99 -9.20
N VAL G 428 -17.70 -28.57 -9.16
CA VAL G 428 -17.34 -27.16 -9.08
C VAL G 428 -16.59 -26.74 -10.34
N THR G 429 -17.12 -25.73 -11.05
CA THR G 429 -16.57 -25.21 -12.31
C THR G 429 -16.71 -23.66 -12.37
N GLY G 430 -16.30 -23.05 -13.45
CA GLY G 430 -16.39 -21.61 -13.65
C GLY G 430 -17.13 -21.25 -14.89
N TRP G 431 -17.42 -19.95 -15.06
CA TRP G 431 -18.27 -19.49 -16.15
C TRP G 431 -17.54 -19.24 -17.47
N ARG G 432 -16.23 -19.22 -17.47
CA ARG G 432 -15.47 -19.01 -18.69
C ARG G 432 -14.09 -19.69 -18.52
N PRO G 433 -13.40 -19.94 -19.65
CA PRO G 433 -12.07 -20.55 -19.58
C PRO G 433 -11.07 -19.63 -18.90
N GLY G 434 -10.03 -20.24 -18.40
CA GLY G 434 -8.99 -19.54 -17.69
C GLY G 434 -9.15 -19.64 -16.19
N SER G 435 -8.03 -19.63 -15.51
CA SER G 435 -7.93 -19.57 -14.09
C SER G 435 -8.65 -18.30 -13.48
N GLY G 436 -9.16 -18.41 -12.25
CA GLY G 436 -9.77 -17.33 -11.49
C GLY G 436 -11.27 -17.08 -11.62
N TYR G 437 -12.00 -17.94 -12.36
CA TYR G 437 -13.41 -17.74 -12.61
C TYR G 437 -14.35 -18.77 -12.08
N THR G 438 -13.90 -19.62 -11.13
CA THR G 438 -14.79 -20.59 -10.51
C THR G 438 -15.97 -19.88 -9.84
N ASN G 439 -17.20 -20.27 -10.15
CA ASN G 439 -18.38 -19.64 -9.57
C ASN G 439 -19.61 -20.55 -9.63
N ILE G 440 -19.49 -21.83 -10.05
CA ILE G 440 -20.64 -22.72 -10.17
C ILE G 440 -20.47 -23.99 -9.33
N MET G 441 -21.56 -24.38 -8.64
CA MET G 441 -21.60 -25.62 -7.85
C MET G 441 -22.85 -26.38 -8.35
N ARG G 442 -22.71 -27.64 -8.73
CA ARG G 442 -23.83 -28.45 -9.21
C ARG G 442 -23.92 -29.74 -8.40
N VAL G 443 -25.13 -30.21 -8.14
CA VAL G 443 -25.36 -31.48 -7.45
C VAL G 443 -25.67 -32.52 -8.51
N LEU G 444 -24.84 -33.54 -8.62
CA LEU G 444 -24.98 -34.55 -9.66
C LEU G 444 -25.17 -35.93 -9.07
N SER G 445 -26.07 -36.69 -9.67
CA SER G 445 -26.29 -38.09 -9.29
C SER G 445 -25.43 -38.94 -10.22
N ILE G 446 -24.62 -39.84 -9.69
CA ILE G 446 -23.73 -40.66 -10.49
C ILE G 446 -24.52 -41.73 -11.23
N SER G 447 -24.42 -41.76 -12.56
CA SER G 447 -25.08 -42.74 -13.39
C SER G 447 -24.07 -43.69 -14.11
N GLY H 23 -17.34 -0.77 3.02
CA GLY H 23 -17.37 0.42 3.84
C GLY H 23 -17.85 0.19 5.26
N THR H 24 -17.47 1.09 6.18
CA THR H 24 -17.88 0.99 7.59
C THR H 24 -19.40 1.23 7.74
N ALA H 25 -19.97 2.11 6.90
CA ALA H 25 -21.40 2.39 6.94
C ALA H 25 -22.23 1.13 6.70
N PHE H 26 -21.78 0.26 5.79
CA PHE H 26 -22.45 -1.00 5.46
C PHE H 26 -22.55 -1.87 6.73
N PHE H 27 -21.46 -1.97 7.49
CA PHE H 27 -21.42 -2.82 8.68
C PHE H 27 -22.08 -2.22 9.93
N GLN H 28 -22.61 -1.00 9.83
CA GLN H 28 -23.37 -0.40 10.92
C GLN H 28 -24.89 -0.63 10.73
N GLN H 29 -25.35 -0.77 9.47
CA GLN H 29 -26.74 -1.00 9.09
C GLN H 29 -27.19 -2.44 9.36
N GLN H 30 -28.52 -2.70 9.23
CA GLN H 30 -29.22 -3.96 9.37
C GLN H 30 -28.79 -4.83 10.56
N GLN H 31 -28.52 -4.19 11.72
CA GLN H 31 -28.08 -4.84 12.96
C GLN H 31 -26.86 -5.75 12.74
N LEU H 32 -25.93 -5.36 11.85
CA LEU H 32 -24.75 -6.18 11.57
C LEU H 32 -23.82 -6.30 12.80
N PRO H 33 -23.61 -5.26 13.65
CA PRO H 33 -22.82 -5.50 14.89
C PRO H 33 -23.47 -6.58 15.77
N ALA H 34 -24.80 -6.55 15.94
CA ALA H 34 -25.52 -7.57 16.72
C ALA H 34 -25.49 -8.95 16.04
N ALA H 35 -25.38 -8.96 14.69
CA ALA H 35 -25.30 -10.20 13.91
C ALA H 35 -23.97 -10.93 14.18
N MET H 36 -22.89 -10.20 14.39
CA MET H 36 -21.57 -10.80 14.61
C MET H 36 -21.36 -11.32 16.05
N ALA H 37 -22.28 -11.03 16.98
CA ALA H 37 -22.13 -11.43 18.37
C ALA H 37 -21.95 -12.93 18.59
N ASP H 38 -21.13 -13.28 19.58
CA ASP H 38 -20.81 -14.68 19.88
C ASP H 38 -21.86 -15.36 20.74
N THR H 39 -22.70 -14.59 21.45
CA THR H 39 -23.76 -15.19 22.25
C THR H 39 -25.08 -14.43 22.00
N PHE H 40 -26.22 -15.05 22.32
CA PHE H 40 -27.52 -14.38 22.20
C PHE H 40 -27.58 -13.16 23.14
N LEU H 41 -26.98 -13.28 24.36
CA LEU H 41 -26.97 -12.16 25.30
C LEU H 41 -26.23 -10.96 24.72
N GLU H 42 -25.04 -11.19 24.13
CA GLU H 42 -24.27 -10.11 23.50
C GLU H 42 -25.02 -9.56 22.26
N HIS H 43 -25.75 -10.43 21.55
CA HIS H 43 -26.56 -10.05 20.40
C HIS H 43 -27.62 -9.04 20.85
N LEU H 44 -28.31 -9.32 21.96
CA LEU H 44 -29.31 -8.38 22.50
C LEU H 44 -28.64 -7.06 22.89
N CYS H 45 -27.47 -7.13 23.57
CA CYS H 45 -26.73 -5.95 24.02
C CYS H 45 -26.30 -5.05 22.90
N LEU H 46 -26.05 -5.60 21.69
CA LEU H 46 -25.61 -4.84 20.54
C LEU H 46 -26.74 -4.37 19.61
N LEU H 47 -28.01 -4.65 19.94
CA LEU H 47 -29.13 -4.14 19.10
C LEU H 47 -29.14 -2.62 19.17
N ASP H 48 -29.28 -1.98 18.02
CA ASP H 48 -29.18 -0.53 17.91
C ASP H 48 -30.38 0.10 17.21
N ILE H 49 -31.04 1.06 17.87
CA ILE H 49 -32.16 1.77 17.26
C ILE H 49 -31.75 2.64 16.07
N ASP H 50 -30.46 3.00 15.98
CA ASP H 50 -29.95 3.78 14.85
C ASP H 50 -29.47 2.89 13.69
N SER H 51 -29.49 1.56 13.84
CA SER H 51 -29.07 0.68 12.78
C SER H 51 -30.26 0.45 11.85
N GLU H 52 -30.30 1.15 10.71
CA GLU H 52 -31.42 1.08 9.78
C GLU H 52 -31.54 -0.21 8.98
N PRO H 53 -32.77 -0.71 8.81
CA PRO H 53 -32.94 -1.94 8.02
C PRO H 53 -32.68 -1.65 6.55
N VAL H 54 -32.04 -2.58 5.87
CA VAL H 54 -31.68 -2.41 4.46
C VAL H 54 -32.43 -3.42 3.61
N ALA H 55 -32.50 -4.66 4.07
CA ALA H 55 -33.17 -5.73 3.35
C ALA H 55 -34.67 -5.45 3.17
N ALA H 56 -35.25 -6.03 2.11
CA ALA H 56 -36.66 -5.91 1.88
C ALA H 56 -37.39 -6.75 2.95
N ARG H 57 -38.57 -6.28 3.38
CA ARG H 57 -39.38 -6.93 4.38
C ARG H 57 -39.78 -8.32 3.89
N SER H 58 -39.44 -9.35 4.64
CA SER H 58 -39.61 -10.72 4.25
C SER H 58 -40.85 -11.45 4.83
N THR H 59 -41.41 -11.00 5.95
CA THR H 59 -42.61 -11.64 6.52
C THR H 59 -43.82 -11.09 5.78
N SER H 60 -44.66 -11.95 5.20
CA SER H 60 -45.83 -11.49 4.45
C SER H 60 -46.93 -10.95 5.34
N ILE H 61 -47.69 -10.00 4.82
CA ILE H 61 -48.79 -9.40 5.52
C ILE H 61 -50.08 -9.92 4.88
N ILE H 62 -50.93 -10.52 5.70
CA ILE H 62 -52.25 -10.95 5.28
C ILE H 62 -53.25 -9.88 5.78
N ALA H 63 -54.03 -9.29 4.87
CA ALA H 63 -55.02 -8.28 5.25
C ALA H 63 -56.40 -8.83 5.00
N THR H 64 -57.29 -8.77 6.01
CA THR H 64 -58.66 -9.21 5.85
C THR H 64 -59.45 -8.14 5.10
N ILE H 65 -60.20 -8.54 4.07
CA ILE H 65 -60.98 -7.63 3.25
C ILE H 65 -62.36 -7.46 3.88
N GLY H 66 -62.82 -6.22 3.95
CA GLY H 66 -64.13 -5.88 4.48
C GLY H 66 -64.58 -4.51 4.01
N PRO H 67 -65.62 -3.92 4.65
CA PRO H 67 -66.09 -2.58 4.24
C PRO H 67 -65.02 -1.50 4.19
N ALA H 68 -64.00 -1.58 5.06
CA ALA H 68 -62.92 -0.57 5.07
C ALA H 68 -61.88 -0.74 3.97
N SER H 69 -61.87 -1.89 3.32
CA SER H 69 -60.84 -2.20 2.35
C SER H 69 -61.35 -2.82 1.06
N ARG H 70 -62.62 -2.67 0.73
CA ARG H 70 -63.13 -3.24 -0.53
C ARG H 70 -63.01 -2.30 -1.71
N SER H 71 -62.80 -1.01 -1.47
CA SER H 71 -62.67 -0.05 -2.57
C SER H 71 -61.42 -0.41 -3.44
N VAL H 72 -61.56 -0.37 -4.79
CA VAL H 72 -60.47 -0.66 -5.73
C VAL H 72 -59.30 0.28 -5.48
N GLU H 73 -59.60 1.59 -5.27
CA GLU H 73 -58.56 2.59 -5.00
C GLU H 73 -57.87 2.41 -3.64
N ARG H 74 -58.63 1.97 -2.62
CA ARG H 74 -58.08 1.72 -1.29
C ARG H 74 -57.19 0.42 -1.39
N LEU H 75 -57.60 -0.59 -2.14
CA LEU H 75 -56.85 -1.81 -2.36
C LEU H 75 -55.50 -1.55 -3.06
N LYS H 76 -55.47 -0.59 -3.98
CA LYS H 76 -54.21 -0.20 -4.64
C LYS H 76 -53.26 0.41 -3.62
N GLU H 77 -53.77 1.22 -2.68
CA GLU H 77 -52.95 1.79 -1.62
C GLU H 77 -52.44 0.69 -0.66
N MET H 78 -53.26 -0.32 -0.39
CA MET H 78 -52.87 -1.42 0.51
CA MET H 78 -52.87 -1.42 0.51
C MET H 78 -51.81 -2.31 -0.13
N ILE H 79 -51.87 -2.50 -1.46
CA ILE H 79 -50.88 -3.28 -2.19
C ILE H 79 -49.56 -2.53 -2.12
N LYS H 80 -49.59 -1.20 -2.38
CA LYS H 80 -48.39 -0.37 -2.28
C LYS H 80 -47.81 -0.33 -0.86
N ALA H 81 -48.66 -0.37 0.16
CA ALA H 81 -48.23 -0.35 1.58
C ALA H 81 -47.58 -1.68 2.00
N GLY H 82 -47.82 -2.78 1.27
CA GLY H 82 -47.23 -4.04 1.63
C GLY H 82 -48.11 -5.28 1.74
N MET H 83 -49.44 -5.17 1.49
CA MET H 83 -50.33 -6.35 1.58
C MET H 83 -49.92 -7.39 0.54
N ASN H 84 -49.72 -8.64 0.99
CA ASN H 84 -49.33 -9.72 0.07
C ASN H 84 -50.46 -10.72 -0.15
N ILE H 85 -51.31 -10.93 0.86
CA ILE H 85 -52.39 -11.90 0.81
C ILE H 85 -53.67 -11.22 1.31
N ALA H 86 -54.73 -11.31 0.52
CA ALA H 86 -56.04 -10.77 0.84
C ALA H 86 -56.89 -11.92 1.43
N ARG H 87 -57.37 -11.77 2.66
CA ARG H 87 -58.14 -12.82 3.32
C ARG H 87 -59.63 -12.50 3.26
N LEU H 88 -60.44 -13.47 2.85
CA LEU H 88 -61.90 -13.34 2.81
C LEU H 88 -62.43 -14.17 3.96
N ASN H 89 -63.06 -13.52 4.95
CA ASN H 89 -63.57 -14.21 6.12
C ASN H 89 -64.97 -14.70 5.84
N PHE H 90 -65.14 -16.00 5.58
CA PHE H 90 -66.46 -16.55 5.27
C PHE H 90 -67.37 -16.70 6.51
N SER H 91 -66.95 -16.21 7.68
CA SER H 91 -67.82 -16.16 8.86
C SER H 91 -68.88 -15.06 8.71
N HIS H 92 -68.64 -14.06 7.85
CA HIS H 92 -69.55 -12.95 7.58
C HIS H 92 -69.70 -12.77 6.06
N GLY H 93 -70.83 -12.24 5.62
CA GLY H 93 -71.06 -11.97 4.21
C GLY H 93 -71.54 -13.15 3.41
N SER H 94 -72.22 -12.86 2.33
CA SER H 94 -72.75 -13.87 1.43
C SER H 94 -71.72 -14.22 0.35
N HIS H 95 -72.00 -15.24 -0.49
CA HIS H 95 -71.16 -15.57 -1.63
C HIS H 95 -71.06 -14.41 -2.59
N GLU H 96 -72.15 -13.65 -2.77
CA GLU H 96 -72.19 -12.50 -3.65
C GLU H 96 -71.23 -11.40 -3.12
N TYR H 97 -71.23 -11.20 -1.80
CA TYR H 97 -70.38 -10.21 -1.18
C TYR H 97 -68.88 -10.60 -1.42
N HIS H 98 -68.54 -11.86 -1.19
CA HIS H 98 -67.15 -12.33 -1.35
C HIS H 98 -66.70 -12.36 -2.81
N ALA H 99 -67.62 -12.62 -3.77
CA ALA H 99 -67.26 -12.56 -5.18
C ALA H 99 -66.90 -11.14 -5.58
N GLU H 100 -67.58 -10.15 -5.01
CA GLU H 100 -67.32 -8.71 -5.27
C GLU H 100 -65.94 -8.36 -4.73
N SER H 101 -65.60 -8.85 -3.50
CA SER H 101 -64.31 -8.62 -2.85
C SER H 101 -63.19 -9.16 -3.73
N ILE H 102 -63.33 -10.43 -4.20
CA ILE H 102 -62.35 -11.06 -5.08
C ILE H 102 -62.14 -10.27 -6.36
N ALA H 103 -63.24 -9.81 -6.97
CA ALA H 103 -63.16 -9.05 -8.22
C ALA H 103 -62.47 -7.71 -8.03
N ASN H 104 -62.72 -7.04 -6.89
CA ASN H 104 -62.11 -5.76 -6.54
C ASN H 104 -60.61 -5.96 -6.26
N VAL H 105 -60.24 -7.03 -5.56
CA VAL H 105 -58.82 -7.32 -5.29
C VAL H 105 -58.10 -7.56 -6.62
N ARG H 106 -58.66 -8.45 -7.48
CA ARG H 106 -58.05 -8.72 -8.76
C ARG H 106 -57.93 -7.50 -9.64
N GLU H 107 -58.95 -6.60 -9.62
CA GLU H 107 -58.87 -5.38 -10.41
C GLU H 107 -57.73 -4.48 -9.89
N ALA H 108 -57.60 -4.32 -8.57
CA ALA H 108 -56.50 -3.51 -8.01
C ALA H 108 -55.11 -4.15 -8.33
N VAL H 109 -55.00 -5.46 -8.19
CA VAL H 109 -53.75 -6.18 -8.48
C VAL H 109 -53.35 -6.04 -9.96
N GLU H 110 -54.31 -6.26 -10.87
CA GLU H 110 -54.03 -6.20 -12.30
C GLU H 110 -53.82 -4.81 -12.83
N SER H 111 -54.20 -3.76 -12.08
CA SER H 111 -53.96 -2.39 -12.52
C SER H 111 -52.45 -2.09 -12.62
N PHE H 112 -51.60 -2.88 -11.96
CA PHE H 112 -50.15 -2.73 -12.00
C PHE H 112 -49.47 -3.72 -12.98
N ALA H 113 -50.22 -4.57 -13.70
CA ALA H 113 -49.65 -5.55 -14.61
C ALA H 113 -48.98 -4.97 -15.87
N GLY H 114 -49.27 -3.72 -16.22
CA GLY H 114 -48.67 -3.09 -17.39
C GLY H 114 -47.17 -2.83 -17.24
N SER H 115 -46.63 -2.91 -15.99
CA SER H 115 -45.20 -2.78 -15.74
C SER H 115 -44.74 -4.10 -15.13
N PRO H 116 -44.35 -5.07 -15.97
CA PRO H 116 -43.97 -6.39 -15.45
C PRO H 116 -42.83 -6.40 -14.45
N LEU H 117 -41.90 -5.42 -14.52
CA LEU H 117 -40.77 -5.37 -13.61
C LEU H 117 -41.13 -4.95 -12.19
N SER H 118 -42.33 -4.37 -11.99
CA SER H 118 -42.73 -3.90 -10.64
C SER H 118 -44.07 -4.54 -10.15
N TYR H 119 -44.73 -5.34 -11.01
CA TYR H 119 -45.96 -6.03 -10.69
C TYR H 119 -45.81 -6.91 -9.44
N ARG H 120 -46.76 -6.79 -8.50
CA ARG H 120 -46.72 -7.59 -7.30
C ARG H 120 -47.88 -8.56 -7.27
N PRO H 121 -47.61 -9.87 -7.33
CA PRO H 121 -48.70 -10.84 -7.16
C PRO H 121 -49.31 -10.72 -5.76
N VAL H 122 -50.62 -10.96 -5.60
CA VAL H 122 -51.28 -10.91 -4.32
C VAL H 122 -52.14 -12.15 -4.24
N ALA H 123 -51.97 -12.98 -3.19
CA ALA H 123 -52.76 -14.19 -3.05
C ALA H 123 -54.17 -13.88 -2.50
N ILE H 124 -55.12 -14.78 -2.77
CA ILE H 124 -56.45 -14.67 -2.23
C ILE H 124 -56.66 -15.89 -1.37
N ALA H 125 -56.94 -15.68 -0.09
CA ALA H 125 -57.14 -16.76 0.85
C ALA H 125 -58.58 -16.78 1.35
N LEU H 126 -59.17 -17.97 1.45
CA LEU H 126 -60.55 -18.10 1.91
C LEU H 126 -60.49 -18.66 3.32
N ASP H 127 -61.04 -17.96 4.30
CA ASP H 127 -61.05 -18.42 5.69
C ASP H 127 -62.47 -19.00 5.98
N THR H 128 -62.57 -20.28 6.27
CA THR H 128 -63.85 -20.93 6.45
C THR H 128 -64.54 -20.55 7.77
N LYS H 129 -65.86 -20.68 7.82
CA LYS H 129 -66.65 -20.39 9.00
C LYS H 129 -66.34 -21.37 10.11
N GLY H 130 -66.23 -22.65 9.77
CA GLY H 130 -65.91 -23.67 10.77
C GLY H 130 -67.00 -24.68 11.01
N PRO H 131 -66.70 -25.70 11.82
CA PRO H 131 -67.69 -26.76 12.08
C PRO H 131 -68.81 -26.40 13.04
N GLY H 132 -68.58 -25.39 13.89
CA GLY H 132 -69.56 -24.99 14.89
C GLY H 132 -69.77 -26.09 15.91
N SER H 133 -71.03 -26.43 16.18
CA SER H 133 -71.35 -27.50 17.14
C SER H 133 -71.17 -28.93 16.57
N GLY H 134 -70.94 -29.05 15.26
CA GLY H 134 -70.76 -30.34 14.62
C GLY H 134 -69.40 -30.98 14.84
N PRO H 135 -69.26 -32.23 14.39
CA PRO H 135 -67.99 -32.94 14.62
C PRO H 135 -66.95 -32.84 13.49
N GLY H 136 -67.41 -32.55 12.28
CA GLY H 136 -66.56 -32.47 11.10
C GLY H 136 -66.97 -31.35 10.15
N LEU H 137 -66.72 -31.56 8.85
CA LEU H 137 -66.99 -30.54 7.83
C LEU H 137 -68.45 -30.18 7.71
N SER H 138 -68.79 -28.93 7.98
CA SER H 138 -70.17 -28.47 7.90
C SER H 138 -70.64 -28.32 6.44
N GLU H 139 -71.95 -28.25 6.22
CA GLU H 139 -72.50 -28.09 4.87
C GLU H 139 -72.17 -26.72 4.30
N GLN H 140 -72.13 -25.68 5.16
CA GLN H 140 -71.77 -24.33 4.70
C GLN H 140 -70.30 -24.33 4.24
N ASP H 141 -69.41 -25.01 4.96
CA ASP H 141 -68.00 -25.11 4.59
C ASP H 141 -67.84 -25.83 3.26
N VAL H 142 -68.62 -26.89 3.02
CA VAL H 142 -68.59 -27.60 1.73
C VAL H 142 -68.97 -26.66 0.59
N ARG H 143 -69.97 -25.81 0.81
CA ARG H 143 -70.40 -24.86 -0.21
C ARG H 143 -69.42 -23.73 -0.41
N ASP H 144 -68.80 -23.24 0.67
CA ASP H 144 -67.83 -22.16 0.64
C ASP H 144 -66.53 -22.61 -0.03
N LEU H 145 -66.09 -23.85 0.26
CA LEU H 145 -64.90 -24.40 -0.38
C LEU H 145 -65.14 -24.60 -1.88
N ARG H 146 -66.36 -24.99 -2.28
CA ARG H 146 -66.69 -25.13 -3.70
C ARG H 146 -66.65 -23.75 -4.37
N PHE H 147 -67.12 -22.71 -3.67
CA PHE H 147 -67.09 -21.33 -4.15
C PHE H 147 -65.62 -20.92 -4.39
N GLY H 148 -64.74 -21.26 -3.46
CA GLY H 148 -63.32 -20.96 -3.54
C GLY H 148 -62.67 -21.55 -4.75
N VAL H 149 -62.96 -22.84 -5.04
CA VAL H 149 -62.45 -23.51 -6.23
C VAL H 149 -62.96 -22.82 -7.50
N GLU H 150 -64.27 -22.52 -7.55
CA GLU H 150 -64.89 -21.86 -8.69
C GLU H 150 -64.35 -20.46 -8.93
N HIS H 151 -63.94 -19.77 -7.86
CA HIS H 151 -63.39 -18.42 -8.01
C HIS H 151 -61.85 -18.37 -8.03
N GLY H 152 -61.17 -19.50 -8.07
CA GLY H 152 -59.73 -19.58 -8.15
C GLY H 152 -58.93 -19.06 -6.96
N VAL H 153 -59.40 -19.32 -5.73
CA VAL H 153 -58.61 -18.91 -4.56
C VAL H 153 -57.31 -19.70 -4.50
N ASP H 154 -56.28 -19.11 -3.90
CA ASP H 154 -54.97 -19.74 -3.80
C ASP H 154 -54.79 -20.54 -2.55
N ILE H 155 -55.38 -20.06 -1.45
CA ILE H 155 -55.18 -20.65 -0.13
C ILE H 155 -56.53 -20.79 0.60
N VAL H 156 -56.62 -21.79 1.46
CA VAL H 156 -57.76 -21.99 2.34
C VAL H 156 -57.20 -21.99 3.77
N PHE H 157 -57.74 -21.14 4.64
CA PHE H 157 -57.41 -21.16 6.07
C PHE H 157 -58.58 -21.96 6.66
N ALA H 158 -58.37 -23.25 6.95
CA ALA H 158 -59.44 -24.11 7.44
C ALA H 158 -59.65 -23.91 8.95
N SER H 159 -60.82 -23.41 9.34
CA SER H 159 -61.14 -23.18 10.76
C SER H 159 -61.32 -24.45 11.59
N PHE H 160 -60.90 -24.35 12.87
CA PHE H 160 -61.02 -25.39 13.89
C PHE H 160 -60.57 -26.78 13.46
N VAL H 161 -59.35 -26.90 12.92
CA VAL H 161 -58.84 -28.21 12.54
C VAL H 161 -58.42 -28.91 13.84
N ARG H 162 -58.95 -30.10 14.09
CA ARG H 162 -58.69 -30.84 15.32
C ARG H 162 -57.91 -32.14 15.14
N LYS H 163 -57.83 -32.64 13.89
CA LYS H 163 -57.17 -33.90 13.58
C LYS H 163 -56.89 -33.98 12.06
N ALA H 164 -56.06 -34.94 11.65
CA ALA H 164 -55.69 -35.13 10.26
C ALA H 164 -56.89 -35.36 9.33
N SER H 165 -57.94 -36.05 9.81
CA SER H 165 -59.12 -36.32 9.00
C SER H 165 -59.91 -35.03 8.67
N ASP H 166 -59.78 -33.98 9.50
CA ASP H 166 -60.43 -32.69 9.20
C ASP H 166 -59.79 -32.08 7.92
N VAL H 167 -58.46 -32.21 7.77
CA VAL H 167 -57.73 -31.72 6.61
C VAL H 167 -58.10 -32.54 5.38
N ALA H 168 -58.20 -33.86 5.54
CA ALA H 168 -58.61 -34.74 4.43
C ALA H 168 -59.99 -34.38 3.92
N ALA H 169 -60.91 -34.03 4.83
CA ALA H 169 -62.28 -33.63 4.47
C ALA H 169 -62.26 -32.32 3.67
N VAL H 170 -61.43 -31.34 4.09
CA VAL H 170 -61.30 -30.07 3.35
C VAL H 170 -60.73 -30.35 1.97
N ARG H 171 -59.71 -31.22 1.88
N ARG H 171 -59.71 -31.22 1.88
CA ARG H 171 -59.07 -31.58 0.61
CA ARG H 171 -59.09 -31.57 0.60
C ARG H 171 -60.09 -32.23 -0.32
C ARG H 171 -60.11 -32.21 -0.33
N ALA H 172 -60.91 -33.15 0.19
CA ALA H 172 -61.96 -33.81 -0.60
C ALA H 172 -62.99 -32.80 -1.10
N ALA H 173 -63.40 -31.84 -0.26
CA ALA H 173 -64.37 -30.82 -0.65
C ALA H 173 -63.83 -29.86 -1.72
N LEU H 174 -62.51 -29.71 -1.83
CA LEU H 174 -61.90 -28.88 -2.87
C LEU H 174 -61.98 -29.56 -4.26
N GLY H 175 -62.09 -30.89 -4.29
CA GLY H 175 -62.25 -31.65 -5.52
C GLY H 175 -61.02 -31.76 -6.38
N PRO H 176 -61.15 -32.41 -7.55
CA PRO H 176 -60.00 -32.54 -8.45
C PRO H 176 -59.49 -31.21 -9.03
N GLU H 177 -60.37 -30.22 -9.20
CA GLU H 177 -59.95 -28.91 -9.73
C GLU H 177 -59.23 -28.02 -8.67
N GLY H 178 -59.37 -28.34 -7.38
CA GLY H 178 -58.72 -27.58 -6.32
C GLY H 178 -57.51 -28.27 -5.74
N HIS H 179 -56.85 -29.14 -6.51
CA HIS H 179 -55.67 -29.87 -6.03
CA HIS H 179 -55.67 -29.87 -6.04
C HIS H 179 -54.47 -28.95 -5.74
N GLY H 180 -54.39 -27.81 -6.44
CA GLY H 180 -53.30 -26.86 -6.24
C GLY H 180 -53.47 -25.85 -5.10
N ILE H 181 -54.66 -25.78 -4.51
CA ILE H 181 -54.92 -24.84 -3.41
C ILE H 181 -54.15 -25.25 -2.15
N LYS H 182 -53.48 -24.29 -1.48
CA LYS H 182 -52.76 -24.60 -0.24
C LYS H 182 -53.72 -24.63 0.93
N ILE H 183 -53.62 -25.64 1.78
CA ILE H 183 -54.48 -25.73 2.96
C ILE H 183 -53.67 -25.39 4.19
N ILE H 184 -54.02 -24.29 4.83
CA ILE H 184 -53.39 -23.83 6.05
C ILE H 184 -54.38 -24.16 7.16
N SER H 185 -54.03 -25.07 8.06
CA SER H 185 -54.91 -25.48 9.14
C SER H 185 -54.88 -24.50 10.28
N LYS H 186 -56.04 -24.01 10.70
CA LYS H 186 -56.09 -23.10 11.85
C LYS H 186 -56.18 -23.90 13.13
N ILE H 187 -55.21 -23.70 14.05
CA ILE H 187 -55.23 -24.39 15.33
C ILE H 187 -55.92 -23.46 16.31
N GLU H 188 -57.11 -23.82 16.78
CA GLU H 188 -57.93 -22.94 17.61
C GLU H 188 -58.38 -23.53 18.95
N ASN H 189 -57.99 -24.76 19.28
CA ASN H 189 -58.42 -25.38 20.55
C ASN H 189 -57.42 -26.38 21.08
N HIS H 190 -57.69 -26.93 22.28
CA HIS H 190 -56.80 -27.87 22.92
C HIS H 190 -56.52 -29.11 22.07
N GLU H 191 -57.53 -29.69 21.46
CA GLU H 191 -57.34 -30.90 20.65
C GLU H 191 -56.42 -30.63 19.46
N GLY H 192 -56.57 -29.48 18.79
CA GLY H 192 -55.71 -29.10 17.68
C GLY H 192 -54.26 -28.97 18.11
N VAL H 193 -54.04 -28.43 19.33
CA VAL H 193 -52.69 -28.28 19.87
C VAL H 193 -52.10 -29.65 20.18
N LYS H 194 -52.88 -30.51 20.82
CA LYS H 194 -52.43 -31.87 21.15
C LYS H 194 -52.20 -32.76 19.94
N ARG H 195 -53.02 -32.61 18.91
CA ARG H 195 -52.83 -33.40 17.70
C ARG H 195 -52.08 -32.63 16.61
N PHE H 196 -51.29 -31.61 16.99
CA PHE H 196 -50.54 -30.76 16.10
C PHE H 196 -49.70 -31.52 15.09
N ASP H 197 -48.87 -32.48 15.53
CA ASP H 197 -47.99 -33.20 14.62
C ASP H 197 -48.72 -33.91 13.49
N GLU H 198 -49.84 -34.59 13.79
CA GLU H 198 -50.60 -35.28 12.75
C GLU H 198 -51.28 -34.29 11.77
N ILE H 199 -51.66 -33.10 12.26
CA ILE H 199 -52.30 -32.06 11.43
C ILE H 199 -51.26 -31.41 10.50
N LEU H 200 -50.08 -31.04 11.04
CA LEU H 200 -49.03 -30.43 10.27
C LEU H 200 -48.55 -31.39 9.16
N GLU H 201 -48.47 -32.68 9.46
CA GLU H 201 -48.03 -33.67 8.47
C GLU H 201 -48.88 -33.65 7.20
N VAL H 202 -50.19 -33.46 7.30
CA VAL H 202 -51.06 -33.44 6.13
C VAL H 202 -51.44 -32.04 5.63
N SER H 203 -51.02 -30.98 6.30
CA SER H 203 -51.35 -29.61 5.90
C SER H 203 -50.18 -28.98 5.13
N ASP H 204 -50.47 -27.92 4.37
CA ASP H 204 -49.42 -27.14 3.73
C ASP H 204 -48.80 -26.15 4.73
N GLY H 205 -49.53 -25.81 5.80
CA GLY H 205 -49.04 -24.90 6.83
C GLY H 205 -50.04 -24.77 7.95
N ILE H 206 -49.76 -23.85 8.88
CA ILE H 206 -50.54 -23.67 10.07
C ILE H 206 -50.84 -22.21 10.35
N MET H 207 -52.02 -21.93 10.89
CA MET H 207 -52.33 -20.62 11.39
C MET H 207 -52.56 -20.74 12.89
N VAL H 208 -51.83 -19.95 13.70
CA VAL H 208 -52.03 -19.89 15.13
C VAL H 208 -53.18 -18.89 15.30
N ALA H 209 -54.40 -19.41 15.42
CA ALA H 209 -55.62 -18.60 15.50
C ALA H 209 -55.86 -18.24 16.95
N ARG H 210 -55.17 -17.20 17.43
CA ARG H 210 -55.15 -16.80 18.83
C ARG H 210 -56.49 -16.38 19.42
N GLY H 211 -57.40 -15.90 18.60
CA GLY H 211 -58.71 -15.46 19.09
C GLY H 211 -59.47 -16.58 19.79
N ASP H 212 -59.82 -17.62 19.02
CA ASP H 212 -60.51 -18.77 19.61
C ASP H 212 -59.62 -19.55 20.56
N LEU H 213 -58.34 -19.69 20.24
CA LEU H 213 -57.39 -20.41 21.09
C LEU H 213 -57.34 -19.79 22.50
N GLY H 214 -57.38 -18.47 22.58
CA GLY H 214 -57.39 -17.74 23.84
C GLY H 214 -58.66 -17.87 24.66
N ILE H 215 -59.74 -18.39 24.06
CA ILE H 215 -60.96 -18.70 24.76
C ILE H 215 -61.06 -20.19 25.09
N GLU H 216 -60.50 -21.05 24.22
CA GLU H 216 -60.51 -22.51 24.39
C GLU H 216 -59.51 -23.03 25.40
N ILE H 217 -58.37 -22.34 25.54
CA ILE H 217 -57.35 -22.66 26.52
C ILE H 217 -57.10 -21.39 27.36
N PRO H 218 -56.50 -21.48 28.57
CA PRO H 218 -56.26 -20.25 29.36
C PRO H 218 -55.46 -19.23 28.56
N ALA H 219 -55.87 -17.95 28.61
CA ALA H 219 -55.22 -16.87 27.86
C ALA H 219 -53.72 -16.80 28.12
N GLU H 220 -53.27 -17.09 29.34
CA GLU H 220 -51.85 -17.03 29.69
C GLU H 220 -51.03 -18.18 29.08
N LYS H 221 -51.66 -19.14 28.41
CA LYS H 221 -50.93 -20.24 27.78
C LYS H 221 -50.80 -20.08 26.25
N VAL H 222 -51.51 -19.13 25.63
CA VAL H 222 -51.48 -18.96 24.19
C VAL H 222 -50.06 -18.72 23.64
N PHE H 223 -49.24 -17.91 24.30
CA PHE H 223 -47.87 -17.67 23.86
C PHE H 223 -47.06 -18.98 23.79
N LEU H 224 -47.37 -19.97 24.67
CA LEU H 224 -46.66 -21.25 24.64
C LEU H 224 -47.06 -22.04 23.40
N ALA H 225 -48.36 -22.06 23.07
CA ALA H 225 -48.86 -22.73 21.90
C ALA H 225 -48.31 -22.02 20.64
N GLN H 226 -48.27 -20.70 20.63
CA GLN H 226 -47.74 -19.95 19.49
C GLN H 226 -46.26 -20.30 19.24
N LYS H 227 -45.44 -20.25 20.28
CA LYS H 227 -44.02 -20.50 20.16
C LYS H 227 -43.73 -21.93 19.79
N MET H 228 -44.49 -22.87 20.35
CA MET H 228 -44.33 -24.29 19.99
C MET H 228 -44.71 -24.51 18.49
N MET H 229 -45.86 -24.01 18.06
CA MET H 229 -46.29 -24.22 16.68
C MET H 229 -45.36 -23.57 15.67
N ILE H 230 -44.88 -22.36 15.95
CA ILE H 230 -43.94 -21.68 15.07
C ILE H 230 -42.62 -22.46 14.99
N GLY H 231 -42.11 -22.91 16.15
CA GLY H 231 -40.91 -23.73 16.23
C GLY H 231 -41.03 -25.00 15.40
N ARG H 232 -42.16 -25.74 15.54
CA ARG H 232 -42.36 -26.97 14.80
C ARG H 232 -42.55 -26.76 13.31
N CYS H 233 -43.19 -25.65 12.91
CA CYS H 233 -43.34 -25.35 11.48
C CYS H 233 -42.01 -24.96 10.88
N ASN H 234 -41.18 -24.22 11.62
CA ASN H 234 -39.87 -23.84 11.14
C ASN H 234 -38.99 -25.10 10.95
N LEU H 235 -39.10 -26.04 11.87
CA LEU H 235 -38.41 -27.31 11.81
C LEU H 235 -38.90 -28.14 10.60
N ALA H 236 -40.22 -28.17 10.36
CA ALA H 236 -40.77 -28.89 9.21
C ALA H 236 -40.57 -28.18 7.86
N GLY H 237 -40.19 -26.90 7.87
CA GLY H 237 -40.07 -26.14 6.64
C GLY H 237 -41.43 -25.78 6.05
N LYS H 238 -42.48 -25.65 6.89
CA LYS H 238 -43.83 -25.32 6.40
C LYS H 238 -44.27 -23.94 6.89
N PRO H 239 -45.01 -23.18 6.06
CA PRO H 239 -45.45 -21.85 6.51
C PRO H 239 -46.28 -21.81 7.78
N VAL H 240 -46.05 -20.79 8.62
CA VAL H 240 -46.82 -20.61 9.82
C VAL H 240 -47.27 -19.14 9.88
N VAL H 241 -48.55 -18.92 10.17
CA VAL H 241 -49.16 -17.59 10.25
C VAL H 241 -49.50 -17.24 11.68
N CYS H 242 -49.10 -16.06 12.14
CA CYS H 242 -49.54 -15.57 13.45
C CYS H 242 -50.72 -14.65 13.24
N ALA H 243 -51.84 -14.90 13.92
CA ALA H 243 -53.04 -14.10 13.68
C ALA H 243 -53.75 -13.60 14.94
N THR H 244 -54.60 -12.54 14.77
CA THR H 244 -55.62 -12.00 15.70
C THR H 244 -55.10 -11.04 16.76
N GLN H 245 -55.64 -9.83 16.71
CA GLN H 245 -55.43 -8.70 17.62
C GLN H 245 -54.03 -8.19 17.67
N MET H 246 -53.25 -8.37 16.59
CA MET H 246 -51.87 -7.90 16.58
C MET H 246 -51.78 -6.39 16.68
N LEU H 247 -52.68 -5.64 16.03
CA LEU H 247 -52.70 -4.18 16.09
C LEU H 247 -54.15 -3.71 16.37
N GLU H 248 -54.88 -4.43 17.22
CA GLU H 248 -56.28 -4.20 17.55
C GLU H 248 -56.70 -2.75 17.80
N SER H 249 -55.92 -2.00 18.57
CA SER H 249 -56.25 -0.60 18.85
C SER H 249 -56.26 0.30 17.60
N MET H 250 -55.59 -0.15 16.50
CA MET H 250 -55.58 0.61 15.25
C MET H 250 -56.92 0.56 14.50
N ILE H 251 -57.91 -0.19 15.02
CA ILE H 251 -59.25 -0.16 14.41
C ILE H 251 -59.84 1.28 14.60
N THR H 252 -59.54 1.92 15.76
CA THR H 252 -60.06 3.26 16.06
C THR H 252 -58.99 4.31 16.22
N LYS H 253 -57.74 3.91 16.49
CA LYS H 253 -56.67 4.90 16.70
C LYS H 253 -55.59 4.86 15.61
N PRO H 254 -54.97 6.00 15.30
CA PRO H 254 -53.98 6.03 14.23
C PRO H 254 -52.62 5.39 14.58
N ARG H 255 -52.35 5.18 15.86
CA ARG H 255 -51.10 4.55 16.32
C ARG H 255 -51.43 3.38 17.23
N PRO H 256 -50.62 2.31 17.17
CA PRO H 256 -50.89 1.14 18.04
C PRO H 256 -50.31 1.32 19.44
N THR H 257 -50.67 0.43 20.37
CA THR H 257 -50.12 0.46 21.72
C THR H 257 -48.72 -0.18 21.72
N ARG H 258 -47.97 0.00 22.82
CA ARG H 258 -46.65 -0.58 22.99
C ARG H 258 -46.70 -2.11 23.01
N ALA H 259 -47.79 -2.69 23.53
CA ALA H 259 -47.93 -4.14 23.55
C ALA H 259 -48.14 -4.70 22.12
N GLU H 260 -48.84 -3.95 21.28
CA GLU H 260 -49.14 -4.35 19.92
C GLU H 260 -47.91 -4.36 19.03
N THR H 261 -47.06 -3.32 19.08
CA THR H 261 -45.86 -3.31 18.27
C THR H 261 -44.90 -4.40 18.74
N SER H 262 -44.86 -4.66 20.05
CA SER H 262 -44.02 -5.69 20.60
C SER H 262 -44.50 -7.07 20.14
N ASP H 263 -45.81 -7.29 20.10
CA ASP H 263 -46.42 -8.54 19.67
C ASP H 263 -46.07 -8.86 18.21
N VAL H 264 -46.14 -7.85 17.31
CA VAL H 264 -45.77 -8.03 15.92
C VAL H 264 -44.29 -8.41 15.81
N ALA H 265 -43.42 -7.67 16.47
CA ALA H 265 -41.98 -7.90 16.45
C ALA H 265 -41.63 -9.28 16.97
N ASN H 266 -42.29 -9.71 18.07
CA ASN H 266 -42.04 -11.01 18.66
C ASN H 266 -42.58 -12.15 17.83
N ALA H 267 -43.64 -11.96 17.07
CA ALA H 267 -44.15 -13.00 16.18
C ALA H 267 -43.10 -13.23 15.06
N VAL H 268 -42.50 -12.15 14.53
CA VAL H 268 -41.45 -12.23 13.52
C VAL H 268 -40.17 -12.87 14.13
N LEU H 269 -39.72 -12.41 15.30
CA LEU H 269 -38.57 -13.02 15.97
C LEU H 269 -38.83 -14.49 16.31
N ASP H 270 -40.07 -14.88 16.66
CA ASP H 270 -40.38 -16.29 16.94
C ASP H 270 -40.15 -17.15 15.68
N GLY H 271 -40.45 -16.60 14.51
CA GLY H 271 -40.25 -17.32 13.25
C GLY H 271 -41.47 -17.40 12.36
N ALA H 272 -42.50 -16.55 12.59
CA ALA H 272 -43.69 -16.59 11.77
C ALA H 272 -43.38 -16.19 10.31
N ASP H 273 -43.91 -16.94 9.36
CA ASP H 273 -43.72 -16.61 7.94
C ASP H 273 -44.65 -15.46 7.58
N CYS H 274 -45.88 -15.44 8.16
CA CYS H 274 -46.89 -14.42 7.87
C CYS H 274 -47.44 -13.86 9.14
N ILE H 275 -47.86 -12.60 9.08
CA ILE H 275 -48.56 -11.94 10.15
C ILE H 275 -49.87 -11.43 9.54
N MET H 276 -50.93 -11.39 10.37
CA MET H 276 -52.25 -11.06 9.87
C MET H 276 -52.90 -9.85 10.54
N LEU H 277 -53.77 -9.20 9.78
CA LEU H 277 -54.62 -8.12 10.24
C LEU H 277 -56.06 -8.58 9.97
N SER H 278 -56.95 -8.44 10.95
CA SER H 278 -58.36 -8.81 10.80
C SER H 278 -59.22 -7.55 10.76
N GLY H 279 -59.80 -7.12 11.89
CA GLY H 279 -60.62 -5.92 11.98
C GLY H 279 -59.87 -4.67 11.63
N GLU H 280 -58.54 -4.66 11.85
CA GLU H 280 -57.67 -3.52 11.53
C GLU H 280 -57.78 -3.14 10.06
N THR H 281 -57.95 -4.11 9.14
CA THR H 281 -58.12 -3.79 7.72
C THR H 281 -59.53 -4.03 7.21
N ALA H 282 -60.28 -4.92 7.82
CA ALA H 282 -61.63 -5.22 7.39
C ALA H 282 -62.63 -4.13 7.74
N LYS H 283 -62.57 -3.56 8.94
CA LYS H 283 -63.59 -2.60 9.34
C LYS H 283 -63.14 -1.32 9.98
N GLY H 284 -61.88 -1.20 10.35
CA GLY H 284 -61.41 -0.03 11.07
C GLY H 284 -61.25 1.23 10.27
N ASN H 285 -60.78 2.28 10.92
CA ASN H 285 -60.58 3.57 10.28
C ASN H 285 -59.19 3.79 9.67
N PHE H 286 -58.23 2.87 9.93
CA PHE H 286 -56.87 3.05 9.44
C PHE H 286 -56.33 1.78 8.73
N PRO H 287 -57.02 1.22 7.72
CA PRO H 287 -56.52 -0.03 7.10
C PRO H 287 -55.15 0.09 6.46
N VAL H 288 -54.87 1.18 5.76
CA VAL H 288 -53.58 1.37 5.09
C VAL H 288 -52.46 1.56 6.11
N GLU H 289 -52.73 2.37 7.16
CA GLU H 289 -51.76 2.63 8.20
C GLU H 289 -51.44 1.36 8.98
N ALA H 290 -52.40 0.46 9.15
CA ALA H 290 -52.17 -0.79 9.87
C ALA H 290 -51.19 -1.66 9.04
N VAL H 291 -51.36 -1.68 7.70
CA VAL H 291 -50.48 -2.44 6.81
C VAL H 291 -49.06 -1.82 6.89
N LYS H 292 -48.98 -0.48 6.83
CA LYS H 292 -47.68 0.23 6.92
C LYS H 292 -46.99 -0.04 8.25
N MET H 293 -47.74 -0.11 9.35
CA MET H 293 -47.16 -0.36 10.66
C MET H 293 -46.61 -1.79 10.74
N GLN H 294 -47.37 -2.78 10.24
CA GLN H 294 -46.87 -4.16 10.23
C GLN H 294 -45.62 -4.28 9.37
N HIS H 295 -45.59 -3.55 8.25
CA HIS H 295 -44.45 -3.53 7.34
C HIS H 295 -43.23 -2.97 8.06
N ALA H 296 -43.38 -1.79 8.70
CA ALA H 296 -42.29 -1.14 9.41
C ALA H 296 -41.73 -2.00 10.53
N ILE H 297 -42.60 -2.63 11.34
CA ILE H 297 -42.12 -3.46 12.47
C ILE H 297 -41.44 -4.73 11.97
N ALA H 298 -42.04 -5.43 10.99
CA ALA H 298 -41.45 -6.65 10.44
C ALA H 298 -40.06 -6.42 9.89
N ARG H 299 -39.83 -5.30 9.17
CA ARG H 299 -38.48 -5.00 8.65
C ARG H 299 -37.48 -4.84 9.78
N GLU H 300 -37.86 -4.14 10.86
CA GLU H 300 -36.96 -3.93 11.99
C GLU H 300 -36.66 -5.27 12.66
N ALA H 301 -37.69 -6.10 12.87
CA ALA H 301 -37.54 -7.37 13.58
C ALA H 301 -36.74 -8.39 12.79
N GLU H 302 -36.88 -8.42 11.45
CA GLU H 302 -36.11 -9.37 10.62
C GLU H 302 -34.60 -9.10 10.70
N ALA H 303 -34.20 -7.82 10.77
CA ALA H 303 -32.78 -7.49 10.94
C ALA H 303 -32.28 -7.91 12.34
N ALA H 304 -33.16 -7.93 13.36
CA ALA H 304 -32.82 -8.31 14.74
C ALA H 304 -32.78 -9.83 14.98
N VAL H 305 -33.12 -10.65 13.98
CA VAL H 305 -33.03 -12.11 14.11
C VAL H 305 -31.54 -12.49 14.31
N TYR H 306 -31.24 -13.45 15.18
CA TYR H 306 -29.88 -13.86 15.44
C TYR H 306 -29.50 -15.00 14.50
N HIS H 307 -29.25 -14.67 13.22
CA HIS H 307 -28.93 -15.64 12.17
C HIS H 307 -27.82 -16.62 12.50
N ARG H 308 -26.79 -16.18 13.24
CA ARG H 308 -25.69 -17.08 13.61
C ARG H 308 -26.19 -18.35 14.34
N GLN H 309 -27.06 -18.17 15.35
CA GLN H 309 -27.64 -19.31 16.04
C GLN H 309 -28.73 -19.99 15.23
N LEU H 310 -29.63 -19.21 14.63
CA LEU H 310 -30.74 -19.75 13.87
C LEU H 310 -30.28 -20.68 12.72
N PHE H 311 -29.33 -20.23 11.90
CA PHE H 311 -28.82 -21.04 10.80
C PHE H 311 -28.17 -22.34 11.28
N GLU H 312 -27.35 -22.25 12.34
CA GLU H 312 -26.71 -23.43 12.93
C GLU H 312 -27.73 -24.41 13.44
N GLU H 313 -28.78 -23.91 14.13
CA GLU H 313 -29.84 -24.79 14.64
C GLU H 313 -30.72 -25.40 13.56
N LEU H 314 -31.08 -24.63 12.52
CA LEU H 314 -31.85 -25.17 11.39
C LEU H 314 -31.04 -26.25 10.68
N ARG H 315 -29.73 -26.03 10.55
CA ARG H 315 -28.85 -26.99 9.94
C ARG H 315 -28.76 -28.29 10.73
N ARG H 316 -28.55 -28.18 12.05
CA ARG H 316 -28.43 -29.31 12.98
C ARG H 316 -29.72 -30.13 13.04
N ALA H 317 -30.87 -29.46 13.05
CA ALA H 317 -32.15 -30.16 13.12
C ALA H 317 -32.56 -30.82 11.82
N ALA H 318 -32.15 -30.25 10.69
CA ALA H 318 -32.52 -30.80 9.39
C ALA H 318 -31.75 -32.08 9.12
N PRO H 319 -32.47 -33.15 8.78
CA PRO H 319 -31.78 -34.42 8.47
C PRO H 319 -30.97 -34.35 7.17
N LEU H 320 -30.05 -35.31 6.95
CA LEU H 320 -29.31 -35.43 5.68
C LEU H 320 -30.31 -35.57 4.53
N SER H 321 -29.98 -35.06 3.36
CA SER H 321 -30.90 -35.17 2.24
C SER H 321 -30.19 -35.58 1.00
N ARG H 322 -30.80 -36.43 0.22
CA ARG H 322 -30.31 -36.81 -1.08
C ARG H 322 -31.15 -36.15 -2.21
N ASP H 323 -32.00 -35.16 -1.87
CA ASP H 323 -32.78 -34.47 -2.88
C ASP H 323 -31.91 -33.29 -3.35
N PRO H 324 -31.55 -33.25 -4.64
CA PRO H 324 -30.67 -32.17 -5.11
C PRO H 324 -31.20 -30.77 -4.91
N THR H 325 -32.54 -30.58 -4.87
CA THR H 325 -33.11 -29.25 -4.65
C THR H 325 -32.78 -28.81 -3.22
N GLU H 326 -32.93 -29.71 -2.25
CA GLU H 326 -32.64 -29.41 -0.86
C GLU H 326 -31.13 -29.18 -0.65
N VAL H 327 -30.28 -30.00 -1.29
CA VAL H 327 -28.82 -29.87 -1.20
C VAL H 327 -28.35 -28.56 -1.82
N THR H 328 -28.92 -28.15 -2.97
CA THR H 328 -28.58 -26.90 -3.62
C THR H 328 -29.02 -25.74 -2.75
N ALA H 329 -30.22 -25.85 -2.13
CA ALA H 329 -30.77 -24.80 -1.28
C ALA H 329 -29.85 -24.48 -0.10
N ILE H 330 -29.35 -25.49 0.62
CA ILE H 330 -28.48 -25.22 1.75
C ILE H 330 -27.11 -24.66 1.28
N GLY H 331 -26.60 -25.14 0.15
CA GLY H 331 -25.37 -24.63 -0.43
C GLY H 331 -25.52 -23.17 -0.82
N ALA H 332 -26.66 -22.80 -1.42
CA ALA H 332 -26.95 -21.43 -1.83
C ALA H 332 -27.12 -20.51 -0.64
N VAL H 333 -27.75 -20.99 0.42
CA VAL H 333 -27.94 -20.17 1.62
C VAL H 333 -26.60 -19.96 2.31
N GLU H 334 -25.74 -21.00 2.35
CA GLU H 334 -24.40 -20.88 2.94
C GLU H 334 -23.56 -19.88 2.16
N ALA H 335 -23.60 -19.95 0.82
CA ALA H 335 -22.88 -19.04 -0.06
C ALA H 335 -23.39 -17.62 0.09
N ALA H 336 -24.70 -17.42 0.23
CA ALA H 336 -25.27 -16.08 0.41
C ALA H 336 -24.77 -15.44 1.72
N PHE H 337 -24.68 -16.20 2.82
CA PHE H 337 -24.17 -15.68 4.08
C PHE H 337 -22.70 -15.32 3.97
N LYS H 338 -21.92 -16.16 3.28
CA LYS H 338 -20.48 -15.95 3.11
C LYS H 338 -20.14 -14.63 2.42
N CYS H 339 -20.92 -14.22 1.41
CA CYS H 339 -20.61 -13.01 0.67
C CYS H 339 -21.52 -11.86 0.95
N CYS H 340 -22.49 -11.97 1.90
CA CYS H 340 -23.51 -10.95 2.14
C CYS H 340 -24.27 -10.67 0.86
N ALA H 341 -24.68 -11.75 0.15
CA ALA H 341 -25.41 -11.60 -1.12
C ALA H 341 -26.67 -10.77 -0.93
N ALA H 342 -26.94 -9.85 -1.86
CA ALA H 342 -28.14 -9.04 -1.81
C ALA H 342 -29.40 -9.91 -2.03
N ALA H 343 -29.28 -10.98 -2.84
CA ALA H 343 -30.41 -11.83 -3.15
C ALA H 343 -29.97 -13.22 -3.63
N ILE H 344 -30.91 -14.18 -3.58
CA ILE H 344 -30.80 -15.48 -4.15
C ILE H 344 -31.89 -15.50 -5.21
N ILE H 345 -31.56 -15.53 -6.49
CA ILE H 345 -32.57 -15.57 -7.57
C ILE H 345 -32.79 -17.02 -7.92
N VAL H 346 -34.03 -17.50 -7.81
CA VAL H 346 -34.36 -18.90 -8.07
C VAL H 346 -35.46 -19.03 -9.10
N LEU H 347 -35.32 -20.01 -9.99
CA LEU H 347 -36.34 -20.25 -11.01
C LEU H 347 -37.21 -21.37 -10.43
N THR H 348 -38.53 -21.18 -10.43
CA THR H 348 -39.40 -22.17 -9.84
C THR H 348 -40.72 -22.27 -10.59
N THR H 349 -41.21 -23.52 -10.74
CA THR H 349 -42.46 -23.76 -11.42
C THR H 349 -43.58 -23.85 -10.37
N THR H 350 -43.36 -24.65 -9.32
CA THR H 350 -44.35 -24.86 -8.29
C THR H 350 -44.15 -24.01 -7.03
N GLY H 351 -42.98 -23.39 -6.89
CA GLY H 351 -42.59 -22.66 -5.69
C GLY H 351 -41.69 -23.48 -4.77
N ARG H 352 -41.59 -24.78 -4.99
CA ARG H 352 -40.85 -25.65 -4.10
C ARG H 352 -39.37 -25.28 -3.91
N SER H 353 -38.63 -24.96 -4.98
CA SER H 353 -37.21 -24.57 -4.85
C SER H 353 -37.07 -23.31 -3.99
N ALA H 354 -38.02 -22.38 -4.09
CA ALA H 354 -38.00 -21.16 -3.28
C ALA H 354 -38.32 -21.49 -1.81
N GLN H 355 -39.27 -22.42 -1.58
CA GLN H 355 -39.63 -22.81 -0.22
C GLN H 355 -38.45 -23.50 0.48
N LEU H 356 -37.68 -24.33 -0.25
CA LEU H 356 -36.52 -24.98 0.33
C LEU H 356 -35.39 -23.98 0.67
N LEU H 357 -35.29 -22.88 -0.05
CA LEU H 357 -34.30 -21.84 0.28
C LEU H 357 -34.75 -21.11 1.55
N SER H 358 -36.03 -20.74 1.58
CA SER H 358 -36.71 -20.03 2.65
C SER H 358 -36.62 -20.74 4.04
N ARG H 359 -36.70 -22.06 4.06
CA ARG H 359 -36.67 -22.82 5.31
C ARG H 359 -35.34 -22.66 6.09
N TYR H 360 -34.24 -22.27 5.40
CA TYR H 360 -32.94 -22.05 6.06
C TYR H 360 -32.76 -20.62 6.53
N ARG H 361 -33.80 -19.77 6.34
CA ARG H 361 -33.84 -18.41 6.80
C ARG H 361 -32.64 -17.57 6.39
N PRO H 362 -32.39 -17.44 5.08
CA PRO H 362 -31.29 -16.55 4.68
C PRO H 362 -31.60 -15.09 4.99
N ARG H 363 -30.58 -14.30 5.17
CA ARG H 363 -30.73 -12.86 5.30
C ARG H 363 -31.00 -12.31 3.87
N ALA H 364 -30.39 -12.89 2.82
CA ALA H 364 -30.61 -12.50 1.42
C ALA H 364 -32.06 -12.77 0.98
N ALA H 365 -32.66 -11.84 0.23
CA ALA H 365 -34.01 -11.99 -0.30
C ALA H 365 -34.02 -13.14 -1.31
N VAL H 366 -35.08 -13.96 -1.30
CA VAL H 366 -35.20 -15.04 -2.30
C VAL H 366 -36.12 -14.52 -3.38
N ILE H 367 -35.55 -14.13 -4.52
CA ILE H 367 -36.34 -13.62 -5.64
C ILE H 367 -36.76 -14.81 -6.50
N ALA H 368 -38.03 -15.21 -6.47
CA ALA H 368 -38.48 -16.38 -7.20
C ALA H 368 -39.09 -15.98 -8.54
N VAL H 369 -38.50 -16.41 -9.65
CA VAL H 369 -39.01 -16.08 -10.98
C VAL H 369 -39.79 -17.27 -11.46
N THR H 370 -41.08 -17.06 -11.75
CA THR H 370 -41.96 -18.14 -12.16
C THR H 370 -42.90 -17.72 -13.26
N ARG H 371 -43.35 -18.68 -14.07
CA ARG H 371 -44.38 -18.42 -15.07
C ARG H 371 -45.78 -18.75 -14.52
N SER H 372 -45.87 -19.49 -13.39
CA SER H 372 -47.14 -19.85 -12.79
C SER H 372 -47.66 -18.71 -11.92
N ALA H 373 -48.76 -18.08 -12.34
CA ALA H 373 -49.42 -17.00 -11.61
C ALA H 373 -49.85 -17.50 -10.22
N GLN H 374 -50.38 -18.73 -10.15
CA GLN H 374 -50.77 -19.28 -8.85
C GLN H 374 -49.58 -19.49 -7.90
N ALA H 375 -48.46 -20.09 -8.39
CA ALA H 375 -47.27 -20.27 -7.56
C ALA H 375 -46.72 -18.94 -7.10
N ALA H 376 -46.74 -17.93 -7.96
CA ALA H 376 -46.28 -16.58 -7.59
C ALA H 376 -47.12 -16.04 -6.41
N ARG H 377 -48.43 -16.31 -6.39
CA ARG H 377 -49.28 -15.85 -5.30
C ARG H 377 -49.02 -16.67 -4.03
N GLN H 378 -48.95 -17.97 -4.16
CA GLN H 378 -48.78 -18.86 -3.02
C GLN H 378 -47.43 -18.78 -2.31
N VAL H 379 -46.33 -18.42 -3.00
CA VAL H 379 -45.01 -18.35 -2.32
C VAL H 379 -44.91 -17.21 -1.33
N HIS H 380 -45.91 -16.31 -1.27
CA HIS H 380 -45.98 -15.29 -0.22
C HIS H 380 -46.13 -15.98 1.16
N LEU H 381 -46.60 -17.24 1.22
CA LEU H 381 -46.69 -17.96 2.47
C LEU H 381 -45.30 -18.26 3.08
N CYS H 382 -44.20 -18.22 2.27
CA CYS H 382 -42.84 -18.52 2.74
C CYS H 382 -42.08 -17.27 3.00
N ARG H 383 -41.55 -17.12 4.22
CA ARG H 383 -40.80 -15.92 4.56
C ARG H 383 -39.61 -15.69 3.63
N GLY H 384 -39.46 -14.45 3.21
CA GLY H 384 -38.33 -14.05 2.39
C GLY H 384 -38.42 -14.37 0.93
N VAL H 385 -39.57 -14.88 0.44
CA VAL H 385 -39.71 -15.15 -0.98
C VAL H 385 -40.45 -13.98 -1.65
N PHE H 386 -39.82 -13.32 -2.62
CA PHE H 386 -40.35 -12.22 -3.40
C PHE H 386 -40.65 -12.73 -4.81
N PRO H 387 -41.94 -12.99 -5.09
CA PRO H 387 -42.28 -13.62 -6.36
C PRO H 387 -42.35 -12.64 -7.52
N LEU H 388 -41.83 -13.05 -8.68
CA LEU H 388 -41.88 -12.25 -9.90
C LEU H 388 -42.56 -13.12 -10.94
N LEU H 389 -43.62 -12.62 -11.54
CA LEU H 389 -44.31 -13.36 -12.58
C LEU H 389 -43.72 -13.04 -13.97
N TYR H 390 -43.14 -14.05 -14.62
CA TYR H 390 -42.54 -13.91 -15.95
C TYR H 390 -43.61 -14.19 -16.97
N ARG H 391 -43.82 -13.31 -17.95
CA ARG H 391 -44.94 -13.47 -18.88
C ARG H 391 -44.57 -13.89 -20.30
N GLU H 392 -43.27 -13.86 -20.64
CA GLU H 392 -42.81 -14.14 -22.00
C GLU H 392 -42.89 -15.60 -22.34
N PRO H 393 -43.30 -15.93 -23.58
CA PRO H 393 -43.33 -17.36 -24.00
C PRO H 393 -41.89 -17.94 -24.08
N PRO H 394 -41.74 -19.24 -23.89
CA PRO H 394 -40.40 -19.85 -23.89
C PRO H 394 -39.56 -19.60 -25.13
N GLU H 395 -38.26 -19.33 -24.95
CA GLU H 395 -37.31 -19.18 -26.05
C GLU H 395 -37.06 -20.57 -26.66
N ALA H 396 -36.55 -20.59 -27.90
CA ALA H 396 -36.25 -21.85 -28.60
C ALA H 396 -35.11 -22.58 -27.91
N ILE H 397 -34.09 -21.85 -27.48
CA ILE H 397 -32.98 -22.44 -26.75
C ILE H 397 -33.24 -22.32 -25.25
N TRP H 398 -33.40 -23.46 -24.58
CA TRP H 398 -33.72 -23.54 -23.17
C TRP H 398 -32.75 -22.77 -22.29
N ALA H 399 -31.45 -22.88 -22.52
CA ALA H 399 -30.46 -22.14 -21.76
C ALA H 399 -30.65 -20.62 -21.86
N ASP H 400 -31.15 -20.09 -23.01
CA ASP H 400 -31.44 -18.67 -23.22
C ASP H 400 -32.73 -18.28 -22.49
N ASP H 401 -33.71 -19.19 -22.46
CA ASP H 401 -34.93 -18.99 -21.70
C ASP H 401 -34.60 -18.91 -20.19
N VAL H 402 -33.60 -19.69 -19.73
CA VAL H 402 -33.21 -19.67 -18.33
C VAL H 402 -32.56 -18.33 -18.05
N ASP H 403 -31.63 -17.91 -18.91
CA ASP H 403 -30.91 -16.64 -18.77
C ASP H 403 -31.82 -15.41 -18.83
N ARG H 404 -32.83 -15.38 -19.70
CA ARG H 404 -33.75 -14.25 -19.77
C ARG H 404 -34.53 -14.10 -18.45
N ARG H 405 -34.96 -15.23 -17.83
CA ARG H 405 -35.66 -15.17 -16.55
C ARG H 405 -34.75 -14.68 -15.43
N VAL H 406 -33.48 -15.08 -15.46
CA VAL H 406 -32.52 -14.63 -14.47
C VAL H 406 -32.32 -13.13 -14.61
N GLN H 407 -32.19 -12.63 -15.88
CA GLN H 407 -32.05 -11.21 -16.18
C GLN H 407 -33.30 -10.44 -15.77
N PHE H 408 -34.47 -11.03 -15.96
CA PHE H 408 -35.72 -10.44 -15.54
C PHE H 408 -35.72 -10.27 -13.99
N GLY H 409 -35.17 -11.24 -13.26
CA GLY H 409 -35.04 -11.19 -11.82
C GLY H 409 -34.12 -10.06 -11.39
N ILE H 410 -32.96 -9.93 -12.08
CA ILE H 410 -31.98 -8.89 -11.82
C ILE H 410 -32.58 -7.51 -12.11
N GLU H 411 -33.23 -7.35 -13.26
CA GLU H 411 -33.83 -6.07 -13.65
C GLU H 411 -34.96 -5.65 -12.72
N SER H 412 -35.84 -6.59 -12.30
CA SER H 412 -36.90 -6.32 -11.34
C SER H 412 -36.28 -5.94 -10.01
N GLY H 413 -35.19 -6.63 -9.59
CA GLY H 413 -34.48 -6.38 -8.36
C GLY H 413 -33.84 -5.01 -8.33
N LYS H 414 -33.27 -4.58 -9.46
CA LYS H 414 -32.63 -3.27 -9.55
C LYS H 414 -33.71 -2.18 -9.46
N LEU H 415 -34.82 -2.35 -10.19
CA LEU H 415 -35.91 -1.38 -10.22
C LEU H 415 -36.53 -1.20 -8.84
N ARG H 416 -36.70 -2.29 -8.11
CA ARG H 416 -37.31 -2.27 -6.78
C ARG H 416 -36.39 -1.91 -5.64
N GLY H 417 -35.10 -1.77 -5.89
CA GLY H 417 -34.14 -1.42 -4.85
C GLY H 417 -33.46 -2.60 -4.16
N PHE H 418 -33.78 -3.85 -4.53
CA PHE H 418 -33.12 -5.02 -3.92
C PHE H 418 -31.63 -5.11 -4.33
N LEU H 419 -31.30 -4.73 -5.57
CA LEU H 419 -29.98 -4.92 -6.13
C LEU H 419 -29.42 -3.67 -6.70
N ARG H 420 -28.12 -3.60 -6.70
CA ARG H 420 -27.37 -2.46 -7.21
C ARG H 420 -26.14 -3.03 -7.93
N VAL H 421 -25.57 -2.29 -8.90
CA VAL H 421 -24.36 -2.71 -9.59
C VAL H 421 -23.22 -2.94 -8.58
N GLY H 422 -22.50 -4.05 -8.74
CA GLY H 422 -21.45 -4.40 -7.79
C GLY H 422 -21.87 -5.42 -6.76
N ASP H 423 -23.18 -5.65 -6.58
CA ASP H 423 -23.68 -6.63 -5.63
C ASP H 423 -23.38 -8.05 -6.10
N LEU H 424 -23.32 -8.98 -5.15
CA LEU H 424 -23.21 -10.40 -5.47
C LEU H 424 -24.61 -11.01 -5.27
N VAL H 425 -25.00 -11.90 -6.16
CA VAL H 425 -26.25 -12.63 -6.04
C VAL H 425 -25.93 -14.12 -6.25
N ILE H 426 -26.72 -14.97 -5.65
CA ILE H 426 -26.61 -16.41 -5.83
C ILE H 426 -27.77 -16.77 -6.78
N VAL H 427 -27.51 -17.51 -7.86
CA VAL H 427 -28.55 -17.86 -8.83
C VAL H 427 -28.78 -19.36 -8.76
N VAL H 428 -30.04 -19.79 -8.52
CA VAL H 428 -30.38 -21.20 -8.37
C VAL H 428 -31.26 -21.66 -9.53
N THR H 429 -30.77 -22.68 -10.26
CA THR H 429 -31.45 -23.20 -11.44
C THR H 429 -31.37 -24.75 -11.47
N GLY H 430 -31.93 -25.36 -12.50
CA GLY H 430 -31.89 -26.80 -12.68
C GLY H 430 -31.20 -27.22 -13.98
N TRP H 431 -31.03 -28.52 -14.19
CA TRP H 431 -30.29 -29.01 -15.35
C TRP H 431 -31.16 -29.31 -16.59
N ARG H 432 -32.49 -29.32 -16.41
CA ARG H 432 -33.41 -29.57 -17.51
C ARG H 432 -34.78 -28.91 -17.22
N PRO H 433 -35.64 -28.71 -18.25
CA PRO H 433 -36.96 -28.10 -17.99
C PRO H 433 -37.85 -29.00 -17.14
N GLY H 434 -38.87 -28.38 -16.58
CA GLY H 434 -39.80 -29.10 -15.72
C GLY H 434 -39.42 -28.99 -14.27
N SER H 435 -40.39 -29.16 -13.42
CA SER H 435 -40.28 -29.12 -11.98
C SER H 435 -39.46 -30.28 -11.43
N GLY H 436 -38.75 -30.06 -10.34
CA GLY H 436 -38.06 -31.11 -9.58
C GLY H 436 -36.60 -31.34 -9.91
N TYR H 437 -36.02 -30.52 -10.81
CA TYR H 437 -34.63 -30.73 -11.25
C TYR H 437 -33.64 -29.67 -10.85
N THR H 438 -33.97 -28.77 -9.88
CA THR H 438 -33.00 -27.77 -9.39
C THR H 438 -31.74 -28.50 -8.88
N ASN H 439 -30.57 -28.09 -9.32
CA ASN H 439 -29.33 -28.69 -8.84
C ASN H 439 -28.12 -27.77 -9.04
N ILE H 440 -28.31 -26.51 -9.42
CA ILE H 440 -27.18 -25.63 -9.71
C ILE H 440 -27.25 -24.32 -8.94
N MET H 441 -26.12 -23.91 -8.37
CA MET H 441 -25.98 -22.60 -7.73
C MET H 441 -24.78 -21.87 -8.38
N ARG H 442 -24.96 -20.60 -8.72
CA ARG H 442 -23.90 -19.79 -9.32
CA ARG H 442 -23.86 -19.82 -9.26
C ARG H 442 -23.73 -18.50 -8.54
N VAL H 443 -22.51 -18.02 -8.42
CA VAL H 443 -22.23 -16.75 -7.79
C VAL H 443 -22.06 -15.71 -8.95
N LEU H 444 -22.92 -14.69 -8.97
CA LEU H 444 -22.97 -13.72 -10.04
C LEU H 444 -22.77 -12.29 -9.54
N SER H 445 -21.97 -11.52 -10.25
CA SER H 445 -21.72 -10.11 -9.93
C SER H 445 -22.71 -9.27 -10.74
N ILE H 446 -23.42 -8.36 -10.09
CA ILE H 446 -24.40 -7.51 -10.77
C ILE H 446 -23.69 -6.40 -11.58
N SER H 447 -23.96 -6.36 -12.88
CA SER H 447 -23.34 -5.36 -13.75
C SER H 447 -24.35 -4.34 -14.27
P1 FBP I . 8.14 50.08 -50.17
O1P FBP I . 9.18 50.29 -51.21
O2P FBP I . 7.20 48.95 -50.51
O3P FBP I . 7.28 51.26 -49.67
O1 FBP I . 8.98 49.67 -48.81
C1 FBP I . 8.35 49.24 -47.59
C2 FBP I . 9.47 48.50 -46.80
O2 FBP I . 8.94 48.26 -45.53
C3 FBP I . 10.80 49.28 -46.76
O3 FBP I . 10.82 50.30 -45.78
C4 FBP I . 11.80 48.18 -46.50
O4 FBP I . 13.13 48.54 -46.82
C5 FBP I . 11.27 47.12 -47.47
O5 FBP I . 9.83 47.25 -47.41
C6 FBP I . 11.69 45.71 -47.11
O6 FBP I . 11.92 44.98 -48.34
P2 FBP I . 13.00 43.76 -48.38
O4P FBP I . 14.33 44.32 -47.96
O5P FBP I . 13.11 43.34 -49.81
O6P FBP I . 12.52 42.64 -47.48
C1 OXL J . 15.65 12.66 -57.07
C2 OXL J . 14.96 13.89 -57.79
O1 OXL J . 16.60 12.10 -57.60
O2 OXL J . 15.46 14.24 -58.95
O3 OXL J . 15.16 12.31 -55.91
O4 OXL J . 14.01 14.47 -57.25
MG MG K . 17.18 12.96 -59.42
K K L . 14.36 16.43 -63.51
P1 FBP M . 5.60 61.92 -24.42
O1P FBP M . 6.85 62.38 -23.67
O2P FBP M . 4.40 62.09 -23.49
O3P FBP M . 5.48 62.59 -25.76
O1 FBP M . 5.72 60.34 -24.73
C1 FBP M . 6.82 59.76 -25.45
C2 FBP M . 6.82 58.26 -25.11
O2 FBP M . 7.78 57.64 -25.94
C3 FBP M . 5.42 57.64 -25.21
O3 FBP M . 5.08 57.31 -26.55
C4 FBP M . 5.57 56.42 -24.33
O4 FBP M . 4.32 55.89 -23.91
C5 FBP M . 6.28 57.06 -23.15
O5 FBP M . 7.16 58.03 -23.75
C6 FBP M . 7.02 56.08 -22.28
O6 FBP M . 6.96 56.53 -20.92
P2 FBP M . 6.98 55.48 -19.70
O4P FBP M . 8.35 54.78 -19.80
O5P FBP M . 6.84 56.14 -18.38
O6P FBP M . 5.85 54.50 -19.92
C1 OXL N . 22.07 48.72 7.95
C2 OXL N . 21.39 50.04 7.51
O1 OXL N . 22.92 48.22 7.25
O2 OXL N . 21.81 50.65 6.40
O3 OXL N . 21.69 48.21 9.08
O4 OXL N . 20.47 50.45 8.21
MG MG O . 20.00 49.50 9.83
K K P . 18.56 54.94 9.56
C1 Y0T Q . 23.32 36.04 -11.60
C2 Y0T Q . 24.44 35.83 -12.35
C3 Y0T Q . 24.43 34.95 -13.45
C4 Y0T Q . 26.80 32.68 -13.07
O5 Y0T Q . 27.52 26.11 -10.76
O6 Y0T Q . 25.48 33.89 -15.53
C7 Y0T Q . 28.20 30.94 -10.07
C9 Y0T Q . 27.88 28.56 -10.38
C10 Y0T Q . 29.83 26.91 -10.51
C13 Y0T Q . 32.45 26.92 -11.43
C14 Y0T Q . 31.41 26.39 -12.21
C15 Y0T Q . 30.12 26.39 -11.77
C16 Y0T Q . 27.12 28.85 -11.51
C17 Y0T Q . 26.89 30.15 -11.93
C19 Y0T Q . 22.12 34.52 -13.06
S Y0T Q . 25.78 34.73 -14.40
O1 Y0T Q . 26.46 35.98 -14.60
C18 Y0T Q . 23.24 34.29 -13.78
O7 Y0T Q . 20.92 33.99 -13.45
C Y0T Q . 22.13 35.40 -11.97
O Y0T Q . 21.03 35.71 -11.25
N Y0T Q . 26.82 34.03 -13.40
C5 Y0T Q . 27.28 32.61 -11.60
C6 Y0T Q . 27.45 31.20 -11.22
C8 Y0T Q . 28.40 29.64 -9.66
S1 Y0T Q . 28.29 27.00 -9.96
O4 Y0T Q . 28.35 26.85 -8.53
O3 Y0T Q . 31.72 25.76 -13.38
O2 Y0T Q . 33.74 26.91 -11.85
C12 Y0T Q . 32.18 27.44 -10.17
C11 Y0T Q . 30.87 27.42 -9.73
H1 Y0T Q . 23.35 36.70 -10.73
H2 Y0T Q . 25.35 36.37 -12.10
H4 Y0T Q . 27.48 32.13 -13.73
H5 Y0T Q . 25.80 32.29 -13.19
H8 Y0T Q . 28.64 31.75 -9.49
H14 Y0T Q . 29.35 25.98 -12.42
H15 Y0T Q . 26.64 28.05 -12.07
H16 Y0T Q . 26.28 30.29 -12.82
H17 Y0T Q . 23.20 33.57 -14.60
H18 Y0T Q . 20.99 33.01 -13.29
H Y0T Q . 20.24 35.19 -11.57
H3 Y0T Q . 27.58 34.55 -12.95
H6 Y0T Q . 26.52 33.07 -10.97
H7 Y0T Q . 28.19 33.18 -11.42
H9 Y0T Q . 29.01 29.44 -8.78
H13 Y0T Q . 31.22 26.27 -14.08
H12 Y0T Q . 34.34 27.32 -11.18
H11 Y0T Q . 32.96 27.90 -9.56
H10 Y0T Q . 30.67 27.86 -8.75
C1 Y0T R . 15.81 10.95 -27.41
C2 Y0T R . 16.90 11.43 -28.07
C3 Y0T R . 17.75 12.42 -27.51
C4 Y0T R . 18.02 14.72 -30.21
O5 Y0T R . 14.83 21.32 -30.39
O6 Y0T R . 19.93 13.71 -27.40
C7 Y0T R . 15.32 16.62 -31.93
C9 Y0T R . 15.08 18.91 -31.20
C10 Y0T R . 15.61 20.87 -32.73
C13 Y0T R . 17.41 21.47 -34.79
C14 Y0T R . 17.64 21.90 -33.48
C15 Y0T R . 16.76 21.60 -32.46
C16 Y0T R . 15.89 18.59 -30.09
C17 Y0T R . 16.45 17.32 -29.90
C19 Y0T R . 16.40 12.43 -25.56
S Y0T R . 19.05 13.06 -28.33
O1 Y0T R . 19.57 12.16 -29.35
C18 Y0T R . 17.46 12.92 -26.26
O7 Y0T R . 16.23 12.79 -24.24
C Y0T R . 15.55 11.45 -26.10
O Y0T R . 14.57 10.87 -25.40
N Y0T R . 18.11 14.30 -28.89
C5 Y0T R . 16.62 14.88 -30.77
C6 Y0T R . 16.16 16.31 -30.85
C8 Y0T R . 14.82 17.88 -32.10
S1 Y0T R . 14.55 20.50 -31.54
O4 Y0T R . 13.23 20.45 -32.12
O3 Y0T R . 18.70 22.69 -33.22
O2 Y0T R . 18.27 21.73 -35.81
C12 Y0T R . 16.26 20.72 -35.08
C11 Y0T R . 15.37 20.43 -34.05
H1 Y0T R . 15.15 10.21 -27.87
H2 Y0T R . 17.12 11.03 -29.06
H4 Y0T R . 18.54 14.01 -30.85
H5 Y0T R . 18.60 15.63 -30.31
H8 Y0T R . 15.05 15.84 -32.64
H14 Y0T R . 17.00 21.93 -31.46
H15 Y0T R . 16.08 19.36 -29.35
H16 Y0T R . 17.08 17.14 -29.04
H17 Y0T R . 18.05 13.74 -25.83
H18 Y0T R . 15.92 13.74 -24.27
H Y0T R . 14.15 10.12 -25.90
H3 Y0T R . 17.51 14.86 -28.30
H6 Y0T R . 15.88 14.30 -30.22
H7 Y0T R . 16.63 14.43 -31.76
H9 Y0T R . 14.18 18.08 -32.97
H13 Y0T R . 19.25 22.19 -32.56
H12 Y0T R . 17.94 21.34 -36.66
H11 Y0T R . 16.06 20.36 -36.08
H10 Y0T R . 14.47 19.87 -34.29
P1 FBP S . 25.58 -15.72 -9.05
O1P FBP S . 26.98 -16.22 -8.75
O2P FBP S . 25.29 -15.87 -10.52
O3P FBP S . 24.53 -16.30 -8.25
O1 FBP S . 25.63 -14.13 -8.80
C1 FBP S . 26.47 -13.26 -9.57
C2 FBP S . 25.88 -11.81 -9.53
O2 FBP S . 26.87 -10.93 -9.98
C3 FBP S . 25.36 -11.48 -8.12
O3 FBP S . 26.41 -11.14 -7.27
C4 FBP S . 24.37 -10.40 -8.40
O4 FBP S . 23.49 -10.16 -7.31
C5 FBP S . 23.65 -11.04 -9.56
O5 FBP S . 24.70 -11.67 -10.33
C6 FBP S . 22.92 -10.06 -10.44
O6 FBP S . 21.81 -10.74 -11.05
P2 FBP S . 20.53 -9.83 -11.46
O4P FBP S . 20.91 -8.97 -12.58
O5P FBP S . 19.48 -10.83 -11.87
O6P FBP S . 20.18 -9.21 -10.16
C1 OXL T . -0.36 -4.04 -35.46
C2 OXL T . 0.20 -5.42 -34.99
O1 OXL T . 0.48 -3.17 -35.98
O2 OXL T . 1.40 -5.71 -35.03
O3 OXL T . -1.56 -3.82 -35.35
O4 OXL T . -0.74 -6.23 -34.54
MG MG U . -2.72 -5.28 -34.43
K K V . -1.55 -11.16 -33.69
P1 FBP W . 47.79 -0.75 -0.10
O1P FBP W . 49.18 -0.82 -0.60
O2P FBP W . 47.60 0.35 0.99
O3P FBP W . 47.24 -2.07 0.47
O1 FBP W . 46.85 -0.37 -1.29
C1 FBP W . 45.44 -0.17 -1.17
C2 FBP W . 45.06 0.66 -2.41
O2 FBP W . 43.65 0.73 -2.42
C3 FBP W . 45.63 0.07 -3.73
O3 FBP W . 44.88 -1.03 -4.24
C4 FBP W . 45.55 1.27 -4.60
O4 FBP W . 46.35 1.15 -5.75
C5 FBP W . 46.12 2.34 -3.67
O5 FBP W . 45.59 1.99 -2.39
C6 FBP W . 45.72 3.74 -4.04
O6 FBP W . 46.78 4.64 -3.66
P2 FBP W . 47.03 5.96 -4.53
O4P FBP W . 48.27 6.58 -3.97
O5P FBP W . 47.20 5.71 -5.96
O6P FBP W . 45.76 6.86 -4.29
C1 OXL X . 51.04 36.77 0.91
C2 OXL X . 50.37 37.95 0.17
O1 OXL X . 52.27 36.73 0.85
O2 OXL X . 51.16 38.76 -0.50
O3 OXL X . 50.27 35.87 1.56
O4 OXL X . 49.18 38.09 0.28
MG MG Y . 53.14 38.30 -0.44
K K Z . 56.13 35.03 3.37
P1 FBP AA . -13.99 -37.32 59.61
O1P FBP AA . -12.58 -37.55 59.03
O2P FBP AA . -14.61 -38.69 59.80
O3P FBP AA . -14.03 -36.37 60.78
O1 FBP AA . -14.87 -36.60 58.46
C1 FBP AA . -14.52 -35.35 57.84
C2 FBP AA . -15.33 -35.27 56.52
O2 FBP AA . -15.16 -33.96 56.05
C3 FBP AA . -16.82 -35.66 56.72
O3 FBP AA . -17.61 -34.60 57.24
C4 FBP AA . -17.19 -36.09 55.31
O4 FBP AA . -18.37 -36.86 55.28
C5 FBP AA . -15.97 -36.92 54.96
O5 FBP AA . -14.86 -36.20 55.54
C6 FBP AA . -15.74 -37.11 53.48
O6 FBP AA . -15.19 -38.43 53.27
P2 FBP AA . -15.46 -39.21 51.88
O4P FBP AA . -14.80 -38.46 50.76
O5P FBP AA . -14.90 -40.61 52.01
O6P FBP AA . -16.97 -39.31 51.76
C1 OXL BA . 0.34 -54.50 29.33
C2 OXL BA . 0.33 -54.20 27.81
O1 OXL BA . 0.58 -53.48 30.14
O2 OXL BA . 0.54 -53.08 27.42
O3 OXL BA . 0.12 -55.65 29.70
O4 OXL BA . 0.09 -55.20 27.02
MG MG CA . -0.16 -56.88 28.24
K K DA . 1.64 -58.46 33.63
C1 Y0T EA . -8.90 -29.09 14.94
C2 Y0T EA . -9.77 -30.11 15.25
C3 Y0T EA . -11.09 -29.87 15.62
C4 Y0T EA . -11.73 -31.26 18.59
O5 Y0T EA . -12.02 -29.19 25.34
O6 Y0T EA . -11.94 -32.28 15.09
C7 Y0T EA . -9.70 -31.64 21.68
C9 Y0T EA . -10.82 -30.46 23.48
C10 Y0T EA . -11.66 -31.67 25.53
C13 Y0T EA . -12.73 -34.18 26.14
C14 Y0T EA . -13.56 -33.07 25.96
C15 Y0T EA . -13.05 -31.83 25.64
C16 Y0T EA . -11.70 -29.95 22.53
C17 Y0T EA . -11.63 -30.27 21.19
C19 Y0T EA . -10.73 -27.52 15.28
S Y0T EA . -12.12 -31.15 15.97
O1 Y0T EA . -13.41 -30.60 16.27
C18 Y0T EA . -11.57 -28.55 15.65
O7 Y0T EA . -11.18 -26.23 15.13
C Y0T EA . -9.39 -27.77 14.93
O Y0T EA . -8.52 -26.81 14.55
N Y0T EA . -11.52 -31.80 17.31
C5 Y0T EA . -10.45 -31.53 19.35
C6 Y0T EA . -10.62 -31.13 20.76
C8 Y0T EA . -9.81 -31.29 23.01
S1 Y0T EA . -11.01 -30.19 25.14
O4 Y0T EA . -9.75 -30.07 25.74
O3 Y0T EA . -14.88 -33.22 26.16
O2 Y0T EA . -13.20 -35.41 26.42
C12 Y0T EA . -11.32 -34.02 26.02
C11 Y0T EA . -10.81 -32.78 25.73
H1 Y0T EA . -7.87 -29.29 14.70
H2 Y0T EA . -9.39 -31.13 15.22
H4 Y0T EA . -12.61 -31.71 19.06
H5 Y0T EA . -11.91 -30.18 18.49
H8 Y0T EA . -8.90 -32.30 21.36
H14 Y0T EA . -13.74 -31.01 25.46
H15 Y0T EA . -12.48 -29.24 22.83
H16 Y0T EA . -12.35 -29.83 20.51
H17 Y0T EA . -12.58 -28.30 15.95
H18 Y0T EA . -11.38 -25.92 16.06
H Y0T EA . -8.94 -25.91 14.59
H3 Y0T EA . -10.95 -32.64 17.31
H6 Y0T EA . -9.64 -30.95 18.91
H7 Y0T EA . -10.13 -32.57 19.28
H9 Y0T EA . -9.10 -31.71 23.72
H13 Y0T EA . -15.31 -32.98 25.30
H12 Y0T EA . -12.46 -36.07 26.53
H11 Y0T EA . -10.66 -34.87 26.17
H10 Y0T EA . -9.74 -32.66 25.67
P1 FBP FA . -25.70 -10.81 60.26
O1P FBP FA . -25.06 -9.48 60.50
O2P FBP FA . -27.19 -10.68 59.91
O3P FBP FA . -25.63 -11.82 61.40
O1 FBP FA . -24.93 -11.51 59.05
C1 FBP FA . -25.32 -12.78 58.49
C2 FBP FA . -24.71 -12.81 57.07
O2 FBP FA . -24.93 -14.11 56.58
C3 FBP FA . -23.21 -12.41 57.07
O3 FBP FA . -22.34 -13.46 57.46
C4 FBP FA . -23.04 -12.01 55.63
O4 FBP FA . -21.85 -11.24 55.42
C5 FBP FA . -24.30 -11.16 55.45
O5 FBP FA . -25.32 -11.83 56.22
C6 FBP FA . -24.74 -10.97 54.01
O6 FBP FA . -25.32 -9.66 53.87
P2 FBP FA . -25.21 -8.86 52.47
O4P FBP FA . -23.74 -8.74 52.13
O5P FBP FA . -25.81 -7.50 52.70
O6P FBP FA . -25.97 -9.64 51.42
C1 OXL GA . -43.69 6.02 30.42
C2 OXL GA . -43.70 6.05 31.97
O1 OXL GA . -43.54 7.16 29.80
O2 OXL GA . -43.58 7.24 32.51
O3 OXL GA . -43.78 4.96 29.82
O4 OXL GA . -43.83 5.02 32.64
MG MG HA . -42.82 8.82 30.82
K K IA . -44.08 9.89 36.10
C1 Y0T JA . -35.93 -19.06 16.53
C2 Y0T JA . -35.04 -18.03 16.70
C3 Y0T JA . -33.66 -18.28 16.89
C4 Y0T JA . -32.66 -16.89 19.76
O5 Y0T JA . -33.80 -18.08 27.14
O6 Y0T JA . -32.89 -15.97 16.17
C7 Y0T JA . -32.49 -17.84 22.39
C9 Y0T JA . -32.95 -17.64 24.78
C10 Y0T JA . -31.90 -16.44 26.77
C13 Y0T JA . -30.78 -13.94 27.27
C14 Y0T JA . -29.95 -15.05 26.96
C15 Y0T JA . -30.51 -16.27 26.70
C16 Y0T JA . -33.96 -16.76 24.45
C17 Y0T JA . -34.24 -16.41 23.14
C19 Y0T JA . -34.07 -20.63 16.67
S Y0T JA . -32.60 -17.03 17.10
O1 Y0T JA . -31.30 -17.58 17.26
C18 Y0T JA . -33.18 -19.61 16.88
O7 Y0T JA . -33.63 -21.93 16.51
C Y0T JA . -35.44 -20.39 16.50
O Y0T JA . -36.31 -21.36 16.20
N Y0T JA . -33.04 -16.36 18.50
C5 Y0T JA . -33.85 -16.59 20.69
C6 Y0T JA . -33.50 -16.95 22.10
C8 Y0T JA . -32.23 -18.19 23.72
S1 Y0T JA . -32.59 -17.90 26.42
O4 Y0T JA . -31.54 -18.88 26.48
O3 Y0T JA . -28.60 -14.89 27.05
O2 Y0T JA . -30.29 -12.71 27.55
C12 Y0T JA . -32.18 -14.11 27.34
C11 Y0T JA . -32.71 -15.34 27.09
H1 Y0T JA . -37.00 -18.85 16.42
H2 Y0T JA . -35.41 -17.02 16.71
H4 Y0T JA . -31.74 -16.42 20.11
H5 Y0T JA . -32.47 -17.96 19.66
H8 Y0T JA . -31.87 -18.31 21.63
H14 Y0T JA . -29.84 -17.09 26.44
H15 Y0T JA . -34.49 -16.26 25.26
H16 Y0T JA . -35.06 -15.73 22.94
H17 Y0T JA . -32.14 -19.85 17.05
H18 Y0T JA . -33.28 -22.20 17.39
H Y0T JA . -37.21 -21.02 15.99
H3 Y0T JA . -33.60 -15.52 18.58
H6 Y0T JA . -34.70 -17.19 20.35
H7 Y0T JA . -34.19 -15.55 20.62
H9 Y0T JA . -31.49 -18.97 23.91
H13 Y0T JA . -28.26 -15.13 26.14
H12 Y0T JA . -29.30 -12.69 27.48
H11 Y0T JA . -32.81 -13.27 27.58
H10 Y0T JA . -33.79 -15.47 27.14
P1 FBP KA . -10.41 -24.14 -18.46
O1P FBP KA . -9.62 -23.02 -19.06
O2P FBP KA . -9.54 -25.26 -17.91
O3P FBP KA . -11.40 -24.59 -19.47
O1 FBP KA . -11.16 -23.55 -17.21
C1 FBP KA . -12.08 -24.40 -16.48
C2 FBP KA . -12.26 -23.75 -15.10
O2 FBP KA . -13.31 -24.41 -14.45
C3 FBP KA . -12.56 -22.24 -15.24
O3 FBP KA . -13.88 -21.89 -15.57
C4 FBP KA . -12.13 -21.76 -13.87
O4 FBP KA . -11.92 -20.36 -13.89
C5 FBP KA . -10.81 -22.52 -13.73
O5 FBP KA . -11.06 -23.82 -14.31
C6 FBP KA . -10.41 -22.67 -12.29
O6 FBP KA . -8.98 -22.78 -12.19
P2 FBP KA . -8.29 -22.17 -10.88
O4P FBP KA . -6.83 -22.22 -11.19
O5P FBP KA . -8.60 -23.06 -9.70
O6P FBP KA . -8.82 -20.76 -10.74
C1 OXL LA . 14.14 -31.24 11.00
C2 OXL LA . 14.21 -31.21 9.46
O1 OXL LA . 15.02 -30.52 11.66
O2 OXL LA . 15.16 -30.63 8.93
O3 OXL LA . 13.26 -31.87 11.55
O4 OXL LA . 13.28 -31.86 8.80
MG MG MA . 16.20 -29.54 10.28
K K NA . 17.81 -30.48 4.84
P1 FBP OA . -38.53 -24.47 -16.70
O1P FBP OA . -37.63 -24.05 -17.89
O2P FBP OA . -39.34 -23.28 -16.15
O3P FBP OA . -39.34 -25.69 -17.07
O1 FBP OA . -37.54 -24.93 -15.61
C1 FBP OA . -36.53 -24.08 -15.05
C2 FBP OA . -36.18 -24.75 -13.67
O2 FBP OA . -35.07 -24.05 -13.14
C3 FBP OA . -35.90 -26.26 -13.80
O3 FBP OA . -34.58 -26.57 -14.25
C4 FBP OA . -36.11 -26.69 -12.40
O4 FBP OA . -36.31 -28.10 -12.32
C5 FBP OA . -37.39 -25.93 -12.06
O5 FBP OA . -37.27 -24.68 -12.74
C6 FBP OA . -37.63 -25.70 -10.59
O6 FBP OA . -39.05 -25.75 -10.33
P2 FBP OA . -39.60 -26.30 -8.91
O4P FBP OA . -39.15 -25.22 -7.88
O5P FBP OA . -39.12 -27.64 -8.56
O6P FBP OA . -41.09 -26.24 -9.04
C1 OXL PA . -59.40 -16.74 13.84
C2 OXL PA . -59.22 -16.79 15.36
O1 OXL PA . -58.69 -16.03 13.09
O2 OXL PA . -58.25 -16.08 15.86
O3 OXL PA . -60.36 -17.54 13.44
O4 OXL PA . -59.99 -17.47 16.02
MG MG QA . -61.27 -18.54 15.05
K K RA . -63.46 -17.48 9.63
#